data_2LDY
#
_entry.id   2LDY
#
_entity_poly.entity_id   1
_entity_poly.type   'polypeptide(L)'
_entity_poly.pdbx_seq_one_letter_code
;MGNLRLIGVPESDVENGTKLENTLQDIIQENFPNLARQANVQIQEIQRTPQRYSSRRATPRHIIVRFTKVEMKEKMLRAA
REKGRVTLKGKPIRLTVDLSAETLQARREWGPIFNILKEKNFQPRISYPAKLSFISEGEIKYFIDKQMLRDFVTTRPALK
ELLKEALNMERNNRYQHHHHHH
;
_entity_poly.pdbx_strand_id   A
#
# COMPACT_ATOMS: atom_id res chain seq x y z
N MET A 1 -12.09 2.53 2.52
CA MET A 1 -11.13 2.30 3.64
C MET A 1 -9.72 2.68 3.19
N GLY A 2 -9.22 1.98 2.18
CA GLY A 2 -7.89 2.25 1.66
C GLY A 2 -7.79 3.68 1.12
N ASN A 3 -6.79 4.42 1.58
CA ASN A 3 -6.61 5.80 1.14
C ASN A 3 -5.36 5.92 0.27
N LEU A 4 -5.47 6.71 -0.79
CA LEU A 4 -4.37 6.93 -1.73
C LEU A 4 -3.99 8.41 -1.75
N ARG A 5 -2.72 8.70 -1.96
CA ARG A 5 -2.26 10.09 -1.99
C ARG A 5 -1.91 10.51 -3.41
N LEU A 6 -2.52 11.61 -3.86
CA LEU A 6 -2.22 12.17 -5.17
C LEU A 6 -1.49 13.50 -4.99
N ILE A 7 -0.25 13.55 -5.48
CA ILE A 7 0.58 14.74 -5.31
C ILE A 7 0.90 15.37 -6.67
N GLY A 8 0.70 16.69 -6.76
CA GLY A 8 1.08 17.42 -7.97
C GLY A 8 -0.11 17.94 -8.75
N VAL A 9 -1.25 18.14 -8.09
CA VAL A 9 -2.44 18.66 -8.76
C VAL A 9 -2.51 20.18 -8.54
N PRO A 10 -2.30 21.01 -9.54
CA PRO A 10 -2.38 22.50 -9.35
C PRO A 10 -3.70 22.93 -8.74
N GLU A 11 -3.71 24.11 -8.13
CA GLU A 11 -4.93 24.62 -7.49
C GLU A 11 -5.68 25.56 -8.42
N SER A 12 -6.96 25.74 -8.16
CA SER A 12 -7.79 26.63 -8.96
C SER A 12 -8.91 27.23 -8.14
N ASP A 13 -9.17 28.52 -8.33
CA ASP A 13 -10.21 29.20 -7.57
C ASP A 13 -11.56 28.49 -7.67
N VAL A 14 -11.83 27.87 -8.82
CA VAL A 14 -13.12 27.22 -9.05
C VAL A 14 -13.17 25.76 -8.57
N GLU A 15 -12.20 25.35 -7.77
CA GLU A 15 -12.15 23.96 -7.30
C GLU A 15 -13.40 23.60 -6.51
N ASN A 16 -13.93 22.41 -6.78
CA ASN A 16 -15.10 21.91 -6.08
C ASN A 16 -15.11 20.38 -6.13
N GLY A 17 -15.78 19.76 -5.16
CA GLY A 17 -15.79 18.30 -5.03
C GLY A 17 -16.00 17.58 -6.37
N THR A 18 -17.00 18.00 -7.13
CA THR A 18 -17.32 17.33 -8.38
C THR A 18 -16.13 17.32 -9.33
N LYS A 19 -15.52 18.48 -9.54
CA LYS A 19 -14.40 18.57 -10.47
C LYS A 19 -13.27 17.64 -10.02
N LEU A 20 -13.02 17.60 -8.72
CA LEU A 20 -11.98 16.73 -8.18
C LEU A 20 -12.22 15.28 -8.59
N GLU A 21 -13.46 14.81 -8.47
CA GLU A 21 -13.78 13.43 -8.79
C GLU A 21 -13.46 13.14 -10.25
N ASN A 22 -13.87 14.06 -11.14
CA ASN A 22 -13.58 13.90 -12.56
C ASN A 22 -12.08 13.81 -12.78
N THR A 23 -11.33 14.62 -12.06
CA THR A 23 -9.87 14.62 -12.18
C THR A 23 -9.31 13.22 -11.97
N LEU A 24 -9.69 12.56 -10.89
CA LEU A 24 -9.16 11.22 -10.59
C LEU A 24 -9.47 10.27 -11.74
N GLN A 25 -10.69 10.33 -12.25
CA GLN A 25 -11.09 9.48 -13.37
C GLN A 25 -10.15 9.70 -14.57
N ASP A 26 -9.82 10.96 -14.81
CA ASP A 26 -8.94 11.31 -15.92
C ASP A 26 -7.59 10.64 -15.76
N ILE A 27 -7.06 10.66 -14.54
CA ILE A 27 -5.76 10.05 -14.27
C ILE A 27 -5.78 8.57 -14.65
N ILE A 28 -6.88 7.89 -14.30
CA ILE A 28 -7.00 6.47 -14.60
C ILE A 28 -6.87 6.23 -16.10
N GLN A 29 -7.61 7.00 -16.89
CA GLN A 29 -7.60 6.81 -18.34
C GLN A 29 -6.23 7.14 -18.95
N GLU A 30 -5.57 8.17 -18.42
CA GLU A 30 -4.32 8.64 -19.00
C GLU A 30 -3.19 7.62 -18.85
N ASN A 31 -3.06 7.04 -17.66
CA ASN A 31 -1.93 6.14 -17.38
C ASN A 31 -2.34 4.67 -17.33
N PHE A 32 -3.59 4.39 -16.98
CA PHE A 32 -4.04 3.02 -16.79
C PHE A 32 -5.22 2.71 -17.72
N PRO A 33 -4.98 2.55 -19.01
CA PRO A 33 -6.09 2.28 -19.97
C PRO A 33 -6.87 1.02 -19.58
N ASN A 34 -6.17 0.03 -19.05
CA ASN A 34 -6.81 -1.21 -18.64
C ASN A 34 -7.87 -0.93 -17.58
N LEU A 35 -7.50 -0.17 -16.55
CA LEU A 35 -8.43 0.14 -15.47
C LEU A 35 -9.66 0.85 -16.03
N ALA A 36 -9.43 1.81 -16.91
CA ALA A 36 -10.54 2.59 -17.48
C ALA A 36 -11.50 1.69 -18.25
N ARG A 37 -10.96 0.74 -19.00
CA ARG A 37 -11.78 -0.16 -19.80
C ARG A 37 -12.70 -1.00 -18.91
N GLN A 38 -12.14 -1.54 -17.84
CA GLN A 38 -12.92 -2.35 -16.91
C GLN A 38 -14.11 -1.55 -16.37
N ALA A 39 -13.84 -0.32 -15.96
CA ALA A 39 -14.90 0.56 -15.45
C ALA A 39 -15.51 -0.01 -14.18
N ASN A 40 -14.68 -0.60 -13.33
CA ASN A 40 -15.14 -1.15 -12.06
C ASN A 40 -14.53 -0.40 -10.89
N VAL A 41 -14.40 0.92 -11.03
CA VAL A 41 -13.80 1.75 -9.98
C VAL A 41 -14.91 2.47 -9.21
N GLN A 42 -15.02 2.18 -7.91
CA GLN A 42 -16.00 2.82 -7.06
C GLN A 42 -15.32 3.73 -6.05
N ILE A 43 -15.49 5.03 -6.24
CA ILE A 43 -14.86 6.01 -5.33
C ILE A 43 -15.89 6.52 -4.33
N GLN A 44 -15.49 6.64 -3.08
CA GLN A 44 -16.42 7.05 -2.03
C GLN A 44 -16.33 8.55 -1.79
N GLU A 45 -15.10 9.06 -1.65
CA GLU A 45 -14.92 10.49 -1.38
C GLU A 45 -13.56 10.99 -1.87
N ILE A 46 -13.55 12.21 -2.42
CA ILE A 46 -12.31 12.86 -2.82
C ILE A 46 -12.32 14.31 -2.34
N GLN A 47 -11.29 14.70 -1.59
CA GLN A 47 -11.24 16.05 -1.04
C GLN A 47 -9.81 16.58 -0.95
N ARG A 48 -9.68 17.90 -0.91
CA ARG A 48 -8.37 18.55 -0.78
C ARG A 48 -8.05 18.75 0.71
N THR A 49 -6.79 18.58 1.07
CA THR A 49 -6.36 18.76 2.46
C THR A 49 -5.05 19.56 2.51
N PRO A 50 -4.83 20.45 3.46
CA PRO A 50 -5.83 20.93 4.46
C PRO A 50 -6.79 21.93 3.81
N GLN A 51 -8.09 21.67 3.94
CA GLN A 51 -9.08 22.51 3.26
C GLN A 51 -9.08 23.94 3.79
N ARG A 52 -8.92 24.09 5.10
CA ARG A 52 -9.01 25.40 5.73
C ARG A 52 -7.65 25.93 6.22
N TYR A 53 -6.68 25.04 6.39
CA TYR A 53 -5.36 25.45 6.88
C TYR A 53 -4.35 25.50 5.74
N SER A 54 -3.70 26.65 5.57
CA SER A 54 -2.70 26.80 4.52
C SER A 54 -1.53 25.87 4.76
N SER A 55 -0.87 25.47 3.68
CA SER A 55 0.28 24.57 3.80
C SER A 55 1.55 25.35 4.11
N ARG A 56 2.26 24.94 5.14
CA ARG A 56 3.50 25.60 5.53
C ARG A 56 4.49 25.62 4.37
N ARG A 57 4.56 24.50 3.65
CA ARG A 57 5.48 24.40 2.52
C ARG A 57 4.89 25.08 1.29
N ALA A 58 5.75 25.67 0.48
CA ALA A 58 5.31 26.37 -0.73
C ALA A 58 4.73 25.42 -1.79
N THR A 59 4.92 24.11 -1.63
CA THR A 59 4.45 23.15 -2.62
C THR A 59 2.91 23.09 -2.63
N PRO A 60 2.31 22.55 -3.67
CA PRO A 60 0.82 22.48 -3.75
C PRO A 60 0.23 21.51 -2.73
N ARG A 61 -0.95 21.82 -2.22
CA ARG A 61 -1.62 20.94 -1.27
C ARG A 61 -1.88 19.57 -1.91
N HIS A 62 -2.06 18.56 -1.07
CA HIS A 62 -2.25 17.20 -1.57
C HIS A 62 -3.75 16.87 -1.63
N ILE A 63 -4.10 15.92 -2.50
CA ILE A 63 -5.48 15.45 -2.58
C ILE A 63 -5.56 14.03 -2.03
N ILE A 64 -6.54 13.78 -1.17
CA ILE A 64 -6.72 12.45 -0.59
C ILE A 64 -7.92 11.76 -1.22
N VAL A 65 -7.71 10.53 -1.66
CA VAL A 65 -8.75 9.73 -2.28
C VAL A 65 -9.06 8.53 -1.41
N ARG A 66 -10.34 8.37 -1.05
CA ARG A 66 -10.77 7.20 -0.30
C ARG A 66 -11.59 6.29 -1.20
N PHE A 67 -11.08 5.08 -1.43
CA PHE A 67 -11.74 4.13 -2.32
C PHE A 67 -12.65 3.20 -1.54
N THR A 68 -13.73 2.76 -2.18
CA THR A 68 -14.66 1.84 -1.54
C THR A 68 -14.04 0.47 -1.35
N LYS A 69 -13.28 0.01 -2.35
CA LYS A 69 -12.65 -1.30 -2.30
C LYS A 69 -11.15 -1.17 -2.07
N VAL A 70 -10.68 -1.63 -0.91
CA VAL A 70 -9.27 -1.58 -0.59
C VAL A 70 -8.44 -2.30 -1.66
N GLU A 71 -8.95 -3.45 -2.11
CA GLU A 71 -8.25 -4.22 -3.13
C GLU A 71 -8.05 -3.39 -4.40
N MET A 72 -9.08 -2.64 -4.78
CA MET A 72 -9.01 -1.83 -6.00
C MET A 72 -7.87 -0.82 -5.88
N LYS A 73 -7.79 -0.16 -4.74
CA LYS A 73 -6.74 0.84 -4.53
C LYS A 73 -5.36 0.21 -4.70
N GLU A 74 -5.18 -0.97 -4.11
CA GLU A 74 -3.89 -1.65 -4.20
C GLU A 74 -3.52 -1.91 -5.66
N LYS A 75 -4.49 -2.36 -6.43
CA LYS A 75 -4.26 -2.65 -7.84
C LYS A 75 -3.75 -1.41 -8.57
N MET A 76 -4.36 -0.27 -8.28
CA MET A 76 -3.98 0.98 -8.91
C MET A 76 -2.51 1.27 -8.66
N LEU A 77 -2.08 1.11 -7.41
CA LEU A 77 -0.70 1.38 -7.05
C LEU A 77 0.25 0.52 -7.87
N ARG A 78 -0.08 -0.77 -7.97
CA ARG A 78 0.76 -1.70 -8.72
C ARG A 78 0.89 -1.24 -10.17
N ALA A 79 -0.22 -0.82 -10.76
CA ALA A 79 -0.22 -0.39 -12.15
C ALA A 79 0.75 0.77 -12.34
N ALA A 80 0.73 1.72 -11.41
CA ALA A 80 1.61 2.88 -11.50
C ALA A 80 3.07 2.44 -11.50
N ARG A 81 3.41 1.53 -10.59
CA ARG A 81 4.79 1.05 -10.48
C ARG A 81 5.25 0.47 -11.81
N GLU A 82 4.38 -0.28 -12.47
CA GLU A 82 4.71 -0.92 -13.73
C GLU A 82 4.95 0.10 -14.83
N LYS A 83 4.04 1.06 -14.97
CA LYS A 83 4.13 2.04 -16.04
C LYS A 83 5.42 2.85 -15.93
N GLY A 84 5.79 3.20 -14.71
CA GLY A 84 7.01 3.99 -14.49
C GLY A 84 6.81 5.49 -14.72
N ARG A 85 5.70 5.88 -15.36
CA ARG A 85 5.44 7.29 -15.62
C ARG A 85 3.95 7.58 -15.50
N VAL A 86 3.60 8.47 -14.57
CA VAL A 86 2.20 8.86 -14.36
C VAL A 86 2.06 10.37 -14.54
N THR A 87 1.19 10.78 -15.45
CA THR A 87 1.03 12.21 -15.75
C THR A 87 -0.43 12.63 -15.71
N LEU A 88 -0.65 13.90 -15.35
CA LEU A 88 -1.98 14.50 -15.38
C LEU A 88 -1.99 15.63 -16.39
N LYS A 89 -2.78 15.47 -17.45
CA LYS A 89 -2.86 16.48 -18.49
C LYS A 89 -1.48 16.79 -19.09
N GLY A 90 -0.62 15.77 -19.16
CA GLY A 90 0.69 15.93 -19.79
C GLY A 90 1.79 16.38 -18.82
N LYS A 91 1.43 16.76 -17.60
CA LYS A 91 2.43 17.21 -16.62
C LYS A 91 2.76 16.07 -15.65
N PRO A 92 3.98 15.97 -15.18
CA PRO A 92 4.38 14.83 -14.29
C PRO A 92 3.82 14.96 -12.87
N ILE A 93 3.27 13.86 -12.37
CA ILE A 93 2.75 13.82 -11.00
C ILE A 93 3.26 12.57 -10.29
N ARG A 94 2.94 12.45 -9.00
CA ARG A 94 3.38 11.29 -8.23
C ARG A 94 2.19 10.65 -7.48
N LEU A 95 2.17 9.33 -7.47
CA LEU A 95 1.13 8.59 -6.74
C LEU A 95 1.77 7.66 -5.72
N THR A 96 1.39 7.81 -4.46
CA THR A 96 2.01 7.01 -3.39
C THR A 96 1.04 6.80 -2.24
N VAL A 97 1.52 6.08 -1.21
CA VAL A 97 0.74 5.88 0.00
C VAL A 97 1.64 5.91 1.23
N ASP A 98 1.06 6.23 2.38
CA ASP A 98 1.83 6.29 3.61
C ASP A 98 1.77 4.95 4.35
N LEU A 99 2.93 4.47 4.80
CA LEU A 99 3.01 3.20 5.53
C LEU A 99 3.69 3.41 6.87
N SER A 100 3.25 2.65 7.87
CA SER A 100 3.80 2.79 9.21
C SER A 100 5.07 1.95 9.37
N ALA A 101 6.05 2.49 10.09
CA ALA A 101 7.30 1.78 10.34
C ALA A 101 7.08 0.50 11.14
N GLU A 102 6.05 0.49 11.99
CA GLU A 102 5.78 -0.67 12.83
C GLU A 102 5.58 -1.92 11.98
N THR A 103 4.88 -1.77 10.85
CA THR A 103 4.64 -2.90 9.96
C THR A 103 5.95 -3.53 9.51
N LEU A 104 6.89 -2.69 9.08
CA LEU A 104 8.19 -3.20 8.63
C LEU A 104 8.87 -4.02 9.72
N GLN A 105 8.87 -3.48 10.94
CA GLN A 105 9.50 -4.17 12.06
C GLN A 105 8.88 -5.56 12.24
N ALA A 106 7.57 -5.63 12.13
CA ALA A 106 6.87 -6.89 12.30
C ALA A 106 7.36 -7.94 11.29
N ARG A 107 7.46 -7.52 10.04
CA ARG A 107 7.89 -8.43 8.98
C ARG A 107 9.27 -9.00 9.29
N ARG A 108 10.17 -8.15 9.76
CA ARG A 108 11.52 -8.56 10.10
C ARG A 108 11.50 -9.63 11.20
N GLU A 109 10.64 -9.44 12.19
CA GLU A 109 10.53 -10.38 13.30
C GLU A 109 10.10 -11.76 12.78
N TRP A 110 9.15 -11.77 11.85
CA TRP A 110 8.68 -13.02 11.27
C TRP A 110 9.67 -13.61 10.24
N GLY A 111 10.72 -12.88 9.88
CA GLY A 111 11.65 -13.34 8.85
C GLY A 111 12.15 -14.77 9.12
N PRO A 112 12.76 -15.03 10.25
CA PRO A 112 13.30 -16.39 10.55
C PRO A 112 12.24 -17.49 10.36
N ILE A 113 11.07 -17.30 10.95
CA ILE A 113 10.02 -18.31 10.88
C ILE A 113 9.67 -18.61 9.43
N PHE A 114 9.52 -17.57 8.63
CA PHE A 114 9.11 -17.74 7.24
C PHE A 114 10.10 -18.61 6.48
N ASN A 115 11.38 -18.26 6.58
CA ASN A 115 12.41 -18.94 5.80
C ASN A 115 12.48 -20.41 6.15
N ILE A 116 12.50 -20.71 7.45
CA ILE A 116 12.62 -22.10 7.89
C ILE A 116 11.45 -22.93 7.35
N LEU A 117 10.25 -22.38 7.49
CA LEU A 117 9.06 -23.10 7.02
C LEU A 117 9.17 -23.38 5.53
N LYS A 118 9.70 -22.44 4.76
CA LYS A 118 9.85 -22.62 3.33
C LYS A 118 10.69 -23.86 3.04
N GLU A 119 11.84 -23.93 3.71
CA GLU A 119 12.76 -25.05 3.50
C GLU A 119 12.07 -26.39 3.79
N LYS A 120 11.26 -26.41 4.84
CA LYS A 120 10.60 -27.64 5.27
C LYS A 120 9.29 -27.93 4.53
N ASN A 121 9.07 -27.29 3.38
CA ASN A 121 7.89 -27.58 2.57
C ASN A 121 6.60 -27.29 3.32
N PHE A 122 6.62 -26.27 4.19
CA PHE A 122 5.42 -25.82 4.89
C PHE A 122 4.61 -24.79 4.08
N GLN A 123 5.20 -24.23 3.02
CA GLN A 123 4.51 -23.25 2.20
C GLN A 123 4.10 -22.03 3.04
N PRO A 124 5.06 -21.34 3.63
CA PRO A 124 4.75 -20.12 4.45
C PRO A 124 4.43 -18.91 3.58
N ARG A 125 3.37 -18.19 3.95
CA ARG A 125 2.98 -16.99 3.24
C ARG A 125 2.65 -15.88 4.24
N ILE A 126 2.95 -14.63 3.88
CA ILE A 126 2.66 -13.50 4.74
C ILE A 126 1.53 -12.65 4.16
N SER A 127 0.65 -12.18 5.02
CA SER A 127 -0.45 -11.32 4.61
C SER A 127 -0.44 -10.03 5.41
N TYR A 128 -0.85 -8.93 4.78
CA TYR A 128 -0.88 -7.64 5.46
C TYR A 128 -1.80 -7.72 6.68
N PRO A 129 -1.53 -7.06 7.80
CA PRO A 129 -0.30 -6.26 8.05
C PRO A 129 0.95 -7.14 8.17
N ALA A 130 0.93 -8.05 9.13
CA ALA A 130 2.08 -8.93 9.36
C ALA A 130 1.61 -10.28 9.94
N LYS A 131 0.51 -10.79 9.43
CA LYS A 131 -0.02 -12.06 9.89
C LYS A 131 0.71 -13.22 9.21
N LEU A 132 0.96 -14.27 9.97
CA LEU A 132 1.68 -15.43 9.45
C LEU A 132 0.72 -16.60 9.25
N SER A 133 0.71 -17.14 8.03
CA SER A 133 -0.16 -18.29 7.74
C SER A 133 0.63 -19.36 6.99
N PHE A 134 0.36 -20.62 7.29
CA PHE A 134 1.03 -21.72 6.60
C PHE A 134 0.23 -23.01 6.70
N ILE A 135 0.63 -24.03 5.94
CA ILE A 135 -0.10 -25.30 5.90
C ILE A 135 0.74 -26.39 6.56
N SER A 136 0.17 -27.04 7.57
CA SER A 136 0.85 -28.12 8.27
C SER A 136 -0.09 -29.30 8.48
N GLU A 137 0.43 -30.51 8.31
CA GLU A 137 -0.36 -31.71 8.55
C GLU A 137 -1.68 -31.72 7.78
N GLY A 138 -1.81 -30.90 6.74
CA GLY A 138 -3.00 -30.94 5.89
C GLY A 138 -4.02 -29.84 6.22
N GLU A 139 -3.87 -29.16 7.36
CA GLU A 139 -4.80 -28.12 7.76
C GLU A 139 -4.10 -26.77 7.77
N ILE A 140 -4.87 -25.70 7.58
CA ILE A 140 -4.30 -24.36 7.53
C ILE A 140 -4.41 -23.69 8.89
N LYS A 141 -3.30 -23.11 9.34
CA LYS A 141 -3.26 -22.44 10.64
C LYS A 141 -2.85 -20.96 10.47
N TYR A 142 -3.49 -20.10 11.24
CA TYR A 142 -3.20 -18.67 11.18
C TYR A 142 -2.86 -18.11 12.55
N PHE A 143 -1.81 -17.31 12.63
CA PHE A 143 -1.43 -16.66 13.88
C PHE A 143 -1.16 -15.18 13.62
N ILE A 144 -1.61 -14.32 14.53
CA ILE A 144 -1.44 -12.88 14.36
C ILE A 144 -0.16 -12.41 15.05
N ASP A 145 0.05 -12.89 16.27
CA ASP A 145 1.21 -12.48 17.06
C ASP A 145 2.12 -13.67 17.35
N LYS A 146 3.42 -13.39 17.50
CA LYS A 146 4.38 -14.44 17.83
C LYS A 146 3.95 -15.21 19.09
N GLN A 147 3.29 -14.52 20.02
CA GLN A 147 2.83 -15.17 21.25
C GLN A 147 1.96 -16.37 20.93
N MET A 148 1.08 -16.21 19.95
CA MET A 148 0.21 -17.32 19.54
C MET A 148 1.04 -18.48 19.03
N LEU A 149 2.08 -18.18 18.25
CA LEU A 149 2.92 -19.23 17.67
C LEU A 149 3.55 -20.07 18.79
N ARG A 150 3.95 -19.42 19.88
CA ARG A 150 4.54 -20.13 21.00
C ARG A 150 3.52 -21.10 21.61
N ASP A 151 2.35 -20.58 21.95
CA ASP A 151 1.30 -21.40 22.54
C ASP A 151 0.97 -22.61 21.64
N PHE A 152 1.09 -22.41 20.34
CA PHE A 152 0.78 -23.46 19.36
C PHE A 152 1.84 -24.56 19.36
N VAL A 153 3.11 -24.18 19.24
CA VAL A 153 4.18 -25.18 19.15
C VAL A 153 4.25 -26.07 20.37
N THR A 154 3.86 -25.55 21.54
CA THR A 154 3.90 -26.35 22.77
C THR A 154 3.21 -27.71 22.61
N THR A 155 2.31 -27.85 21.65
CA THR A 155 1.56 -29.10 21.48
C THR A 155 2.03 -29.94 20.29
N ARG A 156 3.20 -29.63 19.73
CA ARG A 156 3.73 -30.40 18.62
C ARG A 156 5.27 -30.36 18.65
N PRO A 157 5.92 -31.18 19.45
CA PRO A 157 7.39 -31.03 19.71
C PRO A 157 8.23 -30.85 18.45
N ALA A 158 7.89 -31.56 17.37
CA ALA A 158 8.64 -31.43 16.13
C ALA A 158 8.66 -29.98 15.65
N LEU A 159 7.50 -29.34 15.71
CA LEU A 159 7.37 -27.96 15.27
C LEU A 159 8.15 -27.02 16.19
N LYS A 160 8.16 -27.32 17.48
CA LYS A 160 8.87 -26.49 18.45
C LYS A 160 10.35 -26.43 18.11
N GLU A 161 10.95 -27.58 17.86
CA GLU A 161 12.37 -27.66 17.57
C GLU A 161 12.71 -26.85 16.32
N LEU A 162 11.88 -26.99 15.29
CA LEU A 162 12.12 -26.30 14.03
C LEU A 162 12.12 -24.78 14.23
N LEU A 163 11.13 -24.29 14.97
CA LEU A 163 10.96 -22.85 15.14
C LEU A 163 11.69 -22.27 16.35
N LYS A 164 12.25 -23.13 17.21
CA LYS A 164 12.97 -22.69 18.42
C LYS A 164 13.87 -21.48 18.17
N GLU A 165 14.70 -21.57 17.14
CA GLU A 165 15.61 -20.46 16.82
C GLU A 165 14.86 -19.25 16.27
N ALA A 166 13.79 -19.50 15.51
CA ALA A 166 13.05 -18.42 14.87
C ALA A 166 12.40 -17.50 15.90
N LEU A 167 11.80 -18.09 16.92
CA LEU A 167 11.06 -17.32 17.93
C LEU A 167 11.99 -16.72 18.99
N ASN A 168 13.18 -17.29 19.17
CA ASN A 168 14.14 -16.77 20.14
C ASN A 168 13.50 -16.65 21.53
N MET A 169 12.67 -17.63 21.88
CA MET A 169 11.97 -17.61 23.16
C MET A 169 12.81 -18.30 24.24
N GLU A 170 14.11 -18.06 24.22
CA GLU A 170 15.01 -18.66 25.21
C GLU A 170 16.06 -17.65 25.67
N ARG A 171 15.65 -16.39 25.82
CA ARG A 171 16.57 -15.34 26.25
C ARG A 171 16.13 -14.79 27.61
N ASN A 172 14.99 -14.12 27.63
CA ASN A 172 14.45 -13.53 28.86
C ASN A 172 13.19 -14.28 29.30
N ASN A 173 13.13 -14.62 30.58
CA ASN A 173 11.96 -15.33 31.11
C ASN A 173 10.69 -14.53 30.86
N ARG A 174 10.77 -13.21 31.04
CA ARG A 174 9.61 -12.35 30.83
C ARG A 174 9.48 -11.98 29.36
N TYR A 175 8.30 -11.49 28.98
CA TYR A 175 8.05 -11.10 27.60
C TYR A 175 8.18 -9.59 27.43
N GLN A 176 8.46 -9.16 26.21
CA GLN A 176 8.60 -7.73 25.93
C GLN A 176 9.72 -7.13 26.78
N MET A 1 -11.50 2.71 3.76
CA MET A 1 -10.27 2.52 4.58
C MET A 1 -9.03 2.76 3.70
N GLY A 2 -9.00 2.11 2.55
CA GLY A 2 -7.88 2.26 1.62
C GLY A 2 -7.82 3.68 1.06
N ASN A 3 -6.81 4.44 1.48
CA ASN A 3 -6.65 5.81 1.02
C ASN A 3 -5.40 5.94 0.14
N LEU A 4 -5.51 6.73 -0.92
CA LEU A 4 -4.41 6.95 -1.85
C LEU A 4 -4.02 8.42 -1.84
N ARG A 5 -2.73 8.70 -2.04
CA ARG A 5 -2.26 10.09 -2.05
C ARG A 5 -1.89 10.51 -3.47
N LEU A 6 -2.48 11.63 -3.91
CA LEU A 6 -2.17 12.19 -5.21
C LEU A 6 -1.44 13.51 -5.03
N ILE A 7 -0.19 13.57 -5.51
CA ILE A 7 0.65 14.74 -5.32
C ILE A 7 0.96 15.39 -6.68
N GLY A 8 0.76 16.70 -6.76
CA GLY A 8 1.14 17.46 -7.95
C GLY A 8 -0.06 17.98 -8.75
N VAL A 9 -1.20 18.17 -8.07
CA VAL A 9 -2.38 18.70 -8.73
C VAL A 9 -2.47 20.22 -8.48
N PRO A 10 -2.25 21.07 -9.47
CA PRO A 10 -2.35 22.56 -9.24
C PRO A 10 -3.70 22.96 -8.68
N GLU A 11 -3.74 24.11 -8.02
CA GLU A 11 -4.99 24.61 -7.44
C GLU A 11 -5.65 25.63 -8.36
N SER A 12 -6.94 25.83 -8.17
CA SER A 12 -7.69 26.79 -8.98
C SER A 12 -8.86 27.37 -8.18
N ASP A 13 -9.13 28.65 -8.39
CA ASP A 13 -10.21 29.32 -7.66
C ASP A 13 -11.56 28.59 -7.82
N VAL A 14 -11.74 27.89 -8.93
CA VAL A 14 -13.02 27.25 -9.21
C VAL A 14 -13.07 25.78 -8.75
N GLU A 15 -12.13 25.36 -7.90
CA GLU A 15 -12.11 23.98 -7.42
C GLU A 15 -13.39 23.64 -6.66
N ASN A 16 -13.95 22.49 -6.98
CA ASN A 16 -15.13 21.99 -6.26
C ASN A 16 -15.13 20.46 -6.27
N GLY A 17 -15.81 19.87 -5.29
CA GLY A 17 -15.79 18.41 -5.12
C GLY A 17 -15.98 17.65 -6.43
N THR A 18 -17.01 18.01 -7.19
CA THR A 18 -17.31 17.32 -8.44
C THR A 18 -16.10 17.32 -9.37
N LYS A 19 -15.45 18.48 -9.49
CA LYS A 19 -14.30 18.60 -10.38
C LYS A 19 -13.20 17.64 -9.96
N LEU A 20 -12.95 17.58 -8.66
CA LEU A 20 -11.93 16.68 -8.13
C LEU A 20 -12.18 15.23 -8.58
N GLU A 21 -13.44 14.81 -8.49
CA GLU A 21 -13.80 13.44 -8.86
C GLU A 21 -13.45 13.17 -10.32
N ASN A 22 -13.83 14.11 -11.18
CA ASN A 22 -13.51 13.98 -12.60
C ASN A 22 -12.00 13.86 -12.81
N THR A 23 -11.25 14.64 -12.05
CA THR A 23 -9.79 14.59 -12.13
C THR A 23 -9.27 13.18 -11.95
N LEU A 24 -9.70 12.50 -10.88
CA LEU A 24 -9.21 11.15 -10.62
C LEU A 24 -9.51 10.23 -11.80
N GLN A 25 -10.72 10.32 -12.32
CA GLN A 25 -11.11 9.51 -13.47
C GLN A 25 -10.16 9.73 -14.64
N ASP A 26 -9.80 11.00 -14.85
CA ASP A 26 -8.90 11.34 -15.95
C ASP A 26 -7.55 10.65 -15.77
N ILE A 27 -7.04 10.65 -14.55
CA ILE A 27 -5.76 10.01 -14.26
C ILE A 27 -5.80 8.53 -14.68
N ILE A 28 -6.91 7.87 -14.37
CA ILE A 28 -7.04 6.46 -14.68
C ILE A 28 -6.89 6.23 -16.18
N GLN A 29 -7.61 7.01 -16.96
CA GLN A 29 -7.59 6.84 -18.41
C GLN A 29 -6.23 7.19 -19.00
N GLU A 30 -5.56 8.19 -18.43
CA GLU A 30 -4.31 8.68 -18.99
C GLU A 30 -3.18 7.66 -18.86
N ASN A 31 -3.06 7.04 -17.69
CA ASN A 31 -1.92 6.16 -17.41
C ASN A 31 -2.32 4.67 -17.34
N PHE A 32 -3.57 4.40 -17.01
CA PHE A 32 -4.01 3.02 -16.79
C PHE A 32 -5.18 2.68 -17.73
N PRO A 33 -4.92 2.48 -19.01
CA PRO A 33 -6.00 2.15 -19.98
C PRO A 33 -6.77 0.90 -19.56
N ASN A 34 -6.06 -0.07 -19.00
CA ASN A 34 -6.70 -1.30 -18.55
C ASN A 34 -7.77 -1.01 -17.51
N LEU A 35 -7.42 -0.21 -16.51
CA LEU A 35 -8.37 0.12 -15.45
C LEU A 35 -9.60 0.78 -16.04
N ALA A 36 -9.38 1.73 -16.95
CA ALA A 36 -10.48 2.46 -17.56
C ALA A 36 -11.43 1.52 -18.31
N ARG A 37 -10.86 0.53 -19.00
CA ARG A 37 -11.67 -0.41 -19.76
C ARG A 37 -12.57 -1.21 -18.85
N GLN A 38 -12.02 -1.70 -17.74
CA GLN A 38 -12.80 -2.46 -16.77
C GLN A 38 -14.00 -1.66 -16.29
N ALA A 39 -13.78 -0.39 -15.97
CA ALA A 39 -14.85 0.49 -15.55
C ALA A 39 -15.53 -0.03 -14.29
N ASN A 40 -14.71 -0.53 -13.36
CA ASN A 40 -15.22 -1.04 -12.08
C ASN A 40 -14.58 -0.31 -10.91
N VAL A 41 -14.42 1.00 -11.07
CA VAL A 41 -13.81 1.82 -10.02
C VAL A 41 -14.90 2.56 -9.24
N GLN A 42 -15.04 2.21 -7.96
CA GLN A 42 -16.04 2.85 -7.10
C GLN A 42 -15.35 3.76 -6.10
N ILE A 43 -15.53 5.08 -6.27
CA ILE A 43 -14.90 6.04 -5.38
C ILE A 43 -15.93 6.55 -4.37
N GLN A 44 -15.53 6.66 -3.11
CA GLN A 44 -16.46 7.07 -2.06
C GLN A 44 -16.37 8.57 -1.80
N GLU A 45 -15.15 9.08 -1.65
CA GLU A 45 -14.97 10.50 -1.35
C GLU A 45 -13.61 11.01 -1.83
N ILE A 46 -13.59 12.26 -2.30
CA ILE A 46 -12.35 12.91 -2.68
C ILE A 46 -12.35 14.35 -2.15
N GLN A 47 -11.31 14.70 -1.40
CA GLN A 47 -11.23 16.02 -0.79
C GLN A 47 -9.80 16.56 -0.78
N ARG A 48 -9.67 17.87 -0.60
CA ARG A 48 -8.36 18.51 -0.56
C ARG A 48 -7.93 18.76 0.89
N THR A 49 -6.65 18.54 1.16
CA THR A 49 -6.12 18.75 2.51
C THR A 49 -4.77 19.48 2.44
N PRO A 50 -4.37 20.23 3.45
CA PRO A 50 -5.20 20.62 4.63
C PRO A 50 -6.18 21.74 4.29
N GLN A 51 -7.43 21.58 4.72
CA GLN A 51 -8.46 22.56 4.42
C GLN A 51 -8.05 23.95 4.89
N ARG A 52 -7.38 24.01 6.03
CA ARG A 52 -6.98 25.30 6.61
C ARG A 52 -5.71 25.87 5.98
N TYR A 53 -4.92 25.03 5.31
CA TYR A 53 -3.69 25.50 4.68
C TYR A 53 -4.01 26.16 3.34
N SER A 54 -3.84 27.49 3.29
CA SER A 54 -4.15 28.23 2.08
C SER A 54 -2.98 29.15 1.69
N SER A 55 -2.75 30.19 2.49
CA SER A 55 -1.71 31.18 2.19
C SER A 55 -0.60 31.15 3.24
N ARG A 56 -0.27 29.96 3.74
CA ARG A 56 0.79 29.82 4.72
C ARG A 56 2.13 29.59 4.02
N ARG A 57 2.11 28.72 3.02
CA ARG A 57 3.32 28.44 2.24
C ARG A 57 2.95 28.25 0.77
N ALA A 58 3.88 28.62 -0.11
CA ALA A 58 3.65 28.52 -1.55
C ALA A 58 3.64 27.06 -2.07
N THR A 59 3.82 26.08 -1.18
CA THR A 59 3.84 24.69 -1.60
C THR A 59 2.44 24.21 -1.99
N PRO A 60 2.32 23.27 -2.91
CA PRO A 60 0.97 22.78 -3.34
C PRO A 60 0.36 21.82 -2.32
N ARG A 61 -0.97 21.85 -2.20
CA ARG A 61 -1.66 20.95 -1.28
C ARG A 61 -1.85 19.58 -1.92
N HIS A 62 -2.04 18.56 -1.10
CA HIS A 62 -2.24 17.20 -1.60
C HIS A 62 -3.73 16.87 -1.67
N ILE A 63 -4.08 15.93 -2.53
CA ILE A 63 -5.47 15.45 -2.60
C ILE A 63 -5.54 14.03 -2.05
N ILE A 64 -6.53 13.78 -1.21
CA ILE A 64 -6.70 12.45 -0.62
C ILE A 64 -7.92 11.77 -1.24
N VAL A 65 -7.73 10.54 -1.69
CA VAL A 65 -8.81 9.76 -2.29
C VAL A 65 -9.11 8.56 -1.40
N ARG A 66 -10.38 8.39 -1.07
CA ARG A 66 -10.82 7.22 -0.31
C ARG A 66 -11.65 6.32 -1.21
N PHE A 67 -11.14 5.11 -1.46
CA PHE A 67 -11.79 4.17 -2.34
C PHE A 67 -12.71 3.23 -1.57
N THR A 68 -13.78 2.79 -2.22
CA THR A 68 -14.71 1.87 -1.58
C THR A 68 -14.07 0.50 -1.37
N LYS A 69 -13.31 0.05 -2.37
CA LYS A 69 -12.66 -1.26 -2.29
C LYS A 69 -11.16 -1.11 -2.06
N VAL A 70 -10.71 -1.56 -0.89
CA VAL A 70 -9.29 -1.50 -0.57
C VAL A 70 -8.46 -2.24 -1.62
N GLU A 71 -8.97 -3.39 -2.05
CA GLU A 71 -8.28 -4.18 -3.07
C GLU A 71 -8.08 -3.37 -4.35
N MET A 72 -9.10 -2.60 -4.72
CA MET A 72 -9.03 -1.81 -5.94
C MET A 72 -7.88 -0.80 -5.86
N LYS A 73 -7.78 -0.12 -4.72
CA LYS A 73 -6.72 0.86 -4.52
C LYS A 73 -5.35 0.20 -4.71
N GLU A 74 -5.18 -0.97 -4.11
CA GLU A 74 -3.91 -1.67 -4.19
C GLU A 74 -3.55 -1.95 -5.64
N LYS A 75 -4.53 -2.39 -6.42
CA LYS A 75 -4.29 -2.70 -7.82
C LYS A 75 -3.77 -1.47 -8.55
N MET A 76 -4.38 -0.32 -8.27
CA MET A 76 -3.98 0.92 -8.93
C MET A 76 -2.51 1.20 -8.67
N LEU A 77 -2.09 1.03 -7.42
CA LEU A 77 -0.70 1.31 -7.06
C LEU A 77 0.23 0.43 -7.88
N ARG A 78 -0.09 -0.85 -7.99
CA ARG A 78 0.74 -1.78 -8.73
C ARG A 78 0.89 -1.32 -10.18
N ALA A 79 -0.22 -0.91 -10.78
CA ALA A 79 -0.21 -0.47 -12.17
C ALA A 79 0.75 0.70 -12.35
N ALA A 80 0.71 1.64 -11.41
CA ALA A 80 1.59 2.80 -11.48
C ALA A 80 3.05 2.38 -11.48
N ARG A 81 3.39 1.47 -10.57
CA ARG A 81 4.77 1.00 -10.47
C ARG A 81 5.25 0.43 -11.80
N GLU A 82 4.38 -0.33 -12.47
CA GLU A 82 4.73 -0.95 -13.74
C GLU A 82 4.97 0.09 -14.83
N LYS A 83 4.05 1.04 -14.95
CA LYS A 83 4.13 2.03 -16.02
C LYS A 83 5.40 2.86 -15.91
N GLY A 84 5.76 3.21 -14.68
CA GLY A 84 6.96 4.01 -14.45
C GLY A 84 6.75 5.51 -14.69
N ARG A 85 5.65 5.88 -15.36
CA ARG A 85 5.37 7.29 -15.63
C ARG A 85 3.88 7.57 -15.49
N VAL A 86 3.55 8.51 -14.61
CA VAL A 86 2.16 8.91 -14.39
C VAL A 86 2.02 10.42 -14.58
N THR A 87 1.13 10.82 -15.46
CA THR A 87 0.96 12.25 -15.77
C THR A 87 -0.49 12.67 -15.66
N LEU A 88 -0.69 13.93 -15.29
CA LEU A 88 -2.02 14.52 -15.24
C LEU A 88 -2.09 15.67 -16.24
N LYS A 89 -2.90 15.51 -17.28
CA LYS A 89 -3.04 16.54 -18.29
C LYS A 89 -1.68 16.88 -18.93
N GLY A 90 -0.81 15.89 -19.06
CA GLY A 90 0.47 16.09 -19.72
C GLY A 90 1.60 16.53 -18.78
N LYS A 91 1.28 16.87 -17.54
CA LYS A 91 2.31 17.31 -16.59
C LYS A 91 2.68 16.16 -15.65
N PRO A 92 3.91 16.06 -15.20
CA PRO A 92 4.34 14.91 -14.34
C PRO A 92 3.80 15.02 -12.91
N ILE A 93 3.28 13.91 -12.40
CA ILE A 93 2.78 13.87 -11.03
C ILE A 93 3.30 12.60 -10.33
N ARG A 94 2.99 12.47 -9.04
CA ARG A 94 3.43 11.31 -8.26
C ARG A 94 2.27 10.68 -7.52
N LEU A 95 2.24 9.35 -7.50
CA LEU A 95 1.21 8.61 -6.77
C LEU A 95 1.86 7.71 -5.72
N THR A 96 1.44 7.85 -4.47
CA THR A 96 2.06 7.07 -3.39
C THR A 96 1.06 6.83 -2.25
N VAL A 97 1.51 6.10 -1.24
CA VAL A 97 0.69 5.83 -0.06
C VAL A 97 1.57 5.65 1.17
N ASP A 98 0.97 5.86 2.34
CA ASP A 98 1.71 5.70 3.59
C ASP A 98 1.52 4.28 4.14
N LEU A 99 2.63 3.59 4.39
CA LEU A 99 2.57 2.23 4.90
C LEU A 99 3.83 1.89 5.67
N SER A 100 3.68 1.17 6.77
CA SER A 100 4.82 0.79 7.60
C SER A 100 5.64 -0.30 6.91
N ALA A 101 6.87 0.02 6.55
CA ALA A 101 7.75 -0.96 5.91
C ALA A 101 8.04 -2.14 6.83
N GLU A 102 8.15 -1.87 8.13
CA GLU A 102 8.45 -2.92 9.10
C GLU A 102 7.41 -4.02 9.03
N THR A 103 6.14 -3.63 8.89
CA THR A 103 5.06 -4.61 8.82
C THR A 103 5.29 -5.60 7.68
N LEU A 104 5.61 -5.08 6.50
CA LEU A 104 5.86 -5.93 5.34
C LEU A 104 6.96 -6.94 5.64
N GLN A 105 8.06 -6.47 6.22
CA GLN A 105 9.18 -7.33 6.54
C GLN A 105 8.73 -8.48 7.45
N ALA A 106 7.90 -8.16 8.43
CA ALA A 106 7.41 -9.17 9.36
C ALA A 106 6.65 -10.27 8.64
N ARG A 107 5.77 -9.86 7.73
CA ARG A 107 4.95 -10.84 6.99
C ARG A 107 5.85 -11.81 6.23
N ARG A 108 6.89 -11.28 5.60
CA ARG A 108 7.81 -12.10 4.83
C ARG A 108 8.50 -13.13 5.72
N GLU A 109 8.90 -12.70 6.91
CA GLU A 109 9.56 -13.59 7.86
C GLU A 109 8.64 -14.76 8.25
N TRP A 110 7.36 -14.46 8.43
CA TRP A 110 6.37 -15.49 8.76
C TRP A 110 5.95 -16.32 7.54
N GLY A 111 6.36 -15.93 6.33
CA GLY A 111 5.92 -16.62 5.11
C GLY A 111 6.12 -18.14 5.21
N PRO A 112 7.32 -18.60 5.50
CA PRO A 112 7.58 -20.07 5.56
C PRO A 112 6.60 -20.80 6.50
N ILE A 113 6.48 -20.31 7.72
CA ILE A 113 5.62 -20.96 8.71
C ILE A 113 4.20 -21.07 8.19
N PHE A 114 3.70 -19.98 7.62
CA PHE A 114 2.31 -19.94 7.15
C PHE A 114 2.06 -21.01 6.11
N ASN A 115 2.94 -21.08 5.11
CA ASN A 115 2.74 -21.99 3.99
C ASN A 115 2.70 -23.44 4.45
N ILE A 116 3.68 -23.82 5.26
CA ILE A 116 3.78 -25.21 5.70
C ILE A 116 2.51 -25.61 6.45
N LEU A 117 2.08 -24.75 7.37
CA LEU A 117 0.89 -25.03 8.15
C LEU A 117 -0.33 -25.21 7.24
N LYS A 118 -0.40 -24.41 6.18
CA LYS A 118 -1.52 -24.51 5.24
C LYS A 118 -1.58 -25.92 4.66
N GLU A 119 -0.44 -26.41 4.18
CA GLU A 119 -0.37 -27.73 3.58
C GLU A 119 -0.85 -28.80 4.56
N LYS A 120 -0.45 -28.66 5.82
CA LYS A 120 -0.77 -29.66 6.84
C LYS A 120 -2.17 -29.48 7.45
N ASN A 121 -3.06 -28.74 6.78
CA ASN A 121 -4.43 -28.61 7.25
C ASN A 121 -4.51 -27.96 8.62
N PHE A 122 -3.58 -27.06 8.92
CA PHE A 122 -3.61 -26.32 10.19
C PHE A 122 -4.47 -25.03 10.08
N GLN A 123 -4.83 -24.62 8.87
CA GLN A 123 -5.63 -23.41 8.68
C GLN A 123 -4.90 -22.19 9.26
N PRO A 124 -3.71 -21.88 8.79
CA PRO A 124 -2.96 -20.70 9.29
C PRO A 124 -3.52 -19.37 8.78
N ARG A 125 -3.62 -18.40 9.67
CA ARG A 125 -4.10 -17.07 9.30
C ARG A 125 -3.21 -16.01 9.93
N ILE A 126 -3.08 -14.87 9.26
CA ILE A 126 -2.26 -13.76 9.77
C ILE A 126 -3.15 -12.58 10.16
N SER A 127 -2.77 -11.92 11.24
CA SER A 127 -3.50 -10.73 11.70
C SER A 127 -2.53 -9.57 11.90
N TYR A 128 -3.00 -8.36 11.62
CA TYR A 128 -2.16 -7.18 11.79
C TYR A 128 -1.69 -7.08 13.25
N PRO A 129 -0.49 -6.62 13.55
CA PRO A 129 0.58 -6.25 12.56
C PRO A 129 1.12 -7.46 11.81
N ALA A 130 1.67 -8.42 12.57
CA ALA A 130 2.25 -9.61 11.98
C ALA A 130 2.17 -10.79 12.95
N LYS A 131 1.04 -10.90 13.64
CA LYS A 131 0.84 -11.99 14.59
C LYS A 131 0.40 -13.26 13.85
N LEU A 132 0.84 -14.41 14.33
CA LEU A 132 0.52 -15.68 13.70
C LEU A 132 -0.46 -16.48 14.56
N SER A 133 -1.56 -16.91 13.96
CA SER A 133 -2.54 -17.72 14.68
C SER A 133 -2.95 -18.92 13.84
N PHE A 134 -3.16 -20.06 14.49
CA PHE A 134 -3.59 -21.26 13.78
C PHE A 134 -4.27 -22.25 14.72
N ILE A 135 -4.89 -23.28 14.15
CA ILE A 135 -5.62 -24.26 14.95
C ILE A 135 -4.82 -25.56 15.04
N SER A 136 -4.55 -25.99 16.27
CA SER A 136 -3.81 -27.22 16.51
C SER A 136 -4.48 -28.04 17.61
N GLU A 137 -4.57 -29.35 17.39
CA GLU A 137 -5.14 -30.25 18.39
C GLU A 137 -6.53 -29.80 18.85
N GLY A 138 -7.24 -29.01 18.05
CA GLY A 138 -8.61 -28.64 18.35
C GLY A 138 -8.75 -27.28 19.04
N GLU A 139 -7.64 -26.72 19.54
CA GLU A 139 -7.68 -25.43 20.22
C GLU A 139 -6.93 -24.37 19.43
N ILE A 140 -7.29 -23.11 19.63
CA ILE A 140 -6.66 -22.02 18.89
C ILE A 140 -5.48 -21.47 19.69
N LYS A 141 -4.33 -21.34 19.03
CA LYS A 141 -3.12 -20.82 19.69
C LYS A 141 -2.60 -19.60 18.96
N TYR A 142 -2.11 -18.63 19.73
CA TYR A 142 -1.61 -17.38 19.17
C TYR A 142 -0.18 -17.09 19.62
N PHE A 143 0.66 -16.64 18.69
CA PHE A 143 2.01 -16.23 19.03
C PHE A 143 2.32 -14.89 18.37
N ILE A 144 2.99 -14.00 19.09
CA ILE A 144 3.29 -12.68 18.56
C ILE A 144 4.66 -12.65 17.89
N ASP A 145 5.64 -13.27 18.55
CA ASP A 145 7.02 -13.26 18.04
C ASP A 145 7.47 -14.67 17.71
N LYS A 146 8.32 -14.79 16.69
CA LYS A 146 8.89 -16.08 16.31
C LYS A 146 9.56 -16.77 17.50
N GLN A 147 10.16 -15.98 18.40
CA GLN A 147 10.80 -16.54 19.58
C GLN A 147 9.81 -17.38 20.38
N MET A 148 8.57 -16.90 20.48
CA MET A 148 7.53 -17.64 21.16
C MET A 148 7.29 -18.98 20.48
N LEU A 149 7.28 -18.98 19.15
CA LEU A 149 7.03 -20.21 18.39
C LEU A 149 8.08 -21.26 18.74
N ARG A 150 9.33 -20.83 18.91
CA ARG A 150 10.40 -21.76 19.26
C ARG A 150 10.12 -22.40 20.62
N ASP A 151 9.88 -21.55 21.62
CA ASP A 151 9.59 -22.04 22.97
C ASP A 151 8.43 -23.03 22.97
N PHE A 152 7.47 -22.82 22.08
CA PHE A 152 6.29 -23.66 21.99
C PHE A 152 6.60 -25.03 21.39
N VAL A 153 7.28 -25.05 20.23
CA VAL A 153 7.56 -26.32 19.54
C VAL A 153 8.38 -27.27 20.41
N THR A 154 9.22 -26.73 21.29
CA THR A 154 10.05 -27.58 22.14
C THR A 154 9.24 -28.66 22.87
N THR A 155 7.94 -28.46 23.04
CA THR A 155 7.12 -29.42 23.79
C THR A 155 6.20 -30.27 22.89
N ARG A 156 6.45 -30.28 21.59
CA ARG A 156 5.65 -31.09 20.67
C ARG A 156 6.52 -31.51 19.47
N PRO A 157 7.31 -32.55 19.59
CA PRO A 157 8.35 -32.87 18.56
C PRO A 157 7.81 -32.86 17.13
N ALA A 158 6.60 -33.35 16.92
CA ALA A 158 6.00 -33.38 15.58
C ALA A 158 5.98 -31.97 14.99
N LEU A 159 5.55 -31.00 15.79
CA LEU A 159 5.46 -29.63 15.33
C LEU A 159 6.85 -29.04 15.05
N LYS A 160 7.83 -29.42 15.87
CA LYS A 160 9.19 -28.91 15.69
C LYS A 160 9.72 -29.29 14.32
N GLU A 161 9.57 -30.56 13.96
CA GLU A 161 10.08 -31.05 12.68
C GLU A 161 9.44 -30.31 11.52
N LEU A 162 8.13 -30.13 11.60
CA LEU A 162 7.40 -29.47 10.52
C LEU A 162 7.90 -28.04 10.31
N LEU A 163 8.08 -27.31 11.41
CA LEU A 163 8.46 -25.90 11.33
C LEU A 163 9.96 -25.66 11.33
N LYS A 164 10.77 -26.69 11.60
CA LYS A 164 12.23 -26.56 11.66
C LYS A 164 12.80 -25.69 10.55
N GLU A 165 12.33 -25.91 9.32
CA GLU A 165 12.81 -25.14 8.18
C GLU A 165 12.25 -23.72 8.17
N ALA A 166 11.00 -23.57 8.61
CA ALA A 166 10.34 -22.27 8.61
C ALA A 166 11.03 -21.28 9.54
N LEU A 167 11.41 -21.75 10.72
CA LEU A 167 12.05 -20.89 11.72
C LEU A 167 13.55 -20.71 11.45
N ASN A 168 14.17 -21.62 10.68
CA ASN A 168 15.58 -21.51 10.35
C ASN A 168 16.44 -21.68 11.61
N MET A 169 16.21 -22.77 12.33
CA MET A 169 16.98 -23.07 13.53
C MET A 169 18.39 -23.51 13.15
N GLU A 170 19.38 -22.71 13.54
CA GLU A 170 20.77 -23.02 13.24
C GLU A 170 21.53 -23.40 14.52
N ARG A 171 22.66 -24.08 14.34
CA ARG A 171 23.47 -24.49 15.49
C ARG A 171 24.95 -24.30 15.18
N ASN A 172 25.28 -23.18 14.53
CA ASN A 172 26.67 -22.88 14.18
C ASN A 172 26.96 -21.39 14.36
N ASN A 173 26.11 -20.56 13.77
CA ASN A 173 26.28 -19.11 13.86
C ASN A 173 25.34 -18.53 14.92
N ARG A 174 25.93 -17.87 15.92
CA ARG A 174 25.15 -17.27 16.99
C ARG A 174 25.08 -15.76 16.82
N TYR A 175 24.03 -15.15 17.37
CA TYR A 175 23.85 -13.71 17.28
C TYR A 175 24.23 -13.04 18.60
N GLN A 176 24.88 -11.87 18.50
CA GLN A 176 25.28 -11.14 19.70
C GLN A 176 24.15 -10.24 20.19
N MET A 1 -11.95 3.04 3.16
CA MET A 1 -10.99 2.23 3.96
C MET A 1 -9.57 2.51 3.47
N GLY A 2 -9.28 2.08 2.25
CA GLY A 2 -7.97 2.29 1.66
C GLY A 2 -7.83 3.71 1.12
N ASN A 3 -6.82 4.43 1.62
CA ASN A 3 -6.60 5.82 1.20
C ASN A 3 -5.37 5.91 0.30
N LEU A 4 -5.48 6.71 -0.75
CA LEU A 4 -4.37 6.93 -1.68
C LEU A 4 -4.00 8.40 -1.71
N ARG A 5 -2.71 8.69 -1.94
CA ARG A 5 -2.25 10.08 -1.96
C ARG A 5 -1.93 10.52 -3.38
N LEU A 6 -2.53 11.62 -3.80
CA LEU A 6 -2.24 12.19 -5.11
C LEU A 6 -1.48 13.51 -4.93
N ILE A 7 -0.24 13.53 -5.42
CA ILE A 7 0.63 14.69 -5.21
C ILE A 7 0.95 15.35 -6.56
N GLY A 8 0.81 16.68 -6.61
CA GLY A 8 1.23 17.44 -7.78
C GLY A 8 0.06 17.99 -8.60
N VAL A 9 -1.10 18.17 -7.95
CA VAL A 9 -2.26 18.71 -8.66
C VAL A 9 -2.28 20.25 -8.51
N PRO A 10 -2.39 21.00 -9.59
CA PRO A 10 -2.38 22.51 -9.48
C PRO A 10 -3.53 23.03 -8.62
N GLU A 11 -3.39 24.26 -8.14
CA GLU A 11 -4.45 24.90 -7.35
C GLU A 11 -5.35 25.73 -8.25
N SER A 12 -6.62 25.81 -7.88
CA SER A 12 -7.58 26.58 -8.67
C SER A 12 -8.69 27.13 -7.79
N ASP A 13 -8.94 28.43 -7.89
CA ASP A 13 -9.98 29.06 -7.08
C ASP A 13 -11.34 28.38 -7.27
N VAL A 14 -11.59 27.85 -8.47
CA VAL A 14 -12.89 27.24 -8.76
C VAL A 14 -12.96 25.75 -8.38
N GLU A 15 -12.02 25.28 -7.57
CA GLU A 15 -12.00 23.87 -7.18
C GLU A 15 -13.28 23.51 -6.43
N ASN A 16 -13.81 22.33 -6.74
CA ASN A 16 -15.01 21.83 -6.09
C ASN A 16 -14.99 20.30 -6.07
N GLY A 17 -15.72 19.71 -5.13
CA GLY A 17 -15.72 18.25 -4.97
C GLY A 17 -15.93 17.52 -6.29
N THR A 18 -16.94 17.93 -7.04
CA THR A 18 -17.26 17.27 -8.31
C THR A 18 -16.05 17.28 -9.25
N LYS A 19 -15.44 18.43 -9.43
CA LYS A 19 -14.30 18.55 -10.33
C LYS A 19 -13.19 17.60 -9.91
N LEU A 20 -12.94 17.53 -8.61
CA LEU A 20 -11.91 16.63 -8.08
C LEU A 20 -12.15 15.19 -8.53
N GLU A 21 -13.39 14.73 -8.42
CA GLU A 21 -13.72 13.36 -8.78
C GLU A 21 -13.40 13.10 -10.24
N ASN A 22 -13.81 14.04 -11.11
CA ASN A 22 -13.52 13.90 -12.53
C ASN A 22 -12.01 13.81 -12.76
N THR A 23 -11.25 14.61 -12.03
CA THR A 23 -9.80 14.59 -12.13
C THR A 23 -9.24 13.18 -11.95
N LEU A 24 -9.64 12.51 -10.87
CA LEU A 24 -9.12 11.17 -10.59
C LEU A 24 -9.42 10.23 -11.75
N GLN A 25 -10.65 10.30 -12.25
CA GLN A 25 -11.05 9.47 -13.39
C GLN A 25 -10.12 9.70 -14.58
N ASP A 26 -9.78 10.96 -14.81
CA ASP A 26 -8.90 11.32 -15.92
C ASP A 26 -7.54 10.63 -15.77
N ILE A 27 -7.01 10.64 -14.54
CA ILE A 27 -5.71 10.01 -14.28
C ILE A 27 -5.75 8.54 -14.69
N ILE A 28 -6.85 7.87 -14.35
CA ILE A 28 -6.98 6.45 -14.65
C ILE A 28 -6.85 6.23 -16.15
N GLN A 29 -7.58 7.00 -16.93
CA GLN A 29 -7.58 6.83 -18.38
C GLN A 29 -6.22 7.15 -18.99
N GLU A 30 -5.56 8.17 -18.47
CA GLU A 30 -4.30 8.65 -19.04
C GLU A 30 -3.17 7.62 -18.90
N ASN A 31 -3.04 7.03 -17.72
CA ASN A 31 -1.91 6.14 -17.44
C ASN A 31 -2.31 4.67 -17.37
N PHE A 32 -3.57 4.38 -17.04
CA PHE A 32 -4.01 3.01 -16.84
C PHE A 32 -5.19 2.69 -17.77
N PRO A 33 -4.94 2.52 -19.06
CA PRO A 33 -6.04 2.22 -20.02
C PRO A 33 -6.81 0.96 -19.62
N ASN A 34 -6.11 -0.01 -19.07
CA ASN A 34 -6.75 -1.25 -18.64
C ASN A 34 -7.81 -0.97 -17.59
N LEU A 35 -7.44 -0.19 -16.57
CA LEU A 35 -8.39 0.12 -15.49
C LEU A 35 -9.62 0.81 -16.07
N ALA A 36 -9.39 1.77 -16.96
CA ALA A 36 -10.48 2.53 -17.55
C ALA A 36 -11.43 1.61 -18.32
N ARG A 37 -10.87 0.65 -19.04
CA ARG A 37 -11.69 -0.26 -19.84
C ARG A 37 -12.62 -1.08 -18.94
N GLN A 38 -12.08 -1.60 -17.84
CA GLN A 38 -12.87 -2.37 -16.89
C GLN A 38 -14.06 -1.55 -16.39
N ALA A 39 -13.79 -0.30 -16.04
CA ALA A 39 -14.85 0.59 -15.59
C ALA A 39 -15.54 0.05 -14.34
N ASN A 40 -14.73 -0.52 -13.43
CA ASN A 40 -15.26 -1.05 -12.17
C ASN A 40 -14.63 -0.32 -10.98
N VAL A 41 -14.46 0.99 -11.12
CA VAL A 41 -13.86 1.79 -10.05
C VAL A 41 -14.95 2.50 -9.26
N GLN A 42 -15.03 2.19 -7.97
CA GLN A 42 -16.01 2.82 -7.10
C GLN A 42 -15.31 3.72 -6.08
N ILE A 43 -15.48 5.03 -6.24
CA ILE A 43 -14.85 6.00 -5.35
C ILE A 43 -15.88 6.52 -4.35
N GLN A 44 -15.48 6.63 -3.09
CA GLN A 44 -16.41 7.05 -2.05
C GLN A 44 -16.32 8.55 -1.81
N GLU A 45 -15.10 9.06 -1.67
CA GLU A 45 -14.92 10.48 -1.40
C GLU A 45 -13.56 10.99 -1.89
N ILE A 46 -13.55 12.19 -2.46
CA ILE A 46 -12.30 12.84 -2.86
C ILE A 46 -12.33 14.30 -2.42
N GLN A 47 -11.30 14.72 -1.70
CA GLN A 47 -11.25 16.10 -1.19
C GLN A 47 -9.81 16.60 -1.04
N ARG A 48 -9.67 17.91 -0.98
CA ARG A 48 -8.35 18.54 -0.80
C ARG A 48 -8.08 18.76 0.68
N THR A 49 -6.82 18.57 1.09
CA THR A 49 -6.43 18.79 2.48
C THR A 49 -5.10 19.56 2.54
N PRO A 50 -4.90 20.52 3.44
CA PRO A 50 -5.94 21.05 4.37
C PRO A 50 -6.91 21.98 3.63
N GLN A 51 -8.20 21.71 3.76
CA GLN A 51 -9.20 22.47 3.02
C GLN A 51 -9.39 23.87 3.61
N ARG A 52 -9.32 23.96 4.94
CA ARG A 52 -9.57 25.24 5.62
C ARG A 52 -8.35 26.17 5.60
N TYR A 53 -7.16 25.63 5.34
CA TYR A 53 -5.96 26.46 5.30
C TYR A 53 -5.62 26.81 3.85
N SER A 54 -5.54 28.11 3.56
CA SER A 54 -5.23 28.57 2.22
C SER A 54 -3.92 27.99 1.74
N SER A 55 -3.59 28.23 0.47
CA SER A 55 -2.35 27.72 -0.11
C SER A 55 -1.21 28.71 0.09
N ARG A 56 -1.19 29.40 1.22
CA ARG A 56 -0.13 30.37 1.52
C ARG A 56 1.23 29.67 1.56
N ARG A 57 1.26 28.46 2.12
CA ARG A 57 2.52 27.71 2.23
C ARG A 57 3.16 27.55 0.86
N ALA A 58 4.48 27.40 0.84
CA ALA A 58 5.22 27.27 -0.41
C ALA A 58 4.89 25.96 -1.12
N THR A 59 4.68 24.90 -0.35
CA THR A 59 4.41 23.59 -0.93
C THR A 59 2.94 23.48 -1.35
N PRO A 60 2.62 22.73 -2.38
CA PRO A 60 1.20 22.58 -2.82
C PRO A 60 0.42 21.62 -1.94
N ARG A 61 -0.88 21.89 -1.78
CA ARG A 61 -1.73 21.00 -1.00
C ARG A 61 -1.89 19.66 -1.71
N HIS A 62 -2.12 18.61 -0.93
CA HIS A 62 -2.29 17.27 -1.51
C HIS A 62 -3.78 16.93 -1.61
N ILE A 63 -4.11 15.97 -2.46
CA ILE A 63 -5.49 15.49 -2.56
C ILE A 63 -5.57 14.06 -2.02
N ILE A 64 -6.57 13.80 -1.18
CA ILE A 64 -6.75 12.48 -0.60
C ILE A 64 -7.93 11.78 -1.25
N VAL A 65 -7.71 10.54 -1.66
CA VAL A 65 -8.73 9.73 -2.30
C VAL A 65 -9.06 8.53 -1.42
N ARG A 66 -10.33 8.37 -1.07
CA ARG A 66 -10.78 7.21 -0.31
C ARG A 66 -11.59 6.30 -1.21
N PHE A 67 -11.08 5.10 -1.43
CA PHE A 67 -11.74 4.15 -2.33
C PHE A 67 -12.67 3.22 -1.54
N THR A 68 -13.72 2.76 -2.19
CA THR A 68 -14.67 1.87 -1.54
C THR A 68 -14.04 0.52 -1.24
N LYS A 69 -13.21 0.03 -2.17
CA LYS A 69 -12.57 -1.28 -2.01
C LYS A 69 -11.06 -1.13 -1.84
N VAL A 70 -10.55 -1.58 -0.70
CA VAL A 70 -9.12 -1.52 -0.43
C VAL A 70 -8.34 -2.25 -1.52
N GLU A 71 -8.86 -3.40 -1.95
CA GLU A 71 -8.21 -4.19 -2.98
C GLU A 71 -8.04 -3.38 -4.26
N MET A 72 -9.08 -2.64 -4.62
CA MET A 72 -9.04 -1.84 -5.84
C MET A 72 -7.91 -0.83 -5.78
N LYS A 73 -7.79 -0.15 -4.64
CA LYS A 73 -6.73 0.85 -4.47
C LYS A 73 -5.36 0.20 -4.68
N GLU A 74 -5.16 -0.97 -4.09
CA GLU A 74 -3.88 -1.66 -4.21
C GLU A 74 -3.55 -1.91 -5.67
N LYS A 75 -4.54 -2.36 -6.43
CA LYS A 75 -4.34 -2.66 -7.85
C LYS A 75 -3.84 -1.43 -8.58
N MET A 76 -4.45 -0.28 -8.28
CA MET A 76 -4.07 0.97 -8.93
C MET A 76 -2.59 1.26 -8.69
N LEU A 77 -2.16 1.10 -7.45
CA LEU A 77 -0.76 1.37 -7.10
C LEU A 77 0.17 0.50 -7.93
N ARG A 78 -0.17 -0.78 -8.05
CA ARG A 78 0.65 -1.71 -8.80
C ARG A 78 0.79 -1.24 -10.25
N ALA A 79 -0.32 -0.82 -10.83
CA ALA A 79 -0.31 -0.37 -12.22
C ALA A 79 0.66 0.80 -12.40
N ALA A 80 0.64 1.73 -11.45
CA ALA A 80 1.52 2.90 -11.53
C ALA A 80 2.98 2.45 -11.53
N ARG A 81 3.31 1.53 -10.63
CA ARG A 81 4.69 1.05 -10.54
C ARG A 81 5.16 0.48 -11.86
N GLU A 82 4.28 -0.26 -12.54
CA GLU A 82 4.63 -0.88 -13.81
C GLU A 82 4.88 0.16 -14.89
N LYS A 83 3.97 1.13 -15.01
CA LYS A 83 4.08 2.14 -16.06
C LYS A 83 5.37 2.93 -15.94
N GLY A 84 5.74 3.25 -14.69
CA GLY A 84 6.96 4.01 -14.45
C GLY A 84 6.78 5.52 -14.64
N ARG A 85 5.69 5.95 -15.27
CA ARG A 85 5.44 7.37 -15.49
C ARG A 85 3.95 7.67 -15.42
N VAL A 86 3.56 8.47 -14.44
CA VAL A 86 2.16 8.87 -14.28
C VAL A 86 2.03 10.38 -14.50
N THR A 87 1.16 10.78 -15.42
CA THR A 87 1.02 12.19 -15.75
C THR A 87 -0.45 12.62 -15.75
N LEU A 88 -0.67 13.88 -15.41
CA LEU A 88 -2.00 14.48 -15.46
C LEU A 88 -2.00 15.62 -16.47
N LYS A 89 -2.78 15.47 -17.53
CA LYS A 89 -2.84 16.49 -18.57
C LYS A 89 -1.44 16.79 -19.14
N GLY A 90 -0.60 15.77 -19.21
CA GLY A 90 0.73 15.94 -19.82
C GLY A 90 1.81 16.39 -18.82
N LYS A 91 1.43 16.76 -17.60
CA LYS A 91 2.40 17.23 -16.62
C LYS A 91 2.73 16.11 -15.64
N PRO A 92 3.95 15.99 -15.15
CA PRO A 92 4.33 14.85 -14.26
C PRO A 92 3.76 14.99 -12.85
N ILE A 93 3.21 13.89 -12.35
CA ILE A 93 2.70 13.84 -10.99
C ILE A 93 3.18 12.56 -10.29
N ARG A 94 2.88 12.43 -9.00
CA ARG A 94 3.30 11.26 -8.25
C ARG A 94 2.13 10.63 -7.51
N LEU A 95 2.06 9.30 -7.54
CA LEU A 95 1.02 8.56 -6.82
C LEU A 95 1.67 7.62 -5.81
N THR A 96 1.33 7.78 -4.53
CA THR A 96 1.94 6.97 -3.49
C THR A 96 1.01 6.79 -2.30
N VAL A 97 1.51 6.12 -1.27
CA VAL A 97 0.76 5.94 -0.03
C VAL A 97 1.68 6.00 1.18
N ASP A 98 1.31 6.80 2.17
CA ASP A 98 2.12 6.95 3.37
C ASP A 98 1.55 6.09 4.50
N LEU A 99 2.36 5.85 5.53
CA LEU A 99 1.92 5.06 6.67
C LEU A 99 0.67 5.67 7.29
N SER A 100 -0.43 4.94 7.24
CA SER A 100 -1.70 5.44 7.75
C SER A 100 -1.83 5.19 9.25
N ALA A 101 -1.91 6.29 10.02
CA ALA A 101 -2.10 6.17 11.46
C ALA A 101 -3.46 5.56 11.82
N GLU A 102 -4.45 5.70 10.93
CA GLU A 102 -5.78 5.17 11.20
C GLU A 102 -5.73 3.68 11.47
N THR A 103 -4.87 2.96 10.74
CA THR A 103 -4.75 1.51 10.92
C THR A 103 -4.41 1.18 12.38
N LEU A 104 -3.39 1.84 12.93
CA LEU A 104 -2.98 1.59 14.30
C LEU A 104 -4.15 1.82 15.25
N GLN A 105 -4.86 2.94 15.07
CA GLN A 105 -6.01 3.25 15.92
C GLN A 105 -7.03 2.12 15.88
N ALA A 106 -7.26 1.57 14.70
CA ALA A 106 -8.24 0.50 14.55
C ALA A 106 -7.86 -0.69 15.41
N ARG A 107 -6.59 -1.07 15.36
CA ARG A 107 -6.12 -2.22 16.12
C ARG A 107 -6.38 -2.03 17.60
N ARG A 108 -6.12 -0.82 18.09
CA ARG A 108 -6.34 -0.51 19.50
C ARG A 108 -7.81 -0.65 19.87
N GLU A 109 -8.70 -0.23 18.96
CA GLU A 109 -10.13 -0.32 19.20
C GLU A 109 -10.57 -1.78 19.35
N TRP A 110 -10.00 -2.66 18.54
CA TRP A 110 -10.32 -4.09 18.62
C TRP A 110 -9.71 -4.77 19.86
N GLY A 111 -8.95 -4.05 20.67
CA GLY A 111 -8.25 -4.65 21.80
C GLY A 111 -9.21 -5.45 22.69
N PRO A 112 -10.23 -4.85 23.25
CA PRO A 112 -11.15 -5.57 24.18
C PRO A 112 -11.71 -6.86 23.59
N ILE A 113 -12.24 -6.78 22.37
CA ILE A 113 -12.86 -7.95 21.75
C ILE A 113 -11.84 -9.09 21.64
N PHE A 114 -10.64 -8.77 21.20
CA PHE A 114 -9.62 -9.79 20.99
C PHE A 114 -9.32 -10.53 22.29
N ASN A 115 -9.10 -9.76 23.36
CA ASN A 115 -8.69 -10.34 24.63
C ASN A 115 -9.74 -11.29 25.17
N ILE A 116 -11.00 -10.86 25.17
CA ILE A 116 -12.08 -11.66 25.72
C ILE A 116 -12.16 -13.00 24.97
N LEU A 117 -12.12 -12.92 23.64
CA LEU A 117 -12.21 -14.13 22.83
C LEU A 117 -11.08 -15.09 23.19
N LYS A 118 -9.88 -14.56 23.43
CA LYS A 118 -8.74 -15.41 23.78
C LYS A 118 -9.05 -16.21 25.03
N GLU A 119 -9.55 -15.52 26.05
CA GLU A 119 -9.86 -16.19 27.32
C GLU A 119 -10.86 -17.32 27.11
N LYS A 120 -11.85 -17.08 26.27
CA LYS A 120 -12.92 -18.05 26.05
C LYS A 120 -12.58 -19.11 25.00
N ASN A 121 -11.28 -19.30 24.70
CA ASN A 121 -10.87 -20.36 23.78
C ASN A 121 -11.48 -20.18 22.40
N PHE A 122 -11.68 -18.93 21.98
CA PHE A 122 -12.17 -18.64 20.63
C PHE A 122 -11.03 -18.55 19.60
N GLN A 123 -9.77 -18.46 20.06
CA GLN A 123 -8.64 -18.37 19.15
C GLN A 123 -8.76 -17.13 18.26
N PRO A 124 -8.82 -15.94 18.84
CA PRO A 124 -8.93 -14.68 18.04
C PRO A 124 -7.61 -14.31 17.38
N ARG A 125 -7.67 -13.94 16.11
CA ARG A 125 -6.49 -13.51 15.38
C ARG A 125 -6.80 -12.26 14.56
N ILE A 126 -5.81 -11.37 14.44
CA ILE A 126 -5.99 -10.14 13.68
C ILE A 126 -5.21 -10.21 12.37
N SER A 127 -5.81 -9.67 11.31
CA SER A 127 -5.16 -9.63 10.00
C SER A 127 -5.15 -8.20 9.48
N TYR A 128 -4.07 -7.84 8.78
CA TYR A 128 -3.95 -6.50 8.23
C TYR A 128 -5.12 -6.22 7.28
N PRO A 129 -5.67 -5.01 7.21
CA PRO A 129 -5.30 -3.83 8.07
C PRO A 129 -5.71 -4.03 9.53
N ALA A 130 -7.01 -4.24 9.75
CA ALA A 130 -7.52 -4.40 11.11
C ALA A 130 -8.78 -5.25 11.11
N LYS A 131 -8.78 -6.30 10.30
CA LYS A 131 -9.92 -7.22 10.23
C LYS A 131 -9.86 -8.22 11.37
N LEU A 132 -11.02 -8.58 11.90
CA LEU A 132 -11.09 -9.51 13.03
C LEU A 132 -11.64 -10.86 12.56
N SER A 133 -10.91 -11.92 12.87
CA SER A 133 -11.36 -13.26 12.51
C SER A 133 -11.18 -14.22 13.69
N PHE A 134 -12.16 -15.10 13.91
CA PHE A 134 -12.07 -16.06 15.00
C PHE A 134 -12.92 -17.29 14.71
N ILE A 135 -12.75 -18.33 15.53
CA ILE A 135 -13.47 -19.59 15.34
C ILE A 135 -14.64 -19.68 16.30
N SER A 136 -15.84 -19.88 15.76
CA SER A 136 -17.04 -19.99 16.58
C SER A 136 -17.91 -21.16 16.12
N GLU A 137 -18.32 -21.99 17.06
CA GLU A 137 -19.22 -23.10 16.75
C GLU A 137 -18.71 -23.97 15.60
N GLY A 138 -17.39 -24.02 15.41
CA GLY A 138 -16.80 -24.92 14.42
C GLY A 138 -16.62 -24.28 13.04
N GLU A 139 -17.21 -23.11 12.81
CA GLU A 139 -17.09 -22.44 11.52
C GLU A 139 -16.30 -21.14 11.68
N ILE A 140 -15.75 -20.64 10.58
CA ILE A 140 -14.95 -19.43 10.64
C ILE A 140 -15.80 -18.20 10.37
N LYS A 141 -15.67 -17.19 11.24
CA LYS A 141 -16.43 -15.95 11.09
C LYS A 141 -15.48 -14.77 10.89
N TYR A 142 -15.80 -13.94 9.90
CA TYR A 142 -14.97 -12.77 9.59
C TYR A 142 -15.80 -11.49 9.65
N PHE A 143 -15.24 -10.45 10.26
CA PHE A 143 -15.88 -9.15 10.30
C PHE A 143 -14.85 -8.06 10.01
N ILE A 144 -15.23 -7.07 9.21
CA ILE A 144 -14.30 -6.00 8.83
C ILE A 144 -14.42 -4.82 9.79
N ASP A 145 -15.66 -4.45 10.11
CA ASP A 145 -15.91 -3.31 10.99
C ASP A 145 -16.67 -3.74 12.24
N LYS A 146 -16.46 -3.01 13.33
CA LYS A 146 -17.18 -3.29 14.57
C LYS A 146 -18.69 -3.33 14.35
N GLN A 147 -19.19 -2.51 13.41
CA GLN A 147 -20.61 -2.49 13.12
C GLN A 147 -21.11 -3.88 12.75
N MET A 148 -20.32 -4.60 11.97
CA MET A 148 -20.67 -5.96 11.58
C MET A 148 -20.80 -6.85 12.80
N LEU A 149 -19.86 -6.72 13.73
CA LEU A 149 -19.87 -7.54 14.93
C LEU A 149 -21.17 -7.35 15.71
N ARG A 150 -21.66 -6.12 15.75
CA ARG A 150 -22.92 -5.84 16.44
C ARG A 150 -24.07 -6.58 15.77
N ASP A 151 -24.21 -6.38 14.47
CA ASP A 151 -25.28 -7.05 13.72
C ASP A 151 -25.24 -8.56 13.91
N PHE A 152 -24.04 -9.11 14.06
CA PHE A 152 -23.84 -10.54 14.22
C PHE A 152 -24.30 -11.03 15.60
N VAL A 153 -23.83 -10.37 16.66
CA VAL A 153 -24.16 -10.83 18.02
C VAL A 153 -25.65 -10.81 18.29
N THR A 154 -26.39 -9.91 17.64
CA THR A 154 -27.84 -9.82 17.85
C THR A 154 -28.54 -11.18 17.69
N THR A 155 -27.92 -12.13 16.99
CA THR A 155 -28.56 -13.42 16.72
C THR A 155 -27.93 -14.57 17.52
N ARG A 156 -27.16 -14.26 18.56
CA ARG A 156 -26.56 -15.29 19.39
C ARG A 156 -26.37 -14.76 20.82
N PRO A 157 -27.39 -14.77 21.65
CA PRO A 157 -27.34 -14.06 22.97
C PRO A 157 -26.08 -14.35 23.78
N ALA A 158 -25.61 -15.59 23.76
CA ALA A 158 -24.40 -15.95 24.50
C ALA A 158 -23.22 -15.06 24.09
N LEU A 159 -23.07 -14.89 22.78
CA LEU A 159 -21.97 -14.10 22.24
C LEU A 159 -22.14 -12.62 22.60
N LYS A 160 -23.38 -12.14 22.63
CA LYS A 160 -23.63 -10.75 22.96
C LYS A 160 -23.14 -10.44 24.36
N GLU A 161 -23.50 -11.30 25.31
CA GLU A 161 -23.14 -11.07 26.71
C GLU A 161 -21.62 -11.03 26.87
N LEU A 162 -20.92 -11.95 26.20
CA LEU A 162 -19.48 -12.03 26.30
C LEU A 162 -18.82 -10.74 25.81
N LEU A 163 -19.27 -10.25 24.65
CA LEU A 163 -18.65 -9.09 24.03
C LEU A 163 -19.32 -7.75 24.39
N LYS A 164 -20.44 -7.78 25.11
CA LYS A 164 -21.16 -6.57 25.49
C LYS A 164 -20.25 -5.43 25.94
N GLU A 165 -19.27 -5.76 26.78
CA GLU A 165 -18.35 -4.74 27.28
C GLU A 165 -17.35 -4.30 26.20
N ALA A 166 -16.93 -5.24 25.37
CA ALA A 166 -15.93 -4.95 24.34
C ALA A 166 -16.47 -3.93 23.33
N LEU A 167 -17.70 -4.13 22.90
CA LEU A 167 -18.31 -3.25 21.90
C LEU A 167 -18.88 -1.96 22.51
N ASN A 168 -19.16 -1.97 23.82
CA ASN A 168 -19.70 -0.80 24.48
C ASN A 168 -21.05 -0.42 23.88
N MET A 169 -21.95 -1.40 23.83
CA MET A 169 -23.28 -1.18 23.28
C MET A 169 -23.98 -0.01 23.97
N GLU A 170 -23.82 0.08 25.28
CA GLU A 170 -24.43 1.15 26.05
C GLU A 170 -23.93 2.51 25.57
N ARG A 171 -24.82 3.49 25.51
CA ARG A 171 -24.46 4.83 25.06
C ARG A 171 -23.52 5.50 26.06
N ASN A 172 -22.47 6.14 25.55
CA ASN A 172 -21.51 6.83 26.40
C ASN A 172 -21.71 8.34 26.33
N ASN A 173 -22.00 8.95 27.48
CA ASN A 173 -22.22 10.39 27.54
C ASN A 173 -21.00 11.11 28.13
N ARG A 174 -19.81 10.63 27.79
CA ARG A 174 -18.59 11.24 28.29
C ARG A 174 -18.35 12.59 27.62
N TYR A 175 -18.59 12.66 26.32
CA TYR A 175 -18.41 13.90 25.58
C TYR A 175 -19.57 14.12 24.62
N GLN A 176 -19.89 15.38 24.36
CA GLN A 176 -20.98 15.72 23.46
C GLN A 176 -20.93 17.20 23.07
N MET A 1 -8.61 4.21 6.34
CA MET A 1 -7.97 3.04 5.68
C MET A 1 -8.40 2.99 4.22
N GLY A 2 -7.52 2.50 3.36
CA GLY A 2 -7.82 2.40 1.94
C GLY A 2 -7.79 3.78 1.29
N ASN A 3 -6.78 4.58 1.66
CA ASN A 3 -6.64 5.93 1.12
C ASN A 3 -5.43 6.02 0.21
N LEU A 4 -5.57 6.79 -0.87
CA LEU A 4 -4.47 6.99 -1.81
C LEU A 4 -4.09 8.46 -1.85
N ARG A 5 -2.79 8.74 -2.05
CA ARG A 5 -2.33 10.12 -2.09
C ARG A 5 -1.96 10.53 -3.52
N LEU A 6 -2.56 11.63 -3.97
CA LEU A 6 -2.25 12.19 -5.28
C LEU A 6 -1.54 13.52 -5.10
N ILE A 7 -0.28 13.59 -5.54
CA ILE A 7 0.54 14.77 -5.34
C ILE A 7 0.87 15.43 -6.69
N GLY A 8 0.78 16.77 -6.72
CA GLY A 8 1.17 17.50 -7.93
C GLY A 8 -0.03 17.97 -8.75
N VAL A 9 -1.18 18.14 -8.12
CA VAL A 9 -2.37 18.61 -8.83
C VAL A 9 -2.50 20.13 -8.67
N PRO A 10 -2.30 20.93 -9.70
CA PRO A 10 -2.47 22.41 -9.58
C PRO A 10 -3.85 22.79 -9.06
N GLU A 11 -3.97 24.01 -8.56
CA GLU A 11 -5.24 24.50 -8.02
C GLU A 11 -5.91 25.45 -9.01
N SER A 12 -7.23 25.59 -8.88
CA SER A 12 -7.98 26.49 -9.75
C SER A 12 -9.07 27.20 -8.96
N ASP A 13 -9.24 28.49 -9.22
CA ASP A 13 -10.22 29.29 -8.48
C ASP A 13 -11.63 28.68 -8.56
N VAL A 14 -11.94 28.00 -9.66
CA VAL A 14 -13.28 27.46 -9.85
C VAL A 14 -13.40 25.98 -9.51
N GLU A 15 -12.43 25.42 -8.80
CA GLU A 15 -12.45 24.01 -8.45
C GLU A 15 -13.59 23.69 -7.48
N ASN A 16 -14.17 22.52 -7.64
CA ASN A 16 -15.25 22.06 -6.77
C ASN A 16 -15.18 20.55 -6.62
N GLY A 17 -15.75 20.03 -5.53
CA GLY A 17 -15.69 18.59 -5.22
C GLY A 17 -15.96 17.71 -6.44
N THR A 18 -17.00 18.06 -7.21
CA THR A 18 -17.34 17.29 -8.40
C THR A 18 -16.16 17.26 -9.37
N LYS A 19 -15.55 18.42 -9.59
CA LYS A 19 -14.41 18.49 -10.51
C LYS A 19 -13.29 17.57 -10.05
N LEU A 20 -13.03 17.56 -8.75
CA LEU A 20 -11.99 16.70 -8.19
C LEU A 20 -12.22 15.24 -8.58
N GLU A 21 -13.45 14.77 -8.43
CA GLU A 21 -13.77 13.38 -8.75
C GLU A 21 -13.45 13.09 -10.21
N ASN A 22 -13.86 14.00 -11.08
CA ASN A 22 -13.55 13.85 -12.51
C ASN A 22 -12.04 13.77 -12.71
N THR A 23 -11.29 14.56 -11.97
CA THR A 23 -9.83 14.56 -12.06
C THR A 23 -9.27 13.15 -11.87
N LEU A 24 -9.68 12.48 -10.80
CA LEU A 24 -9.15 11.13 -10.53
C LEU A 24 -9.45 10.21 -11.71
N GLN A 25 -10.67 10.27 -12.21
CA GLN A 25 -11.05 9.44 -13.35
C GLN A 25 -10.12 9.69 -14.54
N ASP A 26 -9.80 10.95 -14.76
CA ASP A 26 -8.92 11.32 -15.86
C ASP A 26 -7.57 10.65 -15.72
N ILE A 27 -7.04 10.66 -14.50
CA ILE A 27 -5.74 10.05 -14.24
C ILE A 27 -5.75 8.57 -14.64
N ILE A 28 -6.83 7.89 -14.30
CA ILE A 28 -6.95 6.47 -14.62
C ILE A 28 -6.83 6.25 -16.12
N GLN A 29 -7.57 7.04 -16.89
CA GLN A 29 -7.56 6.89 -18.35
C GLN A 29 -6.20 7.21 -18.95
N GLU A 30 -5.53 8.24 -18.43
CA GLU A 30 -4.28 8.70 -19.01
C GLU A 30 -3.16 7.68 -18.87
N ASN A 31 -3.02 7.09 -17.68
CA ASN A 31 -1.90 6.19 -17.41
C ASN A 31 -2.31 4.71 -17.39
N PHE A 32 -3.56 4.44 -17.05
CA PHE A 32 -4.01 3.06 -16.87
C PHE A 32 -5.20 2.78 -17.79
N PRO A 33 -4.98 2.68 -19.09
CA PRO A 33 -6.09 2.43 -20.06
C PRO A 33 -6.87 1.17 -19.70
N ASN A 34 -6.16 0.15 -19.21
CA ASN A 34 -6.80 -1.10 -18.83
C ASN A 34 -7.85 -0.86 -17.75
N LEU A 35 -7.47 -0.14 -16.70
CA LEU A 35 -8.40 0.13 -15.60
C LEU A 35 -9.63 0.86 -16.12
N ALA A 36 -9.40 1.85 -16.98
CA ALA A 36 -10.50 2.65 -17.52
C ALA A 36 -11.49 1.78 -18.29
N ARG A 37 -10.97 0.85 -19.08
CA ARG A 37 -11.81 -0.01 -19.90
C ARG A 37 -12.71 -0.89 -19.03
N GLN A 38 -12.11 -1.49 -18.00
CA GLN A 38 -12.86 -2.34 -17.09
C GLN A 38 -14.03 -1.57 -16.47
N ALA A 39 -13.78 -0.33 -16.08
CA ALA A 39 -14.82 0.53 -15.52
C ALA A 39 -15.41 -0.09 -14.26
N ASN A 40 -14.55 -0.70 -13.44
CA ASN A 40 -14.99 -1.27 -12.17
C ASN A 40 -14.41 -0.49 -10.99
N VAL A 41 -14.39 0.84 -11.12
CA VAL A 41 -13.85 1.71 -10.08
C VAL A 41 -14.99 2.33 -9.29
N GLN A 42 -14.92 2.21 -7.97
CA GLN A 42 -15.93 2.79 -7.09
C GLN A 42 -15.26 3.69 -6.06
N ILE A 43 -15.48 5.00 -6.20
CA ILE A 43 -14.87 5.97 -5.29
C ILE A 43 -15.92 6.47 -4.30
N GLN A 44 -15.55 6.58 -3.03
CA GLN A 44 -16.49 6.98 -2.01
C GLN A 44 -16.41 8.49 -1.76
N GLU A 45 -15.20 9.00 -1.59
CA GLU A 45 -15.03 10.42 -1.31
C GLU A 45 -13.67 10.94 -1.76
N ILE A 46 -13.64 12.18 -2.25
CA ILE A 46 -12.38 12.84 -2.61
C ILE A 46 -12.39 14.26 -2.06
N GLN A 47 -11.36 14.61 -1.31
CA GLN A 47 -11.30 15.94 -0.68
C GLN A 47 -9.89 16.53 -0.75
N ARG A 48 -9.81 17.85 -0.60
CA ARG A 48 -8.53 18.54 -0.68
C ARG A 48 -8.01 18.88 0.73
N THR A 49 -6.73 18.62 0.97
CA THR A 49 -6.11 18.93 2.25
C THR A 49 -4.74 19.58 2.04
N PRO A 50 -4.24 20.40 2.94
CA PRO A 50 -4.99 20.97 4.10
C PRO A 50 -5.90 22.11 3.65
N GLN A 51 -7.19 22.01 4.00
CA GLN A 51 -8.16 23.02 3.59
C GLN A 51 -8.00 24.32 4.39
N ARG A 52 -7.68 24.17 5.68
CA ARG A 52 -7.60 25.32 6.58
C ARG A 52 -6.27 26.09 6.46
N TYR A 53 -5.52 25.88 5.38
CA TYR A 53 -4.24 26.55 5.21
C TYR A 53 -4.46 27.98 4.71
N SER A 54 -3.90 28.94 5.45
CA SER A 54 -4.09 30.35 5.13
C SER A 54 -3.61 30.67 3.71
N SER A 55 -2.42 30.19 3.36
CA SER A 55 -1.86 30.48 2.04
C SER A 55 -2.82 30.03 0.94
N ARG A 56 -3.12 30.93 0.02
CA ARG A 56 -4.04 30.61 -1.07
C ARG A 56 -3.51 29.45 -1.91
N ARG A 57 -2.31 29.61 -2.44
CA ARG A 57 -1.69 28.55 -3.23
C ARG A 57 -0.18 28.74 -3.32
N ALA A 58 0.46 28.95 -2.17
CA ALA A 58 1.91 29.07 -2.13
C ALA A 58 2.58 27.74 -2.49
N THR A 59 1.98 26.64 -2.07
CA THR A 59 2.49 25.31 -2.38
C THR A 59 1.35 24.43 -2.91
N PRO A 60 1.65 23.37 -3.62
CA PRO A 60 0.58 22.46 -4.14
C PRO A 60 0.02 21.55 -3.05
N ARG A 61 -1.26 21.72 -2.75
CA ARG A 61 -1.91 20.91 -1.73
C ARG A 61 -2.14 19.49 -2.27
N HIS A 62 -2.28 18.53 -1.36
CA HIS A 62 -2.45 17.15 -1.76
C HIS A 62 -3.93 16.77 -1.79
N ILE A 63 -4.29 15.85 -2.67
CA ILE A 63 -5.65 15.35 -2.73
C ILE A 63 -5.70 13.94 -2.14
N ILE A 64 -6.63 13.72 -1.22
CA ILE A 64 -6.79 12.40 -0.59
C ILE A 64 -8.03 11.72 -1.16
N VAL A 65 -7.83 10.50 -1.64
CA VAL A 65 -8.92 9.71 -2.20
C VAL A 65 -9.21 8.51 -1.30
N ARG A 66 -10.46 8.34 -0.92
CA ARG A 66 -10.88 7.17 -0.16
C ARG A 66 -11.67 6.24 -1.08
N PHE A 67 -11.13 5.05 -1.31
CA PHE A 67 -11.75 4.11 -2.24
C PHE A 67 -12.68 3.15 -1.48
N THR A 68 -13.73 2.72 -2.16
CA THR A 68 -14.70 1.81 -1.56
C THR A 68 -14.04 0.48 -1.18
N LYS A 69 -13.12 0.01 -2.01
CA LYS A 69 -12.46 -1.28 -1.77
C LYS A 69 -10.95 -1.11 -1.65
N VAL A 70 -10.40 -1.54 -0.52
CA VAL A 70 -8.96 -1.46 -0.31
C VAL A 70 -8.21 -2.21 -1.41
N GLU A 71 -8.75 -3.36 -1.80
CA GLU A 71 -8.12 -4.15 -2.86
C GLU A 71 -8.00 -3.33 -4.14
N MET A 72 -9.04 -2.57 -4.46
CA MET A 72 -9.03 -1.76 -5.67
C MET A 72 -7.87 -0.78 -5.64
N LYS A 73 -7.70 -0.10 -4.51
CA LYS A 73 -6.62 0.88 -4.39
C LYS A 73 -5.28 0.21 -4.63
N GLU A 74 -5.10 -0.97 -4.06
CA GLU A 74 -3.84 -1.70 -4.22
C GLU A 74 -3.55 -1.95 -5.68
N LYS A 75 -4.57 -2.34 -6.43
CA LYS A 75 -4.41 -2.63 -7.85
C LYS A 75 -3.88 -1.40 -8.58
N MET A 76 -4.46 -0.24 -8.27
CA MET A 76 -4.04 0.99 -8.92
C MET A 76 -2.55 1.24 -8.69
N LEU A 77 -2.11 1.03 -7.46
CA LEU A 77 -0.71 1.23 -7.11
C LEU A 77 0.19 0.37 -7.99
N ARG A 78 -0.18 -0.90 -8.12
CA ARG A 78 0.61 -1.84 -8.92
C ARG A 78 0.74 -1.34 -10.34
N ALA A 79 -0.36 -0.86 -10.91
CA ALA A 79 -0.36 -0.38 -12.28
C ALA A 79 0.63 0.76 -12.44
N ALA A 80 0.66 1.66 -11.48
CA ALA A 80 1.57 2.80 -11.54
C ALA A 80 3.01 2.33 -11.57
N ARG A 81 3.34 1.39 -10.70
CA ARG A 81 4.70 0.87 -10.62
C ARG A 81 5.14 0.30 -11.97
N GLU A 82 4.22 -0.40 -12.64
CA GLU A 82 4.53 -1.02 -13.92
C GLU A 82 4.80 0.04 -14.99
N LYS A 83 3.94 1.04 -15.09
CA LYS A 83 4.06 2.06 -16.12
C LYS A 83 5.37 2.81 -15.99
N GLY A 84 5.76 3.11 -14.76
CA GLY A 84 7.00 3.84 -14.50
C GLY A 84 6.84 5.36 -14.63
N ARG A 85 5.74 5.82 -15.23
CA ARG A 85 5.51 7.25 -15.39
C ARG A 85 4.02 7.56 -15.32
N VAL A 86 3.65 8.49 -14.44
CA VAL A 86 2.25 8.89 -14.29
C VAL A 86 2.13 10.40 -14.50
N THR A 87 1.26 10.79 -15.43
CA THR A 87 1.11 12.20 -15.77
C THR A 87 -0.35 12.64 -15.72
N LEU A 88 -0.56 13.91 -15.38
CA LEU A 88 -1.88 14.51 -15.40
C LEU A 88 -1.89 15.66 -16.42
N LYS A 89 -2.68 15.51 -17.47
CA LYS A 89 -2.74 16.54 -18.50
C LYS A 89 -1.36 16.83 -19.09
N GLY A 90 -0.51 15.79 -19.17
CA GLY A 90 0.81 15.95 -19.79
C GLY A 90 1.90 16.40 -18.83
N LYS A 91 1.54 16.79 -17.60
CA LYS A 91 2.54 17.24 -16.63
C LYS A 91 2.86 16.11 -15.64
N PRO A 92 4.08 16.01 -15.15
CA PRO A 92 4.45 14.87 -14.26
C PRO A 92 3.87 15.00 -12.85
N ILE A 93 3.32 13.90 -12.35
CA ILE A 93 2.78 13.88 -10.99
C ILE A 93 3.29 12.63 -10.26
N ARG A 94 2.96 12.51 -8.98
CA ARG A 94 3.41 11.37 -8.19
C ARG A 94 2.23 10.71 -7.46
N LEU A 95 2.21 9.39 -7.47
CA LEU A 95 1.18 8.63 -6.76
C LEU A 95 1.83 7.74 -5.70
N THR A 96 1.39 7.88 -4.45
CA THR A 96 1.98 7.12 -3.37
C THR A 96 0.97 6.86 -2.25
N VAL A 97 1.39 6.12 -1.23
CA VAL A 97 0.55 5.87 -0.07
C VAL A 97 1.40 5.73 1.19
N ASP A 98 0.76 5.91 2.35
CA ASP A 98 1.47 5.78 3.62
C ASP A 98 1.44 4.33 4.11
N LEU A 99 2.58 3.85 4.58
CA LEU A 99 2.67 2.47 5.06
C LEU A 99 1.67 2.26 6.20
N SER A 100 0.76 1.32 5.99
CA SER A 100 -0.27 1.02 7.00
C SER A 100 0.25 0.04 8.04
N ALA A 101 -0.27 0.14 9.25
CA ALA A 101 0.12 -0.76 10.33
C ALA A 101 -0.35 -2.19 10.09
N GLU A 102 -1.44 -2.36 9.35
CA GLU A 102 -1.99 -3.68 9.11
C GLU A 102 -0.95 -4.58 8.44
N THR A 103 -0.20 -4.02 7.50
CA THR A 103 0.82 -4.79 6.80
C THR A 103 1.82 -5.38 7.78
N LEU A 104 2.30 -4.55 8.72
CA LEU A 104 3.27 -5.02 9.71
C LEU A 104 2.72 -6.20 10.49
N GLN A 105 1.47 -6.09 10.93
CA GLN A 105 0.84 -7.16 11.71
C GLN A 105 0.85 -8.46 10.92
N ALA A 106 0.55 -8.36 9.62
CA ALA A 106 0.49 -9.53 8.77
C ALA A 106 1.86 -10.24 8.76
N ARG A 107 2.92 -9.46 8.60
CA ARG A 107 4.26 -10.02 8.55
C ARG A 107 4.56 -10.80 9.82
N ARG A 108 4.18 -10.22 10.95
CA ARG A 108 4.40 -10.86 12.25
C ARG A 108 3.70 -12.22 12.33
N GLU A 109 2.49 -12.28 11.76
CA GLU A 109 1.72 -13.52 11.77
C GLU A 109 2.45 -14.61 10.99
N TRP A 110 3.02 -14.25 9.86
CA TRP A 110 3.78 -15.20 9.05
C TRP A 110 5.14 -15.57 9.65
N GLY A 111 5.46 -15.05 10.84
CA GLY A 111 6.77 -15.28 11.44
C GLY A 111 7.11 -16.77 11.52
N PRO A 112 6.31 -17.57 12.18
CA PRO A 112 6.64 -19.03 12.35
C PRO A 112 6.95 -19.72 11.04
N ILE A 113 6.06 -19.57 10.06
CA ILE A 113 6.21 -20.25 8.78
C ILE A 113 7.54 -19.87 8.13
N PHE A 114 7.84 -18.58 8.13
CA PHE A 114 9.04 -18.09 7.47
C PHE A 114 10.29 -18.72 8.07
N ASN A 115 10.39 -18.70 9.39
CA ASN A 115 11.60 -19.18 10.06
C ASN A 115 11.83 -20.66 9.77
N ILE A 116 10.78 -21.46 9.91
CA ILE A 116 10.91 -22.91 9.72
C ILE A 116 11.41 -23.20 8.31
N LEU A 117 10.80 -22.55 7.33
CA LEU A 117 11.18 -22.77 5.94
C LEU A 117 12.66 -22.42 5.74
N LYS A 118 13.13 -21.37 6.38
CA LYS A 118 14.52 -20.97 6.26
C LYS A 118 15.43 -22.11 6.70
N GLU A 119 15.15 -22.67 7.86
CA GLU A 119 15.97 -23.74 8.40
C GLU A 119 16.03 -24.92 7.44
N LYS A 120 14.89 -25.24 6.83
CA LYS A 120 14.80 -26.40 5.94
C LYS A 120 15.24 -26.10 4.51
N ASN A 121 16.00 -25.03 4.30
CA ASN A 121 16.54 -24.74 2.97
C ASN A 121 15.43 -24.54 1.93
N PHE A 122 14.29 -23.99 2.36
CA PHE A 122 13.22 -23.66 1.44
C PHE A 122 13.37 -22.26 0.82
N GLN A 123 14.25 -21.43 1.37
CA GLN A 123 14.48 -20.08 0.86
C GLN A 123 13.17 -19.27 0.92
N PRO A 124 12.63 -19.06 2.11
CA PRO A 124 11.37 -18.25 2.25
C PRO A 124 11.62 -16.76 2.13
N ARG A 125 10.77 -16.09 1.37
CA ARG A 125 10.88 -14.64 1.20
C ARG A 125 9.49 -14.00 1.32
N ILE A 126 9.45 -12.76 1.79
CA ILE A 126 8.18 -12.04 1.94
C ILE A 126 8.12 -10.87 0.96
N SER A 127 6.94 -10.67 0.39
CA SER A 127 6.72 -9.55 -0.52
C SER A 127 5.52 -8.72 -0.07
N TYR A 128 5.55 -7.43 -0.37
CA TYR A 128 4.46 -6.54 0.01
C TYR A 128 3.16 -7.00 -0.68
N PRO A 129 2.00 -6.90 -0.06
CA PRO A 129 1.78 -6.44 1.36
C PRO A 129 2.34 -7.45 2.37
N ALA A 130 1.81 -8.67 2.32
CA ALA A 130 2.22 -9.71 3.24
C ALA A 130 2.09 -11.10 2.60
N LYS A 131 2.46 -11.19 1.32
CA LYS A 131 2.36 -12.45 0.61
C LYS A 131 3.59 -13.32 0.91
N LEU A 132 3.36 -14.62 1.03
CA LEU A 132 4.43 -15.56 1.33
C LEU A 132 4.79 -16.36 0.09
N SER A 133 6.07 -16.36 -0.27
CA SER A 133 6.54 -17.11 -1.43
C SER A 133 7.80 -17.90 -1.08
N PHE A 134 7.90 -19.12 -1.59
CA PHE A 134 9.08 -19.95 -1.34
C PHE A 134 9.25 -21.00 -2.43
N ILE A 135 10.40 -21.67 -2.42
CA ILE A 135 10.70 -22.68 -3.43
C ILE A 135 10.64 -24.08 -2.82
N SER A 136 9.80 -24.94 -3.39
CA SER A 136 9.66 -26.30 -2.91
C SER A 136 9.65 -27.28 -4.07
N GLU A 137 10.33 -28.40 -3.91
CA GLU A 137 10.35 -29.44 -4.93
C GLU A 137 10.72 -28.91 -6.32
N GLY A 138 11.42 -27.77 -6.38
CA GLY A 138 11.93 -27.26 -7.66
C GLY A 138 11.02 -26.21 -8.30
N GLU A 139 9.78 -26.07 -7.81
CA GLU A 139 8.84 -25.11 -8.39
C GLU A 139 8.53 -24.01 -7.38
N ILE A 140 8.14 -22.85 -7.87
CA ILE A 140 7.85 -21.72 -6.99
C ILE A 140 6.36 -21.67 -6.68
N LYS A 141 6.03 -21.51 -5.39
CA LYS A 141 4.64 -21.46 -4.95
C LYS A 141 4.37 -20.14 -4.23
N TYR A 142 3.21 -19.56 -4.50
CA TYR A 142 2.81 -18.29 -3.88
C TYR A 142 1.46 -18.43 -3.19
N PHE A 143 1.37 -17.91 -1.97
CA PHE A 143 0.10 -17.91 -1.24
C PHE A 143 -0.13 -16.53 -0.63
N ILE A 144 -1.37 -16.05 -0.69
CA ILE A 144 -1.69 -14.73 -0.17
C ILE A 144 -2.16 -14.81 1.28
N ASP A 145 -3.03 -15.78 1.56
CA ASP A 145 -3.59 -15.94 2.90
C ASP A 145 -3.17 -17.27 3.51
N LYS A 146 -3.05 -17.29 4.84
CA LYS A 146 -2.70 -18.52 5.54
C LYS A 146 -3.66 -19.65 5.18
N GLN A 147 -4.92 -19.32 4.92
CA GLN A 147 -5.92 -20.33 4.55
C GLN A 147 -5.45 -21.11 3.33
N MET A 148 -4.88 -20.41 2.36
CA MET A 148 -4.35 -21.05 1.17
C MET A 148 -3.26 -22.05 1.53
N LEU A 149 -2.39 -21.66 2.46
CA LEU A 149 -1.28 -22.52 2.87
C LEU A 149 -1.82 -23.85 3.41
N ARG A 150 -2.91 -23.79 4.17
CA ARG A 150 -3.50 -25.01 4.71
C ARG A 150 -3.96 -25.92 3.58
N ASP A 151 -4.77 -25.36 2.68
CA ASP A 151 -5.27 -26.14 1.55
C ASP A 151 -4.14 -26.79 0.75
N PHE A 152 -3.00 -26.10 0.68
CA PHE A 152 -1.86 -26.57 -0.08
C PHE A 152 -1.18 -27.75 0.61
N VAL A 153 -0.88 -27.63 1.91
CA VAL A 153 -0.17 -28.69 2.62
C VAL A 153 -0.95 -30.02 2.61
N THR A 154 -2.27 -29.94 2.52
CA THR A 154 -3.09 -31.16 2.50
C THR A 154 -2.59 -32.18 1.46
N THR A 155 -1.89 -31.73 0.43
CA THR A 155 -1.48 -32.64 -0.65
C THR A 155 0.01 -33.04 -0.57
N ARG A 156 0.68 -32.74 0.54
CA ARG A 156 2.08 -33.11 0.71
C ARG A 156 2.38 -33.34 2.20
N PRO A 157 2.09 -34.50 2.74
CA PRO A 157 2.14 -34.72 4.22
C PRO A 157 3.43 -34.23 4.87
N ALA A 158 4.56 -34.38 4.18
CA ALA A 158 5.84 -33.91 4.72
C ALA A 158 5.76 -32.43 5.05
N LEU A 159 5.22 -31.65 4.13
CA LEU A 159 5.10 -30.21 4.30
C LEU A 159 4.13 -29.89 5.44
N LYS A 160 3.08 -30.69 5.58
CA LYS A 160 2.09 -30.47 6.63
C LYS A 160 2.73 -30.55 8.00
N GLU A 161 3.52 -31.59 8.21
CA GLU A 161 4.16 -31.80 9.51
C GLU A 161 5.09 -30.63 9.85
N LEU A 162 5.86 -30.19 8.86
CA LEU A 162 6.81 -29.10 9.09
C LEU A 162 6.09 -27.82 9.51
N LEU A 163 5.01 -27.50 8.82
CA LEU A 163 4.30 -26.25 9.06
C LEU A 163 3.17 -26.36 10.09
N LYS A 164 2.81 -27.58 10.50
CA LYS A 164 1.73 -27.81 11.46
C LYS A 164 1.74 -26.81 12.63
N GLU A 165 2.90 -26.63 13.24
CA GLU A 165 3.03 -25.71 14.37
C GLU A 165 2.92 -24.26 13.92
N ALA A 166 3.44 -23.97 12.73
CA ALA A 166 3.46 -22.60 12.22
C ALA A 166 2.04 -22.06 12.03
N LEU A 167 1.18 -22.87 11.44
CA LEU A 167 -0.20 -22.44 11.16
C LEU A 167 -1.11 -22.57 12.39
N ASN A 168 -0.75 -23.41 13.35
CA ASN A 168 -1.54 -23.58 14.57
C ASN A 168 -3.00 -23.89 14.23
N MET A 169 -3.23 -24.65 13.16
CA MET A 169 -4.57 -25.00 12.74
C MET A 169 -4.88 -26.45 13.07
N GLU A 170 -6.17 -26.77 13.19
CA GLU A 170 -6.59 -28.13 13.48
C GLU A 170 -7.79 -28.52 12.63
N ARG A 171 -8.25 -29.76 12.78
CA ARG A 171 -9.39 -30.23 12.01
C ARG A 171 -10.61 -29.34 12.25
N ASN A 172 -11.42 -29.18 11.21
CA ASN A 172 -12.61 -28.34 11.31
C ASN A 172 -13.71 -29.06 12.08
N ASN A 173 -14.64 -28.28 12.64
CA ASN A 173 -15.75 -28.85 13.41
C ASN A 173 -17.08 -28.38 12.83
N ARG A 174 -17.23 -28.51 11.51
CA ARG A 174 -18.45 -28.09 10.83
C ARG A 174 -19.66 -28.79 11.43
N TYR A 175 -20.83 -28.19 11.24
CA TYR A 175 -22.07 -28.76 11.77
C TYR A 175 -22.81 -29.53 10.69
N GLN A 176 -23.35 -30.69 11.05
CA GLN A 176 -24.09 -31.51 10.10
C GLN A 176 -25.59 -31.31 10.26
N MET A 1 -11.86 3.07 3.41
CA MET A 1 -10.78 2.44 4.22
C MET A 1 -9.43 2.71 3.58
N GLY A 2 -9.22 2.13 2.40
CA GLY A 2 -7.96 2.31 1.68
C GLY A 2 -7.86 3.74 1.13
N ASN A 3 -6.85 4.47 1.60
CA ASN A 3 -6.65 5.85 1.16
C ASN A 3 -5.39 5.95 0.29
N LEU A 4 -5.51 6.70 -0.80
CA LEU A 4 -4.39 6.90 -1.72
C LEU A 4 -4.01 8.37 -1.75
N ARG A 5 -2.73 8.65 -1.98
CA ARG A 5 -2.25 10.03 -1.99
C ARG A 5 -1.91 10.47 -3.41
N LEU A 6 -2.51 11.59 -3.83
CA LEU A 6 -2.22 12.16 -5.15
C LEU A 6 -1.47 13.47 -4.97
N ILE A 7 -0.24 13.53 -5.47
CA ILE A 7 0.60 14.71 -5.30
C ILE A 7 0.91 15.34 -6.66
N GLY A 8 0.71 16.65 -6.75
CA GLY A 8 1.09 17.40 -7.96
C GLY A 8 -0.10 17.96 -8.72
N VAL A 9 -1.22 18.19 -8.03
CA VAL A 9 -2.39 18.77 -8.67
C VAL A 9 -2.43 20.28 -8.41
N PRO A 10 -2.20 21.14 -9.39
CA PRO A 10 -2.21 22.61 -9.15
C PRO A 10 -3.52 23.10 -8.52
N GLU A 11 -3.46 24.28 -7.92
CA GLU A 11 -4.64 24.86 -7.29
C GLU A 11 -5.51 25.58 -8.32
N SER A 12 -6.78 25.78 -7.98
CA SER A 12 -7.69 26.47 -8.89
C SER A 12 -8.78 27.19 -8.09
N ASP A 13 -8.98 28.46 -8.41
CA ASP A 13 -9.98 29.26 -7.71
C ASP A 13 -11.36 28.61 -7.73
N VAL A 14 -11.67 27.89 -8.81
CA VAL A 14 -13.00 27.30 -8.98
C VAL A 14 -13.06 25.83 -8.55
N GLU A 15 -12.05 25.35 -7.82
CA GLU A 15 -12.01 23.95 -7.42
C GLU A 15 -13.22 23.58 -6.56
N ASN A 16 -13.78 22.42 -6.85
CA ASN A 16 -14.91 21.90 -6.07
C ASN A 16 -14.89 20.38 -6.08
N GLY A 17 -15.51 19.77 -5.08
CA GLY A 17 -15.48 18.31 -4.91
C GLY A 17 -15.75 17.56 -6.21
N THR A 18 -16.79 17.97 -6.94
CA THR A 18 -17.15 17.30 -8.18
C THR A 18 -15.99 17.29 -9.16
N LYS A 19 -15.35 18.44 -9.35
CA LYS A 19 -14.24 18.53 -10.29
C LYS A 19 -13.12 17.58 -9.89
N LEU A 20 -12.85 17.51 -8.59
CA LEU A 20 -11.81 16.61 -8.09
C LEU A 20 -12.09 15.17 -8.52
N GLU A 21 -13.33 14.72 -8.39
CA GLU A 21 -13.68 13.35 -8.75
C GLU A 21 -13.38 13.09 -10.22
N ASN A 22 -13.78 14.03 -11.07
CA ASN A 22 -13.51 13.90 -12.50
C ASN A 22 -12.01 13.80 -12.75
N THR A 23 -11.23 14.58 -12.01
CA THR A 23 -9.77 14.54 -12.13
C THR A 23 -9.23 13.13 -11.95
N LEU A 24 -9.64 12.44 -10.89
CA LEU A 24 -9.15 11.09 -10.64
C LEU A 24 -9.46 10.18 -11.82
N GLN A 25 -10.69 10.27 -12.31
CA GLN A 25 -11.09 9.45 -13.46
C GLN A 25 -10.17 9.69 -14.64
N ASP A 26 -9.82 10.95 -14.86
CA ASP A 26 -8.94 11.31 -15.96
C ASP A 26 -7.58 10.61 -15.81
N ILE A 27 -7.05 10.60 -14.60
CA ILE A 27 -5.76 9.97 -14.34
C ILE A 27 -5.80 8.51 -14.76
N ILE A 28 -6.90 7.83 -14.43
CA ILE A 28 -7.04 6.41 -14.75
C ILE A 28 -6.92 6.21 -16.26
N GLN A 29 -7.67 6.99 -17.02
CA GLN A 29 -7.67 6.84 -18.48
C GLN A 29 -6.32 7.18 -19.09
N GLU A 30 -5.63 8.16 -18.51
CA GLU A 30 -4.38 8.67 -19.08
C GLU A 30 -3.25 7.64 -19.00
N ASN A 31 -3.10 7.00 -17.85
CA ASN A 31 -1.96 6.09 -17.64
C ASN A 31 -2.37 4.63 -17.42
N PHE A 32 -3.64 4.39 -17.10
CA PHE A 32 -4.11 3.03 -16.82
C PHE A 32 -5.27 2.67 -17.77
N PRO A 33 -5.00 2.49 -19.04
CA PRO A 33 -6.08 2.17 -20.02
C PRO A 33 -6.85 0.91 -19.63
N ASN A 34 -6.14 -0.07 -19.08
CA ASN A 34 -6.77 -1.31 -18.66
C ASN A 34 -7.85 -1.05 -17.62
N LEU A 35 -7.52 -0.28 -16.59
CA LEU A 35 -8.47 0.03 -15.54
C LEU A 35 -9.70 0.72 -16.13
N ALA A 36 -9.45 1.67 -17.03
CA ALA A 36 -10.55 2.43 -17.63
C ALA A 36 -11.49 1.52 -18.41
N ARG A 37 -10.92 0.56 -19.13
CA ARG A 37 -11.74 -0.36 -19.93
C ARG A 37 -12.67 -1.18 -19.04
N GLN A 38 -12.12 -1.70 -17.95
CA GLN A 38 -12.92 -2.49 -17.01
C GLN A 38 -14.11 -1.69 -16.51
N ALA A 39 -13.87 -0.45 -16.14
CA ALA A 39 -14.93 0.44 -15.67
C ALA A 39 -15.57 -0.10 -14.38
N ASN A 40 -14.74 -0.66 -13.50
CA ASN A 40 -15.21 -1.18 -12.23
C ASN A 40 -14.64 -0.38 -11.06
N VAL A 41 -14.56 0.94 -11.23
CA VAL A 41 -14.01 1.81 -10.20
C VAL A 41 -15.14 2.40 -9.35
N GLN A 42 -14.98 2.33 -8.04
CA GLN A 42 -15.97 2.86 -7.12
C GLN A 42 -15.29 3.76 -6.08
N ILE A 43 -15.54 5.06 -6.18
CA ILE A 43 -14.91 6.02 -5.28
C ILE A 43 -15.93 6.51 -4.25
N GLN A 44 -15.51 6.61 -3.00
CA GLN A 44 -16.40 7.01 -1.92
C GLN A 44 -16.38 8.52 -1.75
N GLU A 45 -15.18 9.09 -1.70
CA GLU A 45 -15.06 10.53 -1.52
C GLU A 45 -13.66 11.03 -1.88
N ILE A 46 -13.61 12.24 -2.45
CA ILE A 46 -12.34 12.87 -2.78
C ILE A 46 -12.35 14.32 -2.31
N GLN A 47 -11.29 14.75 -1.63
CA GLN A 47 -11.22 16.11 -1.11
C GLN A 47 -9.79 16.62 -1.01
N ARG A 48 -9.64 17.94 -1.00
CA ARG A 48 -8.34 18.57 -0.86
C ARG A 48 -8.04 18.80 0.62
N THR A 49 -6.78 18.62 1.01
CA THR A 49 -6.38 18.83 2.40
C THR A 49 -5.06 19.61 2.48
N PRO A 50 -4.82 20.45 3.46
CA PRO A 50 -5.81 20.85 4.52
C PRO A 50 -6.88 21.77 3.92
N GLN A 51 -8.14 21.40 4.13
CA GLN A 51 -9.24 22.16 3.52
C GLN A 51 -9.26 23.60 4.02
N ARG A 52 -8.98 23.78 5.31
CA ARG A 52 -9.02 25.11 5.92
C ARG A 52 -7.75 25.92 5.68
N TYR A 53 -6.64 25.24 5.33
CA TYR A 53 -5.38 25.94 5.08
C TYR A 53 -5.27 26.32 3.61
N SER A 54 -5.34 27.62 3.35
CA SER A 54 -5.24 28.11 1.97
C SER A 54 -3.91 27.69 1.36
N SER A 55 -3.81 27.83 0.04
CA SER A 55 -2.58 27.46 -0.67
C SER A 55 -1.62 28.65 -0.74
N ARG A 56 -1.55 29.42 0.34
CA ARG A 56 -0.66 30.58 0.38
C ARG A 56 0.80 30.14 0.25
N ARG A 57 1.15 29.04 0.91
CA ARG A 57 2.51 28.53 0.86
C ARG A 57 2.88 28.15 -0.57
N ALA A 58 4.18 28.12 -0.86
CA ALA A 58 4.65 27.83 -2.20
C ALA A 58 4.35 26.38 -2.59
N THR A 59 4.45 25.47 -1.62
CA THR A 59 4.23 24.06 -1.92
C THR A 59 2.75 23.79 -2.20
N PRO A 60 2.41 22.91 -3.14
CA PRO A 60 0.98 22.62 -3.46
C PRO A 60 0.33 21.69 -2.42
N ARG A 61 -0.96 21.89 -2.17
CA ARG A 61 -1.69 21.00 -1.27
C ARG A 61 -1.83 19.62 -1.90
N HIS A 62 -2.06 18.61 -1.06
CA HIS A 62 -2.24 17.25 -1.56
C HIS A 62 -3.72 16.90 -1.63
N ILE A 63 -4.07 15.93 -2.48
CA ILE A 63 -5.44 15.45 -2.56
C ILE A 63 -5.52 14.03 -2.00
N ILE A 64 -6.54 13.77 -1.18
CA ILE A 64 -6.73 12.43 -0.62
C ILE A 64 -7.93 11.77 -1.29
N VAL A 65 -7.71 10.53 -1.73
CA VAL A 65 -8.76 9.74 -2.36
C VAL A 65 -9.10 8.55 -1.47
N ARG A 66 -10.35 8.45 -1.06
CA ARG A 66 -10.80 7.28 -0.30
C ARG A 66 -11.63 6.37 -1.20
N PHE A 67 -11.13 5.17 -1.43
CA PHE A 67 -11.79 4.22 -2.33
C PHE A 67 -12.69 3.27 -1.54
N THR A 68 -13.71 2.77 -2.20
CA THR A 68 -14.65 1.85 -1.55
C THR A 68 -13.99 0.50 -1.29
N LYS A 69 -13.17 0.05 -2.22
CA LYS A 69 -12.52 -1.26 -2.10
C LYS A 69 -11.01 -1.10 -1.87
N VAL A 70 -10.54 -1.54 -0.71
CA VAL A 70 -9.13 -1.45 -0.40
C VAL A 70 -8.30 -2.18 -1.45
N GLU A 71 -8.76 -3.37 -1.86
CA GLU A 71 -8.06 -4.14 -2.86
C GLU A 71 -7.92 -3.35 -4.15
N MET A 72 -8.98 -2.64 -4.53
CA MET A 72 -8.96 -1.87 -5.76
C MET A 72 -7.85 -0.83 -5.72
N LYS A 73 -7.74 -0.13 -4.59
CA LYS A 73 -6.72 0.89 -4.44
C LYS A 73 -5.33 0.30 -4.65
N GLU A 74 -5.10 -0.86 -4.04
CA GLU A 74 -3.80 -1.52 -4.16
C GLU A 74 -3.48 -1.81 -5.62
N LYS A 75 -4.47 -2.27 -6.36
CA LYS A 75 -4.27 -2.58 -7.77
C LYS A 75 -3.80 -1.35 -8.53
N MET A 76 -4.43 -0.22 -8.27
CA MET A 76 -4.07 1.03 -8.94
C MET A 76 -2.60 1.35 -8.72
N LEU A 77 -2.16 1.23 -7.47
CA LEU A 77 -0.78 1.53 -7.12
C LEU A 77 0.17 0.65 -7.93
N ARG A 78 -0.14 -0.64 -8.01
CA ARG A 78 0.70 -1.57 -8.74
C ARG A 78 0.83 -1.13 -10.20
N ALA A 79 -0.29 -0.74 -10.80
CA ALA A 79 -0.29 -0.32 -12.19
C ALA A 79 0.67 0.85 -12.40
N ALA A 80 0.63 1.80 -11.48
CA ALA A 80 1.51 2.98 -11.59
C ALA A 80 2.97 2.54 -11.59
N ARG A 81 3.32 1.65 -10.67
CA ARG A 81 4.70 1.18 -10.57
C ARG A 81 5.17 0.58 -11.89
N GLU A 82 4.28 -0.18 -12.54
CA GLU A 82 4.61 -0.83 -13.79
C GLU A 82 4.89 0.20 -14.90
N LYS A 83 3.99 1.18 -15.02
CA LYS A 83 4.12 2.18 -16.08
C LYS A 83 5.43 2.95 -15.94
N GLY A 84 5.80 3.27 -14.70
CA GLY A 84 7.05 3.99 -14.46
C GLY A 84 6.90 5.52 -14.61
N ARG A 85 5.81 5.97 -15.24
CA ARG A 85 5.61 7.40 -15.43
C ARG A 85 4.12 7.73 -15.48
N VAL A 86 3.62 8.42 -14.45
CA VAL A 86 2.22 8.81 -14.37
C VAL A 86 2.10 10.32 -14.53
N THR A 87 1.18 10.75 -15.39
CA THR A 87 1.01 12.19 -15.67
C THR A 87 -0.45 12.61 -15.55
N LEU A 88 -0.64 13.89 -15.23
CA LEU A 88 -1.97 14.49 -15.21
C LEU A 88 -2.01 15.63 -16.23
N LYS A 89 -2.83 15.44 -17.27
CA LYS A 89 -2.95 16.46 -18.31
C LYS A 89 -1.59 16.79 -18.94
N GLY A 90 -0.72 15.78 -19.05
CA GLY A 90 0.57 15.97 -19.72
C GLY A 90 1.69 16.41 -18.79
N LYS A 91 1.37 16.78 -17.54
CA LYS A 91 2.40 17.21 -16.59
C LYS A 91 2.74 16.07 -15.63
N PRO A 92 3.97 15.97 -15.16
CA PRO A 92 4.38 14.82 -14.29
C PRO A 92 3.82 14.94 -12.87
N ILE A 93 3.28 13.83 -12.37
CA ILE A 93 2.75 13.78 -11.01
C ILE A 93 3.30 12.56 -10.27
N ARG A 94 2.99 12.45 -8.98
CA ARG A 94 3.47 11.34 -8.17
C ARG A 94 2.32 10.67 -7.42
N LEU A 95 2.35 9.35 -7.38
CA LEU A 95 1.34 8.59 -6.62
C LEU A 95 2.01 7.82 -5.49
N THR A 96 1.44 7.89 -4.30
CA THR A 96 2.02 7.23 -3.13
C THR A 96 0.95 6.60 -2.25
N VAL A 97 1.40 5.84 -1.25
CA VAL A 97 0.49 5.16 -0.34
C VAL A 97 0.25 6.00 0.92
N ASP A 98 -0.93 5.86 1.50
CA ASP A 98 -1.26 6.59 2.72
C ASP A 98 -1.11 5.67 3.94
N LEU A 99 -0.55 6.21 5.02
CA LEU A 99 -0.36 5.44 6.24
C LEU A 99 -1.59 5.52 7.12
N SER A 100 -2.75 5.27 6.52
CA SER A 100 -4.02 5.35 7.24
C SER A 100 -4.11 4.26 8.30
N ALA A 101 -5.08 4.42 9.20
CA ALA A 101 -5.32 3.43 10.26
C ALA A 101 -5.52 2.01 9.71
N GLU A 102 -5.85 1.89 8.43
CA GLU A 102 -6.17 0.58 7.87
C GLU A 102 -4.99 -0.39 8.03
N THR A 103 -3.76 0.12 7.95
CA THR A 103 -2.59 -0.74 8.11
C THR A 103 -2.61 -1.44 9.46
N LEU A 104 -2.81 -0.67 10.53
CA LEU A 104 -2.85 -1.25 11.87
C LEU A 104 -3.94 -2.31 11.97
N GLN A 105 -5.11 -2.00 11.41
CA GLN A 105 -6.23 -2.94 11.43
C GLN A 105 -5.84 -4.26 10.78
N ALA A 106 -5.11 -4.17 9.68
CA ALA A 106 -4.70 -5.37 8.95
C ALA A 106 -3.85 -6.26 9.84
N ARG A 107 -2.88 -5.67 10.53
CA ARG A 107 -1.99 -6.44 11.39
C ARG A 107 -2.80 -7.18 12.46
N ARG A 108 -3.78 -6.50 13.02
CA ARG A 108 -4.62 -7.10 14.05
C ARG A 108 -5.38 -8.31 13.51
N GLU A 109 -5.87 -8.19 12.28
CA GLU A 109 -6.62 -9.27 11.65
C GLU A 109 -5.73 -10.51 11.46
N TRP A 110 -4.47 -10.29 11.12
CA TRP A 110 -3.53 -11.40 10.96
C TRP A 110 -3.06 -11.99 12.29
N GLY A 111 -3.40 -11.37 13.41
CA GLY A 111 -2.91 -11.81 14.72
C GLY A 111 -3.14 -13.31 14.94
N PRO A 112 -4.36 -13.79 14.84
CA PRO A 112 -4.66 -15.23 15.11
C PRO A 112 -3.78 -16.18 14.28
N ILE A 113 -3.72 -15.93 12.97
CA ILE A 113 -2.95 -16.79 12.08
C ILE A 113 -1.48 -16.84 12.53
N PHE A 114 -0.94 -15.67 12.87
CA PHE A 114 0.46 -15.58 13.25
C PHE A 114 0.75 -16.46 14.45
N ASN A 115 -0.08 -16.33 15.49
CA ASN A 115 0.17 -17.03 16.74
C ASN A 115 0.16 -18.55 16.54
N ILE A 116 -0.86 -19.04 15.85
CA ILE A 116 -1.01 -20.48 15.65
C ILE A 116 0.23 -21.02 14.93
N LEU A 117 0.63 -20.34 13.86
CA LEU A 117 1.79 -20.79 13.10
C LEU A 117 3.03 -20.85 13.98
N LYS A 118 3.19 -19.88 14.88
CA LYS A 118 4.33 -19.86 15.78
C LYS A 118 4.38 -21.15 16.60
N GLU A 119 3.25 -21.51 17.19
CA GLU A 119 3.18 -22.69 18.03
C GLU A 119 3.58 -23.94 17.25
N LYS A 120 3.13 -24.02 16.01
CA LYS A 120 3.37 -25.20 15.17
C LYS A 120 4.73 -25.17 14.46
N ASN A 121 5.66 -24.34 14.93
CA ASN A 121 7.02 -24.33 14.37
C ASN A 121 7.01 -23.95 12.88
N PHE A 122 6.09 -23.09 12.49
CA PHE A 122 6.04 -22.58 11.11
C PHE A 122 6.92 -21.33 10.93
N GLN A 123 7.36 -20.70 12.01
CA GLN A 123 8.19 -19.50 11.93
C GLN A 123 7.45 -18.39 11.17
N PRO A 124 6.32 -17.94 11.67
CA PRO A 124 5.55 -16.84 11.00
C PRO A 124 6.17 -15.47 11.24
N ARG A 125 6.25 -14.68 10.17
CA ARG A 125 6.76 -13.32 10.27
C ARG A 125 5.89 -12.37 9.47
N ILE A 126 5.83 -11.11 9.91
CA ILE A 126 5.03 -10.10 9.21
C ILE A 126 5.93 -9.07 8.55
N SER A 127 5.54 -8.61 7.37
CA SER A 127 6.29 -7.59 6.65
C SER A 127 5.36 -6.46 6.21
N TYR A 128 5.89 -5.24 6.17
CA TYR A 128 5.10 -4.09 5.76
C TYR A 128 4.57 -4.32 4.32
N PRO A 129 3.39 -3.87 3.96
CA PRO A 129 2.39 -3.20 4.86
C PRO A 129 1.78 -4.17 5.87
N ALA A 130 1.15 -5.22 5.35
CA ALA A 130 0.50 -6.22 6.21
C ALA A 130 0.51 -7.58 5.53
N LYS A 131 1.64 -7.92 4.91
CA LYS A 131 1.77 -9.20 4.22
C LYS A 131 2.21 -10.29 5.18
N LEU A 132 1.71 -11.50 4.96
CA LEU A 132 2.02 -12.63 5.83
C LEU A 132 2.95 -13.60 5.10
N SER A 133 4.06 -13.96 5.74
CA SER A 133 5.00 -14.92 5.15
C SER A 133 5.44 -15.93 6.19
N PHE A 134 5.60 -17.19 5.75
CA PHE A 134 6.04 -18.23 6.67
C PHE A 134 6.67 -19.39 5.91
N ILE A 135 7.30 -20.31 6.62
CA ILE A 135 7.98 -21.45 6.00
C ILE A 135 7.19 -22.73 6.27
N SER A 136 6.82 -23.42 5.19
CA SER A 136 6.07 -24.66 5.31
C SER A 136 6.63 -25.73 4.37
N GLU A 137 6.74 -26.96 4.86
CA GLU A 137 7.21 -28.06 4.03
C GLU A 137 8.56 -27.77 3.36
N GLY A 138 9.32 -26.80 3.88
CA GLY A 138 10.66 -26.55 3.36
C GLY A 138 10.73 -25.37 2.38
N GLU A 139 9.58 -24.91 1.88
CA GLU A 139 9.56 -23.80 0.92
C GLU A 139 8.90 -22.58 1.55
N ILE A 140 9.23 -21.40 1.05
CA ILE A 140 8.68 -20.16 1.59
C ILE A 140 7.43 -19.77 0.80
N LYS A 141 6.37 -19.43 1.52
CA LYS A 141 5.11 -19.02 0.90
C LYS A 141 4.72 -17.61 1.36
N TYR A 142 4.24 -16.81 0.41
CA TYR A 142 3.83 -15.44 0.70
C TYR A 142 2.40 -15.20 0.26
N PHE A 143 1.62 -14.54 1.12
CA PHE A 143 0.24 -14.17 0.78
C PHE A 143 -0.02 -12.73 1.20
N ILE A 144 -0.73 -11.99 0.34
CA ILE A 144 -1.00 -10.57 0.63
C ILE A 144 -2.34 -10.42 1.34
N ASP A 145 -3.36 -11.14 0.86
CA ASP A 145 -4.70 -11.03 1.42
C ASP A 145 -5.14 -12.36 2.01
N LYS A 146 -5.99 -12.29 3.04
CA LYS A 146 -6.53 -13.50 3.67
C LYS A 146 -7.19 -14.41 2.63
N GLN A 147 -7.78 -13.82 1.59
CA GLN A 147 -8.43 -14.61 0.54
C GLN A 147 -7.45 -15.61 -0.06
N MET A 148 -6.22 -15.15 -0.28
CA MET A 148 -5.18 -16.02 -0.81
C MET A 148 -4.92 -17.18 0.13
N LEU A 149 -4.90 -16.91 1.43
CA LEU A 149 -4.63 -17.94 2.42
C LEU A 149 -5.67 -19.06 2.31
N ARG A 150 -6.92 -18.69 2.08
CA ARG A 150 -7.99 -19.69 1.94
C ARG A 150 -7.72 -20.58 0.73
N ASP A 151 -7.51 -19.95 -0.42
CA ASP A 151 -7.24 -20.70 -1.64
C ASP A 151 -6.05 -21.66 -1.47
N PHE A 152 -5.07 -21.24 -0.67
CA PHE A 152 -3.88 -22.04 -0.43
C PHE A 152 -4.17 -23.25 0.44
N VAL A 153 -4.82 -23.06 1.58
CA VAL A 153 -5.05 -24.15 2.52
C VAL A 153 -5.86 -25.28 1.88
N THR A 154 -6.75 -24.95 0.96
CA THR A 154 -7.58 -25.96 0.32
C THR A 154 -6.76 -27.14 -0.25
N THR A 155 -5.47 -26.93 -0.50
CA THR A 155 -4.64 -27.98 -1.12
C THR A 155 -3.88 -28.83 -0.10
N ARG A 156 -3.98 -28.52 1.19
CA ARG A 156 -3.26 -29.27 2.21
C ARG A 156 -4.13 -29.37 3.47
N PRO A 157 -5.05 -30.31 3.53
CA PRO A 157 -6.09 -30.30 4.61
C PRO A 157 -5.53 -30.12 6.02
N ALA A 158 -4.31 -30.57 6.27
CA ALA A 158 -3.69 -30.40 7.57
C ALA A 158 -3.61 -28.91 7.92
N LEU A 159 -3.12 -28.12 6.97
CA LEU A 159 -2.99 -26.69 7.16
C LEU A 159 -4.37 -26.03 7.33
N LYS A 160 -5.37 -26.55 6.61
CA LYS A 160 -6.71 -25.99 6.68
C LYS A 160 -7.24 -26.07 8.11
N GLU A 161 -7.11 -27.25 8.72
CA GLU A 161 -7.61 -27.47 10.07
C GLU A 161 -6.94 -26.53 11.06
N LEU A 162 -5.62 -26.39 10.92
CA LEU A 162 -4.85 -25.54 11.83
C LEU A 162 -5.34 -24.10 11.78
N LEU A 163 -5.54 -23.59 10.57
CA LEU A 163 -5.90 -22.19 10.39
C LEU A 163 -7.41 -21.92 10.40
N LYS A 164 -8.23 -22.97 10.32
CA LYS A 164 -9.69 -22.84 10.28
C LYS A 164 -10.22 -21.79 11.27
N GLU A 165 -9.71 -21.83 12.49
CA GLU A 165 -10.17 -20.90 13.53
C GLU A 165 -9.68 -19.48 13.27
N ALA A 166 -8.46 -19.36 12.77
CA ALA A 166 -7.83 -18.06 12.56
C ALA A 166 -8.54 -17.28 11.45
N LEU A 167 -8.92 -17.99 10.38
CA LEU A 167 -9.57 -17.34 9.25
C LEU A 167 -11.07 -17.14 9.46
N ASN A 168 -11.67 -17.85 10.41
CA ASN A 168 -13.08 -17.68 10.74
C ASN A 168 -13.96 -18.04 9.55
N MET A 169 -13.75 -19.25 9.02
CA MET A 169 -14.53 -19.72 7.88
C MET A 169 -16.03 -19.67 8.19
N GLU A 170 -16.83 -20.12 7.23
CA GLU A 170 -18.29 -20.10 7.40
C GLU A 170 -18.73 -20.89 8.63
N ARG A 171 -18.00 -21.95 8.96
CA ARG A 171 -18.35 -22.80 10.09
C ARG A 171 -18.54 -21.98 11.37
N ASN A 172 -17.71 -20.95 11.53
CA ASN A 172 -17.81 -20.09 12.70
C ASN A 172 -18.75 -18.92 12.44
N ASN A 173 -19.86 -18.88 13.15
CA ASN A 173 -20.84 -17.81 12.98
C ASN A 173 -21.32 -17.28 14.33
N ARG A 174 -20.41 -17.20 15.29
CA ARG A 174 -20.75 -16.69 16.62
C ARG A 174 -20.28 -15.26 16.78
N TYR A 175 -19.03 -15.00 16.36
CA TYR A 175 -18.47 -13.65 16.45
C TYR A 175 -19.34 -12.65 15.71
N GLN A 176 -19.84 -13.04 14.54
CA GLN A 176 -20.68 -12.17 13.73
C GLN A 176 -19.95 -10.87 13.42
N MET A 1 -6.72 2.58 5.55
CA MET A 1 -6.99 1.18 5.11
C MET A 1 -7.06 1.13 3.59
N GLY A 2 -7.73 2.10 3.00
CA GLY A 2 -7.87 2.15 1.55
C GLY A 2 -7.80 3.59 1.05
N ASN A 3 -6.81 4.34 1.51
CA ASN A 3 -6.64 5.73 1.09
C ASN A 3 -5.41 5.87 0.19
N LEU A 4 -5.53 6.72 -0.83
CA LEU A 4 -4.44 6.95 -1.77
C LEU A 4 -4.05 8.42 -1.79
N ARG A 5 -2.79 8.70 -2.07
CA ARG A 5 -2.30 10.08 -2.10
C ARG A 5 -2.03 10.52 -3.53
N LEU A 6 -2.63 11.63 -3.92
CA LEU A 6 -2.38 12.23 -5.23
C LEU A 6 -1.60 13.53 -5.04
N ILE A 7 -0.37 13.55 -5.53
CA ILE A 7 0.51 14.71 -5.34
C ILE A 7 0.81 15.36 -6.69
N GLY A 8 0.61 16.67 -6.77
CA GLY A 8 0.98 17.43 -7.96
C GLY A 8 -0.23 17.99 -8.71
N VAL A 9 -1.34 18.19 -8.01
CA VAL A 9 -2.52 18.77 -8.64
C VAL A 9 -2.57 20.28 -8.37
N PRO A 10 -2.35 21.15 -9.34
CA PRO A 10 -2.39 22.62 -9.09
C PRO A 10 -3.74 23.08 -8.55
N GLU A 11 -3.74 24.22 -7.86
CA GLU A 11 -4.98 24.74 -7.29
C GLU A 11 -5.58 25.79 -8.21
N SER A 12 -6.91 25.93 -8.16
CA SER A 12 -7.59 26.91 -8.98
C SER A 12 -8.76 27.54 -8.21
N ASP A 13 -8.94 28.84 -8.37
CA ASP A 13 -9.99 29.54 -7.63
C ASP A 13 -11.37 28.92 -7.85
N VAL A 14 -11.59 28.32 -9.02
CA VAL A 14 -12.90 27.78 -9.36
C VAL A 14 -13.03 26.27 -9.11
N GLU A 15 -12.10 25.69 -8.35
CA GLU A 15 -12.13 24.26 -8.08
C GLU A 15 -13.35 23.89 -7.23
N ASN A 16 -13.84 22.67 -7.41
CA ASN A 16 -15.00 22.20 -6.66
C ASN A 16 -14.94 20.67 -6.53
N GLY A 17 -15.60 20.13 -5.51
CA GLY A 17 -15.57 18.69 -5.25
C GLY A 17 -15.82 17.86 -6.51
N THR A 18 -16.82 18.25 -7.29
CA THR A 18 -17.16 17.51 -8.50
C THR A 18 -15.97 17.46 -9.45
N LYS A 19 -15.33 18.60 -9.68
CA LYS A 19 -14.19 18.66 -10.58
C LYS A 19 -13.09 17.71 -10.11
N LEU A 20 -12.85 17.68 -8.80
CA LEU A 20 -11.84 16.79 -8.23
C LEU A 20 -12.10 15.34 -8.63
N GLU A 21 -13.35 14.90 -8.48
CA GLU A 21 -13.70 13.52 -8.80
C GLU A 21 -13.36 13.22 -10.26
N ASN A 22 -13.74 14.13 -11.14
CA ASN A 22 -13.43 13.97 -12.56
C ASN A 22 -11.92 13.85 -12.76
N THR A 23 -11.15 14.62 -12.00
CA THR A 23 -9.69 14.57 -12.09
C THR A 23 -9.17 13.15 -11.90
N LEU A 24 -9.60 12.48 -10.82
CA LEU A 24 -9.12 11.14 -10.53
C LEU A 24 -9.44 10.21 -11.71
N GLN A 25 -10.66 10.31 -12.22
CA GLN A 25 -11.06 9.48 -13.36
C GLN A 25 -10.12 9.70 -14.54
N ASP A 26 -9.75 10.96 -14.77
CA ASP A 26 -8.87 11.30 -15.88
C ASP A 26 -7.53 10.59 -15.72
N ILE A 27 -6.99 10.59 -14.50
CA ILE A 27 -5.71 9.95 -14.24
C ILE A 27 -5.77 8.47 -14.64
N ILE A 28 -6.88 7.81 -14.30
CA ILE A 28 -7.03 6.40 -14.61
C ILE A 28 -6.90 6.18 -16.12
N GLN A 29 -7.64 6.96 -16.89
CA GLN A 29 -7.65 6.79 -18.34
C GLN A 29 -6.28 7.11 -18.95
N GLU A 30 -5.61 8.12 -18.41
CA GLU A 30 -4.35 8.59 -18.99
C GLU A 30 -3.24 7.55 -18.87
N ASN A 31 -3.10 6.95 -17.70
CA ASN A 31 -1.97 6.06 -17.43
C ASN A 31 -2.38 4.59 -17.39
N PHE A 32 -3.63 4.31 -17.03
CA PHE A 32 -4.08 2.93 -16.83
C PHE A 32 -5.26 2.61 -17.74
N PRO A 33 -5.03 2.45 -19.04
CA PRO A 33 -6.13 2.17 -20.00
C PRO A 33 -6.91 0.92 -19.59
N ASN A 34 -6.20 -0.07 -19.05
CA ASN A 34 -6.85 -1.30 -18.63
C ASN A 34 -7.91 -1.03 -17.56
N LEU A 35 -7.55 -0.23 -16.56
CA LEU A 35 -8.50 0.08 -15.49
C LEU A 35 -9.73 0.77 -16.06
N ALA A 36 -9.50 1.74 -16.94
CA ALA A 36 -10.60 2.50 -17.52
C ALA A 36 -11.53 1.59 -18.31
N ARG A 37 -10.96 0.62 -19.03
CA ARG A 37 -11.77 -0.28 -19.85
C ARG A 37 -12.71 -1.10 -18.97
N GLN A 38 -12.18 -1.63 -17.88
CA GLN A 38 -13.00 -2.41 -16.94
C GLN A 38 -14.20 -1.59 -16.46
N ALA A 39 -13.93 -0.35 -16.07
CA ALA A 39 -15.00 0.55 -15.62
C ALA A 39 -15.67 0.02 -14.36
N ASN A 40 -14.85 -0.55 -13.46
CA ASN A 40 -15.36 -1.06 -12.19
C ASN A 40 -14.72 -0.30 -11.02
N VAL A 41 -14.57 1.00 -11.18
CA VAL A 41 -13.95 1.83 -10.14
C VAL A 41 -15.02 2.54 -9.33
N GLN A 42 -15.08 2.23 -8.04
CA GLN A 42 -16.06 2.86 -7.15
C GLN A 42 -15.35 3.74 -6.12
N ILE A 43 -15.50 5.06 -6.27
CA ILE A 43 -14.87 5.99 -5.35
C ILE A 43 -15.89 6.47 -4.32
N GLN A 44 -15.47 6.55 -3.06
CA GLN A 44 -16.38 6.92 -1.99
C GLN A 44 -16.36 8.43 -1.77
N GLU A 45 -15.16 8.99 -1.67
CA GLU A 45 -15.04 10.43 -1.44
C GLU A 45 -13.66 10.95 -1.84
N ILE A 46 -13.62 12.19 -2.34
CA ILE A 46 -12.36 12.84 -2.68
C ILE A 46 -12.37 14.27 -2.15
N GLN A 47 -11.35 14.63 -1.37
CA GLN A 47 -11.30 15.95 -0.76
C GLN A 47 -9.88 16.48 -0.68
N ARG A 48 -9.75 17.80 -0.64
CA ARG A 48 -8.44 18.43 -0.53
C ARG A 48 -8.07 18.64 0.94
N THR A 49 -6.79 18.51 1.27
CA THR A 49 -6.33 18.69 2.64
C THR A 49 -5.03 19.52 2.66
N PRO A 50 -4.78 20.35 3.68
CA PRO A 50 -5.72 20.65 4.80
C PRO A 50 -6.78 21.64 4.34
N GLN A 51 -8.05 21.29 4.54
CA GLN A 51 -9.15 22.10 4.03
C GLN A 51 -9.12 23.51 4.64
N ARG A 52 -8.79 23.59 5.92
CA ARG A 52 -8.83 24.88 6.63
C ARG A 52 -7.58 25.72 6.37
N TYR A 53 -6.49 25.10 5.92
CA TYR A 53 -5.26 25.85 5.64
C TYR A 53 -5.24 26.34 4.20
N SER A 54 -5.31 27.66 4.03
CA SER A 54 -5.32 28.24 2.69
C SER A 54 -4.07 27.81 1.91
N SER A 55 -3.96 28.29 0.68
CA SER A 55 -2.81 27.94 -0.15
C SER A 55 -1.68 28.96 0.03
N ARG A 56 -1.51 29.43 1.26
CA ARG A 56 -0.44 30.38 1.55
C ARG A 56 0.93 29.76 1.33
N ARG A 57 1.07 28.49 1.71
CA ARG A 57 2.34 27.79 1.54
C ARG A 57 2.76 27.80 0.06
N ALA A 58 4.07 27.77 -0.17
CA ALA A 58 4.59 27.79 -1.53
C ALA A 58 4.23 26.52 -2.28
N THR A 59 4.25 25.38 -1.58
CA THR A 59 3.95 24.10 -2.22
C THR A 59 2.44 23.89 -2.32
N PRO A 60 1.97 23.15 -3.31
CA PRO A 60 0.49 22.91 -3.46
C PRO A 60 -0.02 21.86 -2.48
N ARG A 61 -1.27 22.03 -2.04
CA ARG A 61 -1.87 21.06 -1.12
C ARG A 61 -2.08 19.72 -1.82
N HIS A 62 -2.19 18.66 -1.04
CA HIS A 62 -2.35 17.32 -1.60
C HIS A 62 -3.83 16.94 -1.61
N ILE A 63 -4.18 15.96 -2.45
CA ILE A 63 -5.54 15.45 -2.50
C ILE A 63 -5.58 14.04 -1.93
N ILE A 64 -6.55 13.78 -1.05
CA ILE A 64 -6.71 12.44 -0.47
C ILE A 64 -7.94 11.77 -1.05
N VAL A 65 -7.75 10.55 -1.52
CA VAL A 65 -8.84 9.77 -2.11
C VAL A 65 -9.13 8.56 -1.25
N ARG A 66 -10.41 8.34 -0.96
CA ARG A 66 -10.84 7.15 -0.24
C ARG A 66 -11.64 6.25 -1.17
N PHE A 67 -11.10 5.06 -1.44
CA PHE A 67 -11.75 4.12 -2.35
C PHE A 67 -12.66 3.18 -1.59
N THR A 68 -13.70 2.69 -2.27
CA THR A 68 -14.64 1.76 -1.65
C THR A 68 -13.97 0.43 -1.35
N LYS A 69 -13.11 -0.03 -2.26
CA LYS A 69 -12.44 -1.31 -2.11
C LYS A 69 -10.94 -1.12 -1.91
N VAL A 70 -10.44 -1.54 -0.75
CA VAL A 70 -9.02 -1.44 -0.47
C VAL A 70 -8.20 -2.18 -1.53
N GLU A 71 -8.69 -3.35 -1.94
CA GLU A 71 -8.00 -4.13 -2.96
C GLU A 71 -7.87 -3.33 -4.25
N MET A 72 -8.92 -2.60 -4.61
CA MET A 72 -8.90 -1.81 -5.83
C MET A 72 -7.77 -0.79 -5.79
N LYS A 73 -7.64 -0.10 -4.66
CA LYS A 73 -6.60 0.91 -4.50
C LYS A 73 -5.23 0.29 -4.73
N GLU A 74 -5.01 -0.87 -4.12
CA GLU A 74 -3.73 -1.55 -4.24
C GLU A 74 -3.41 -1.83 -5.71
N LYS A 75 -4.41 -2.29 -6.45
CA LYS A 75 -4.21 -2.60 -7.86
C LYS A 75 -3.73 -1.37 -8.61
N MET A 76 -4.34 -0.22 -8.33
CA MET A 76 -3.96 1.01 -9.00
C MET A 76 -2.50 1.32 -8.77
N LEU A 77 -2.06 1.20 -7.53
CA LEU A 77 -0.66 1.50 -7.19
C LEU A 77 0.27 0.60 -8.00
N ARG A 78 -0.07 -0.68 -8.09
CA ARG A 78 0.76 -1.63 -8.83
C ARG A 78 0.90 -1.19 -10.28
N ALA A 79 -0.22 -0.80 -10.89
CA ALA A 79 -0.20 -0.38 -12.29
C ALA A 79 0.76 0.78 -12.49
N ALA A 80 0.73 1.73 -11.56
CA ALA A 80 1.60 2.90 -11.67
C ALA A 80 3.07 2.47 -11.65
N ARG A 81 3.40 1.57 -10.74
CA ARG A 81 4.78 1.09 -10.62
C ARG A 81 5.25 0.50 -11.94
N GLU A 82 4.38 -0.27 -12.59
CA GLU A 82 4.73 -0.91 -13.85
C GLU A 82 5.00 0.11 -14.95
N LYS A 83 4.10 1.08 -15.08
CA LYS A 83 4.23 2.07 -16.16
C LYS A 83 5.52 2.86 -16.01
N GLY A 84 5.88 3.21 -14.77
CA GLY A 84 7.11 3.95 -14.51
C GLY A 84 6.91 5.47 -14.57
N ARG A 85 5.80 5.92 -15.14
CA ARG A 85 5.55 7.37 -15.24
C ARG A 85 4.05 7.64 -15.23
N VAL A 86 3.60 8.45 -14.27
CA VAL A 86 2.19 8.82 -14.17
C VAL A 86 2.04 10.31 -14.46
N THR A 87 1.13 10.65 -15.37
CA THR A 87 0.97 12.05 -15.78
C THR A 87 -0.49 12.50 -15.68
N LEU A 88 -0.66 13.77 -15.37
CA LEU A 88 -1.98 14.39 -15.33
C LEU A 88 -2.03 15.55 -16.33
N LYS A 89 -2.84 15.40 -17.37
CA LYS A 89 -2.95 16.43 -18.39
C LYS A 89 -1.59 16.76 -19.01
N GLY A 90 -0.74 15.75 -19.14
CA GLY A 90 0.56 15.92 -19.81
C GLY A 90 1.69 16.36 -18.86
N LYS A 91 1.36 16.73 -17.62
CA LYS A 91 2.38 17.17 -16.67
C LYS A 91 2.71 16.04 -15.69
N PRO A 92 3.93 15.94 -15.21
CA PRO A 92 4.32 14.80 -14.31
C PRO A 92 3.74 14.94 -12.90
N ILE A 93 3.22 13.83 -12.38
CA ILE A 93 2.68 13.80 -11.03
C ILE A 93 3.19 12.56 -10.30
N ARG A 94 2.86 12.45 -9.01
CA ARG A 94 3.32 11.31 -8.22
C ARG A 94 2.15 10.66 -7.48
N LEU A 95 2.15 9.33 -7.46
CA LEU A 95 1.15 8.58 -6.70
C LEU A 95 1.84 7.79 -5.59
N THR A 96 1.31 7.88 -4.37
CA THR A 96 1.95 7.21 -3.23
C THR A 96 0.91 6.76 -2.20
N VAL A 97 1.40 6.06 -1.18
CA VAL A 97 0.55 5.59 -0.08
C VAL A 97 0.83 6.41 1.17
N ASP A 98 -0.12 6.37 2.11
CA ASP A 98 0.04 7.11 3.37
C ASP A 98 1.06 6.42 4.26
N LEU A 99 2.06 7.18 4.70
CA LEU A 99 3.08 6.65 5.61
C LEU A 99 3.37 7.65 6.71
N SER A 100 2.96 7.33 7.93
CA SER A 100 3.18 8.22 9.06
C SER A 100 4.56 7.99 9.68
N ALA A 101 5.10 9.03 10.32
CA ALA A 101 6.38 8.91 11.00
C ALA A 101 6.28 7.98 12.21
N GLU A 102 5.13 8.00 12.88
CA GLU A 102 4.93 7.15 14.05
C GLU A 102 5.12 5.67 13.68
N THR A 103 4.65 5.28 12.50
CA THR A 103 4.79 3.90 12.05
C THR A 103 6.26 3.47 12.06
N LEU A 104 7.12 4.31 11.49
CA LEU A 104 8.55 3.99 11.44
C LEU A 104 9.09 3.76 12.85
N GLN A 105 8.78 4.66 13.77
CA GLN A 105 9.24 4.55 15.15
C GLN A 105 8.81 3.21 15.74
N ALA A 106 7.59 2.81 15.46
CA ALA A 106 7.05 1.56 15.99
C ALA A 106 7.90 0.38 15.53
N ARG A 107 8.21 0.34 14.23
CA ARG A 107 8.99 -0.77 13.68
C ARG A 107 10.33 -0.88 14.40
N ARG A 108 10.97 0.26 14.63
CA ARG A 108 12.26 0.28 15.30
C ARG A 108 12.15 -0.31 16.71
N GLU A 109 11.07 0.02 17.40
CA GLU A 109 10.84 -0.47 18.75
C GLU A 109 10.74 -2.00 18.77
N TRP A 110 10.05 -2.55 17.78
CA TRP A 110 9.90 -4.00 17.67
C TRP A 110 11.17 -4.71 17.17
N GLY A 111 12.21 -3.94 16.79
CA GLY A 111 13.42 -4.54 16.21
C GLY A 111 13.97 -5.67 17.07
N PRO A 112 14.28 -5.42 18.33
CA PRO A 112 14.89 -6.47 19.21
C PRO A 112 14.06 -7.76 19.23
N ILE A 113 12.76 -7.63 19.48
CA ILE A 113 11.89 -8.79 19.59
C ILE A 113 11.96 -9.63 18.30
N PHE A 114 11.88 -8.95 17.16
CA PHE A 114 11.86 -9.64 15.88
C PHE A 114 13.11 -10.48 15.70
N ASN A 115 14.27 -9.87 15.94
CA ASN A 115 15.53 -10.54 15.69
C ASN A 115 15.68 -11.80 16.54
N ILE A 116 15.40 -11.68 17.82
CA ILE A 116 15.57 -12.81 18.73
C ILE A 116 14.69 -13.97 18.28
N LEU A 117 13.42 -13.67 17.97
CA LEU A 117 12.50 -14.70 17.56
C LEU A 117 13.02 -15.40 16.30
N LYS A 118 13.63 -14.65 15.39
CA LYS A 118 14.16 -15.24 14.17
C LYS A 118 15.19 -16.31 14.52
N GLU A 119 16.13 -15.96 15.39
CA GLU A 119 17.19 -16.88 15.76
C GLU A 119 16.60 -18.16 16.36
N LYS A 120 15.57 -18.01 17.17
CA LYS A 120 14.98 -19.16 17.87
C LYS A 120 13.94 -19.91 17.02
N ASN A 121 13.97 -19.73 15.70
CA ASN A 121 13.07 -20.50 14.83
C ASN A 121 11.60 -20.24 15.14
N PHE A 122 11.28 -19.01 15.56
CA PHE A 122 9.89 -18.63 15.80
C PHE A 122 9.21 -18.08 14.54
N GLN A 123 9.98 -17.78 13.49
CA GLN A 123 9.41 -17.24 12.26
C GLN A 123 8.66 -15.94 12.54
N PRO A 124 9.33 -14.92 13.04
CA PRO A 124 8.67 -13.61 13.32
C PRO A 124 8.40 -12.82 12.05
N ARG A 125 7.20 -12.24 11.96
CA ARG A 125 6.83 -11.42 10.82
C ARG A 125 6.12 -10.16 11.28
N ILE A 126 6.28 -9.08 10.54
CA ILE A 126 5.63 -7.81 10.87
C ILE A 126 4.56 -7.47 9.83
N SER A 127 3.44 -6.93 10.31
CA SER A 127 2.35 -6.53 9.42
C SER A 127 1.97 -5.08 9.69
N TYR A 128 1.56 -4.37 8.64
CA TYR A 128 1.16 -2.97 8.79
C TYR A 128 0.00 -2.87 9.78
N PRO A 129 -0.10 -1.85 10.61
CA PRO A 129 0.90 -0.74 10.76
C PRO A 129 2.21 -1.24 11.38
N ALA A 130 2.11 -1.77 12.59
CA ALA A 130 3.29 -2.25 13.31
C ALA A 130 2.91 -3.39 14.26
N LYS A 131 2.04 -4.27 13.81
CA LYS A 131 1.62 -5.41 14.62
C LYS A 131 2.64 -6.54 14.53
N LEU A 132 2.85 -7.23 15.64
CA LEU A 132 3.83 -8.32 15.70
C LEU A 132 3.12 -9.66 15.74
N SER A 133 3.47 -10.56 14.84
CA SER A 133 2.88 -11.90 14.82
C SER A 133 3.97 -12.95 14.65
N PHE A 134 3.81 -14.07 15.34
CA PHE A 134 4.78 -15.17 15.21
C PHE A 134 4.15 -16.50 15.58
N ILE A 135 4.87 -17.59 15.32
CA ILE A 135 4.36 -18.93 15.59
C ILE A 135 5.15 -19.58 16.72
N SER A 136 4.46 -19.99 17.77
CA SER A 136 5.10 -20.63 18.92
C SER A 136 4.33 -21.87 19.35
N GLU A 137 5.05 -22.94 19.64
CA GLU A 137 4.43 -24.17 20.13
C GLU A 137 3.29 -24.66 19.24
N GLY A 138 3.28 -24.26 17.98
CA GLY A 138 2.28 -24.79 17.03
C GLY A 138 1.07 -23.87 16.85
N GLU A 139 0.90 -22.87 17.70
CA GLU A 139 -0.24 -21.95 17.59
C GLU A 139 0.24 -20.56 17.23
N ILE A 140 -0.63 -19.78 16.59
CA ILE A 140 -0.25 -18.44 16.16
C ILE A 140 -0.70 -17.41 17.20
N LYS A 141 0.19 -16.48 17.52
CA LYS A 141 -0.10 -15.43 18.50
C LYS A 141 0.07 -14.06 17.86
N TYR A 142 -0.87 -13.16 18.15
CA TYR A 142 -0.84 -11.80 17.61
C TYR A 142 -0.91 -10.77 18.73
N PHE A 143 -0.05 -9.76 18.66
CA PHE A 143 -0.08 -8.68 19.63
C PHE A 143 0.05 -7.34 18.90
N ILE A 144 -0.72 -6.35 19.34
CA ILE A 144 -0.71 -5.04 18.69
C ILE A 144 0.29 -4.11 19.37
N ASP A 145 0.29 -4.11 20.70
CA ASP A 145 1.17 -3.22 21.46
C ASP A 145 2.14 -4.04 22.31
N LYS A 146 3.32 -3.48 22.54
CA LYS A 146 4.33 -4.14 23.38
C LYS A 146 3.75 -4.50 24.76
N GLN A 147 2.81 -3.70 25.25
CA GLN A 147 2.19 -3.97 26.55
C GLN A 147 1.56 -5.35 26.55
N MET A 148 0.91 -5.71 25.44
CA MET A 148 0.30 -7.02 25.31
C MET A 148 1.36 -8.11 25.41
N LEU A 149 2.50 -7.89 24.78
CA LEU A 149 3.57 -8.90 24.79
C LEU A 149 4.01 -9.19 26.23
N ARG A 150 4.07 -8.15 27.06
CA ARG A 150 4.46 -8.33 28.46
C ARG A 150 3.43 -9.21 29.17
N ASP A 151 2.17 -8.83 29.08
CA ASP A 151 1.11 -9.59 29.73
C ASP A 151 1.13 -11.06 29.30
N PHE A 152 1.53 -11.30 28.06
CA PHE A 152 1.57 -12.65 27.50
C PHE A 152 2.72 -13.47 28.07
N VAL A 153 3.94 -12.92 28.05
CA VAL A 153 5.12 -13.67 28.50
C VAL A 153 5.00 -14.08 29.98
N THR A 154 4.30 -13.29 30.79
CA THR A 154 4.14 -13.60 32.20
C THR A 154 3.67 -15.04 32.44
N THR A 155 3.04 -15.67 31.45
CA THR A 155 2.47 -17.01 31.63
C THR A 155 3.30 -18.10 30.93
N ARG A 156 4.52 -17.79 30.51
CA ARG A 156 5.39 -18.78 29.87
C ARG A 156 6.85 -18.43 30.15
N PRO A 157 7.39 -18.80 31.30
CA PRO A 157 8.73 -18.29 31.73
C PRO A 157 9.82 -18.38 30.66
N ALA A 158 9.81 -19.46 29.88
CA ALA A 158 10.80 -19.62 28.83
C ALA A 158 10.77 -18.43 27.87
N LEU A 159 9.57 -18.04 27.47
CA LEU A 159 9.40 -16.92 26.55
C LEU A 159 9.83 -15.61 27.20
N LYS A 160 9.57 -15.47 28.49
CA LYS A 160 9.91 -14.24 29.20
C LYS A 160 11.41 -14.01 29.13
N GLU A 161 12.19 -15.05 29.43
CA GLU A 161 13.64 -14.93 29.44
C GLU A 161 14.16 -14.53 28.07
N LEU A 162 13.63 -15.18 27.03
CA LEU A 162 14.07 -14.91 25.67
C LEU A 162 13.84 -13.44 25.29
N LEU A 163 12.66 -12.92 25.62
CA LEU A 163 12.29 -11.57 25.20
C LEU A 163 12.63 -10.49 26.23
N LYS A 164 13.04 -10.89 27.45
CA LYS A 164 13.37 -9.94 28.51
C LYS A 164 14.17 -8.73 28.02
N GLU A 165 15.22 -8.98 27.26
CA GLU A 165 16.07 -7.91 26.76
C GLU A 165 15.35 -7.10 25.67
N ALA A 166 14.56 -7.78 24.85
CA ALA A 166 13.88 -7.11 23.74
C ALA A 166 12.90 -6.06 24.23
N LEU A 167 12.14 -6.39 25.27
CA LEU A 167 11.13 -5.48 25.80
C LEU A 167 11.73 -4.43 26.75
N ASN A 168 12.92 -4.70 27.31
CA ASN A 168 13.56 -3.76 28.21
C ASN A 168 12.65 -3.44 29.40
N MET A 169 11.97 -4.46 29.91
CA MET A 169 11.08 -4.29 31.05
C MET A 169 11.51 -5.19 32.21
N GLU A 170 11.40 -4.69 33.43
CA GLU A 170 11.77 -5.47 34.60
C GLU A 170 10.77 -5.27 35.73
N ARG A 171 10.40 -6.37 36.39
CA ARG A 171 9.45 -6.30 37.49
C ARG A 171 10.19 -6.22 38.82
N ASN A 172 10.99 -7.24 39.11
CA ASN A 172 11.75 -7.28 40.35
C ASN A 172 13.12 -7.94 40.13
N ASN A 173 13.74 -7.64 38.99
CA ASN A 173 15.04 -8.20 38.66
C ASN A 173 16.13 -7.11 38.71
N ARG A 174 16.03 -6.24 39.70
CA ARG A 174 17.00 -5.17 39.86
C ARG A 174 18.42 -5.73 39.98
N TYR A 175 19.39 -5.01 39.44
CA TYR A 175 20.79 -5.44 39.49
C TYR A 175 21.58 -4.58 40.47
N GLN A 176 22.61 -5.17 41.06
CA GLN A 176 23.45 -4.44 42.02
C GLN A 176 24.72 -3.95 41.35
N MET A 1 -11.61 3.00 3.76
CA MET A 1 -10.67 1.94 4.26
C MET A 1 -9.29 2.20 3.67
N GLY A 2 -9.16 2.04 2.35
CA GLY A 2 -7.87 2.26 1.69
C GLY A 2 -7.78 3.68 1.15
N ASN A 3 -6.77 4.41 1.60
CA ASN A 3 -6.58 5.79 1.16
C ASN A 3 -5.37 5.90 0.24
N LEU A 4 -5.50 6.70 -0.82
CA LEU A 4 -4.41 6.92 -1.76
C LEU A 4 -4.06 8.40 -1.83
N ARG A 5 -2.79 8.72 -2.02
CA ARG A 5 -2.35 10.12 -2.06
C ARG A 5 -1.99 10.52 -3.48
N LEU A 6 -2.61 11.61 -3.94
CA LEU A 6 -2.31 12.16 -5.26
C LEU A 6 -1.58 13.50 -5.09
N ILE A 7 -0.36 13.56 -5.60
CA ILE A 7 0.47 14.75 -5.45
C ILE A 7 0.77 15.37 -6.81
N GLY A 8 0.53 16.68 -6.93
CA GLY A 8 0.89 17.41 -8.14
C GLY A 8 -0.33 17.94 -8.90
N VAL A 9 -1.44 18.15 -8.20
CA VAL A 9 -2.64 18.69 -8.84
C VAL A 9 -2.68 20.22 -8.64
N PRO A 10 -2.49 21.04 -9.65
CA PRO A 10 -2.47 22.52 -9.47
C PRO A 10 -3.73 23.04 -8.77
N GLU A 11 -3.63 24.25 -8.22
CA GLU A 11 -4.77 24.86 -7.53
C GLU A 11 -5.66 25.59 -8.53
N SER A 12 -6.92 25.79 -8.16
CA SER A 12 -7.87 26.49 -9.02
C SER A 12 -8.93 27.19 -8.18
N ASP A 13 -9.13 28.47 -8.44
CA ASP A 13 -10.13 29.25 -7.69
C ASP A 13 -11.51 28.60 -7.75
N VAL A 14 -11.82 27.94 -8.85
CA VAL A 14 -13.15 27.36 -9.04
C VAL A 14 -13.23 25.87 -8.63
N GLU A 15 -12.23 25.38 -7.90
CA GLU A 15 -12.19 23.98 -7.51
C GLU A 15 -13.40 23.60 -6.67
N ASN A 16 -13.98 22.44 -6.97
CA ASN A 16 -15.12 21.93 -6.21
C ASN A 16 -15.07 20.40 -6.19
N GLY A 17 -15.71 19.80 -5.18
CA GLY A 17 -15.66 18.35 -5.00
C GLY A 17 -15.90 17.58 -6.30
N THR A 18 -16.91 17.98 -7.05
CA THR A 18 -17.24 17.30 -8.30
C THR A 18 -16.04 17.28 -9.24
N LYS A 19 -15.40 18.43 -9.42
CA LYS A 19 -14.26 18.52 -10.31
C LYS A 19 -13.16 17.56 -9.87
N LEU A 20 -12.93 17.50 -8.57
CA LEU A 20 -11.91 16.60 -8.03
C LEU A 20 -12.16 15.16 -8.47
N GLU A 21 -13.41 14.72 -8.37
CA GLU A 21 -13.75 13.35 -8.73
C GLU A 21 -13.42 13.08 -10.19
N ASN A 22 -13.81 14.01 -11.05
CA ASN A 22 -13.51 13.88 -12.47
C ASN A 22 -12.00 13.77 -12.69
N THR A 23 -11.24 14.55 -11.93
CA THR A 23 -9.78 14.52 -12.02
C THR A 23 -9.24 13.10 -11.84
N LEU A 24 -9.65 12.42 -10.78
CA LEU A 24 -9.16 11.08 -10.51
C LEU A 24 -9.46 10.16 -11.69
N GLN A 25 -10.68 10.25 -12.21
CA GLN A 25 -11.07 9.42 -13.35
C GLN A 25 -10.13 9.66 -14.53
N ASP A 26 -9.78 10.93 -14.75
CA ASP A 26 -8.90 11.28 -15.85
C ASP A 26 -7.55 10.59 -15.70
N ILE A 27 -7.03 10.60 -14.47
CA ILE A 27 -5.73 9.97 -14.22
C ILE A 27 -5.77 8.49 -14.62
N ILE A 28 -6.87 7.82 -14.29
CA ILE A 28 -6.99 6.40 -14.60
C ILE A 28 -6.86 6.19 -16.10
N GLN A 29 -7.59 6.98 -16.88
CA GLN A 29 -7.59 6.81 -18.33
C GLN A 29 -6.23 7.13 -18.94
N GLU A 30 -5.55 8.14 -18.40
CA GLU A 30 -4.29 8.60 -18.99
C GLU A 30 -3.18 7.56 -18.85
N ASN A 31 -3.04 6.96 -17.66
CA ASN A 31 -1.92 6.07 -17.39
C ASN A 31 -2.33 4.60 -17.35
N PHE A 32 -3.59 4.32 -17.01
CA PHE A 32 -4.04 2.95 -16.81
C PHE A 32 -5.21 2.64 -17.75
N PRO A 33 -4.96 2.48 -19.03
CA PRO A 33 -6.05 2.20 -20.01
C PRO A 33 -6.84 0.95 -19.61
N ASN A 34 -6.15 -0.04 -19.07
CA ASN A 34 -6.82 -1.28 -18.64
C ASN A 34 -7.88 -0.98 -17.59
N LEU A 35 -7.51 -0.23 -16.57
CA LEU A 35 -8.46 0.09 -15.50
C LEU A 35 -9.67 0.83 -16.07
N ALA A 36 -9.42 1.77 -16.96
CA ALA A 36 -10.49 2.56 -17.54
C ALA A 36 -11.45 1.67 -18.33
N ARG A 37 -10.91 0.70 -19.06
CA ARG A 37 -11.74 -0.20 -19.86
C ARG A 37 -12.69 -0.98 -18.98
N GLN A 38 -12.17 -1.51 -17.87
CA GLN A 38 -12.99 -2.25 -16.92
C GLN A 38 -14.17 -1.40 -16.44
N ALA A 39 -13.88 -0.16 -16.08
CA ALA A 39 -14.93 0.77 -15.65
C ALA A 39 -15.66 0.24 -14.42
N ASN A 40 -14.91 -0.36 -13.50
CA ASN A 40 -15.49 -0.88 -12.26
C ASN A 40 -14.84 -0.22 -11.04
N VAL A 41 -14.58 1.07 -11.15
CA VAL A 41 -13.95 1.81 -10.05
C VAL A 41 -15.01 2.53 -9.23
N GLN A 42 -15.11 2.17 -7.95
CA GLN A 42 -16.06 2.79 -7.05
C GLN A 42 -15.35 3.69 -6.05
N ILE A 43 -15.51 5.00 -6.19
CA ILE A 43 -14.88 5.95 -5.28
C ILE A 43 -15.89 6.45 -4.26
N GLN A 44 -15.47 6.54 -3.00
CA GLN A 44 -16.39 6.92 -1.94
C GLN A 44 -16.35 8.43 -1.70
N GLU A 45 -15.15 8.99 -1.60
CA GLU A 45 -15.01 10.41 -1.34
C GLU A 45 -13.64 10.94 -1.74
N ILE A 46 -13.61 12.17 -2.26
CA ILE A 46 -12.36 12.83 -2.60
C ILE A 46 -12.38 14.27 -2.08
N GLN A 47 -11.33 14.66 -1.38
CA GLN A 47 -11.28 16.01 -0.81
C GLN A 47 -9.86 16.57 -0.81
N ARG A 48 -9.76 17.89 -0.81
CA ARG A 48 -8.47 18.57 -0.77
C ARG A 48 -8.08 18.87 0.67
N THR A 49 -6.79 18.70 0.98
CA THR A 49 -6.28 18.99 2.32
C THR A 49 -4.95 19.75 2.24
N PRO A 50 -4.60 20.61 3.18
CA PRO A 50 -5.48 21.06 4.31
C PRO A 50 -6.51 22.07 3.83
N GLN A 51 -7.78 21.80 4.11
CA GLN A 51 -8.85 22.67 3.64
C GLN A 51 -8.67 24.10 4.12
N ARG A 52 -8.22 24.25 5.36
CA ARG A 52 -8.05 25.58 5.95
C ARG A 52 -6.75 26.27 5.52
N TYR A 53 -5.79 25.52 5.02
CA TYR A 53 -4.51 26.10 4.60
C TYR A 53 -4.59 26.54 3.14
N SER A 54 -4.47 27.85 2.92
CA SER A 54 -4.53 28.39 1.57
C SER A 54 -3.34 27.90 0.75
N SER A 55 -3.37 28.17 -0.55
CA SER A 55 -2.29 27.74 -1.43
C SER A 55 -1.18 28.79 -1.52
N ARG A 56 -0.95 29.50 -0.41
CA ARG A 56 0.11 30.52 -0.38
C ARG A 56 1.48 29.88 -0.48
N ARG A 57 1.65 28.73 0.19
CA ARG A 57 2.93 28.03 0.17
C ARG A 57 3.35 27.72 -1.27
N ALA A 58 4.66 27.55 -1.47
CA ALA A 58 5.20 27.29 -2.79
C ALA A 58 4.76 25.92 -3.31
N THR A 59 4.69 24.94 -2.41
CA THR A 59 4.34 23.58 -2.82
C THR A 59 2.82 23.43 -2.94
N PRO A 60 2.33 22.62 -3.85
CA PRO A 60 0.85 22.43 -4.01
C PRO A 60 0.25 21.54 -2.93
N ARG A 61 -0.99 21.82 -2.56
CA ARG A 61 -1.69 20.99 -1.58
C ARG A 61 -1.90 19.58 -2.14
N HIS A 62 -2.08 18.62 -1.25
CA HIS A 62 -2.30 17.23 -1.67
C HIS A 62 -3.79 16.91 -1.71
N ILE A 63 -4.15 15.94 -2.54
CA ILE A 63 -5.53 15.45 -2.58
C ILE A 63 -5.58 14.04 -2.02
N ILE A 64 -6.55 13.79 -1.13
CA ILE A 64 -6.70 12.46 -0.54
C ILE A 64 -7.94 11.78 -1.12
N VAL A 65 -7.74 10.55 -1.58
CA VAL A 65 -8.84 9.76 -2.15
C VAL A 65 -9.12 8.55 -1.27
N ARG A 66 -10.38 8.33 -0.95
CA ARG A 66 -10.79 7.14 -0.21
C ARG A 66 -11.61 6.23 -1.14
N PHE A 67 -11.08 5.05 -1.40
CA PHE A 67 -11.74 4.11 -2.30
C PHE A 67 -12.66 3.16 -1.52
N THR A 68 -13.71 2.69 -2.19
CA THR A 68 -14.65 1.78 -1.55
C THR A 68 -14.02 0.41 -1.37
N LYS A 69 -13.29 -0.05 -2.39
CA LYS A 69 -12.64 -1.35 -2.35
C LYS A 69 -11.14 -1.20 -2.09
N VAL A 70 -10.68 -1.66 -0.93
CA VAL A 70 -9.27 -1.59 -0.60
C VAL A 70 -8.43 -2.31 -1.66
N GLU A 71 -8.92 -3.45 -2.12
CA GLU A 71 -8.21 -4.22 -3.14
C GLU A 71 -8.03 -3.39 -4.40
N MET A 72 -9.06 -2.64 -4.77
CA MET A 72 -9.00 -1.82 -5.98
C MET A 72 -7.87 -0.80 -5.88
N LYS A 73 -7.78 -0.14 -4.73
CA LYS A 73 -6.75 0.86 -4.52
C LYS A 73 -5.36 0.24 -4.70
N GLU A 74 -5.17 -0.93 -4.12
CA GLU A 74 -3.88 -1.62 -4.21
C GLU A 74 -3.52 -1.86 -5.67
N LYS A 75 -4.48 -2.32 -6.44
CA LYS A 75 -4.25 -2.61 -7.85
C LYS A 75 -3.75 -1.35 -8.58
N MET A 76 -4.38 -0.22 -8.28
CA MET A 76 -3.99 1.03 -8.92
C MET A 76 -2.53 1.33 -8.66
N LEU A 77 -2.11 1.18 -7.41
CA LEU A 77 -0.71 1.46 -7.06
C LEU A 77 0.23 0.59 -7.87
N ARG A 78 -0.10 -0.69 -7.99
CA ARG A 78 0.74 -1.62 -8.73
C ARG A 78 0.88 -1.15 -10.17
N ALA A 79 -0.23 -0.74 -10.78
CA ALA A 79 -0.21 -0.31 -12.16
C ALA A 79 0.74 0.86 -12.35
N ALA A 80 0.71 1.80 -11.41
CA ALA A 80 1.58 2.97 -11.49
C ALA A 80 3.05 2.54 -11.48
N ARG A 81 3.38 1.62 -10.58
CA ARG A 81 4.76 1.15 -10.46
C ARG A 81 5.24 0.57 -11.78
N GLU A 82 4.37 -0.18 -12.45
CA GLU A 82 4.72 -0.81 -13.72
C GLU A 82 4.98 0.22 -14.81
N LYS A 83 4.07 1.19 -14.93
CA LYS A 83 4.17 2.19 -16.00
C LYS A 83 5.47 2.98 -15.87
N GLY A 84 5.84 3.31 -14.63
CA GLY A 84 7.08 4.04 -14.40
C GLY A 84 6.91 5.56 -14.56
N ARG A 85 5.81 6.01 -15.18
CA ARG A 85 5.59 7.44 -15.39
C ARG A 85 4.10 7.75 -15.37
N VAL A 86 3.65 8.42 -14.32
CA VAL A 86 2.23 8.82 -14.22
C VAL A 86 2.11 10.31 -14.49
N THR A 87 1.25 10.68 -15.43
CA THR A 87 1.10 12.08 -15.82
C THR A 87 -0.35 12.52 -15.80
N LEU A 88 -0.57 13.79 -15.50
CA LEU A 88 -1.89 14.40 -15.54
C LEU A 88 -1.89 15.55 -16.53
N LYS A 89 -2.69 15.42 -17.58
CA LYS A 89 -2.76 16.45 -18.61
C LYS A 89 -1.37 16.74 -19.20
N GLY A 90 -0.54 15.71 -19.29
CA GLY A 90 0.78 15.86 -19.93
C GLY A 90 1.88 16.31 -18.95
N LYS A 91 1.53 16.70 -17.73
CA LYS A 91 2.52 17.15 -16.76
C LYS A 91 2.84 16.03 -15.76
N PRO A 92 4.04 15.93 -15.26
CA PRO A 92 4.42 14.80 -14.35
C PRO A 92 3.82 14.94 -12.95
N ILE A 93 3.27 13.84 -12.44
CA ILE A 93 2.73 13.81 -11.10
C ILE A 93 3.18 12.54 -10.38
N ARG A 94 2.86 12.43 -9.09
CA ARG A 94 3.27 11.25 -8.31
C ARG A 94 2.08 10.64 -7.58
N LEU A 95 2.04 9.31 -7.55
CA LEU A 95 1.01 8.59 -6.82
C LEU A 95 1.65 7.65 -5.80
N THR A 96 1.31 7.84 -4.53
CA THR A 96 1.94 7.05 -3.48
C THR A 96 1.02 6.87 -2.28
N VAL A 97 1.53 6.22 -1.23
CA VAL A 97 0.78 6.05 0.01
C VAL A 97 1.74 6.11 1.20
N ASP A 98 1.34 6.85 2.23
CA ASP A 98 2.17 7.00 3.42
C ASP A 98 2.28 5.68 4.17
N LEU A 99 3.51 5.34 4.56
CA LEU A 99 3.75 4.09 5.29
C LEU A 99 2.98 4.10 6.61
N SER A 100 1.97 3.23 6.70
CA SER A 100 1.15 3.15 7.90
C SER A 100 1.80 2.24 8.94
N ALA A 101 1.51 2.48 10.21
CA ALA A 101 2.04 1.66 11.29
C ALA A 101 1.55 0.22 11.20
N GLU A 102 0.37 0.00 10.63
CA GLU A 102 -0.20 -1.34 10.54
C GLU A 102 0.75 -2.27 9.79
N THR A 103 1.38 -1.76 8.73
CA THR A 103 2.30 -2.57 7.95
C THR A 103 3.42 -3.12 8.83
N LEU A 104 4.02 -2.26 9.64
CA LEU A 104 5.11 -2.69 10.53
C LEU A 104 4.64 -3.82 11.44
N GLN A 105 3.47 -3.65 12.04
CA GLN A 105 2.93 -4.67 12.93
C GLN A 105 2.82 -6.02 12.21
N ALA A 106 2.35 -5.98 10.98
CA ALA A 106 2.18 -7.19 10.19
C ALA A 106 3.51 -7.93 10.03
N ARG A 107 4.55 -7.17 9.69
CA ARG A 107 5.86 -7.77 9.49
C ARG A 107 6.32 -8.50 10.74
N ARG A 108 6.12 -7.88 11.89
CA ARG A 108 6.50 -8.48 13.17
C ARG A 108 5.74 -9.78 13.41
N GLU A 109 4.47 -9.81 13.02
CA GLU A 109 3.64 -10.99 13.19
C GLU A 109 4.17 -12.17 12.39
N TRP A 110 4.68 -11.89 11.19
CA TRP A 110 5.27 -12.95 10.35
C TRP A 110 6.63 -13.46 10.88
N GLY A 111 7.10 -12.96 12.01
CA GLY A 111 8.42 -13.30 12.51
C GLY A 111 8.61 -14.82 12.62
N PRO A 112 7.77 -15.51 13.36
CA PRO A 112 7.96 -16.98 13.58
C PRO A 112 8.09 -17.76 12.27
N ILE A 113 7.18 -17.52 11.34
CA ILE A 113 7.16 -18.26 10.08
C ILE A 113 8.49 -18.06 9.35
N PHE A 114 8.93 -16.80 9.28
CA PHE A 114 10.14 -16.48 8.54
C PHE A 114 11.34 -17.25 9.10
N ASN A 115 11.49 -17.24 10.41
CA ASN A 115 12.65 -17.83 11.05
C ASN A 115 12.72 -19.33 10.78
N ILE A 116 11.62 -20.03 10.99
CA ILE A 116 11.59 -21.48 10.82
C ILE A 116 11.99 -21.83 9.39
N LEU A 117 11.40 -21.14 8.43
CA LEU A 117 11.69 -21.42 7.03
C LEU A 117 13.18 -21.24 6.75
N LYS A 118 13.79 -20.23 7.35
CA LYS A 118 15.21 -19.98 7.15
C LYS A 118 16.02 -21.20 7.57
N GLU A 119 15.74 -21.70 8.77
CA GLU A 119 16.47 -22.85 9.29
C GLU A 119 16.34 -24.05 8.35
N LYS A 120 15.16 -24.25 7.81
CA LYS A 120 14.89 -25.41 6.97
C LYS A 120 15.28 -25.21 5.50
N ASN A 121 16.14 -24.23 5.21
CA ASN A 121 16.64 -24.04 3.85
C ASN A 121 15.52 -23.74 2.86
N PHE A 122 14.47 -23.05 3.34
CA PHE A 122 13.38 -22.62 2.46
C PHE A 122 13.66 -21.26 1.79
N GLN A 123 14.66 -20.52 2.27
CA GLN A 123 14.98 -19.22 1.71
C GLN A 123 13.78 -18.27 1.81
N PRO A 124 13.29 -18.00 3.01
CA PRO A 124 12.14 -17.08 3.18
C PRO A 124 12.53 -15.62 3.01
N ARG A 125 11.70 -14.89 2.27
CA ARG A 125 11.92 -13.46 2.07
C ARG A 125 10.61 -12.69 2.24
N ILE A 126 10.71 -11.44 2.69
CA ILE A 126 9.52 -10.61 2.89
C ILE A 126 9.49 -9.47 1.87
N SER A 127 8.30 -9.16 1.39
CA SER A 127 8.12 -8.07 0.44
C SER A 127 7.05 -7.11 0.94
N TYR A 128 7.19 -5.83 0.57
CA TYR A 128 6.22 -4.82 1.00
C TYR A 128 4.84 -5.15 0.42
N PRO A 129 3.74 -4.93 1.11
CA PRO A 129 3.68 -4.42 2.52
C PRO A 129 4.21 -5.44 3.53
N ALA A 130 3.57 -6.62 3.55
CA ALA A 130 3.96 -7.67 4.49
C ALA A 130 3.62 -9.04 3.91
N LYS A 131 3.88 -9.21 2.62
CA LYS A 131 3.61 -10.48 1.95
C LYS A 131 4.76 -11.46 2.20
N LEU A 132 4.43 -12.73 2.32
CA LEU A 132 5.43 -13.77 2.58
C LEU A 132 5.65 -14.62 1.34
N SER A 133 6.91 -14.74 0.92
CA SER A 133 7.24 -15.56 -0.24
C SER A 133 8.43 -16.47 0.08
N PHE A 134 8.39 -17.70 -0.43
CA PHE A 134 9.49 -18.63 -0.22
C PHE A 134 9.50 -19.71 -1.28
N ILE A 135 10.57 -20.51 -1.31
CA ILE A 135 10.73 -21.55 -2.33
C ILE A 135 10.42 -22.92 -1.74
N SER A 136 9.48 -23.62 -2.37
CA SER A 136 9.11 -24.96 -1.94
C SER A 136 9.00 -25.91 -3.14
N GLU A 137 9.52 -27.12 -2.99
CA GLU A 137 9.42 -28.12 -4.05
C GLU A 137 9.95 -27.60 -5.40
N GLY A 138 10.79 -26.56 -5.38
CA GLY A 138 11.42 -26.08 -6.60
C GLY A 138 10.74 -24.86 -7.23
N GLU A 139 9.50 -24.57 -6.82
CA GLU A 139 8.76 -23.45 -7.39
C GLU A 139 8.52 -22.38 -6.32
N ILE A 140 8.30 -21.14 -6.76
CA ILE A 140 8.11 -20.04 -5.83
C ILE A 140 6.62 -19.85 -5.56
N LYS A 141 6.26 -19.76 -4.28
CA LYS A 141 4.87 -19.57 -3.88
C LYS A 141 4.73 -18.30 -3.04
N TYR A 142 3.61 -17.60 -3.23
CA TYR A 142 3.36 -16.34 -2.53
C TYR A 142 2.03 -16.38 -1.78
N PHE A 143 2.03 -15.88 -0.55
CA PHE A 143 0.80 -15.73 0.22
C PHE A 143 0.72 -14.32 0.80
N ILE A 144 -0.46 -13.72 0.77
CA ILE A 144 -0.62 -12.36 1.26
C ILE A 144 -1.04 -12.35 2.72
N ASP A 145 -1.98 -13.22 3.08
CA ASP A 145 -2.49 -13.28 4.44
C ASP A 145 -2.17 -14.61 5.09
N LYS A 146 -1.96 -14.60 6.40
CA LYS A 146 -1.68 -15.83 7.14
C LYS A 146 -2.77 -16.87 6.90
N GLN A 147 -4.01 -16.42 6.70
CA GLN A 147 -5.12 -17.34 6.43
C GLN A 147 -4.79 -18.22 5.23
N MET A 148 -4.19 -17.62 4.21
CA MET A 148 -3.79 -18.36 3.03
C MET A 148 -2.79 -19.44 3.39
N LEU A 149 -1.85 -19.12 4.27
CA LEU A 149 -0.82 -20.08 4.66
C LEU A 149 -1.46 -21.32 5.27
N ARG A 150 -2.49 -21.12 6.08
CA ARG A 150 -3.18 -22.25 6.71
C ARG A 150 -3.80 -23.14 5.63
N ASP A 151 -4.59 -22.53 4.76
CA ASP A 151 -5.24 -23.27 3.69
C ASP A 151 -4.23 -24.07 2.85
N PHE A 152 -3.02 -23.52 2.71
CA PHE A 152 -1.98 -24.14 1.90
C PHE A 152 -1.37 -25.36 2.61
N VAL A 153 -0.99 -25.20 3.88
CA VAL A 153 -0.32 -26.29 4.59
C VAL A 153 -1.20 -27.53 4.70
N THR A 154 -2.52 -27.34 4.74
CA THR A 154 -3.44 -28.47 4.84
C THR A 154 -3.15 -29.57 3.81
N THR A 155 -2.48 -29.23 2.71
CA THR A 155 -2.23 -30.20 1.64
C THR A 155 -0.79 -30.70 1.58
N ARG A 156 0.00 -30.46 2.62
CA ARG A 156 1.38 -30.91 2.68
C ARG A 156 1.79 -31.17 4.13
N PRO A 157 1.46 -32.31 4.70
CA PRO A 157 1.61 -32.52 6.18
C PRO A 157 2.98 -32.12 6.72
N ALA A 158 4.05 -32.37 5.97
CA ALA A 158 5.39 -31.99 6.42
C ALA A 158 5.45 -30.49 6.70
N LEU A 159 4.88 -29.71 5.80
CA LEU A 159 4.87 -28.25 5.96
C LEU A 159 3.99 -27.84 7.14
N LYS A 160 2.88 -28.55 7.34
CA LYS A 160 1.96 -28.21 8.41
C LYS A 160 2.65 -28.30 9.76
N GLU A 161 3.35 -29.39 9.99
CA GLU A 161 4.01 -29.60 11.29
C GLU A 161 5.11 -28.59 11.52
N LEU A 162 5.83 -28.22 10.46
CA LEU A 162 6.91 -27.24 10.57
C LEU A 162 6.37 -25.87 11.00
N LEU A 163 5.31 -25.43 10.34
CA LEU A 163 4.79 -24.08 10.56
C LEU A 163 3.71 -24.01 11.66
N LYS A 164 3.19 -25.15 12.10
CA LYS A 164 2.13 -25.20 13.11
C LYS A 164 2.35 -24.22 14.26
N GLU A 165 3.58 -24.16 14.77
CA GLU A 165 3.89 -23.27 15.87
C GLU A 165 3.91 -21.81 15.43
N ALA A 166 4.40 -21.56 14.21
CA ALA A 166 4.53 -20.20 13.71
C ALA A 166 3.16 -19.53 13.55
N LEU A 167 2.19 -20.30 13.04
CA LEU A 167 0.85 -19.76 12.82
C LEU A 167 -0.01 -19.78 14.09
N ASN A 168 0.45 -20.45 15.15
CA ASN A 168 -0.30 -20.49 16.41
C ASN A 168 -1.64 -21.19 16.21
N MET A 169 -1.61 -22.32 15.50
CA MET A 169 -2.83 -23.09 15.26
C MET A 169 -2.99 -24.17 16.32
N GLU A 170 -2.69 -23.82 17.57
CA GLU A 170 -2.80 -24.78 18.68
C GLU A 170 -4.14 -24.64 19.38
N ARG A 171 -5.20 -24.36 18.63
CA ARG A 171 -6.53 -24.23 19.21
C ARG A 171 -7.00 -25.55 19.79
N ASN A 172 -6.72 -26.64 19.09
CA ASN A 172 -7.13 -27.97 19.55
C ASN A 172 -6.41 -28.32 20.85
N ASN A 173 -6.79 -29.44 21.45
CA ASN A 173 -6.19 -29.87 22.71
C ASN A 173 -4.72 -30.24 22.49
N ARG A 174 -3.90 -30.02 23.51
CA ARG A 174 -2.48 -30.33 23.41
C ARG A 174 -2.27 -31.82 23.11
N TYR A 175 -3.09 -32.67 23.73
CA TYR A 175 -2.98 -34.10 23.51
C TYR A 175 -3.15 -34.44 22.04
N GLN A 176 -4.09 -33.77 21.39
CA GLN A 176 -4.35 -34.01 19.97
C GLN A 176 -3.25 -33.40 19.11
N MET A 1 -6.59 0.08 5.71
CA MET A 1 -6.80 1.43 5.13
C MET A 1 -6.96 1.31 3.61
N GLY A 2 -7.69 2.25 3.02
CA GLY A 2 -7.91 2.23 1.57
C GLY A 2 -7.85 3.65 1.01
N ASN A 3 -6.84 4.41 1.42
CA ASN A 3 -6.67 5.78 0.96
C ASN A 3 -5.40 5.92 0.13
N LEU A 4 -5.48 6.70 -0.95
CA LEU A 4 -4.32 6.92 -1.82
C LEU A 4 -3.98 8.40 -1.84
N ARG A 5 -2.69 8.72 -2.03
CA ARG A 5 -2.26 10.12 -2.03
C ARG A 5 -1.89 10.56 -3.45
N LEU A 6 -2.50 11.66 -3.88
CA LEU A 6 -2.20 12.24 -5.18
C LEU A 6 -1.44 13.55 -4.98
N ILE A 7 -0.19 13.58 -5.44
CA ILE A 7 0.69 14.74 -5.22
C ILE A 7 1.00 15.42 -6.54
N GLY A 8 0.84 16.75 -6.57
CA GLY A 8 1.28 17.54 -7.73
C GLY A 8 0.10 18.04 -8.56
N VAL A 9 -1.08 18.19 -7.96
CA VAL A 9 -2.24 18.68 -8.68
C VAL A 9 -2.30 20.21 -8.60
N PRO A 10 -2.59 20.92 -9.67
CA PRO A 10 -2.61 22.42 -9.64
C PRO A 10 -3.58 22.97 -8.60
N GLU A 11 -3.39 24.22 -8.23
CA GLU A 11 -4.28 24.90 -7.29
C GLU A 11 -5.17 25.89 -8.04
N SER A 12 -6.45 25.93 -7.68
CA SER A 12 -7.38 26.83 -8.34
C SER A 12 -8.52 27.24 -7.40
N ASP A 13 -8.81 28.53 -7.37
CA ASP A 13 -9.86 29.04 -6.48
C ASP A 13 -11.18 28.32 -6.70
N VAL A 14 -11.47 27.96 -7.94
CA VAL A 14 -12.76 27.32 -8.25
C VAL A 14 -12.80 25.82 -7.93
N GLU A 15 -11.85 25.34 -7.14
CA GLU A 15 -11.81 23.92 -6.79
C GLU A 15 -13.07 23.52 -6.03
N ASN A 16 -13.64 22.38 -6.43
CA ASN A 16 -14.83 21.86 -5.77
C ASN A 16 -14.86 20.33 -5.89
N GLY A 17 -15.56 19.68 -4.98
CA GLY A 17 -15.58 18.21 -4.92
C GLY A 17 -15.80 17.56 -6.28
N THR A 18 -16.79 18.04 -7.02
CA THR A 18 -17.14 17.44 -8.30
C THR A 18 -15.94 17.42 -9.26
N LYS A 19 -15.31 18.58 -9.43
CA LYS A 19 -14.16 18.67 -10.35
C LYS A 19 -13.07 17.70 -9.93
N LEU A 20 -12.82 17.62 -8.62
CA LEU A 20 -11.81 16.70 -8.11
C LEU A 20 -12.08 15.27 -8.56
N GLU A 21 -13.33 14.83 -8.45
CA GLU A 21 -13.68 13.46 -8.81
C GLU A 21 -13.36 13.21 -10.29
N ASN A 22 -13.74 14.15 -11.14
CA ASN A 22 -13.47 14.02 -12.57
C ASN A 22 -11.96 13.89 -12.80
N THR A 23 -11.19 14.69 -12.07
CA THR A 23 -9.73 14.64 -12.19
C THR A 23 -9.20 13.22 -11.99
N LEU A 24 -9.62 12.56 -10.93
CA LEU A 24 -9.13 11.21 -10.64
C LEU A 24 -9.45 10.28 -11.80
N GLN A 25 -10.69 10.36 -12.30
CA GLN A 25 -11.09 9.53 -13.43
C GLN A 25 -10.16 9.75 -14.62
N ASP A 26 -9.80 11.01 -14.86
CA ASP A 26 -8.93 11.35 -15.97
C ASP A 26 -7.58 10.64 -15.83
N ILE A 27 -7.02 10.66 -14.63
CA ILE A 27 -5.73 10.01 -14.39
C ILE A 27 -5.80 8.54 -14.77
N ILE A 28 -6.91 7.89 -14.42
CA ILE A 28 -7.08 6.47 -14.72
C ILE A 28 -6.96 6.23 -16.22
N GLN A 29 -7.71 7.00 -17.00
CA GLN A 29 -7.71 6.82 -18.45
C GLN A 29 -6.37 7.16 -19.07
N GLU A 30 -5.68 8.16 -18.50
CA GLU A 30 -4.44 8.66 -19.09
C GLU A 30 -3.30 7.63 -18.99
N ASN A 31 -3.15 7.01 -17.83
CA ASN A 31 -2.00 6.11 -17.59
C ASN A 31 -2.41 4.65 -17.38
N PHE A 32 -3.67 4.39 -17.06
CA PHE A 32 -4.13 3.03 -16.79
C PHE A 32 -5.30 2.67 -17.72
N PRO A 33 -5.04 2.48 -19.00
CA PRO A 33 -6.13 2.13 -19.96
C PRO A 33 -6.87 0.86 -19.54
N ASN A 34 -6.15 -0.07 -18.95
CA ASN A 34 -6.75 -1.32 -18.49
C ASN A 34 -7.85 -1.04 -17.47
N LEU A 35 -7.53 -0.25 -16.45
CA LEU A 35 -8.51 0.06 -15.41
C LEU A 35 -9.74 0.72 -16.03
N ALA A 36 -9.51 1.65 -16.94
CA ALA A 36 -10.61 2.38 -17.57
C ALA A 36 -11.52 1.42 -18.33
N ARG A 37 -10.93 0.44 -19.01
CA ARG A 37 -11.69 -0.52 -19.80
C ARG A 37 -12.64 -1.32 -18.92
N GLN A 38 -12.11 -1.79 -17.79
CA GLN A 38 -12.93 -2.56 -16.85
C GLN A 38 -14.15 -1.75 -16.42
N ALA A 39 -13.92 -0.49 -16.06
CA ALA A 39 -15.01 0.40 -15.67
C ALA A 39 -15.69 -0.10 -14.40
N ASN A 40 -14.90 -0.64 -13.48
CA ASN A 40 -15.43 -1.12 -12.20
C ASN A 40 -14.83 -0.31 -11.05
N VAL A 41 -14.72 1.00 -11.25
CA VAL A 41 -14.14 1.86 -10.24
C VAL A 41 -15.23 2.52 -9.40
N GLN A 42 -15.16 2.35 -8.08
CA GLN A 42 -16.13 2.95 -7.18
C GLN A 42 -15.42 3.84 -6.17
N ILE A 43 -15.60 5.15 -6.29
CA ILE A 43 -14.95 6.10 -5.39
C ILE A 43 -15.96 6.63 -4.38
N GLN A 44 -15.54 6.72 -3.12
CA GLN A 44 -16.44 7.15 -2.06
C GLN A 44 -16.34 8.66 -1.85
N GLU A 45 -15.11 9.16 -1.72
CA GLU A 45 -14.91 10.58 -1.47
C GLU A 45 -13.55 11.07 -1.96
N ILE A 46 -13.52 12.27 -2.53
CA ILE A 46 -12.27 12.90 -2.93
C ILE A 46 -12.26 14.36 -2.50
N GLN A 47 -11.20 14.78 -1.83
CA GLN A 47 -11.11 16.17 -1.35
C GLN A 47 -9.67 16.58 -1.08
N ARG A 48 -9.42 17.89 -1.08
CA ARG A 48 -8.09 18.42 -0.78
C ARG A 48 -7.95 18.59 0.73
N THR A 49 -6.77 18.25 1.26
CA THR A 49 -6.53 18.34 2.70
C THR A 49 -5.36 19.31 2.98
N PRO A 50 -5.49 20.32 3.83
CA PRO A 50 -6.76 20.75 4.48
C PRO A 50 -7.65 21.54 3.51
N GLN A 51 -8.90 21.11 3.38
CA GLN A 51 -9.80 21.71 2.39
C GLN A 51 -10.13 23.16 2.75
N ARG A 52 -10.33 23.42 4.03
CA ARG A 52 -10.78 24.75 4.46
C ARG A 52 -9.61 25.66 4.88
N TYR A 53 -8.44 25.08 5.18
CA TYR A 53 -7.29 25.87 5.60
C TYR A 53 -6.34 26.09 4.43
N SER A 54 -6.03 27.35 4.15
CA SER A 54 -5.11 27.67 3.06
C SER A 54 -3.67 27.52 3.54
N SER A 55 -2.84 26.91 2.69
CA SER A 55 -1.43 26.70 3.04
C SER A 55 -0.57 27.87 2.58
N ARG A 56 -0.08 28.65 3.55
CA ARG A 56 0.78 29.78 3.23
C ARG A 56 2.06 29.32 2.54
N ARG A 57 2.59 28.17 2.96
CA ARG A 57 3.82 27.64 2.38
C ARG A 57 3.70 27.52 0.87
N ALA A 58 4.83 27.64 0.17
CA ALA A 58 4.84 27.57 -1.28
C ALA A 58 4.52 26.17 -1.81
N THR A 59 4.67 25.14 -0.97
CA THR A 59 4.45 23.77 -1.43
C THR A 59 2.96 23.54 -1.71
N PRO A 60 2.61 22.72 -2.69
CA PRO A 60 1.18 22.48 -3.04
C PRO A 60 0.50 21.52 -2.07
N ARG A 61 -0.79 21.74 -1.84
CA ARG A 61 -1.57 20.84 -0.99
C ARG A 61 -1.75 19.50 -1.68
N HIS A 62 -2.02 18.46 -0.90
CA HIS A 62 -2.22 17.13 -1.45
C HIS A 62 -3.71 16.79 -1.53
N ILE A 63 -4.07 15.92 -2.46
CA ILE A 63 -5.45 15.45 -2.56
C ILE A 63 -5.54 14.01 -2.04
N ILE A 64 -6.53 13.75 -1.20
CA ILE A 64 -6.72 12.40 -0.66
C ILE A 64 -7.92 11.74 -1.32
N VAL A 65 -7.71 10.50 -1.75
CA VAL A 65 -8.77 9.72 -2.38
C VAL A 65 -9.10 8.52 -1.50
N ARG A 66 -10.36 8.38 -1.14
CA ARG A 66 -10.83 7.22 -0.39
C ARG A 66 -11.64 6.31 -1.31
N PHE A 67 -11.14 5.10 -1.54
CA PHE A 67 -11.79 4.17 -2.45
C PHE A 67 -12.72 3.24 -1.68
N THR A 68 -13.76 2.76 -2.36
CA THR A 68 -14.70 1.84 -1.74
C THR A 68 -14.05 0.51 -1.42
N LYS A 69 -13.19 0.04 -2.33
CA LYS A 69 -12.53 -1.26 -2.15
C LYS A 69 -11.03 -1.09 -1.94
N VAL A 70 -10.56 -1.51 -0.76
CA VAL A 70 -9.14 -1.43 -0.46
C VAL A 70 -8.32 -2.20 -1.50
N GLU A 71 -8.82 -3.37 -1.89
CA GLU A 71 -8.14 -4.18 -2.89
C GLU A 71 -7.96 -3.40 -4.19
N MET A 72 -8.99 -2.66 -4.57
CA MET A 72 -8.94 -1.88 -5.81
C MET A 72 -7.79 -0.88 -5.76
N LYS A 73 -7.69 -0.18 -4.63
CA LYS A 73 -6.62 0.81 -4.48
C LYS A 73 -5.25 0.16 -4.66
N GLU A 74 -5.07 -1.01 -4.06
CA GLU A 74 -3.80 -1.71 -4.15
C GLU A 74 -3.46 -1.99 -5.61
N LYS A 75 -4.44 -2.43 -6.37
CA LYS A 75 -4.23 -2.75 -7.78
C LYS A 75 -3.71 -1.51 -8.52
N MET A 76 -4.33 -0.37 -8.24
CA MET A 76 -3.94 0.87 -8.90
C MET A 76 -2.46 1.17 -8.65
N LEU A 77 -2.03 0.97 -7.41
CA LEU A 77 -0.64 1.23 -7.05
C LEU A 77 0.29 0.38 -7.90
N ARG A 78 -0.03 -0.90 -8.03
CA ARG A 78 0.80 -1.82 -8.80
C ARG A 78 0.93 -1.33 -10.24
N ALA A 79 -0.20 -0.90 -10.81
CA ALA A 79 -0.19 -0.43 -12.19
C ALA A 79 0.76 0.74 -12.36
N ALA A 80 0.72 1.67 -11.41
CA ALA A 80 1.59 2.84 -11.48
C ALA A 80 3.05 2.43 -11.48
N ARG A 81 3.40 1.49 -10.60
CA ARG A 81 4.77 1.03 -10.49
C ARG A 81 5.26 0.47 -11.83
N GLU A 82 4.38 -0.26 -12.50
CA GLU A 82 4.74 -0.88 -13.78
C GLU A 82 5.01 0.18 -14.85
N LYS A 83 4.10 1.14 -14.96
CA LYS A 83 4.22 2.17 -16.00
C LYS A 83 5.50 2.97 -15.82
N GLY A 84 5.85 3.28 -14.57
CA GLY A 84 7.06 4.03 -14.29
C GLY A 84 6.87 5.55 -14.39
N ARG A 85 5.78 5.99 -15.01
CA ARG A 85 5.52 7.43 -15.15
C ARG A 85 4.02 7.70 -15.20
N VAL A 86 3.53 8.54 -14.28
CA VAL A 86 2.13 8.91 -14.24
C VAL A 86 1.98 10.41 -14.46
N THR A 87 1.07 10.80 -15.35
CA THR A 87 0.90 12.20 -15.70
C THR A 87 -0.56 12.64 -15.58
N LEU A 88 -0.76 13.92 -15.27
CA LEU A 88 -2.09 14.52 -15.23
C LEU A 88 -2.14 15.65 -16.26
N LYS A 89 -2.96 15.46 -17.29
CA LYS A 89 -3.09 16.49 -18.32
C LYS A 89 -1.73 16.83 -18.94
N GLY A 90 -0.87 15.84 -19.08
CA GLY A 90 0.42 16.04 -19.74
C GLY A 90 1.54 16.48 -18.81
N LYS A 91 1.22 16.85 -17.56
CA LYS A 91 2.24 17.30 -16.62
C LYS A 91 2.61 16.17 -15.65
N PRO A 92 3.84 16.08 -15.21
CA PRO A 92 4.26 14.94 -14.33
C PRO A 92 3.74 15.06 -12.90
N ILE A 93 3.22 13.96 -12.38
CA ILE A 93 2.75 13.91 -10.99
C ILE A 93 3.25 12.65 -10.31
N ARG A 94 2.96 12.52 -9.01
CA ARG A 94 3.40 11.35 -8.25
C ARG A 94 2.23 10.71 -7.51
N LEU A 95 2.22 9.38 -7.49
CA LEU A 95 1.18 8.64 -6.77
C LEU A 95 1.81 7.71 -5.74
N THR A 96 1.45 7.88 -4.47
CA THR A 96 2.05 7.09 -3.41
C THR A 96 1.07 6.90 -2.25
N VAL A 97 1.52 6.19 -1.22
CA VAL A 97 0.73 6.03 -0.01
C VAL A 97 1.62 6.08 1.24
N ASP A 98 1.01 6.32 2.39
CA ASP A 98 1.77 6.43 3.63
C ASP A 98 1.82 5.08 4.35
N LEU A 99 3.03 4.62 4.65
CA LEU A 99 3.20 3.35 5.36
C LEU A 99 4.44 3.41 6.25
N SER A 100 4.26 3.19 7.55
CA SER A 100 5.36 3.27 8.49
C SER A 100 6.24 2.02 8.42
N ALA A 101 7.48 2.20 7.96
CA ALA A 101 8.42 1.09 7.88
C ALA A 101 8.85 0.61 9.28
N GLU A 102 8.92 1.54 10.24
CA GLU A 102 9.39 1.21 11.57
C GLU A 102 8.54 0.11 12.19
N THR A 103 7.23 0.17 11.96
CA THR A 103 6.33 -0.83 12.53
C THR A 103 6.74 -2.24 12.11
N LEU A 104 6.94 -2.43 10.81
CA LEU A 104 7.33 -3.75 10.30
C LEU A 104 8.62 -4.22 10.96
N GLN A 105 9.60 -3.33 11.07
CA GLN A 105 10.87 -3.67 11.69
C GLN A 105 10.66 -4.17 13.11
N ALA A 106 9.78 -3.51 13.85
CA ALA A 106 9.52 -3.88 15.23
C ALA A 106 9.00 -5.31 15.31
N ARG A 107 8.05 -5.64 14.46
CA ARG A 107 7.45 -6.98 14.47
C ARG A 107 8.52 -8.04 14.25
N ARG A 108 9.42 -7.78 13.29
CA ARG A 108 10.49 -8.71 12.98
C ARG A 108 11.38 -8.95 14.20
N GLU A 109 11.66 -7.88 14.93
CA GLU A 109 12.51 -7.97 16.11
C GLU A 109 11.88 -8.88 17.17
N TRP A 110 10.57 -8.74 17.36
CA TRP A 110 9.87 -9.58 18.33
C TRP A 110 9.67 -11.03 17.87
N GLY A 111 10.13 -11.38 16.68
CA GLY A 111 9.91 -12.71 16.12
C GLY A 111 10.33 -13.81 17.10
N PRO A 112 11.58 -13.86 17.51
CA PRO A 112 12.07 -14.95 18.40
C PRO A 112 11.22 -15.11 19.65
N ILE A 113 10.99 -14.02 20.38
CA ILE A 113 10.24 -14.09 21.63
C ILE A 113 8.86 -14.69 21.39
N PHE A 114 8.19 -14.24 20.35
CA PHE A 114 6.83 -14.68 20.07
C PHE A 114 6.78 -16.19 19.87
N ASN A 115 7.69 -16.70 19.04
CA ASN A 115 7.67 -18.11 18.69
C ASN A 115 7.87 -18.99 19.91
N ILE A 116 8.88 -18.66 20.72
CA ILE A 116 9.20 -19.47 21.89
C ILE A 116 7.98 -19.53 22.82
N LEU A 117 7.39 -18.38 23.08
CA LEU A 117 6.23 -18.33 23.97
C LEU A 117 5.11 -19.23 23.45
N LYS A 118 4.91 -19.24 22.13
CA LYS A 118 3.88 -20.06 21.53
C LYS A 118 4.09 -21.53 21.89
N GLU A 119 5.32 -21.99 21.70
CA GLU A 119 5.64 -23.40 21.98
C GLU A 119 5.34 -23.74 23.43
N LYS A 120 5.67 -22.83 24.33
CA LYS A 120 5.51 -23.08 25.76
C LYS A 120 4.10 -22.79 26.28
N ASN A 121 3.10 -22.74 25.39
CA ASN A 121 1.72 -22.57 25.83
C ASN A 121 1.51 -21.25 26.58
N PHE A 122 2.26 -20.22 26.20
CA PHE A 122 2.08 -18.88 26.79
C PHE A 122 1.01 -18.07 26.04
N GLN A 123 0.59 -18.50 24.85
CA GLN A 123 -0.41 -17.78 24.07
C GLN A 123 0.08 -16.36 23.77
N PRO A 124 1.19 -16.20 23.08
CA PRO A 124 1.71 -14.84 22.75
C PRO A 124 0.93 -14.19 21.61
N ARG A 125 0.61 -12.92 21.79
CA ARG A 125 -0.09 -12.15 20.76
C ARG A 125 0.53 -10.77 20.60
N ILE A 126 0.44 -10.22 19.39
CA ILE A 126 1.00 -8.90 19.12
C ILE A 126 -0.11 -7.89 18.85
N SER A 127 0.06 -6.68 19.35
CA SER A 127 -0.90 -5.61 19.14
C SER A 127 -0.20 -4.38 18.56
N TYR A 128 -0.89 -3.65 17.69
CA TYR A 128 -0.31 -2.46 17.08
C TYR A 128 0.08 -1.46 18.18
N PRO A 129 1.16 -0.70 18.05
CA PRO A 129 2.16 -0.78 16.93
C PRO A 129 2.96 -2.08 16.95
N ALA A 130 3.67 -2.30 18.06
CA ALA A 130 4.50 -3.49 18.18
C ALA A 130 4.63 -3.91 19.65
N LYS A 131 3.53 -3.80 20.39
CA LYS A 131 3.53 -4.18 21.80
C LYS A 131 3.37 -5.69 21.94
N LEU A 132 4.06 -6.26 22.93
CA LEU A 132 4.02 -7.70 23.15
C LEU A 132 3.19 -8.00 24.40
N SER A 133 2.20 -8.87 24.26
CA SER A 133 1.37 -9.27 25.41
C SER A 133 1.19 -10.78 25.43
N PHE A 134 1.20 -11.36 26.63
CA PHE A 134 0.99 -12.79 26.77
C PHE A 134 0.47 -13.14 28.17
N ILE A 135 0.05 -14.39 28.35
CA ILE A 135 -0.52 -14.83 29.62
C ILE A 135 0.42 -15.80 30.32
N SER A 136 0.81 -15.46 31.55
CA SER A 136 1.70 -16.32 32.32
C SER A 136 1.21 -16.46 33.75
N GLU A 137 1.24 -17.68 34.27
CA GLU A 137 0.86 -17.94 35.65
C GLU A 137 -0.53 -17.38 35.98
N GLY A 138 -1.40 -17.24 34.98
CA GLY A 138 -2.78 -16.84 35.23
C GLY A 138 -3.02 -15.33 35.12
N GLU A 139 -1.95 -14.53 35.07
CA GLU A 139 -2.08 -13.08 34.98
C GLU A 139 -1.56 -12.58 33.64
N ILE A 140 -2.09 -11.45 33.18
CA ILE A 140 -1.69 -10.90 31.89
C ILE A 140 -0.57 -9.88 32.07
N LYS A 141 0.47 -9.99 31.25
CA LYS A 141 1.59 -9.07 31.31
C LYS A 141 1.78 -8.36 29.97
N TYR A 142 2.07 -7.06 30.03
CA TYR A 142 2.26 -6.25 28.83
C TYR A 142 3.60 -5.53 28.87
N PHE A 143 4.31 -5.54 27.75
CA PHE A 143 5.57 -4.82 27.63
C PHE A 143 5.61 -4.08 26.29
N ILE A 144 6.11 -2.85 26.31
CA ILE A 144 6.16 -2.04 25.09
C ILE A 144 7.51 -2.20 24.39
N ASP A 145 8.59 -2.17 25.17
CA ASP A 145 9.93 -2.27 24.61
C ASP A 145 10.63 -3.52 25.13
N LYS A 146 11.54 -4.06 24.31
CA LYS A 146 12.33 -5.22 24.73
C LYS A 146 13.04 -4.97 26.06
N GLN A 147 13.43 -3.72 26.31
CA GLN A 147 14.11 -3.38 27.55
C GLN A 147 13.26 -3.77 28.75
N MET A 148 11.95 -3.52 28.65
CA MET A 148 11.03 -3.90 29.72
C MET A 148 11.06 -5.39 29.94
N LEU A 149 11.07 -6.16 28.85
CA LEU A 149 11.07 -7.61 28.96
C LEU A 149 12.27 -8.11 29.77
N ARG A 150 13.42 -7.47 29.57
CA ARG A 150 14.62 -7.84 30.31
C ARG A 150 14.43 -7.60 31.80
N ASP A 151 14.02 -6.38 32.14
CA ASP A 151 13.79 -6.03 33.54
C ASP A 151 12.80 -7.00 34.21
N PHE A 152 11.85 -7.50 33.43
CA PHE A 152 10.83 -8.40 33.94
C PHE A 152 11.39 -9.80 34.21
N VAL A 153 12.09 -10.38 33.24
CA VAL A 153 12.60 -11.74 33.40
C VAL A 153 13.55 -11.87 34.59
N THR A 154 14.27 -10.80 34.91
CA THR A 154 15.21 -10.84 36.04
C THR A 154 14.58 -11.39 37.31
N THR A 155 13.26 -11.34 37.45
CA THR A 155 12.59 -11.77 38.68
C THR A 155 11.86 -13.11 38.53
N ARG A 156 12.15 -13.86 37.48
CA ARG A 156 11.53 -15.17 37.29
C ARG A 156 12.48 -16.09 36.51
N PRO A 157 13.44 -16.71 37.16
CA PRO A 157 14.55 -17.41 36.44
C PRO A 157 14.08 -18.34 35.33
N ALA A 158 12.96 -19.03 35.53
CA ALA A 158 12.44 -19.93 34.50
C ALA A 158 12.19 -19.17 33.21
N LEU A 159 11.57 -18.00 33.32
CA LEU A 159 11.26 -17.19 32.16
C LEU A 159 12.54 -16.66 31.50
N LYS A 160 13.54 -16.33 32.32
CA LYS A 160 14.79 -15.81 31.79
C LYS A 160 15.44 -16.82 30.87
N GLU A 161 15.52 -18.07 31.31
CA GLU A 161 16.16 -19.12 30.53
C GLU A 161 15.44 -19.31 29.20
N LEU A 162 14.12 -19.32 29.24
CA LEU A 162 13.32 -19.52 28.04
C LEU A 162 13.60 -18.43 27.00
N LEU A 163 13.63 -17.18 27.45
CA LEU A 163 13.76 -16.05 26.55
C LEU A 163 15.22 -15.61 26.32
N LYS A 164 16.16 -16.14 27.10
CA LYS A 164 17.58 -15.77 26.99
C LYS A 164 18.06 -15.64 25.54
N GLU A 165 17.68 -16.61 24.71
CA GLU A 165 18.11 -16.61 23.32
C GLU A 165 17.35 -15.56 22.50
N ALA A 166 16.08 -15.35 22.82
CA ALA A 166 15.25 -14.42 22.07
C ALA A 166 15.74 -12.99 22.22
N LEU A 167 16.07 -12.62 23.46
CA LEU A 167 16.49 -11.24 23.75
C LEU A 167 17.97 -11.00 23.41
N ASN A 168 18.77 -12.06 23.34
CA ASN A 168 20.19 -11.90 23.03
C ASN A 168 20.88 -11.03 24.08
N MET A 169 20.70 -11.40 25.34
CA MET A 169 21.28 -10.65 26.45
C MET A 169 22.78 -10.40 26.25
N GLU A 170 23.46 -11.33 25.59
CA GLU A 170 24.90 -11.19 25.36
C GLU A 170 25.22 -9.87 24.66
N ARG A 171 26.04 -9.05 25.31
CA ARG A 171 26.41 -7.76 24.74
C ARG A 171 27.27 -7.94 23.50
N ASN A 172 28.22 -8.86 23.57
CA ASN A 172 29.11 -9.13 22.44
C ASN A 172 28.47 -10.11 21.46
N ASN A 173 29.04 -10.19 20.27
CA ASN A 173 28.51 -11.08 19.24
C ASN A 173 29.65 -11.71 18.43
N ARG A 174 29.29 -12.46 17.41
CA ARG A 174 30.29 -13.10 16.56
C ARG A 174 30.55 -12.26 15.31
N TYR A 175 31.73 -12.46 14.71
CA TYR A 175 32.09 -11.71 13.51
C TYR A 175 31.89 -12.57 12.27
N GLN A 176 31.75 -11.91 11.12
CA GLN A 176 31.54 -12.63 9.86
C GLN A 176 32.34 -11.98 8.74
N MET A 1 -6.09 2.80 5.46
CA MET A 1 -6.54 1.44 5.10
C MET A 1 -6.76 1.34 3.60
N GLY A 2 -7.51 2.29 3.05
CA GLY A 2 -7.77 2.31 1.62
C GLY A 2 -7.74 3.73 1.07
N ASN A 3 -6.74 4.50 1.50
CA ASN A 3 -6.58 5.89 1.05
C ASN A 3 -5.36 6.03 0.17
N LEU A 4 -5.49 6.80 -0.90
CA LEU A 4 -4.39 7.02 -1.84
C LEU A 4 -4.01 8.49 -1.84
N ARG A 5 -2.73 8.79 -2.05
CA ARG A 5 -2.27 10.18 -2.08
C ARG A 5 -1.92 10.59 -3.51
N LEU A 6 -2.52 11.69 -3.96
CA LEU A 6 -2.20 12.25 -5.27
C LEU A 6 -1.48 13.58 -5.08
N ILE A 7 -0.24 13.64 -5.55
CA ILE A 7 0.59 14.82 -5.37
C ILE A 7 0.90 15.48 -6.70
N GLY A 8 0.70 16.79 -6.78
CA GLY A 8 1.08 17.56 -7.96
C GLY A 8 -0.12 18.07 -8.75
N VAL A 9 -1.26 18.25 -8.08
CA VAL A 9 -2.45 18.78 -8.74
C VAL A 9 -2.55 20.30 -8.47
N PRO A 10 -2.33 21.16 -9.44
CA PRO A 10 -2.44 22.63 -9.20
C PRO A 10 -3.79 23.02 -8.62
N GLU A 11 -3.82 24.15 -7.92
CA GLU A 11 -5.06 24.63 -7.31
C GLU A 11 -5.75 25.64 -8.22
N SER A 12 -7.06 25.81 -8.02
CA SER A 12 -7.82 26.76 -8.81
C SER A 12 -9.00 27.30 -8.01
N ASP A 13 -9.31 28.58 -8.21
CA ASP A 13 -10.41 29.22 -7.49
C ASP A 13 -11.73 28.46 -7.66
N VAL A 14 -11.90 27.80 -8.80
CA VAL A 14 -13.16 27.12 -9.10
C VAL A 14 -13.19 25.66 -8.62
N GLU A 15 -12.25 25.27 -7.76
CA GLU A 15 -12.19 23.90 -7.27
C GLU A 15 -13.48 23.53 -6.53
N ASN A 16 -13.95 22.31 -6.77
CA ASN A 16 -15.15 21.80 -6.10
C ASN A 16 -15.11 20.28 -6.07
N GLY A 17 -15.82 19.68 -5.11
CA GLY A 17 -15.80 18.23 -4.93
C GLY A 17 -15.98 17.47 -6.25
N THR A 18 -17.01 17.85 -7.01
CA THR A 18 -17.30 17.15 -8.26
C THR A 18 -16.11 17.18 -9.21
N LYS A 19 -15.51 18.36 -9.38
CA LYS A 19 -14.39 18.50 -10.29
C LYS A 19 -13.25 17.56 -9.88
N LEU A 20 -12.98 17.50 -8.57
CA LEU A 20 -11.94 16.62 -8.07
C LEU A 20 -12.17 15.17 -8.50
N GLU A 21 -13.40 14.70 -8.37
CA GLU A 21 -13.71 13.32 -8.73
C GLU A 21 -13.40 13.07 -10.20
N ASN A 22 -13.82 14.00 -11.05
CA ASN A 22 -13.54 13.90 -12.47
C ASN A 22 -12.03 13.81 -12.71
N THR A 23 -11.26 14.59 -11.95
CA THR A 23 -9.81 14.58 -12.07
C THR A 23 -9.25 13.17 -11.92
N LEU A 24 -9.63 12.47 -10.84
CA LEU A 24 -9.12 11.12 -10.61
C LEU A 24 -9.43 10.21 -11.79
N GLN A 25 -10.66 10.31 -12.29
CA GLN A 25 -11.07 9.49 -13.43
C GLN A 25 -10.15 9.74 -14.62
N ASP A 26 -9.81 11.01 -14.85
CA ASP A 26 -8.94 11.37 -15.96
C ASP A 26 -7.58 10.68 -15.81
N ILE A 27 -7.05 10.68 -14.60
CA ILE A 27 -5.75 10.05 -14.35
C ILE A 27 -5.79 8.58 -14.77
N ILE A 28 -6.88 7.90 -14.43
CA ILE A 28 -7.01 6.49 -14.74
C ILE A 28 -6.90 6.27 -16.25
N GLN A 29 -7.65 7.06 -17.01
CA GLN A 29 -7.67 6.91 -18.47
C GLN A 29 -6.31 7.25 -19.09
N GLU A 30 -5.62 8.23 -18.52
CA GLU A 30 -4.39 8.73 -19.09
C GLU A 30 -3.25 7.71 -19.02
N ASN A 31 -3.10 7.06 -17.87
CA ASN A 31 -1.95 6.17 -17.65
C ASN A 31 -2.36 4.70 -17.42
N PHE A 32 -3.63 4.45 -17.12
CA PHE A 32 -4.10 3.08 -16.86
C PHE A 32 -5.26 2.74 -17.80
N PRO A 33 -4.99 2.56 -19.08
CA PRO A 33 -6.08 2.24 -20.06
C PRO A 33 -6.83 0.98 -19.67
N ASN A 34 -6.12 0.01 -19.11
CA ASN A 34 -6.75 -1.24 -18.69
C ASN A 34 -7.84 -0.98 -17.65
N LEU A 35 -7.50 -0.21 -16.62
CA LEU A 35 -8.46 0.09 -15.56
C LEU A 35 -9.68 0.79 -16.14
N ALA A 36 -9.44 1.74 -17.04
CA ALA A 36 -10.53 2.50 -17.64
C ALA A 36 -11.47 1.59 -18.42
N ARG A 37 -10.91 0.63 -19.14
CA ARG A 37 -11.71 -0.28 -19.95
C ARG A 37 -12.65 -1.11 -19.08
N GLN A 38 -12.11 -1.64 -17.98
CA GLN A 38 -12.91 -2.43 -17.05
C GLN A 38 -14.11 -1.62 -16.56
N ALA A 39 -13.85 -0.38 -16.15
CA ALA A 39 -14.92 0.51 -15.69
C ALA A 39 -15.57 -0.03 -14.43
N ASN A 40 -14.74 -0.57 -13.53
CA ASN A 40 -15.22 -1.10 -12.26
C ASN A 40 -14.60 -0.33 -11.09
N VAL A 41 -14.47 0.99 -11.24
CA VAL A 41 -13.88 1.82 -10.20
C VAL A 41 -14.98 2.49 -9.38
N GLN A 42 -14.97 2.24 -8.08
CA GLN A 42 -15.96 2.85 -7.18
C GLN A 42 -15.27 3.73 -6.15
N ILE A 43 -15.44 5.04 -6.29
CA ILE A 43 -14.82 5.99 -5.37
C ILE A 43 -15.86 6.50 -4.36
N GLN A 44 -15.46 6.58 -3.10
CA GLN A 44 -16.39 6.96 -2.04
C GLN A 44 -16.37 8.47 -1.82
N GLU A 45 -15.17 9.04 -1.70
CA GLU A 45 -15.06 10.47 -1.47
C GLU A 45 -13.66 10.99 -1.81
N ILE A 46 -13.61 12.21 -2.34
CA ILE A 46 -12.35 12.86 -2.66
C ILE A 46 -12.38 14.31 -2.16
N GLN A 47 -11.32 14.71 -1.47
CA GLN A 47 -11.26 16.07 -0.91
C GLN A 47 -9.82 16.58 -0.84
N ARG A 48 -9.68 17.89 -0.71
CA ARG A 48 -8.36 18.51 -0.63
C ARG A 48 -7.97 18.76 0.83
N THR A 49 -6.70 18.54 1.14
CA THR A 49 -6.20 18.75 2.51
C THR A 49 -4.85 19.49 2.47
N PRO A 50 -4.48 20.27 3.46
CA PRO A 50 -5.35 20.68 4.61
C PRO A 50 -6.33 21.77 4.19
N GLN A 51 -7.46 21.85 4.90
CA GLN A 51 -8.49 22.83 4.56
C GLN A 51 -8.10 24.22 5.05
N ARG A 52 -7.52 24.30 6.23
CA ARG A 52 -7.17 25.59 6.82
C ARG A 52 -5.79 26.10 6.39
N TYR A 53 -4.93 25.21 5.88
CA TYR A 53 -3.60 25.61 5.45
C TYR A 53 -3.65 26.16 4.03
N SER A 54 -3.31 27.44 3.87
CA SER A 54 -3.35 28.10 2.57
C SER A 54 -1.95 28.46 2.08
N SER A 55 -0.99 27.57 2.34
CA SER A 55 0.38 27.80 1.91
C SER A 55 0.63 27.14 0.55
N ARG A 56 -0.34 27.25 -0.34
CA ARG A 56 -0.23 26.64 -1.67
C ARG A 56 0.84 27.32 -2.52
N ARG A 57 1.03 28.63 -2.30
CA ARG A 57 1.98 29.40 -3.11
C ARG A 57 3.35 28.75 -3.16
N ALA A 58 3.84 28.26 -2.02
CA ALA A 58 5.16 27.66 -1.95
C ALA A 58 5.09 26.14 -2.01
N THR A 59 4.06 25.56 -1.37
CA THR A 59 3.88 24.12 -1.34
C THR A 59 2.44 23.75 -1.72
N PRO A 60 2.18 23.20 -2.89
CA PRO A 60 0.79 22.80 -3.28
C PRO A 60 0.22 21.77 -2.32
N ARG A 61 -1.08 21.86 -2.06
CA ARG A 61 -1.74 20.92 -1.15
C ARG A 61 -1.97 19.59 -1.86
N HIS A 62 -2.13 18.53 -1.07
CA HIS A 62 -2.31 17.20 -1.62
C HIS A 62 -3.80 16.84 -1.69
N ILE A 63 -4.15 15.93 -2.58
CA ILE A 63 -5.53 15.45 -2.66
C ILE A 63 -5.60 14.04 -2.11
N ILE A 64 -6.57 13.79 -1.23
CA ILE A 64 -6.73 12.46 -0.63
C ILE A 64 -7.96 11.79 -1.23
N VAL A 65 -7.77 10.55 -1.68
CA VAL A 65 -8.84 9.77 -2.27
C VAL A 65 -9.13 8.56 -1.39
N ARG A 66 -10.39 8.39 -1.00
CA ARG A 66 -10.80 7.20 -0.25
C ARG A 66 -11.62 6.30 -1.16
N PHE A 67 -11.10 5.10 -1.42
CA PHE A 67 -11.76 4.17 -2.33
C PHE A 67 -12.70 3.25 -1.56
N THR A 68 -13.73 2.76 -2.24
CA THR A 68 -14.70 1.87 -1.60
C THR A 68 -14.06 0.53 -1.26
N LYS A 69 -13.21 0.02 -2.15
CA LYS A 69 -12.56 -1.27 -1.95
C LYS A 69 -11.05 -1.10 -1.78
N VAL A 70 -10.54 -1.50 -0.61
CA VAL A 70 -9.11 -1.41 -0.35
C VAL A 70 -8.32 -2.17 -1.40
N GLU A 71 -8.82 -3.34 -1.79
CA GLU A 71 -8.15 -4.15 -2.79
C GLU A 71 -8.01 -3.38 -4.11
N MET A 72 -9.07 -2.67 -4.49
CA MET A 72 -9.05 -1.91 -5.73
C MET A 72 -7.92 -0.89 -5.71
N LYS A 73 -7.82 -0.17 -4.60
CA LYS A 73 -6.77 0.86 -4.47
C LYS A 73 -5.39 0.24 -4.66
N GLU A 74 -5.18 -0.91 -4.03
CA GLU A 74 -3.89 -1.58 -4.12
C GLU A 74 -3.55 -1.89 -5.58
N LYS A 75 -4.54 -2.36 -6.33
CA LYS A 75 -4.33 -2.71 -7.72
C LYS A 75 -3.84 -1.49 -8.50
N MET A 76 -4.48 -0.34 -8.26
CA MET A 76 -4.11 0.88 -8.95
C MET A 76 -2.64 1.22 -8.71
N LEU A 77 -2.23 1.11 -7.45
CA LEU A 77 -0.84 1.42 -7.08
C LEU A 77 0.12 0.54 -7.87
N ARG A 78 -0.20 -0.75 -7.95
CA ARG A 78 0.66 -1.69 -8.66
C ARG A 78 0.82 -1.27 -10.12
N ALA A 79 -0.29 -0.90 -10.74
CA ALA A 79 -0.26 -0.50 -12.14
C ALA A 79 0.68 0.68 -12.35
N ALA A 80 0.62 1.65 -11.44
CA ALA A 80 1.48 2.83 -11.54
C ALA A 80 2.95 2.42 -11.49
N ARG A 81 3.29 1.54 -10.56
CA ARG A 81 4.66 1.09 -10.40
C ARG A 81 5.18 0.47 -11.70
N GLU A 82 4.32 -0.30 -12.35
CA GLU A 82 4.70 -0.97 -13.60
C GLU A 82 4.98 0.03 -14.71
N LYS A 83 4.06 0.98 -14.89
CA LYS A 83 4.20 1.95 -15.98
C LYS A 83 5.48 2.77 -15.83
N GLY A 84 5.79 3.15 -14.60
CA GLY A 84 7.01 3.92 -14.33
C GLY A 84 6.81 5.43 -14.54
N ARG A 85 5.73 5.83 -15.20
CA ARG A 85 5.49 7.24 -15.45
C ARG A 85 3.99 7.54 -15.40
N VAL A 86 3.60 8.46 -14.52
CA VAL A 86 2.20 8.86 -14.39
C VAL A 86 2.08 10.37 -14.54
N THR A 87 1.19 10.80 -15.42
CA THR A 87 1.03 12.23 -15.71
C THR A 87 -0.43 12.68 -15.60
N LEU A 88 -0.60 13.96 -15.30
CA LEU A 88 -1.91 14.58 -15.28
C LEU A 88 -1.95 15.70 -16.31
N LYS A 89 -2.76 15.52 -17.36
CA LYS A 89 -2.86 16.53 -18.40
C LYS A 89 -1.50 16.83 -19.04
N GLY A 90 -0.65 15.81 -19.13
CA GLY A 90 0.64 15.97 -19.80
C GLY A 90 1.78 16.41 -18.86
N LYS A 91 1.46 16.80 -17.63
CA LYS A 91 2.48 17.23 -16.69
C LYS A 91 2.82 16.10 -15.71
N PRO A 92 4.05 15.98 -15.26
CA PRO A 92 4.44 14.85 -14.36
C PRO A 92 3.89 14.99 -12.95
N ILE A 93 3.34 13.90 -12.42
CA ILE A 93 2.82 13.89 -11.05
C ILE A 93 3.33 12.64 -10.32
N ARG A 94 3.00 12.54 -9.03
CA ARG A 94 3.43 11.40 -8.23
C ARG A 94 2.26 10.76 -7.50
N LEU A 95 2.21 9.43 -7.50
CA LEU A 95 1.18 8.69 -6.78
C LEU A 95 1.84 7.78 -5.74
N THR A 96 1.44 7.93 -4.48
CA THR A 96 2.06 7.16 -3.41
C THR A 96 1.11 6.90 -2.25
N VAL A 97 1.58 6.08 -1.31
CA VAL A 97 0.83 5.79 -0.09
C VAL A 97 1.80 5.42 1.03
N ASP A 98 1.34 5.50 2.27
CA ASP A 98 2.19 5.14 3.40
C ASP A 98 2.26 3.63 3.56
N LEU A 99 3.48 3.09 3.55
CA LEU A 99 3.69 1.66 3.69
C LEU A 99 5.11 1.35 4.14
N SER A 100 5.32 0.12 4.61
CA SER A 100 6.68 -0.33 4.93
C SER A 100 7.36 -0.85 3.68
N ALA A 101 8.40 -0.14 3.24
CA ALA A 101 9.10 -0.50 2.00
C ALA A 101 9.86 -1.82 2.15
N GLU A 102 10.61 -1.95 3.22
CA GLU A 102 11.49 -3.11 3.38
C GLU A 102 10.69 -4.41 3.45
N THR A 103 9.65 -4.44 4.29
CA THR A 103 8.86 -5.64 4.45
C THR A 103 8.31 -6.13 3.12
N LEU A 104 7.77 -5.21 2.33
CA LEU A 104 7.21 -5.58 1.04
C LEU A 104 8.28 -6.19 0.14
N GLN A 105 9.46 -5.59 0.12
CA GLN A 105 10.55 -6.10 -0.71
C GLN A 105 10.87 -7.54 -0.36
N ALA A 106 10.92 -7.83 0.94
CA ALA A 106 11.26 -9.18 1.39
C ALA A 106 10.21 -10.18 0.95
N ARG A 107 8.94 -9.85 1.13
CA ARG A 107 7.86 -10.76 0.78
C ARG A 107 7.91 -11.11 -0.71
N ARG A 108 8.20 -10.12 -1.53
CA ARG A 108 8.28 -10.31 -2.98
C ARG A 108 9.40 -11.30 -3.33
N GLU A 109 10.53 -11.16 -2.65
CA GLU A 109 11.65 -12.07 -2.88
C GLU A 109 11.26 -13.51 -2.58
N TRP A 110 10.54 -13.69 -1.47
CA TRP A 110 10.07 -15.02 -1.09
C TRP A 110 8.85 -15.49 -1.89
N GLY A 111 8.29 -14.62 -2.74
CA GLY A 111 7.07 -14.97 -3.49
C GLY A 111 7.20 -16.31 -4.21
N PRO A 112 8.19 -16.48 -5.06
CA PRO A 112 8.35 -17.76 -5.82
C PRO A 112 8.36 -18.99 -4.92
N ILE A 113 9.20 -18.96 -3.89
CA ILE A 113 9.34 -20.10 -3.01
C ILE A 113 8.00 -20.47 -2.38
N PHE A 114 7.27 -19.46 -1.91
CA PHE A 114 6.01 -19.70 -1.22
C PHE A 114 5.02 -20.40 -2.13
N ASN A 115 4.83 -19.88 -3.33
CA ASN A 115 3.82 -20.40 -4.24
C ASN A 115 4.10 -21.86 -4.59
N ILE A 116 5.34 -22.16 -4.95
CA ILE A 116 5.71 -23.51 -5.37
C ILE A 116 5.42 -24.48 -4.23
N LEU A 117 5.84 -24.13 -3.02
CA LEU A 117 5.63 -25.00 -1.87
C LEU A 117 4.14 -25.27 -1.68
N LYS A 118 3.31 -24.25 -1.89
CA LYS A 118 1.87 -24.41 -1.73
C LYS A 118 1.36 -25.52 -2.66
N GLU A 119 1.76 -25.44 -3.91
CA GLU A 119 1.31 -26.41 -4.90
C GLU A 119 1.69 -27.83 -4.48
N LYS A 120 2.90 -27.99 -3.95
CA LYS A 120 3.41 -29.30 -3.58
C LYS A 120 2.98 -29.74 -2.18
N ASN A 121 1.93 -29.14 -1.62
CA ASN A 121 1.40 -29.58 -0.34
C ASN A 121 2.43 -29.47 0.78
N PHE A 122 3.30 -28.47 0.69
CA PHE A 122 4.27 -28.20 1.75
C PHE A 122 3.70 -27.29 2.86
N GLN A 123 2.56 -26.66 2.61
CA GLN A 123 1.94 -25.78 3.61
C GLN A 123 2.89 -24.62 3.96
N PRO A 124 3.27 -23.81 3.00
CA PRO A 124 4.17 -22.64 3.28
C PRO A 124 3.43 -21.50 3.96
N ARG A 125 4.05 -20.93 4.98
CA ARG A 125 3.47 -19.81 5.71
C ARG A 125 4.54 -18.74 5.95
N ILE A 126 4.15 -17.48 5.87
CA ILE A 126 5.08 -16.37 6.11
C ILE A 126 4.78 -15.71 7.44
N SER A 127 5.82 -15.38 8.19
CA SER A 127 5.68 -14.69 9.46
C SER A 127 6.48 -13.38 9.45
N TYR A 128 6.00 -12.39 10.18
CA TYR A 128 6.69 -11.10 10.24
C TYR A 128 8.08 -11.29 10.84
N PRO A 129 9.11 -10.59 10.41
CA PRO A 129 9.09 -9.61 9.26
C PRO A 129 8.89 -10.31 7.92
N ALA A 130 9.81 -11.20 7.59
CA ALA A 130 9.76 -11.92 6.32
C ALA A 130 10.40 -13.30 6.45
N LYS A 131 10.15 -13.96 7.56
CA LYS A 131 10.70 -15.29 7.80
C LYS A 131 9.87 -16.35 7.08
N LEU A 132 10.54 -17.35 6.52
CA LEU A 132 9.85 -18.40 5.77
C LEU A 132 9.84 -19.69 6.59
N SER A 133 8.65 -20.23 6.81
CA SER A 133 8.51 -21.49 7.54
C SER A 133 7.59 -22.44 6.79
N PHE A 134 7.92 -23.73 6.79
CA PHE A 134 7.08 -24.72 6.12
C PHE A 134 7.35 -26.12 6.69
N ILE A 135 6.50 -27.08 6.31
CA ILE A 135 6.62 -28.45 6.81
C ILE A 135 7.07 -29.37 5.69
N SER A 136 8.20 -30.06 5.92
CA SER A 136 8.73 -30.98 4.92
C SER A 136 9.16 -32.28 5.59
N GLU A 137 8.89 -33.40 4.94
CA GLU A 137 9.30 -34.71 5.45
C GLU A 137 8.84 -34.95 6.90
N GLY A 138 7.83 -34.22 7.36
CA GLY A 138 7.26 -34.47 8.68
C GLY A 138 7.80 -33.53 9.77
N GLU A 139 8.88 -32.80 9.50
CA GLU A 139 9.47 -31.90 10.48
C GLU A 139 9.32 -30.46 10.03
N ILE A 140 9.31 -29.53 10.98
CA ILE A 140 9.14 -28.12 10.66
C ILE A 140 10.50 -27.44 10.55
N LYS A 141 10.71 -26.70 9.46
CA LYS A 141 11.97 -26.01 9.23
C LYS A 141 11.75 -24.50 9.10
N TYR A 142 12.66 -23.72 9.65
CA TYR A 142 12.56 -22.26 9.61
C TYR A 142 13.85 -21.66 9.05
N PHE A 143 13.71 -20.70 8.14
CA PHE A 143 14.85 -19.99 7.59
C PHE A 143 14.58 -18.49 7.59
N ILE A 144 15.58 -17.70 7.94
CA ILE A 144 15.41 -16.25 8.00
C ILE A 144 15.82 -15.59 6.69
N ASP A 145 16.95 -16.03 6.14
CA ASP A 145 17.48 -15.46 4.91
C ASP A 145 17.60 -16.52 3.83
N LYS A 146 17.41 -16.09 2.57
CA LYS A 146 17.47 -17.01 1.45
C LYS A 146 18.75 -17.85 1.44
N GLN A 147 19.84 -17.27 1.96
CA GLN A 147 21.12 -17.99 1.96
C GLN A 147 20.99 -19.32 2.71
N MET A 148 20.24 -19.30 3.82
CA MET A 148 20.02 -20.51 4.58
C MET A 148 19.27 -21.54 3.75
N LEU A 149 18.29 -21.08 2.97
CA LEU A 149 17.49 -22.00 2.15
C LEU A 149 18.39 -22.75 1.18
N ARG A 150 19.37 -22.06 0.61
CA ARG A 150 20.29 -22.70 -0.32
C ARG A 150 21.09 -23.80 0.39
N ASP A 151 21.71 -23.43 1.49
CA ASP A 151 22.51 -24.39 2.27
C ASP A 151 21.68 -25.62 2.64
N PHE A 152 20.38 -25.42 2.88
CA PHE A 152 19.48 -26.48 3.28
C PHE A 152 19.16 -27.43 2.13
N VAL A 153 18.76 -26.89 0.97
CA VAL A 153 18.36 -27.73 -0.15
C VAL A 153 19.49 -28.63 -0.61
N THR A 154 20.73 -28.19 -0.47
CA THR A 154 21.88 -28.99 -0.91
C THR A 154 21.86 -30.42 -0.36
N THR A 155 21.12 -30.65 0.73
CA THR A 155 21.11 -31.98 1.36
C THR A 155 19.87 -32.82 1.02
N ARG A 156 19.02 -32.33 0.11
CA ARG A 156 17.82 -33.07 -0.27
C ARG A 156 17.50 -32.78 -1.74
N PRO A 157 18.13 -33.46 -2.68
CA PRO A 157 18.07 -33.07 -4.12
C PRO A 157 16.65 -32.82 -4.63
N ALA A 158 15.67 -33.55 -4.12
CA ALA A 158 14.28 -33.35 -4.54
C ALA A 158 13.85 -31.91 -4.26
N LEU A 159 14.16 -31.44 -3.06
CA LEU A 159 13.81 -30.08 -2.66
C LEU A 159 14.58 -29.06 -3.50
N LYS A 160 15.82 -29.37 -3.84
CA LYS A 160 16.64 -28.45 -4.62
C LYS A 160 15.99 -28.18 -5.97
N GLU A 161 15.58 -29.24 -6.65
CA GLU A 161 14.99 -29.11 -7.97
C GLU A 161 13.71 -28.26 -7.92
N LEU A 162 12.88 -28.51 -6.93
CA LEU A 162 11.62 -27.79 -6.79
C LEU A 162 11.87 -26.29 -6.62
N LEU A 163 12.81 -25.95 -5.75
CA LEU A 163 13.07 -24.55 -5.41
C LEU A 163 14.10 -23.88 -6.32
N LYS A 164 14.80 -24.65 -7.15
CA LYS A 164 15.84 -24.11 -8.05
C LYS A 164 15.41 -22.80 -8.73
N GLU A 165 14.21 -22.79 -9.29
CA GLU A 165 13.70 -21.59 -9.95
C GLU A 165 13.34 -20.50 -8.95
N ALA A 166 12.85 -20.91 -7.78
CA ALA A 166 12.40 -19.95 -6.76
C ALA A 166 13.56 -19.07 -6.29
N LEU A 167 14.70 -19.70 -6.03
CA LEU A 167 15.87 -18.98 -5.51
C LEU A 167 16.67 -18.26 -6.61
N ASN A 168 16.21 -18.31 -7.86
CA ASN A 168 16.89 -17.64 -8.95
C ASN A 168 18.36 -18.07 -9.04
N MET A 169 18.60 -19.36 -8.82
CA MET A 169 19.94 -19.91 -8.89
C MET A 169 20.42 -19.98 -10.34
N GLU A 170 19.52 -20.36 -11.25
CA GLU A 170 19.86 -20.46 -12.66
C GLU A 170 20.28 -19.10 -13.21
N ARG A 171 21.22 -19.12 -14.15
CA ARG A 171 21.70 -17.89 -14.76
C ARG A 171 20.59 -17.21 -15.56
N ASN A 172 19.81 -18.01 -16.27
CA ASN A 172 18.72 -17.47 -17.08
C ASN A 172 17.55 -17.06 -16.21
N ASN A 173 16.93 -15.94 -16.54
CA ASN A 173 15.79 -15.45 -15.77
C ASN A 173 14.48 -15.91 -16.40
N ARG A 174 14.17 -15.40 -17.58
CA ARG A 174 12.93 -15.76 -18.27
C ARG A 174 13.19 -15.95 -19.76
N TYR A 175 12.34 -16.74 -20.41
CA TYR A 175 12.47 -17.00 -21.84
C TYR A 175 11.30 -16.39 -22.60
N GLN A 176 11.55 -15.98 -23.84
CA GLN A 176 10.52 -15.37 -24.67
C GLN A 176 9.34 -16.33 -24.81
N MET A 1 -5.78 2.60 5.43
CA MET A 1 -6.63 1.41 5.15
C MET A 1 -6.86 1.29 3.65
N GLY A 2 -7.58 2.24 3.08
CA GLY A 2 -7.86 2.24 1.65
C GLY A 2 -7.80 3.65 1.07
N ASN A 3 -6.80 4.42 1.51
CA ASN A 3 -6.64 5.79 1.05
C ASN A 3 -5.40 5.92 0.17
N LEU A 4 -5.50 6.73 -0.88
CA LEU A 4 -4.38 6.96 -1.78
C LEU A 4 -4.01 8.44 -1.78
N ARG A 5 -2.73 8.73 -2.02
CA ARG A 5 -2.26 10.11 -2.04
C ARG A 5 -1.94 10.55 -3.46
N LEU A 6 -2.56 11.65 -3.89
CA LEU A 6 -2.27 12.22 -5.20
C LEU A 6 -1.55 13.55 -5.03
N ILE A 7 -0.32 13.62 -5.52
CA ILE A 7 0.51 14.81 -5.35
C ILE A 7 0.81 15.46 -6.71
N GLY A 8 0.59 16.76 -6.79
CA GLY A 8 0.97 17.52 -8.00
C GLY A 8 -0.24 18.07 -8.75
N VAL A 9 -1.35 18.29 -8.04
CA VAL A 9 -2.54 18.87 -8.67
C VAL A 9 -2.58 20.38 -8.41
N PRO A 10 -2.36 21.25 -9.38
CA PRO A 10 -2.39 22.72 -9.14
C PRO A 10 -3.73 23.17 -8.55
N GLU A 11 -3.72 24.34 -7.92
CA GLU A 11 -4.94 24.87 -7.31
C GLU A 11 -5.64 25.84 -8.25
N SER A 12 -6.94 26.01 -8.07
CA SER A 12 -7.71 26.92 -8.90
C SER A 12 -8.84 27.56 -8.08
N ASP A 13 -9.02 28.87 -8.24
CA ASP A 13 -10.02 29.60 -7.48
C ASP A 13 -11.41 28.98 -7.63
N VAL A 14 -11.69 28.40 -8.79
CA VAL A 14 -13.03 27.88 -9.08
C VAL A 14 -13.14 26.36 -8.87
N GLU A 15 -12.17 25.75 -8.19
CA GLU A 15 -12.19 24.31 -7.96
C GLU A 15 -13.35 23.91 -7.07
N ASN A 16 -13.94 22.75 -7.36
CA ASN A 16 -15.06 22.24 -6.57
C ASN A 16 -15.00 20.73 -6.48
N GLY A 17 -15.62 20.17 -5.45
CA GLY A 17 -15.57 18.72 -5.22
C GLY A 17 -15.84 17.90 -6.48
N THR A 18 -16.85 18.32 -7.25
CA THR A 18 -17.19 17.60 -8.48
C THR A 18 -16.00 17.54 -9.42
N LYS A 19 -15.34 18.68 -9.62
CA LYS A 19 -14.19 18.73 -10.52
C LYS A 19 -13.11 17.77 -10.05
N LEU A 20 -12.88 17.74 -8.75
CA LEU A 20 -11.88 16.83 -8.18
C LEU A 20 -12.15 15.38 -8.59
N GLU A 21 -13.40 14.96 -8.48
CA GLU A 21 -13.75 13.58 -8.81
C GLU A 21 -13.41 13.28 -10.27
N ASN A 22 -13.80 14.20 -11.15
CA ASN A 22 -13.49 14.05 -12.56
C ASN A 22 -11.98 13.93 -12.77
N THR A 23 -11.22 14.71 -12.02
CA THR A 23 -9.76 14.67 -12.11
C THR A 23 -9.23 13.25 -11.92
N LEU A 24 -9.66 12.59 -10.85
CA LEU A 24 -9.16 11.24 -10.57
C LEU A 24 -9.48 10.31 -11.74
N GLN A 25 -10.70 10.40 -12.25
CA GLN A 25 -11.10 9.56 -13.38
C GLN A 25 -10.17 9.79 -14.56
N ASP A 26 -9.80 11.04 -14.80
CA ASP A 26 -8.92 11.38 -15.91
C ASP A 26 -7.57 10.68 -15.75
N ILE A 27 -7.05 10.70 -14.53
CA ILE A 27 -5.75 10.06 -14.26
C ILE A 27 -5.80 8.58 -14.65
N ILE A 28 -6.90 7.92 -14.32
CA ILE A 28 -7.05 6.50 -14.62
C ILE A 28 -6.92 6.27 -16.12
N GLN A 29 -7.66 7.05 -16.90
CA GLN A 29 -7.66 6.87 -18.35
C GLN A 29 -6.29 7.20 -18.96
N GLU A 30 -5.62 8.21 -18.42
CA GLU A 30 -4.37 8.67 -19.00
C GLU A 30 -3.25 7.65 -18.87
N ASN A 31 -3.12 7.05 -17.69
CA ASN A 31 -1.99 6.15 -17.42
C ASN A 31 -2.40 4.67 -17.38
N PHE A 32 -3.66 4.41 -17.01
CA PHE A 32 -4.11 3.03 -16.80
C PHE A 32 -5.29 2.72 -17.73
N PRO A 33 -5.06 2.54 -19.01
CA PRO A 33 -6.17 2.24 -19.96
C PRO A 33 -6.95 1.00 -19.55
N ASN A 34 -6.24 0.01 -19.01
CA ASN A 34 -6.91 -1.22 -18.58
C ASN A 34 -7.95 -0.93 -17.52
N LEU A 35 -7.59 -0.15 -16.51
CA LEU A 35 -8.51 0.18 -15.44
C LEU A 35 -9.74 0.90 -15.99
N ALA A 36 -9.51 1.84 -16.90
CA ALA A 36 -10.60 2.61 -17.48
C ALA A 36 -11.57 1.72 -18.25
N ARG A 37 -11.02 0.73 -18.96
CA ARG A 37 -11.86 -0.15 -19.79
C ARG A 37 -12.77 -1.03 -18.94
N GLN A 38 -12.21 -1.63 -17.89
CA GLN A 38 -13.00 -2.50 -17.03
C GLN A 38 -14.11 -1.72 -16.31
N ALA A 39 -13.82 -0.47 -15.94
CA ALA A 39 -14.82 0.38 -15.33
C ALA A 39 -15.33 -0.22 -14.03
N ASN A 40 -14.41 -0.78 -13.24
CA ASN A 40 -14.76 -1.36 -11.94
C ASN A 40 -14.17 -0.53 -10.81
N VAL A 41 -14.21 0.80 -10.97
CA VAL A 41 -13.69 1.72 -9.96
C VAL A 41 -14.84 2.43 -9.26
N GLN A 42 -14.99 2.16 -7.96
CA GLN A 42 -16.02 2.82 -7.16
C GLN A 42 -15.37 3.73 -6.12
N ILE A 43 -15.50 5.03 -6.31
CA ILE A 43 -14.90 5.99 -5.40
C ILE A 43 -15.94 6.48 -4.39
N GLN A 44 -15.55 6.57 -3.12
CA GLN A 44 -16.47 6.97 -2.08
C GLN A 44 -16.40 8.47 -1.82
N GLU A 45 -15.17 8.98 -1.67
CA GLU A 45 -15.00 10.41 -1.39
C GLU A 45 -13.65 10.92 -1.87
N ILE A 46 -13.63 12.15 -2.35
CA ILE A 46 -12.39 12.82 -2.73
C ILE A 46 -12.40 14.25 -2.19
N GLN A 47 -11.39 14.62 -1.43
CA GLN A 47 -11.33 15.94 -0.82
C GLN A 47 -9.91 16.48 -0.76
N ARG A 48 -9.78 17.80 -0.69
CA ARG A 48 -8.48 18.44 -0.58
C ARG A 48 -8.11 18.64 0.89
N THR A 49 -6.83 18.48 1.21
CA THR A 49 -6.35 18.68 2.58
C THR A 49 -5.05 19.49 2.57
N PRO A 50 -4.80 20.40 3.49
CA PRO A 50 -5.77 20.88 4.52
C PRO A 50 -6.81 21.81 3.90
N GLN A 51 -8.07 21.71 4.37
CA GLN A 51 -9.14 22.50 3.78
C GLN A 51 -9.14 23.93 4.31
N ARG A 52 -8.87 24.08 5.60
CA ARG A 52 -9.02 25.39 6.25
C ARG A 52 -7.75 26.23 6.20
N TYR A 53 -6.60 25.60 5.96
CA TYR A 53 -5.34 26.35 5.90
C TYR A 53 -5.08 26.84 4.48
N SER A 54 -5.18 28.15 4.29
CA SER A 54 -4.97 28.74 2.97
C SER A 54 -3.55 28.42 2.47
N SER A 55 -2.56 28.77 3.28
CA SER A 55 -1.17 28.50 2.92
C SER A 55 -0.45 27.82 4.07
N ARG A 56 -0.12 26.54 3.88
CA ARG A 56 0.61 25.80 4.90
C ARG A 56 2.08 25.69 4.52
N ARG A 57 2.33 25.41 3.25
CA ARG A 57 3.70 25.30 2.74
C ARG A 57 3.78 25.87 1.33
N ALA A 58 4.99 25.98 0.80
CA ALA A 58 5.18 26.51 -0.54
C ALA A 58 4.60 25.56 -1.60
N THR A 59 4.72 24.25 -1.36
CA THR A 59 4.21 23.27 -2.30
C THR A 59 2.68 23.27 -2.32
N PRO A 60 2.06 22.83 -3.41
CA PRO A 60 0.57 22.80 -3.49
C PRO A 60 -0.03 21.73 -2.58
N ARG A 61 -1.22 22.00 -2.05
CA ARG A 61 -1.87 21.06 -1.14
C ARG A 61 -2.09 19.73 -1.84
N HIS A 62 -2.24 18.66 -1.06
CA HIS A 62 -2.41 17.32 -1.62
C HIS A 62 -3.89 16.95 -1.68
N ILE A 63 -4.22 15.96 -2.51
CA ILE A 63 -5.58 15.44 -2.58
C ILE A 63 -5.61 14.02 -2.00
N ILE A 64 -6.60 13.76 -1.16
CA ILE A 64 -6.76 12.42 -0.57
C ILE A 64 -7.96 11.73 -1.19
N VAL A 65 -7.74 10.51 -1.66
CA VAL A 65 -8.81 9.72 -2.26
C VAL A 65 -9.11 8.51 -1.38
N ARG A 66 -10.39 8.30 -1.09
CA ARG A 66 -10.82 7.13 -0.34
C ARG A 66 -11.64 6.22 -1.25
N PHE A 67 -11.12 5.02 -1.49
CA PHE A 67 -11.78 4.08 -2.39
C PHE A 67 -12.67 3.12 -1.61
N THR A 68 -13.76 2.70 -2.22
CA THR A 68 -14.69 1.78 -1.58
C THR A 68 -14.04 0.42 -1.35
N LYS A 69 -13.27 -0.04 -2.34
CA LYS A 69 -12.61 -1.34 -2.25
C LYS A 69 -11.11 -1.17 -2.04
N VAL A 70 -10.63 -1.57 -0.86
CA VAL A 70 -9.21 -1.47 -0.56
C VAL A 70 -8.38 -2.23 -1.59
N GLU A 71 -8.87 -3.40 -2.00
CA GLU A 71 -8.16 -4.21 -2.97
C GLU A 71 -7.97 -3.43 -4.27
N MET A 72 -9.02 -2.73 -4.70
CA MET A 72 -8.95 -1.97 -5.95
C MET A 72 -7.82 -0.94 -5.88
N LYS A 73 -7.74 -0.23 -4.76
CA LYS A 73 -6.72 0.79 -4.58
C LYS A 73 -5.33 0.18 -4.73
N GLU A 74 -5.12 -0.97 -4.10
CA GLU A 74 -3.83 -1.64 -4.18
C GLU A 74 -3.46 -1.95 -5.62
N LYS A 75 -4.43 -2.43 -6.38
CA LYS A 75 -4.20 -2.78 -7.78
C LYS A 75 -3.70 -1.54 -8.55
N MET A 76 -4.33 -0.41 -8.29
CA MET A 76 -3.97 0.83 -8.97
C MET A 76 -2.50 1.16 -8.73
N LEU A 77 -2.07 1.03 -7.48
CA LEU A 77 -0.68 1.32 -7.13
C LEU A 77 0.27 0.44 -7.93
N ARG A 78 -0.04 -0.84 -8.01
CA ARG A 78 0.80 -1.77 -8.74
C ARG A 78 0.94 -1.35 -10.20
N ALA A 79 -0.18 -0.96 -10.80
CA ALA A 79 -0.18 -0.55 -12.20
C ALA A 79 0.77 0.63 -12.41
N ALA A 80 0.72 1.59 -11.49
CA ALA A 80 1.58 2.76 -11.59
C ALA A 80 3.04 2.35 -11.58
N ARG A 81 3.40 1.46 -10.66
CA ARG A 81 4.78 1.01 -10.54
C ARG A 81 5.27 0.42 -11.86
N GLU A 82 4.40 -0.36 -12.50
CA GLU A 82 4.76 -1.02 -13.75
C GLU A 82 5.00 0.00 -14.87
N LYS A 83 4.09 0.95 -15.00
CA LYS A 83 4.18 1.93 -16.08
C LYS A 83 5.47 2.74 -15.97
N GLY A 84 5.84 3.09 -14.74
CA GLY A 84 7.07 3.85 -14.50
C GLY A 84 6.87 5.37 -14.56
N ARG A 85 5.74 5.82 -15.11
CA ARG A 85 5.47 7.26 -15.21
C ARG A 85 3.97 7.53 -15.16
N VAL A 86 3.58 8.50 -14.34
CA VAL A 86 2.17 8.89 -14.22
C VAL A 86 2.03 10.38 -14.48
N THR A 87 1.13 10.75 -15.38
CA THR A 87 0.98 12.15 -15.79
C THR A 87 -0.47 12.60 -15.70
N LEU A 88 -0.65 13.88 -15.38
CA LEU A 88 -1.96 14.50 -15.35
C LEU A 88 -1.99 15.64 -16.36
N LYS A 89 -2.82 15.49 -17.39
CA LYS A 89 -2.93 16.52 -18.43
C LYS A 89 -1.57 16.83 -19.05
N GLY A 90 -0.71 15.81 -19.16
CA GLY A 90 0.57 15.98 -19.84
C GLY A 90 1.71 16.42 -18.89
N LYS A 91 1.39 16.80 -17.66
CA LYS A 91 2.41 17.24 -16.71
C LYS A 91 2.74 16.11 -15.73
N PRO A 92 3.97 16.00 -15.26
CA PRO A 92 4.35 14.87 -14.36
C PRO A 92 3.79 15.02 -12.95
N ILE A 93 3.26 13.93 -12.41
CA ILE A 93 2.74 13.91 -11.05
C ILE A 93 3.26 12.68 -10.31
N ARG A 94 2.93 12.56 -9.03
CA ARG A 94 3.38 11.42 -8.23
C ARG A 94 2.21 10.77 -7.50
N LEU A 95 2.19 9.44 -7.50
CA LEU A 95 1.16 8.68 -6.79
C LEU A 95 1.82 7.78 -5.76
N THR A 96 1.41 7.92 -4.50
CA THR A 96 2.03 7.14 -3.42
C THR A 96 1.05 6.89 -2.28
N VAL A 97 1.51 6.17 -1.28
CA VAL A 97 0.71 5.90 -0.09
C VAL A 97 1.60 5.78 1.15
N ASP A 98 1.04 6.04 2.32
CA ASP A 98 1.79 5.95 3.57
C ASP A 98 1.51 4.61 4.26
N LEU A 99 2.57 3.97 4.75
CA LEU A 99 2.41 2.70 5.44
C LEU A 99 1.49 2.85 6.65
N SER A 100 0.30 2.27 6.56
CA SER A 100 -0.68 2.37 7.63
C SER A 100 -0.43 1.29 8.69
N ALA A 101 -1.03 1.49 9.87
CA ALA A 101 -0.91 0.51 10.95
C ALA A 101 -1.53 -0.84 10.61
N GLU A 102 -2.42 -0.88 9.61
CA GLU A 102 -3.10 -2.13 9.27
C GLU A 102 -2.10 -3.21 8.90
N THR A 103 -1.04 -2.83 8.19
CA THR A 103 -0.02 -3.80 7.78
C THR A 103 0.57 -4.50 9.01
N LEU A 104 0.94 -3.71 10.02
CA LEU A 104 1.51 -4.28 11.24
C LEU A 104 0.57 -5.30 11.86
N GLN A 105 -0.70 -4.94 11.96
CA GLN A 105 -1.69 -5.83 12.55
C GLN A 105 -1.73 -7.16 11.80
N ALA A 106 -1.65 -7.09 10.47
CA ALA A 106 -1.69 -8.30 9.65
C ALA A 106 -0.54 -9.22 10.01
N ARG A 107 0.65 -8.65 10.11
CA ARG A 107 1.84 -9.46 10.43
C ARG A 107 1.66 -10.19 11.74
N ARG A 108 1.11 -9.49 12.74
CA ARG A 108 0.89 -10.09 14.04
C ARG A 108 -0.05 -11.30 13.95
N GLU A 109 -1.11 -11.15 13.16
CA GLU A 109 -2.07 -12.23 12.99
C GLU A 109 -1.40 -13.46 12.39
N TRP A 110 -0.51 -13.24 11.43
CA TRP A 110 0.23 -14.35 10.80
C TRP A 110 1.36 -14.89 11.69
N GLY A 111 1.69 -14.20 12.78
CA GLY A 111 2.82 -14.60 13.62
C GLY A 111 2.75 -16.08 14.00
N PRO A 112 1.68 -16.53 14.64
CA PRO A 112 1.58 -17.96 15.08
C PRO A 112 1.84 -18.94 13.94
N ILE A 113 1.17 -18.74 12.81
CA ILE A 113 1.30 -19.65 11.68
C ILE A 113 2.76 -19.73 11.24
N PHE A 114 3.42 -18.58 11.15
CA PHE A 114 4.80 -18.53 10.67
C PHE A 114 5.71 -19.36 11.56
N ASN A 115 5.59 -19.17 12.87
CA ASN A 115 6.49 -19.83 13.80
C ASN A 115 6.37 -21.34 13.72
N ILE A 116 5.14 -21.84 13.74
CA ILE A 116 4.92 -23.29 13.72
C ILE A 116 5.54 -23.89 12.46
N LEU A 117 5.28 -23.26 11.32
CA LEU A 117 5.80 -23.76 10.06
C LEU A 117 7.33 -23.82 10.10
N LYS A 118 7.96 -22.83 10.72
CA LYS A 118 9.41 -22.79 10.82
C LYS A 118 9.91 -24.04 11.53
N GLU A 119 9.31 -24.35 12.67
CA GLU A 119 9.72 -25.50 13.45
C GLU A 119 9.63 -26.79 12.63
N LYS A 120 8.56 -26.91 11.85
CA LYS A 120 8.31 -28.12 11.08
C LYS A 120 9.03 -28.14 9.73
N ASN A 121 10.06 -27.31 9.55
CA ASN A 121 10.86 -27.35 8.33
C ASN A 121 10.00 -27.04 7.09
N PHE A 122 9.01 -26.18 7.25
CA PHE A 122 8.19 -25.73 6.11
C PHE A 122 8.79 -24.52 5.39
N GLN A 123 9.80 -23.87 5.99
CA GLN A 123 10.44 -22.71 5.38
C GLN A 123 9.41 -21.60 5.13
N PRO A 124 8.74 -21.13 6.16
CA PRO A 124 7.74 -20.03 6.00
C PRO A 124 8.40 -18.67 5.77
N ARG A 125 7.88 -17.93 4.80
CA ARG A 125 8.39 -16.59 4.50
C ARG A 125 7.22 -15.61 4.33
N ILE A 126 7.44 -14.36 4.70
CA ILE A 126 6.40 -13.34 4.56
C ILE A 126 6.78 -12.34 3.47
N SER A 127 5.78 -11.89 2.72
CA SER A 127 5.99 -10.90 1.67
C SER A 127 5.01 -9.75 1.84
N TYR A 128 5.41 -8.57 1.37
CA TYR A 128 4.55 -7.39 1.46
C TYR A 128 3.28 -7.62 0.64
N PRO A 129 2.11 -7.14 1.04
CA PRO A 129 1.86 -6.43 2.33
C PRO A 129 1.98 -7.38 3.52
N ALA A 130 1.17 -8.43 3.52
CA ALA A 130 1.16 -9.40 4.62
C ALA A 130 0.75 -10.77 4.10
N LYS A 131 1.26 -11.14 2.93
CA LYS A 131 0.92 -12.43 2.33
C LYS A 131 1.81 -13.53 2.93
N LEU A 132 1.23 -14.72 3.08
CA LEU A 132 1.95 -15.84 3.66
C LEU A 132 2.26 -16.88 2.58
N SER A 133 3.53 -17.25 2.45
CA SER A 133 3.93 -18.26 1.47
C SER A 133 4.86 -19.28 2.13
N PHE A 134 4.69 -20.54 1.77
CA PHE A 134 5.56 -21.59 2.31
C PHE A 134 5.58 -22.81 1.39
N ILE A 135 6.49 -23.74 1.67
CA ILE A 135 6.64 -24.94 0.84
C ILE A 135 6.15 -26.17 1.59
N SER A 136 5.19 -26.87 1.00
CA SER A 136 4.64 -28.08 1.63
C SER A 136 4.51 -29.20 0.60
N GLU A 137 4.86 -30.41 1.02
CA GLU A 137 4.72 -31.58 0.15
C GLU A 137 5.40 -31.39 -1.22
N GLY A 138 6.34 -30.45 -1.32
CA GLY A 138 7.11 -30.29 -2.56
C GLY A 138 6.59 -29.17 -3.46
N GLU A 139 5.39 -28.66 -3.20
CA GLU A 139 4.82 -27.60 -4.03
C GLU A 139 4.68 -26.31 -3.21
N ILE A 140 4.69 -25.17 -3.90
CA ILE A 140 4.60 -23.89 -3.23
C ILE A 140 3.15 -23.43 -3.14
N LYS A 141 2.73 -22.98 -1.96
CA LYS A 141 1.37 -22.52 -1.75
C LYS A 141 1.37 -21.07 -1.26
N TYR A 142 0.46 -20.27 -1.80
CA TYR A 142 0.36 -18.86 -1.43
C TYR A 142 -1.06 -18.53 -0.96
N PHE A 143 -1.16 -17.84 0.16
CA PHE A 143 -2.46 -17.40 0.67
C PHE A 143 -2.39 -15.93 1.07
N ILE A 144 -3.43 -15.18 0.75
CA ILE A 144 -3.45 -13.75 1.06
C ILE A 144 -4.11 -13.50 2.41
N ASP A 145 -5.23 -14.18 2.65
CA ASP A 145 -5.98 -14.00 3.89
C ASP A 145 -6.00 -15.29 4.69
N LYS A 146 -6.01 -15.15 6.02
CA LYS A 146 -6.08 -16.32 6.89
C LYS A 146 -7.27 -17.21 6.55
N GLN A 147 -8.37 -16.60 6.11
CA GLN A 147 -9.56 -17.37 5.73
C GLN A 147 -9.21 -18.41 4.68
N MET A 148 -8.38 -18.01 3.71
CA MET A 148 -7.94 -18.93 2.68
C MET A 148 -7.19 -20.11 3.30
N LEU A 149 -6.34 -19.82 4.28
CA LEU A 149 -5.55 -20.87 4.92
C LEU A 149 -6.48 -21.93 5.53
N ARG A 150 -7.58 -21.49 6.12
CA ARG A 150 -8.54 -22.42 6.72
C ARG A 150 -9.11 -23.34 5.65
N ASP A 151 -9.63 -22.74 4.58
CA ASP A 151 -10.21 -23.53 3.48
C ASP A 151 -9.21 -24.54 2.94
N PHE A 152 -7.92 -24.19 2.97
CA PHE A 152 -6.86 -25.04 2.46
C PHE A 152 -6.62 -26.25 3.38
N VAL A 153 -6.43 -26.00 4.67
CA VAL A 153 -6.11 -27.09 5.60
C VAL A 153 -7.19 -28.16 5.64
N THR A 154 -8.45 -27.77 5.41
CA THR A 154 -9.55 -28.73 5.42
C THR A 154 -9.27 -29.98 4.58
N THR A 155 -8.36 -29.89 3.61
CA THR A 155 -8.09 -31.01 2.71
C THR A 155 -6.74 -31.69 2.96
N ARG A 156 -6.14 -31.45 4.13
CA ARG A 156 -4.87 -32.08 4.47
C ARG A 156 -4.77 -32.24 6.00
N PRO A 157 -5.36 -33.27 6.57
CA PRO A 157 -5.51 -33.36 8.06
C PRO A 157 -4.23 -33.09 8.83
N ALA A 158 -3.09 -33.57 8.32
CA ALA A 158 -1.81 -33.33 9.00
C ALA A 158 -1.57 -31.83 9.17
N LEU A 159 -1.82 -31.08 8.11
CA LEU A 159 -1.63 -29.63 8.14
C LEU A 159 -2.64 -28.96 9.05
N LYS A 160 -3.86 -29.47 9.09
CA LYS A 160 -4.90 -28.88 9.91
C LYS A 160 -4.50 -28.92 11.39
N GLU A 161 -4.05 -30.08 11.85
CA GLU A 161 -3.71 -30.25 13.27
C GLU A 161 -2.52 -29.37 13.66
N LEU A 162 -1.56 -29.23 12.75
CA LEU A 162 -0.39 -28.40 13.02
C LEU A 162 -0.78 -26.93 13.19
N LEU A 163 -1.59 -26.43 12.27
CA LEU A 163 -1.95 -25.01 12.24
C LEU A 163 -3.17 -24.66 13.09
N LYS A 164 -3.93 -25.66 13.54
CA LYS A 164 -5.16 -25.45 14.32
C LYS A 164 -5.01 -24.35 15.38
N GLU A 165 -3.90 -24.37 16.10
CA GLU A 165 -3.67 -23.39 17.16
C GLU A 165 -3.39 -22.01 16.58
N ALA A 166 -2.66 -21.97 15.46
CA ALA A 166 -2.28 -20.70 14.85
C ALA A 166 -3.50 -19.94 14.34
N LEU A 167 -4.41 -20.65 13.70
CA LEU A 167 -5.59 -20.03 13.11
C LEU A 167 -6.70 -19.79 14.15
N ASN A 168 -6.68 -20.51 15.26
CA ASN A 168 -7.71 -20.36 16.29
C ASN A 168 -9.09 -20.62 15.70
N MET A 169 -9.25 -21.77 15.06
CA MET A 169 -10.50 -22.14 14.44
C MET A 169 -11.65 -22.09 15.45
N GLU A 170 -12.59 -21.17 15.24
CA GLU A 170 -13.72 -21.02 16.13
C GLU A 170 -14.60 -22.26 16.11
N ARG A 171 -14.82 -22.80 14.91
CA ARG A 171 -15.65 -23.98 14.75
C ARG A 171 -14.95 -25.21 15.32
N ASN A 172 -15.74 -26.13 15.88
CA ASN A 172 -15.18 -27.34 16.47
C ASN A 172 -15.99 -28.56 16.04
N ASN A 173 -15.31 -29.55 15.48
CA ASN A 173 -15.97 -30.76 15.03
C ASN A 173 -15.86 -31.86 16.09
N ARG A 174 -16.97 -32.54 16.35
CA ARG A 174 -16.99 -33.61 17.34
C ARG A 174 -17.88 -34.76 16.88
N TYR A 175 -17.43 -35.98 17.10
CA TYR A 175 -18.20 -37.16 16.70
C TYR A 175 -19.01 -37.69 17.88
N GLN A 176 -18.34 -37.92 19.00
CA GLN A 176 -19.00 -38.43 20.20
C GLN A 176 -19.32 -37.29 21.16
N MET A 1 -10.50 0.24 5.14
CA MET A 1 -10.52 1.45 4.25
C MET A 1 -9.13 1.66 3.65
N GLY A 2 -9.09 2.06 2.38
CA GLY A 2 -7.83 2.29 1.70
C GLY A 2 -7.77 3.72 1.16
N ASN A 3 -6.77 4.47 1.62
CA ASN A 3 -6.60 5.86 1.18
C ASN A 3 -5.34 5.99 0.32
N LEU A 4 -5.45 6.75 -0.76
CA LEU A 4 -4.33 6.98 -1.66
C LEU A 4 -3.97 8.46 -1.69
N ARG A 5 -2.69 8.76 -1.90
CA ARG A 5 -2.24 10.15 -1.94
C ARG A 5 -1.88 10.55 -3.37
N LEU A 6 -2.49 11.64 -3.83
CA LEU A 6 -2.19 12.19 -5.14
C LEU A 6 -1.44 13.52 -4.96
N ILE A 7 -0.20 13.56 -5.45
CA ILE A 7 0.64 14.74 -5.28
C ILE A 7 0.96 15.38 -6.63
N GLY A 8 0.74 16.69 -6.73
CA GLY A 8 1.12 17.44 -7.92
C GLY A 8 -0.08 18.00 -8.70
N VAL A 9 -1.20 18.20 -8.01
CA VAL A 9 -2.38 18.79 -8.66
C VAL A 9 -2.41 20.30 -8.38
N PRO A 10 -2.17 21.17 -9.34
CA PRO A 10 -2.19 22.64 -9.08
C PRO A 10 -3.50 23.12 -8.47
N GLU A 11 -3.46 24.27 -7.82
CA GLU A 11 -4.65 24.84 -7.20
C GLU A 11 -5.51 25.54 -8.26
N SER A 12 -6.80 25.69 -7.98
CA SER A 12 -7.70 26.35 -8.91
C SER A 12 -8.85 27.01 -8.17
N ASP A 13 -9.09 28.29 -8.47
CA ASP A 13 -10.16 29.04 -7.81
C ASP A 13 -11.51 28.33 -7.93
N VAL A 14 -11.73 27.63 -9.04
CA VAL A 14 -13.01 26.98 -9.28
C VAL A 14 -13.08 25.53 -8.76
N GLU A 15 -12.14 25.14 -7.90
CA GLU A 15 -12.10 23.78 -7.39
C GLU A 15 -13.37 23.44 -6.63
N ASN A 16 -13.89 22.24 -6.86
CA ASN A 16 -15.09 21.77 -6.18
C ASN A 16 -15.08 20.25 -6.15
N GLY A 17 -15.79 19.67 -5.18
CA GLY A 17 -15.79 18.21 -4.99
C GLY A 17 -16.00 17.45 -6.30
N THR A 18 -17.03 17.81 -7.05
CA THR A 18 -17.35 17.11 -8.29
C THR A 18 -16.17 17.14 -9.26
N LYS A 19 -15.59 18.31 -9.47
CA LYS A 19 -14.49 18.45 -10.40
C LYS A 19 -13.33 17.53 -10.00
N LEU A 20 -13.05 17.48 -8.70
CA LEU A 20 -11.97 16.63 -8.20
C LEU A 20 -12.19 15.18 -8.61
N GLU A 21 -13.42 14.70 -8.44
CA GLU A 21 -13.73 13.31 -8.78
C GLU A 21 -13.44 13.04 -10.25
N ASN A 22 -13.87 13.95 -11.11
CA ASN A 22 -13.59 13.81 -12.54
C ASN A 22 -12.08 13.74 -12.79
N THR A 23 -11.33 14.55 -12.06
CA THR A 23 -9.88 14.56 -12.19
C THR A 23 -9.29 13.16 -12.01
N LEU A 24 -9.67 12.48 -10.92
CA LEU A 24 -9.14 11.15 -10.66
C LEU A 24 -9.45 10.21 -11.82
N GLN A 25 -10.68 10.25 -12.30
CA GLN A 25 -11.08 9.42 -13.44
C GLN A 25 -10.17 9.66 -14.63
N ASP A 26 -9.83 10.93 -14.87
CA ASP A 26 -8.97 11.28 -15.99
C ASP A 26 -7.61 10.62 -15.84
N ILE A 27 -7.06 10.65 -14.63
CA ILE A 27 -5.76 10.04 -14.37
C ILE A 27 -5.78 8.57 -14.78
N ILE A 28 -6.86 7.89 -14.43
CA ILE A 28 -6.99 6.46 -14.73
C ILE A 28 -6.87 6.23 -16.23
N GLN A 29 -7.63 6.99 -17.00
CA GLN A 29 -7.63 6.82 -18.46
C GLN A 29 -6.28 7.18 -19.08
N GLU A 30 -5.61 8.18 -18.52
CA GLU A 30 -4.37 8.69 -19.10
C GLU A 30 -3.23 7.67 -19.02
N ASN A 31 -3.07 7.03 -17.85
CA ASN A 31 -1.92 6.14 -17.63
C ASN A 31 -2.32 4.68 -17.44
N PHE A 32 -3.58 4.42 -17.11
CA PHE A 32 -4.05 3.06 -16.85
C PHE A 32 -5.21 2.72 -17.79
N PRO A 33 -4.95 2.54 -19.07
CA PRO A 33 -6.04 2.24 -20.05
C PRO A 33 -6.81 0.98 -19.65
N ASN A 34 -6.11 0.00 -19.11
CA ASN A 34 -6.76 -1.24 -18.70
C ASN A 34 -7.83 -0.98 -17.65
N LEU A 35 -7.47 -0.21 -16.62
CA LEU A 35 -8.41 0.09 -15.55
C LEU A 35 -9.64 0.80 -16.12
N ALA A 36 -9.40 1.76 -17.01
CA ALA A 36 -10.48 2.53 -17.60
C ALA A 36 -11.45 1.63 -18.36
N ARG A 37 -10.90 0.66 -19.10
CA ARG A 37 -11.73 -0.23 -19.91
C ARG A 37 -12.65 -1.05 -19.03
N GLN A 38 -12.10 -1.60 -17.94
CA GLN A 38 -12.88 -2.40 -17.02
C GLN A 38 -14.08 -1.59 -16.49
N ALA A 39 -13.80 -0.36 -16.07
CA ALA A 39 -14.85 0.53 -15.58
C ALA A 39 -15.48 -0.04 -14.29
N ASN A 40 -14.64 -0.61 -13.44
CA ASN A 40 -15.11 -1.17 -12.17
C ASN A 40 -14.50 -0.41 -10.98
N VAL A 41 -14.39 0.91 -11.13
CA VAL A 41 -13.82 1.73 -10.08
C VAL A 41 -14.93 2.38 -9.27
N GLN A 42 -14.88 2.21 -7.95
CA GLN A 42 -15.88 2.80 -7.06
C GLN A 42 -15.20 3.71 -6.04
N ILE A 43 -15.41 5.02 -6.19
CA ILE A 43 -14.79 5.98 -5.29
C ILE A 43 -15.82 6.50 -4.29
N GLN A 44 -15.42 6.60 -3.03
CA GLN A 44 -16.34 7.01 -1.98
C GLN A 44 -16.32 8.52 -1.79
N GLU A 45 -15.12 9.09 -1.70
CA GLU A 45 -14.99 10.53 -1.50
C GLU A 45 -13.59 11.03 -1.88
N ILE A 46 -13.55 12.24 -2.44
CA ILE A 46 -12.29 12.88 -2.78
C ILE A 46 -12.31 14.33 -2.31
N GLN A 47 -11.27 14.73 -1.57
CA GLN A 47 -11.23 16.09 -1.02
C GLN A 47 -9.80 16.61 -0.94
N ARG A 48 -9.66 17.93 -0.89
CA ARG A 48 -8.36 18.58 -0.77
C ARG A 48 -8.04 18.84 0.70
N THR A 49 -6.77 18.65 1.08
CA THR A 49 -6.34 18.91 2.45
C THR A 49 -5.01 19.67 2.46
N PRO A 50 -4.72 20.53 3.42
CA PRO A 50 -5.65 20.92 4.53
C PRO A 50 -6.70 21.91 4.04
N GLN A 51 -7.97 21.62 4.31
CA GLN A 51 -9.05 22.44 3.80
C GLN A 51 -8.93 23.89 4.29
N ARG A 52 -8.53 24.06 5.54
CA ARG A 52 -8.46 25.41 6.12
C ARG A 52 -7.09 26.08 5.94
N TYR A 53 -6.27 25.58 5.01
CA TYR A 53 -4.97 26.18 4.74
C TYR A 53 -5.00 26.87 3.37
N SER A 54 -4.65 28.15 3.36
CA SER A 54 -4.63 28.91 2.11
C SER A 54 -3.48 28.43 1.23
N SER A 55 -3.58 28.73 -0.07
CA SER A 55 -2.54 28.34 -1.01
C SER A 55 -1.49 29.43 -1.17
N ARG A 56 -1.16 30.10 -0.06
CA ARG A 56 -0.16 31.15 -0.08
C ARG A 56 1.24 30.55 -0.18
N ARG A 57 1.47 29.50 0.59
CA ARG A 57 2.78 28.84 0.59
C ARG A 57 3.08 28.23 -0.78
N ALA A 58 4.36 28.09 -1.09
CA ALA A 58 4.78 27.54 -2.38
C ALA A 58 4.38 26.06 -2.51
N THR A 59 4.43 25.32 -1.40
CA THR A 59 4.10 23.90 -1.42
C THR A 59 2.61 23.69 -1.71
N PRO A 60 2.22 23.16 -2.86
CA PRO A 60 0.77 22.95 -3.15
C PRO A 60 0.16 21.85 -2.26
N ARG A 61 -1.11 22.02 -1.93
CA ARG A 61 -1.81 21.05 -1.09
C ARG A 61 -1.92 19.69 -1.79
N HIS A 62 -2.10 18.65 -1.00
CA HIS A 62 -2.27 17.31 -1.55
C HIS A 62 -3.74 16.95 -1.64
N ILE A 63 -4.07 15.98 -2.48
CA ILE A 63 -5.45 15.49 -2.58
C ILE A 63 -5.52 14.07 -2.02
N ILE A 64 -6.51 13.82 -1.18
CA ILE A 64 -6.69 12.50 -0.59
C ILE A 64 -7.89 11.80 -1.22
N VAL A 65 -7.67 10.57 -1.65
CA VAL A 65 -8.73 9.77 -2.27
C VAL A 65 -9.06 8.57 -1.38
N ARG A 66 -10.32 8.45 -0.99
CA ARG A 66 -10.76 7.28 -0.23
C ARG A 66 -11.57 6.36 -1.14
N PHE A 67 -11.06 5.16 -1.35
CA PHE A 67 -11.72 4.21 -2.24
C PHE A 67 -12.65 3.30 -1.46
N THR A 68 -13.68 2.80 -2.13
CA THR A 68 -14.64 1.90 -1.49
C THR A 68 -14.01 0.53 -1.24
N LYS A 69 -13.23 0.06 -2.20
CA LYS A 69 -12.59 -1.26 -2.09
C LYS A 69 -11.09 -1.13 -1.89
N VAL A 70 -10.61 -1.61 -0.75
CA VAL A 70 -9.18 -1.55 -0.46
C VAL A 70 -8.38 -2.26 -1.54
N GLU A 71 -8.87 -3.41 -1.99
CA GLU A 71 -8.19 -4.16 -3.03
C GLU A 71 -8.05 -3.33 -4.31
N MET A 72 -9.08 -2.56 -4.63
CA MET A 72 -9.06 -1.74 -5.83
C MET A 72 -7.91 -0.73 -5.76
N LYS A 73 -7.78 -0.07 -4.61
CA LYS A 73 -6.72 0.92 -4.42
C LYS A 73 -5.36 0.28 -4.66
N GLU A 74 -5.16 -0.89 -4.09
CA GLU A 74 -3.88 -1.59 -4.22
C GLU A 74 -3.57 -1.85 -5.69
N LYS A 75 -4.58 -2.27 -6.44
CA LYS A 75 -4.40 -2.55 -7.86
C LYS A 75 -3.89 -1.32 -8.59
N MET A 76 -4.48 -0.16 -8.27
CA MET A 76 -4.07 1.08 -8.91
C MET A 76 -2.59 1.35 -8.70
N LEU A 77 -2.15 1.17 -7.46
CA LEU A 77 -0.74 1.41 -7.13
C LEU A 77 0.16 0.51 -7.98
N ARG A 78 -0.21 -0.75 -8.10
CA ARG A 78 0.58 -1.70 -8.88
C ARG A 78 0.71 -1.22 -10.32
N ALA A 79 -0.39 -0.76 -10.89
CA ALA A 79 -0.39 -0.30 -12.27
C ALA A 79 0.61 0.84 -12.46
N ALA A 80 0.63 1.77 -11.51
CA ALA A 80 1.54 2.89 -11.58
C ALA A 80 2.99 2.41 -11.60
N ARG A 81 3.30 1.48 -10.72
CA ARG A 81 4.66 0.95 -10.63
C ARG A 81 5.11 0.37 -11.97
N GLU A 82 4.19 -0.32 -12.65
CA GLU A 82 4.50 -0.95 -13.93
C GLU A 82 4.78 0.08 -15.00
N LYS A 83 3.91 1.09 -15.10
CA LYS A 83 4.05 2.10 -16.14
C LYS A 83 5.36 2.86 -16.01
N GLY A 84 5.74 3.16 -14.77
CA GLY A 84 6.98 3.88 -14.51
C GLY A 84 6.83 5.40 -14.59
N ARG A 85 5.73 5.88 -15.17
CA ARG A 85 5.50 7.32 -15.29
C ARG A 85 4.01 7.63 -15.29
N VAL A 86 3.56 8.41 -14.32
CA VAL A 86 2.15 8.82 -14.24
C VAL A 86 2.04 10.32 -14.42
N THR A 87 1.14 10.75 -15.31
CA THR A 87 1.00 12.17 -15.61
C THR A 87 -0.46 12.63 -15.51
N LEU A 88 -0.62 13.91 -15.22
CA LEU A 88 -1.95 14.54 -15.22
C LEU A 88 -1.96 15.65 -16.27
N LYS A 89 -2.75 15.48 -17.32
CA LYS A 89 -2.85 16.48 -18.37
C LYS A 89 -1.48 16.77 -18.98
N GLY A 90 -0.62 15.75 -19.07
CA GLY A 90 0.68 15.91 -19.72
C GLY A 90 1.79 16.36 -18.76
N LYS A 91 1.46 16.75 -17.54
CA LYS A 91 2.47 17.19 -16.59
C LYS A 91 2.80 16.06 -15.60
N PRO A 92 4.02 15.94 -15.14
CA PRO A 92 4.41 14.79 -14.26
C PRO A 92 3.87 14.93 -12.84
N ILE A 93 3.32 13.83 -12.32
CA ILE A 93 2.82 13.80 -10.95
C ILE A 93 3.32 12.55 -10.24
N ARG A 94 3.00 12.43 -8.96
CA ARG A 94 3.44 11.27 -8.17
C ARG A 94 2.25 10.65 -7.44
N LEU A 95 2.24 9.32 -7.37
CA LEU A 95 1.20 8.59 -6.65
C LEU A 95 1.82 7.65 -5.63
N THR A 96 1.42 7.79 -4.37
CA THR A 96 2.00 6.98 -3.30
C THR A 96 1.02 6.75 -2.16
N VAL A 97 1.46 6.03 -1.14
CA VAL A 97 0.65 5.80 0.06
C VAL A 97 1.40 6.29 1.30
N ASP A 98 0.65 6.49 2.39
CA ASP A 98 1.25 6.95 3.63
C ASP A 98 2.31 5.98 4.12
N LEU A 99 3.41 6.51 4.66
CA LEU A 99 4.49 5.68 5.17
C LEU A 99 4.24 5.38 6.66
N SER A 100 3.03 4.93 6.96
CA SER A 100 2.64 4.64 8.34
C SER A 100 3.63 3.70 9.01
N ALA A 101 3.57 3.64 10.34
CA ALA A 101 4.46 2.78 11.12
C ALA A 101 4.20 1.29 10.87
N GLU A 102 3.02 0.94 10.34
CA GLU A 102 2.67 -0.46 10.15
C GLU A 102 3.69 -1.16 9.26
N THR A 103 4.15 -0.46 8.22
CA THR A 103 5.14 -1.04 7.32
C THR A 103 6.39 -1.46 8.09
N LEU A 104 6.90 -0.58 8.94
CA LEU A 104 8.10 -0.89 9.71
C LEU A 104 7.91 -2.15 10.54
N GLN A 105 6.76 -2.25 11.21
CA GLN A 105 6.47 -3.42 12.03
C GLN A 105 6.54 -4.70 11.19
N ALA A 106 5.99 -4.64 9.99
CA ALA A 106 5.98 -5.80 9.12
C ALA A 106 7.41 -6.27 8.83
N ARG A 107 8.28 -5.31 8.52
CA ARG A 107 9.67 -5.64 8.21
C ARG A 107 10.31 -6.38 9.38
N ARG A 108 10.05 -5.90 10.60
CA ARG A 108 10.61 -6.52 11.79
C ARG A 108 10.15 -7.97 11.93
N GLU A 109 8.88 -8.22 11.59
CA GLU A 109 8.33 -9.58 11.66
C GLU A 109 9.08 -10.52 10.72
N TRP A 110 9.40 -10.03 9.53
CA TRP A 110 10.14 -10.84 8.55
C TRP A 110 11.62 -11.02 8.92
N GLY A 111 12.06 -10.49 10.07
CA GLY A 111 13.46 -10.53 10.43
C GLY A 111 14.04 -11.95 10.35
N PRO A 112 13.49 -12.91 11.08
CA PRO A 112 14.05 -14.29 11.11
C PRO A 112 14.24 -14.88 9.71
N ILE A 113 13.20 -14.85 8.90
CA ILE A 113 13.25 -15.45 7.57
C ILE A 113 14.37 -14.81 6.75
N PHE A 114 14.45 -13.49 6.79
CA PHE A 114 15.44 -12.77 5.99
C PHE A 114 16.85 -13.23 6.34
N ASN A 115 17.14 -13.27 7.63
CA ASN A 115 18.50 -13.57 8.08
C ASN A 115 18.94 -14.95 7.63
N ILE A 116 18.09 -15.95 7.85
CA ILE A 116 18.44 -17.33 7.51
C ILE A 116 18.75 -17.44 6.03
N LEU A 117 17.89 -16.86 5.20
CA LEU A 117 18.08 -16.92 3.76
C LEU A 117 19.41 -16.29 3.36
N LYS A 118 19.78 -15.20 4.04
CA LYS A 118 21.04 -14.53 3.76
C LYS A 118 22.21 -15.51 3.94
N GLU A 119 22.21 -16.18 5.07
CA GLU A 119 23.29 -17.12 5.38
C GLU A 119 23.38 -18.20 4.31
N LYS A 120 22.24 -18.68 3.86
CA LYS A 120 22.19 -19.79 2.89
C LYS A 120 22.36 -19.34 1.45
N ASN A 121 22.89 -18.12 1.22
CA ASN A 121 23.18 -17.66 -0.13
C ASN A 121 21.92 -17.59 -0.99
N PHE A 122 20.79 -17.27 -0.37
CA PHE A 122 19.52 -17.08 -1.10
C PHE A 122 19.34 -15.63 -1.59
N GLN A 123 20.15 -14.69 -1.10
CA GLN A 123 20.05 -13.30 -1.50
C GLN A 123 18.65 -12.75 -1.18
N PRO A 124 18.25 -12.75 0.07
CA PRO A 124 16.91 -12.21 0.47
C PRO A 124 16.87 -10.69 0.42
N ARG A 125 15.80 -10.15 -0.16
CA ARG A 125 15.62 -8.71 -0.23
C ARG A 125 14.18 -8.34 0.13
N ILE A 126 14.01 -7.16 0.73
CA ILE A 126 12.68 -6.69 1.11
C ILE A 126 12.26 -5.52 0.22
N SER A 127 10.99 -5.52 -0.19
CA SER A 127 10.45 -4.44 -1.00
C SER A 127 9.21 -3.84 -0.34
N TYR A 128 9.01 -2.55 -0.53
CA TYR A 128 7.85 -1.87 0.05
C TYR A 128 6.57 -2.53 -0.47
N PRO A 129 5.50 -2.67 0.30
CA PRO A 129 5.43 -2.33 1.76
C PRO A 129 6.30 -3.25 2.61
N ALA A 130 6.00 -4.55 2.55
CA ALA A 130 6.72 -5.53 3.35
C ALA A 130 6.71 -6.89 2.67
N LYS A 131 6.88 -6.89 1.35
CA LYS A 131 6.89 -8.13 0.59
C LYS A 131 8.28 -8.77 0.65
N LEU A 132 8.31 -10.10 0.74
CA LEU A 132 9.56 -10.83 0.82
C LEU A 132 9.86 -11.50 -0.51
N SER A 133 11.03 -11.21 -1.08
CA SER A 133 11.43 -11.81 -2.34
C SER A 133 12.83 -12.37 -2.25
N PHE A 134 13.06 -13.53 -2.88
CA PHE A 134 14.39 -14.13 -2.88
C PHE A 134 14.57 -15.06 -4.07
N ILE A 135 15.81 -15.50 -4.29
CA ILE A 135 16.11 -16.36 -5.43
C ILE A 135 16.33 -17.79 -4.96
N SER A 136 15.56 -18.72 -5.54
CA SER A 136 15.67 -20.13 -5.19
C SER A 136 15.65 -20.99 -6.45
N GLU A 137 16.53 -21.99 -6.50
CA GLU A 137 16.57 -22.90 -7.63
C GLU A 137 16.68 -22.19 -8.98
N GLY A 138 17.15 -20.94 -8.98
CA GLY A 138 17.40 -20.23 -10.24
C GLY A 138 16.27 -19.28 -10.64
N GLU A 139 15.10 -19.40 -10.02
CA GLU A 139 13.97 -18.53 -10.36
C GLU A 139 13.62 -17.63 -9.18
N ILE A 140 12.99 -16.49 -9.47
CA ILE A 140 12.64 -15.54 -8.42
C ILE A 140 11.21 -15.79 -7.94
N LYS A 141 11.05 -15.88 -6.62
CA LYS A 141 9.74 -16.12 -6.02
C LYS A 141 9.38 -14.99 -5.06
N TYR A 142 8.09 -14.63 -5.04
CA TYR A 142 7.61 -13.54 -4.20
C TYR A 142 6.45 -14.00 -3.33
N PHE A 143 6.47 -13.59 -2.06
CA PHE A 143 5.37 -13.85 -1.15
C PHE A 143 4.99 -12.56 -0.42
N ILE A 144 3.69 -12.32 -0.27
CA ILE A 144 3.23 -11.08 0.36
C ILE A 144 3.04 -11.27 1.86
N ASP A 145 2.42 -12.39 2.24
CA ASP A 145 2.14 -12.67 3.64
C ASP A 145 2.89 -13.92 4.10
N LYS A 146 3.28 -13.93 5.38
CA LYS A 146 3.96 -15.10 5.94
C LYS A 146 3.13 -16.37 5.74
N GLN A 147 1.81 -16.24 5.76
CA GLN A 147 0.94 -17.39 5.54
C GLN A 147 1.26 -18.06 4.21
N MET A 148 1.51 -17.23 3.20
CA MET A 148 1.88 -17.76 1.88
C MET A 148 3.16 -18.58 1.97
N LEU A 149 4.13 -18.09 2.74
CA LEU A 149 5.41 -18.78 2.87
C LEU A 149 5.19 -20.19 3.43
N ARG A 150 4.27 -20.32 4.38
CA ARG A 150 3.97 -21.62 4.97
C ARG A 150 3.44 -22.57 3.90
N ASP A 151 2.42 -22.11 3.19
CA ASP A 151 1.82 -22.93 2.12
C ASP A 151 2.87 -23.37 1.10
N PHE A 152 3.86 -22.52 0.87
CA PHE A 152 4.91 -22.79 -0.11
C PHE A 152 5.89 -23.86 0.39
N VAL A 153 6.40 -23.70 1.61
CA VAL A 153 7.41 -24.64 2.13
C VAL A 153 6.87 -26.06 2.19
N THR A 154 5.57 -26.22 2.41
CA THR A 154 4.98 -27.56 2.50
C THR A 154 5.36 -28.46 1.30
N THR A 155 5.76 -27.87 0.18
CA THR A 155 6.05 -28.65 -1.03
C THR A 155 7.56 -28.76 -1.32
N ARG A 156 8.41 -28.40 -0.37
CA ARG A 156 9.85 -28.50 -0.55
C ARG A 156 10.52 -28.73 0.81
N PRO A 157 10.57 -29.96 1.31
CA PRO A 157 10.98 -30.22 2.72
C PRO A 157 12.28 -29.52 3.12
N ALA A 158 13.24 -29.42 2.20
CA ALA A 158 14.51 -28.75 2.51
C ALA A 158 14.25 -27.32 2.98
N LEU A 159 13.40 -26.61 2.25
CA LEU A 159 13.08 -25.22 2.58
C LEU A 159 12.34 -25.13 3.90
N LYS A 160 11.47 -26.11 4.17
CA LYS A 160 10.69 -26.10 5.41
C LYS A 160 11.62 -26.15 6.62
N GLU A 161 12.58 -27.06 6.58
CA GLU A 161 13.50 -27.22 7.71
C GLU A 161 14.28 -25.93 7.96
N LEU A 162 14.76 -25.32 6.89
CA LEU A 162 15.55 -24.10 7.02
C LEU A 162 14.74 -22.98 7.68
N LEU A 163 13.51 -22.81 7.23
CA LEU A 163 12.68 -21.70 7.70
C LEU A 163 11.81 -22.07 8.91
N LYS A 164 11.75 -23.34 9.29
CA LYS A 164 10.93 -23.81 10.41
C LYS A 164 10.99 -22.87 11.63
N GLU A 165 12.19 -22.44 11.99
CA GLU A 165 12.35 -21.55 13.13
C GLU A 165 11.88 -20.14 12.84
N ALA A 166 12.10 -19.69 11.60
CA ALA A 166 11.73 -18.32 11.21
C ALA A 166 10.23 -18.11 11.30
N LEU A 167 9.47 -19.08 10.79
CA LEU A 167 8.01 -18.97 10.76
C LEU A 167 7.36 -19.35 12.10
N ASN A 168 8.14 -19.80 13.08
CA ASN A 168 7.59 -20.17 14.38
C ASN A 168 6.60 -21.34 14.24
N MET A 169 6.94 -22.29 13.39
CA MET A 169 6.09 -23.46 13.19
C MET A 169 6.02 -24.30 14.46
N GLU A 170 7.15 -24.45 15.13
CA GLU A 170 7.20 -25.24 16.35
C GLU A 170 6.92 -24.37 17.57
N ARG A 171 6.32 -24.97 18.60
CA ARG A 171 5.99 -24.24 19.81
C ARG A 171 7.24 -23.59 20.42
N ASN A 172 7.05 -22.48 21.11
CA ASN A 172 8.18 -21.78 21.72
C ASN A 172 7.79 -21.27 23.11
N ASN A 173 8.77 -20.74 23.83
CA ASN A 173 8.53 -20.21 25.17
C ASN A 173 8.35 -18.70 25.14
N ARG A 174 7.57 -18.18 26.07
CA ARG A 174 7.33 -16.74 26.13
C ARG A 174 8.61 -16.00 26.50
N TYR A 175 9.36 -16.55 27.45
CA TYR A 175 10.61 -15.93 27.88
C TYR A 175 11.81 -16.67 27.29
N GLN A 176 12.71 -15.90 26.68
CA GLN A 176 13.91 -16.49 26.08
C GLN A 176 14.96 -16.78 27.13
N MET A 1 -11.76 2.67 3.45
CA MET A 1 -10.63 2.36 4.37
C MET A 1 -9.31 2.64 3.66
N GLY A 2 -9.15 2.06 2.48
CA GLY A 2 -7.93 2.24 1.70
C GLY A 2 -7.86 3.66 1.13
N ASN A 3 -6.84 4.41 1.56
CA ASN A 3 -6.67 5.79 1.10
C ASN A 3 -5.40 5.91 0.24
N LEU A 4 -5.50 6.70 -0.82
CA LEU A 4 -4.37 6.92 -1.72
C LEU A 4 -4.00 8.40 -1.75
N ARG A 5 -2.72 8.70 -1.98
CA ARG A 5 -2.27 10.08 -2.01
C ARG A 5 -1.94 10.51 -3.44
N LEU A 6 -2.56 11.61 -3.86
CA LEU A 6 -2.28 12.18 -5.18
C LEU A 6 -1.54 13.51 -5.01
N ILE A 7 -0.32 13.58 -5.51
CA ILE A 7 0.52 14.76 -5.34
C ILE A 7 0.83 15.41 -6.69
N GLY A 8 0.65 16.73 -6.77
CA GLY A 8 1.03 17.47 -7.97
C GLY A 8 -0.17 18.04 -8.72
N VAL A 9 -1.28 18.27 -8.02
CA VAL A 9 -2.46 18.85 -8.66
C VAL A 9 -2.46 20.37 -8.43
N PRO A 10 -2.24 21.20 -9.43
CA PRO A 10 -2.23 22.69 -9.22
C PRO A 10 -3.49 23.19 -8.55
N GLU A 11 -3.40 24.36 -7.93
CA GLU A 11 -4.54 24.96 -7.26
C GLU A 11 -5.38 25.76 -8.25
N SER A 12 -6.67 25.88 -7.96
CA SER A 12 -7.57 26.63 -8.83
C SER A 12 -8.73 27.22 -8.03
N ASP A 13 -8.99 28.52 -8.25
CA ASP A 13 -10.06 29.19 -7.53
C ASP A 13 -11.40 28.47 -7.69
N VAL A 14 -11.62 27.86 -8.87
CA VAL A 14 -12.90 27.22 -9.16
C VAL A 14 -12.95 25.76 -8.68
N GLU A 15 -12.03 25.35 -7.82
CA GLU A 15 -12.00 23.97 -7.34
C GLU A 15 -13.29 23.63 -6.60
N ASN A 16 -13.78 22.41 -6.82
CA ASN A 16 -14.98 21.92 -6.16
C ASN A 16 -14.96 20.40 -6.10
N GLY A 17 -15.67 19.82 -5.15
CA GLY A 17 -15.66 18.37 -4.95
C GLY A 17 -15.87 17.60 -6.26
N THR A 18 -16.89 17.98 -7.02
CA THR A 18 -17.21 17.27 -8.25
C THR A 18 -16.03 17.28 -9.21
N LYS A 19 -15.43 18.45 -9.42
CA LYS A 19 -14.31 18.57 -10.35
C LYS A 19 -13.18 17.64 -9.93
N LEU A 20 -12.91 17.59 -8.62
CA LEU A 20 -11.86 16.72 -8.10
C LEU A 20 -12.09 15.27 -8.53
N GLU A 21 -13.33 14.79 -8.37
CA GLU A 21 -13.64 13.41 -8.70
C GLU A 21 -13.33 13.13 -10.17
N ASN A 22 -13.74 14.06 -11.03
CA ASN A 22 -13.47 13.91 -12.46
C ASN A 22 -11.97 13.81 -12.71
N THR A 23 -11.20 14.63 -12.00
CA THR A 23 -9.75 14.61 -12.13
C THR A 23 -9.19 13.21 -11.93
N LEU A 24 -9.60 12.54 -10.85
CA LEU A 24 -9.10 11.21 -10.55
C LEU A 24 -9.39 10.26 -11.70
N GLN A 25 -10.63 10.31 -12.20
CA GLN A 25 -11.02 9.46 -13.32
C GLN A 25 -10.09 9.70 -14.52
N ASP A 26 -9.77 10.96 -14.77
CA ASP A 26 -8.90 11.30 -15.89
C ASP A 26 -7.54 10.63 -15.74
N ILE A 27 -6.99 10.66 -14.54
CA ILE A 27 -5.69 10.05 -14.29
C ILE A 27 -5.72 8.57 -14.67
N ILE A 28 -6.81 7.90 -14.31
CA ILE A 28 -6.95 6.48 -14.59
C ILE A 28 -6.83 6.22 -16.10
N GLN A 29 -7.58 7.00 -16.88
CA GLN A 29 -7.59 6.81 -18.32
C GLN A 29 -6.24 7.12 -18.95
N GLU A 30 -5.56 8.15 -18.43
CA GLU A 30 -4.31 8.61 -19.03
C GLU A 30 -3.20 7.58 -18.90
N ASN A 31 -3.06 6.98 -17.73
CA ASN A 31 -1.93 6.08 -17.46
C ASN A 31 -2.35 4.62 -17.42
N PHE A 32 -3.59 4.35 -17.02
CA PHE A 32 -4.05 2.99 -16.80
C PHE A 32 -5.25 2.68 -17.72
N PRO A 33 -5.02 2.54 -19.02
CA PRO A 33 -6.13 2.27 -19.97
C PRO A 33 -6.91 1.01 -19.59
N ASN A 34 -6.20 0.03 -19.06
CA ASN A 34 -6.85 -1.21 -18.65
C ASN A 34 -7.91 -0.95 -17.59
N LEU A 35 -7.54 -0.19 -16.56
CA LEU A 35 -8.48 0.10 -15.49
C LEU A 35 -9.71 0.82 -16.05
N ALA A 36 -9.47 1.80 -16.91
CA ALA A 36 -10.56 2.57 -17.48
C ALA A 36 -11.51 1.69 -18.29
N ARG A 37 -10.95 0.73 -19.03
CA ARG A 37 -11.77 -0.15 -19.86
C ARG A 37 -12.72 -0.98 -19.00
N GLN A 38 -12.19 -1.53 -17.91
CA GLN A 38 -13.01 -2.33 -17.00
C GLN A 38 -14.19 -1.51 -16.49
N ALA A 39 -13.92 -0.28 -16.07
CA ALA A 39 -14.97 0.62 -15.61
C ALA A 39 -15.63 0.07 -14.35
N ASN A 40 -14.83 -0.55 -13.48
CA ASN A 40 -15.35 -1.07 -12.21
C ASN A 40 -14.73 -0.32 -11.04
N VAL A 41 -14.61 1.00 -11.18
CA VAL A 41 -14.02 1.83 -10.13
C VAL A 41 -15.12 2.49 -9.30
N GLN A 42 -15.11 2.22 -8.00
CA GLN A 42 -16.08 2.83 -7.09
C GLN A 42 -15.38 3.71 -6.08
N ILE A 43 -15.57 5.02 -6.20
CA ILE A 43 -14.92 5.97 -5.30
C ILE A 43 -15.94 6.46 -4.26
N GLN A 44 -15.51 6.54 -3.01
CA GLN A 44 -16.41 6.95 -1.94
C GLN A 44 -16.40 8.47 -1.78
N GLU A 45 -15.20 9.04 -1.73
CA GLU A 45 -15.08 10.50 -1.58
C GLU A 45 -13.68 10.99 -1.93
N ILE A 46 -13.61 12.20 -2.48
CA ILE A 46 -12.33 12.82 -2.80
C ILE A 46 -12.36 14.28 -2.34
N GLN A 47 -11.32 14.68 -1.61
CA GLN A 47 -11.28 16.04 -1.07
C GLN A 47 -9.84 16.56 -0.96
N ARG A 48 -9.71 17.88 -0.90
CA ARG A 48 -8.41 18.52 -0.77
C ARG A 48 -8.10 18.79 0.70
N THR A 49 -6.85 18.61 1.09
CA THR A 49 -6.43 18.88 2.47
C THR A 49 -5.09 19.65 2.48
N PRO A 50 -4.82 20.52 3.43
CA PRO A 50 -5.76 20.94 4.51
C PRO A 50 -6.80 21.93 3.98
N GLN A 51 -8.08 21.61 4.21
CA GLN A 51 -9.15 22.42 3.65
C GLN A 51 -9.10 23.86 4.15
N ARG A 52 -8.77 24.04 5.42
CA ARG A 52 -8.80 25.37 6.02
C ARG A 52 -7.45 26.09 5.95
N TYR A 53 -6.36 25.35 5.74
CA TYR A 53 -5.04 25.97 5.66
C TYR A 53 -4.51 25.88 4.22
N SER A 54 -4.15 27.04 3.66
CA SER A 54 -3.65 27.09 2.30
C SER A 54 -2.21 27.59 2.27
N SER A 55 -1.28 26.70 1.96
CA SER A 55 0.13 27.07 1.86
C SER A 55 0.72 26.57 0.54
N ARG A 56 -0.05 26.74 -0.54
CA ARG A 56 0.37 26.27 -1.86
C ARG A 56 1.64 26.96 -2.35
N ARG A 57 1.90 28.18 -1.89
CA ARG A 57 3.04 28.94 -2.37
C ARG A 57 4.34 28.14 -2.28
N ALA A 58 4.60 27.54 -1.13
CA ALA A 58 5.83 26.75 -0.95
C ALA A 58 5.54 25.26 -1.11
N THR A 59 4.38 24.82 -0.63
CA THR A 59 4.02 23.41 -0.71
C THR A 59 2.59 23.26 -1.26
N PRO A 60 2.40 22.79 -2.49
CA PRO A 60 1.03 22.58 -3.03
C PRO A 60 0.26 21.54 -2.22
N ARG A 61 -1.00 21.84 -1.91
CA ARG A 61 -1.81 20.92 -1.12
C ARG A 61 -1.95 19.58 -1.83
N HIS A 62 -2.18 18.53 -1.06
CA HIS A 62 -2.37 17.20 -1.63
C HIS A 62 -3.86 16.85 -1.68
N ILE A 63 -4.21 15.91 -2.55
CA ILE A 63 -5.58 15.41 -2.61
C ILE A 63 -5.64 13.99 -2.05
N ILE A 64 -6.62 13.74 -1.19
CA ILE A 64 -6.79 12.41 -0.61
C ILE A 64 -7.99 11.71 -1.25
N VAL A 65 -7.76 10.49 -1.70
CA VAL A 65 -8.80 9.68 -2.32
C VAL A 65 -9.13 8.49 -1.43
N ARG A 66 -10.39 8.35 -1.03
CA ARG A 66 -10.82 7.20 -0.28
C ARG A 66 -11.65 6.29 -1.17
N PHE A 67 -11.15 5.08 -1.40
CA PHE A 67 -11.82 4.15 -2.30
C PHE A 67 -12.73 3.22 -1.53
N THR A 68 -13.75 2.70 -2.21
CA THR A 68 -14.69 1.77 -1.59
C THR A 68 -14.02 0.43 -1.31
N LYS A 69 -13.17 -0.02 -2.25
CA LYS A 69 -12.50 -1.31 -2.11
C LYS A 69 -11.00 -1.13 -1.91
N VAL A 70 -10.50 -1.55 -0.75
CA VAL A 70 -9.08 -1.46 -0.46
C VAL A 70 -8.27 -2.19 -1.52
N GLU A 71 -8.75 -3.36 -1.93
CA GLU A 71 -8.06 -4.14 -2.95
C GLU A 71 -7.91 -3.34 -4.24
N MET A 72 -8.96 -2.62 -4.61
CA MET A 72 -8.93 -1.84 -5.84
C MET A 72 -7.80 -0.80 -5.79
N LYS A 73 -7.70 -0.11 -4.66
CA LYS A 73 -6.66 0.91 -4.50
C LYS A 73 -5.28 0.30 -4.69
N GLU A 74 -5.07 -0.86 -4.08
CA GLU A 74 -3.77 -1.53 -4.18
C GLU A 74 -3.44 -1.83 -5.64
N LYS A 75 -4.43 -2.30 -6.38
CA LYS A 75 -4.21 -2.63 -7.78
C LYS A 75 -3.73 -1.41 -8.56
N MET A 76 -4.35 -0.27 -8.29
CA MET A 76 -4.00 0.96 -8.98
C MET A 76 -2.53 1.30 -8.74
N LEU A 77 -2.09 1.18 -7.50
CA LEU A 77 -0.70 1.49 -7.15
C LEU A 77 0.24 0.60 -7.95
N ARG A 78 -0.09 -0.69 -8.01
CA ARG A 78 0.76 -1.64 -8.73
C ARG A 78 0.90 -1.21 -10.18
N ALA A 79 -0.20 -0.82 -10.79
CA ALA A 79 -0.19 -0.43 -12.20
C ALA A 79 0.77 0.73 -12.42
N ALA A 80 0.73 1.70 -11.52
CA ALA A 80 1.61 2.87 -11.62
C ALA A 80 3.08 2.43 -11.60
N ARG A 81 3.41 1.55 -10.66
CA ARG A 81 4.78 1.08 -10.53
C ARG A 81 5.27 0.46 -11.84
N GLU A 82 4.39 -0.30 -12.49
CA GLU A 82 4.74 -0.99 -13.72
C GLU A 82 5.01 0.02 -14.85
N LYS A 83 4.10 0.98 -15.01
CA LYS A 83 4.23 1.94 -16.10
C LYS A 83 5.52 2.74 -15.99
N GLY A 84 5.87 3.12 -14.75
CA GLY A 84 7.10 3.87 -14.52
C GLY A 84 6.89 5.39 -14.59
N ARG A 85 5.77 5.84 -15.14
CA ARG A 85 5.49 7.27 -15.24
C ARG A 85 3.99 7.54 -15.20
N VAL A 86 3.58 8.47 -14.36
CA VAL A 86 2.18 8.85 -14.25
C VAL A 86 2.04 10.35 -14.50
N THR A 87 1.15 10.72 -15.42
CA THR A 87 1.00 12.12 -15.81
C THR A 87 -0.46 12.58 -15.73
N LEU A 88 -0.64 13.85 -15.42
CA LEU A 88 -1.96 14.47 -15.40
C LEU A 88 -1.99 15.61 -16.42
N LYS A 89 -2.80 15.45 -17.46
CA LYS A 89 -2.90 16.47 -18.50
C LYS A 89 -1.53 16.78 -19.11
N GLY A 90 -0.67 15.76 -19.22
CA GLY A 90 0.62 15.94 -19.88
C GLY A 90 1.74 16.37 -18.92
N LYS A 91 1.40 16.75 -17.69
CA LYS A 91 2.42 17.21 -16.73
C LYS A 91 2.74 16.08 -15.74
N PRO A 92 3.96 15.97 -15.25
CA PRO A 92 4.34 14.85 -14.35
C PRO A 92 3.76 14.99 -12.94
N ILE A 93 3.23 13.90 -12.42
CA ILE A 93 2.70 13.86 -11.06
C ILE A 93 3.24 12.65 -10.31
N ARG A 94 2.92 12.55 -9.02
CA ARG A 94 3.41 11.44 -8.21
C ARG A 94 2.26 10.76 -7.47
N LEU A 95 2.28 9.44 -7.44
CA LEU A 95 1.29 8.66 -6.69
C LEU A 95 1.98 7.89 -5.56
N THR A 96 1.44 7.98 -4.35
CA THR A 96 2.06 7.33 -3.20
C THR A 96 1.03 6.69 -2.28
N VAL A 97 1.52 5.90 -1.34
CA VAL A 97 0.67 5.22 -0.36
C VAL A 97 0.58 6.04 0.93
N ASP A 98 -0.44 5.75 1.73
CA ASP A 98 -0.61 6.43 3.00
C ASP A 98 0.45 5.97 4.01
N LEU A 99 0.76 6.82 4.97
CA LEU A 99 1.77 6.48 5.98
C LEU A 99 1.10 5.80 7.18
N SER A 100 0.28 4.79 6.90
CA SER A 100 -0.41 4.08 7.96
C SER A 100 0.56 3.51 8.98
N ALA A 101 0.17 3.53 10.25
CA ALA A 101 1.03 3.04 11.32
C ALA A 101 1.18 1.52 11.25
N GLU A 102 0.14 0.82 10.81
CA GLU A 102 0.17 -0.64 10.76
C GLU A 102 1.34 -1.12 9.89
N THR A 103 1.53 -0.48 8.74
CA THR A 103 2.62 -0.85 7.85
C THR A 103 3.96 -0.77 8.56
N LEU A 104 4.16 0.31 9.33
CA LEU A 104 5.41 0.50 10.05
C LEU A 104 5.67 -0.68 11.00
N GLN A 105 4.65 -1.07 11.76
CA GLN A 105 4.79 -2.17 12.70
C GLN A 105 5.23 -3.44 11.98
N ALA A 106 4.62 -3.69 10.83
CA ALA A 106 4.93 -4.89 10.06
C ALA A 106 6.42 -4.90 9.67
N ARG A 107 6.91 -3.77 9.19
CA ARG A 107 8.30 -3.67 8.76
C ARG A 107 9.24 -3.99 9.92
N ARG A 108 8.92 -3.47 11.09
CA ARG A 108 9.74 -3.70 12.27
C ARG A 108 9.81 -5.19 12.60
N GLU A 109 8.70 -5.89 12.43
CA GLU A 109 8.67 -7.33 12.67
C GLU A 109 9.63 -8.06 11.74
N TRP A 110 9.60 -7.69 10.46
CA TRP A 110 10.52 -8.27 9.48
C TRP A 110 11.97 -7.76 9.63
N GLY A 111 12.23 -6.88 10.59
CA GLY A 111 13.55 -6.27 10.73
C GLY A 111 14.66 -7.33 10.76
N PRO A 112 14.62 -8.26 11.69
CA PRO A 112 15.72 -9.27 11.83
C PRO A 112 16.03 -9.98 10.51
N ILE A 113 14.99 -10.51 9.86
CA ILE A 113 15.18 -11.27 8.64
C ILE A 113 15.88 -10.41 7.59
N PHE A 114 15.41 -9.18 7.43
CA PHE A 114 15.95 -8.29 6.40
C PHE A 114 17.44 -8.08 6.60
N ASN A 115 17.83 -7.76 7.82
CA ASN A 115 19.22 -7.41 8.10
C ASN A 115 20.15 -8.58 7.80
N ILE A 116 19.81 -9.76 8.30
CA ILE A 116 20.66 -10.93 8.11
C ILE A 116 20.86 -11.20 6.63
N LEU A 117 19.78 -11.18 5.87
CA LEU A 117 19.86 -11.43 4.43
C LEU A 117 20.79 -10.43 3.76
N LYS A 118 20.73 -9.17 4.20
CA LYS A 118 21.59 -8.13 3.62
C LYS A 118 23.05 -8.52 3.78
N GLU A 119 23.43 -8.90 4.99
CA GLU A 119 24.81 -9.26 5.27
C GLU A 119 25.27 -10.41 4.37
N LYS A 120 24.38 -11.39 4.17
CA LYS A 120 24.72 -12.58 3.40
C LYS A 120 24.56 -12.39 1.89
N ASN A 121 24.52 -11.14 1.42
CA ASN A 121 24.47 -10.90 -0.03
C ASN A 121 23.22 -11.52 -0.67
N PHE A 122 22.12 -11.54 0.07
CA PHE A 122 20.85 -12.02 -0.46
C PHE A 122 20.04 -10.91 -1.15
N GLN A 123 20.42 -9.64 -0.93
CA GLN A 123 19.71 -8.53 -1.54
C GLN A 123 18.24 -8.50 -1.09
N PRO A 124 17.99 -8.40 0.20
CA PRO A 124 16.58 -8.37 0.71
C PRO A 124 15.91 -7.02 0.46
N ARG A 125 14.67 -7.07 0.00
CA ARG A 125 13.89 -5.86 -0.24
C ARG A 125 12.47 -6.04 0.30
N ILE A 126 11.87 -4.93 0.73
CA ILE A 126 10.51 -4.98 1.25
C ILE A 126 9.55 -4.24 0.31
N SER A 127 8.36 -4.80 0.17
CA SER A 127 7.33 -4.19 -0.67
C SER A 127 6.04 -4.00 0.13
N TYR A 128 5.27 -2.97 -0.22
CA TYR A 128 4.02 -2.70 0.47
C TYR A 128 3.06 -3.89 0.29
N PRO A 129 2.25 -4.27 1.24
CA PRO A 129 2.20 -3.70 2.63
C PRO A 129 3.48 -4.04 3.42
N ALA A 130 3.73 -5.33 3.59
CA ALA A 130 4.89 -5.79 4.35
C ALA A 130 5.36 -7.14 3.85
N LYS A 131 5.35 -7.32 2.53
CA LYS A 131 5.79 -8.58 1.94
C LYS A 131 7.31 -8.62 1.83
N LEU A 132 7.88 -9.80 2.02
CA LEU A 132 9.33 -9.97 1.99
C LEU A 132 9.75 -10.69 0.71
N SER A 133 10.69 -10.09 -0.03
CA SER A 133 11.20 -10.72 -1.25
C SER A 133 12.71 -10.63 -1.30
N PHE A 134 13.35 -11.68 -1.79
CA PHE A 134 14.81 -11.69 -1.90
C PHE A 134 15.27 -12.69 -2.97
N ILE A 135 16.56 -12.64 -3.31
CA ILE A 135 17.11 -13.51 -4.34
C ILE A 135 18.03 -14.56 -3.70
N SER A 136 17.72 -15.83 -3.94
CA SER A 136 18.53 -16.91 -3.40
C SER A 136 18.79 -17.97 -4.47
N GLU A 137 20.02 -18.47 -4.51
CA GLU A 137 20.38 -19.53 -5.46
C GLU A 137 19.98 -19.19 -6.91
N GLY A 138 19.87 -17.90 -7.22
CA GLY A 138 19.63 -17.48 -8.60
C GLY A 138 18.15 -17.26 -8.94
N GLU A 139 17.24 -17.71 -8.07
CA GLU A 139 15.81 -17.55 -8.32
C GLU A 139 15.19 -16.61 -7.30
N ILE A 140 14.08 -15.97 -7.67
CA ILE A 140 13.43 -15.02 -6.78
C ILE A 140 12.34 -15.72 -5.97
N LYS A 141 12.32 -15.46 -4.67
CA LYS A 141 11.31 -16.05 -3.78
C LYS A 141 10.52 -14.95 -3.09
N TYR A 142 9.20 -15.15 -3.01
CA TYR A 142 8.31 -14.18 -2.38
C TYR A 142 7.49 -14.84 -1.28
N PHE A 143 7.40 -14.19 -0.13
CA PHE A 143 6.56 -14.69 0.97
C PHE A 143 5.77 -13.53 1.56
N ILE A 144 4.50 -13.80 1.88
CA ILE A 144 3.64 -12.75 2.42
C ILE A 144 3.66 -12.75 3.94
N ASP A 145 3.59 -13.94 4.53
CA ASP A 145 3.56 -14.09 5.98
C ASP A 145 4.78 -14.83 6.48
N LYS A 146 5.24 -14.49 7.68
CA LYS A 146 6.38 -15.17 8.28
C LYS A 146 6.18 -16.68 8.32
N GLN A 147 4.92 -17.11 8.48
CA GLN A 147 4.62 -18.54 8.50
C GLN A 147 5.12 -19.22 7.22
N MET A 148 4.95 -18.54 6.09
CA MET A 148 5.43 -19.05 4.82
C MET A 148 6.95 -19.23 4.87
N LEU A 149 7.65 -18.27 5.47
CA LEU A 149 9.10 -18.34 5.54
C LEU A 149 9.54 -19.61 6.25
N ARG A 150 8.84 -19.96 7.33
CA ARG A 150 9.16 -21.17 8.08
C ARG A 150 9.01 -22.40 7.20
N ASP A 151 7.85 -22.52 6.57
CA ASP A 151 7.59 -23.67 5.69
C ASP A 151 8.66 -23.79 4.61
N PHE A 152 9.17 -22.66 4.15
CA PHE A 152 10.17 -22.62 3.09
C PHE A 152 11.55 -23.10 3.59
N VAL A 153 12.02 -22.56 4.70
CA VAL A 153 13.36 -22.90 5.19
C VAL A 153 13.49 -24.40 5.50
N THR A 154 12.39 -25.05 5.88
CA THR A 154 12.43 -26.47 6.18
C THR A 154 13.11 -27.31 5.09
N THR A 155 13.17 -26.80 3.85
CA THR A 155 13.73 -27.56 2.74
C THR A 155 15.11 -27.08 2.30
N ARG A 156 15.78 -26.25 3.12
CA ARG A 156 17.11 -25.77 2.80
C ARG A 156 17.88 -25.49 4.09
N PRO A 157 18.46 -26.50 4.71
CA PRO A 157 19.01 -26.34 6.10
C PRO A 157 19.91 -25.11 6.28
N ALA A 158 20.72 -24.79 5.28
CA ALA A 158 21.59 -23.62 5.38
C ALA A 158 20.77 -22.36 5.67
N LEU A 159 19.67 -22.22 4.96
CA LEU A 159 18.78 -21.06 5.13
C LEU A 159 18.13 -21.07 6.50
N LYS A 160 17.79 -22.26 6.99
CA LYS A 160 17.14 -22.38 8.29
C LYS A 160 18.03 -21.80 9.38
N GLU A 161 19.30 -22.19 9.38
CA GLU A 161 20.22 -21.74 10.41
C GLU A 161 20.37 -20.22 10.35
N LEU A 162 20.49 -19.67 9.14
CA LEU A 162 20.67 -18.24 8.97
C LEU A 162 19.51 -17.46 9.57
N LEU A 163 18.30 -17.90 9.27
CA LEU A 163 17.09 -17.17 9.68
C LEU A 163 16.53 -17.61 11.04
N LYS A 164 17.00 -18.73 11.58
CA LYS A 164 16.51 -19.27 12.85
C LYS A 164 16.29 -18.18 13.91
N GLU A 165 17.24 -17.27 14.05
CA GLU A 165 17.16 -16.21 15.04
C GLU A 165 16.14 -15.14 14.62
N ALA A 166 16.08 -14.87 13.31
CA ALA A 166 15.19 -13.83 12.80
C ALA A 166 13.72 -14.16 13.05
N LEU A 167 13.35 -15.41 12.80
CA LEU A 167 11.97 -15.84 12.94
C LEU A 167 11.62 -16.17 14.40
N ASN A 168 12.61 -16.46 15.24
CA ASN A 168 12.37 -16.77 16.64
C ASN A 168 11.32 -17.88 16.81
N MET A 169 11.34 -18.84 15.90
CA MET A 169 10.39 -19.94 15.94
C MET A 169 10.95 -21.12 16.72
N GLU A 170 12.14 -21.56 16.33
CA GLU A 170 12.78 -22.69 16.98
C GLU A 170 12.94 -22.43 18.48
N ARG A 171 13.30 -21.20 18.83
CA ARG A 171 13.49 -20.84 20.23
C ARG A 171 12.15 -20.76 20.94
N ASN A 172 12.09 -21.29 22.17
CA ASN A 172 10.86 -21.27 22.94
C ASN A 172 11.17 -21.26 24.44
N ASN A 173 12.17 -20.47 24.82
CA ASN A 173 12.58 -20.38 26.22
C ASN A 173 12.73 -18.91 26.64
N ARG A 174 11.71 -18.12 26.34
CA ARG A 174 11.73 -16.69 26.68
C ARG A 174 11.97 -16.50 28.17
N TYR A 175 11.32 -17.31 29.00
CA TYR A 175 11.50 -17.24 30.44
C TYR A 175 11.26 -18.59 31.09
N GLN A 176 11.73 -18.74 32.32
CA GLN A 176 11.57 -20.00 33.04
C GLN A 176 12.21 -21.14 32.26
N MET A 1 -10.12 0.83 5.62
CA MET A 1 -10.33 1.81 4.52
C MET A 1 -9.02 2.04 3.79
N GLY A 2 -9.05 1.99 2.48
CA GLY A 2 -7.85 2.18 1.67
C GLY A 2 -7.78 3.61 1.13
N ASN A 3 -6.78 4.37 1.57
CA ASN A 3 -6.60 5.75 1.12
C ASN A 3 -5.37 5.87 0.24
N LEU A 4 -5.49 6.72 -0.79
CA LEU A 4 -4.38 6.93 -1.73
C LEU A 4 -4.01 8.41 -1.75
N ARG A 5 -2.73 8.70 -2.02
CA ARG A 5 -2.26 10.07 -2.06
C ARG A 5 -1.97 10.50 -3.50
N LEU A 6 -2.57 11.61 -3.91
CA LEU A 6 -2.31 12.19 -5.22
C LEU A 6 -1.57 13.52 -5.05
N ILE A 7 -0.34 13.57 -5.55
CA ILE A 7 0.51 14.75 -5.37
C ILE A 7 0.82 15.39 -6.72
N GLY A 8 0.65 16.70 -6.80
CA GLY A 8 1.03 17.45 -8.00
C GLY A 8 -0.16 17.98 -8.79
N VAL A 9 -1.29 18.19 -8.11
CA VAL A 9 -2.48 18.72 -8.78
C VAL A 9 -2.53 20.24 -8.58
N PRO A 10 -2.32 21.06 -9.60
CA PRO A 10 -2.40 22.54 -9.43
C PRO A 10 -3.75 22.98 -8.88
N GLU A 11 -3.80 24.20 -8.32
CA GLU A 11 -5.03 24.73 -7.77
C GLU A 11 -5.66 25.75 -8.71
N SER A 12 -6.97 25.93 -8.57
CA SER A 12 -7.70 26.90 -9.39
C SER A 12 -8.81 27.56 -8.58
N ASP A 13 -9.00 28.85 -8.79
CA ASP A 13 -10.00 29.60 -8.04
C ASP A 13 -11.39 28.98 -8.15
N VAL A 14 -11.67 28.30 -9.26
CA VAL A 14 -13.01 27.76 -9.49
C VAL A 14 -13.12 26.25 -9.19
N GLU A 15 -12.13 25.70 -8.47
CA GLU A 15 -12.15 24.27 -8.16
C GLU A 15 -13.34 23.93 -7.27
N ASN A 16 -13.87 22.72 -7.45
CA ASN A 16 -14.99 22.23 -6.66
C ASN A 16 -14.93 20.72 -6.55
N GLY A 17 -15.56 20.17 -5.50
CA GLY A 17 -15.51 18.73 -5.24
C GLY A 17 -15.77 17.89 -6.50
N THR A 18 -16.78 18.27 -7.27
CA THR A 18 -17.13 17.54 -8.47
C THR A 18 -15.94 17.49 -9.43
N LYS A 19 -15.30 18.63 -9.64
CA LYS A 19 -14.15 18.69 -10.55
C LYS A 19 -13.05 17.73 -10.09
N LEU A 20 -12.81 17.72 -8.79
CA LEU A 20 -11.79 16.83 -8.22
C LEU A 20 -12.05 15.38 -8.61
N GLU A 21 -13.30 14.94 -8.47
CA GLU A 21 -13.65 13.55 -8.79
C GLU A 21 -13.33 13.25 -10.24
N ASN A 22 -13.71 14.16 -11.13
CA ASN A 22 -13.42 13.99 -12.55
C ASN A 22 -11.92 13.86 -12.76
N THR A 23 -11.14 14.65 -12.04
CA THR A 23 -9.69 14.61 -12.14
C THR A 23 -9.16 13.20 -11.93
N LEU A 24 -9.58 12.54 -10.85
CA LEU A 24 -9.09 11.19 -10.56
C LEU A 24 -9.42 10.25 -11.72
N GLN A 25 -10.65 10.33 -12.22
CA GLN A 25 -11.05 9.49 -13.34
C GLN A 25 -10.13 9.71 -14.53
N ASP A 26 -9.78 10.96 -14.77
CA ASP A 26 -8.91 11.30 -15.91
C ASP A 26 -7.56 10.61 -15.76
N ILE A 27 -7.01 10.63 -14.55
CA ILE A 27 -5.71 9.99 -14.31
C ILE A 27 -5.76 8.52 -14.70
N ILE A 28 -6.86 7.86 -14.34
CA ILE A 28 -7.02 6.44 -14.63
C ILE A 28 -6.91 6.20 -16.13
N GLN A 29 -7.67 6.97 -16.90
CA GLN A 29 -7.69 6.79 -18.35
C GLN A 29 -6.35 7.12 -18.99
N GLU A 30 -5.65 8.11 -18.44
CA GLU A 30 -4.42 8.60 -19.04
C GLU A 30 -3.28 7.57 -18.95
N ASN A 31 -3.12 6.94 -17.80
CA ASN A 31 -1.98 6.03 -17.58
C ASN A 31 -2.39 4.59 -17.37
N PHE A 32 -3.66 4.34 -17.02
CA PHE A 32 -4.13 2.98 -16.76
C PHE A 32 -5.30 2.64 -17.70
N PRO A 33 -5.05 2.48 -18.98
CA PRO A 33 -6.14 2.18 -19.95
C PRO A 33 -6.91 0.92 -19.56
N ASN A 34 -6.21 -0.05 -19.00
CA ASN A 34 -6.84 -1.30 -18.59
C ASN A 34 -7.93 -1.03 -17.55
N LEU A 35 -7.59 -0.26 -16.52
CA LEU A 35 -8.55 0.04 -15.46
C LEU A 35 -9.77 0.75 -16.05
N ALA A 36 -9.52 1.71 -16.93
CA ALA A 36 -10.61 2.48 -17.53
C ALA A 36 -11.54 1.57 -18.33
N ARG A 37 -10.97 0.61 -19.05
CA ARG A 37 -11.78 -0.28 -19.88
C ARG A 37 -12.71 -1.13 -19.03
N GLN A 38 -12.18 -1.67 -17.94
CA GLN A 38 -12.99 -2.48 -17.03
C GLN A 38 -14.20 -1.69 -16.54
N ALA A 39 -13.95 -0.44 -16.14
CA ALA A 39 -15.02 0.44 -15.67
C ALA A 39 -15.66 -0.10 -14.40
N ASN A 40 -14.84 -0.68 -13.53
CA ASN A 40 -15.32 -1.19 -12.25
C ASN A 40 -14.72 -0.39 -11.09
N VAL A 41 -14.64 0.93 -11.28
CA VAL A 41 -14.06 1.80 -10.25
C VAL A 41 -15.17 2.39 -9.39
N GLN A 42 -15.01 2.30 -8.08
CA GLN A 42 -15.99 2.87 -7.15
C GLN A 42 -15.29 3.73 -6.11
N ILE A 43 -15.48 5.04 -6.21
CA ILE A 43 -14.85 5.98 -5.29
C ILE A 43 -15.87 6.45 -4.25
N GLN A 44 -15.44 6.52 -2.99
CA GLN A 44 -16.34 6.91 -1.92
C GLN A 44 -16.34 8.43 -1.74
N GLU A 45 -15.15 9.01 -1.69
CA GLU A 45 -15.04 10.45 -1.52
C GLU A 45 -13.65 10.96 -1.87
N ILE A 46 -13.60 12.18 -2.40
CA ILE A 46 -12.33 12.82 -2.71
C ILE A 46 -12.34 14.27 -2.18
N GLN A 47 -11.33 14.60 -1.39
CA GLN A 47 -11.28 15.92 -0.77
C GLN A 47 -9.85 16.45 -0.68
N ARG A 48 -9.72 17.77 -0.58
CA ARG A 48 -8.41 18.40 -0.45
C ARG A 48 -8.03 18.54 1.02
N THR A 49 -6.73 18.44 1.32
CA THR A 49 -6.25 18.59 2.69
C THR A 49 -4.99 19.48 2.72
N PRO A 50 -4.84 20.44 3.62
CA PRO A 50 -5.88 20.87 4.60
C PRO A 50 -7.04 21.56 3.89
N GLN A 51 -8.26 21.10 4.13
CA GLN A 51 -9.42 21.62 3.41
C GLN A 51 -9.73 23.06 3.82
N ARG A 52 -9.59 23.35 5.11
CA ARG A 52 -9.96 24.67 5.62
C ARG A 52 -8.87 25.73 5.38
N TYR A 53 -7.64 25.32 5.13
CA TYR A 53 -6.56 26.25 4.88
C TYR A 53 -6.33 26.42 3.37
N SER A 54 -6.69 27.59 2.85
CA SER A 54 -6.51 27.87 1.43
C SER A 54 -5.05 27.77 1.05
N SER A 55 -4.20 28.53 1.72
CA SER A 55 -2.77 28.52 1.47
C SER A 55 -1.99 28.35 2.78
N ARG A 56 -1.39 27.18 2.94
CA ARG A 56 -0.60 26.91 4.14
C ARG A 56 0.90 27.06 3.85
N ARG A 57 1.31 26.55 2.70
CA ARG A 57 2.71 26.62 2.29
C ARG A 57 2.82 26.99 0.81
N ALA A 58 4.04 27.21 0.34
CA ALA A 58 4.25 27.57 -1.05
C ALA A 58 3.89 26.41 -1.98
N THR A 59 4.18 25.18 -1.55
CA THR A 59 3.86 24.01 -2.35
C THR A 59 2.35 23.81 -2.45
N PRO A 60 1.87 23.16 -3.49
CA PRO A 60 0.40 22.93 -3.65
C PRO A 60 -0.14 21.88 -2.68
N ARG A 61 -1.38 22.06 -2.25
CA ARG A 61 -2.00 21.12 -1.32
C ARG A 61 -2.13 19.74 -1.98
N HIS A 62 -2.24 18.70 -1.15
CA HIS A 62 -2.38 17.34 -1.66
C HIS A 62 -3.86 16.94 -1.70
N ILE A 63 -4.18 15.95 -2.52
CA ILE A 63 -5.54 15.42 -2.58
C ILE A 63 -5.57 14.01 -1.99
N ILE A 64 -6.54 13.76 -1.13
CA ILE A 64 -6.69 12.43 -0.53
C ILE A 64 -7.92 11.74 -1.11
N VAL A 65 -7.71 10.52 -1.58
CA VAL A 65 -8.78 9.72 -2.16
C VAL A 65 -9.09 8.52 -1.26
N ARG A 66 -10.37 8.33 -0.95
CA ARG A 66 -10.79 7.15 -0.22
C ARG A 66 -11.62 6.25 -1.14
N PHE A 67 -11.09 5.05 -1.40
CA PHE A 67 -11.75 4.13 -2.32
C PHE A 67 -12.68 3.18 -1.56
N THR A 68 -13.70 2.68 -2.27
CA THR A 68 -14.65 1.76 -1.65
C THR A 68 -13.99 0.41 -1.37
N LYS A 69 -13.16 -0.05 -2.29
CA LYS A 69 -12.50 -1.34 -2.16
C LYS A 69 -11.00 -1.18 -1.94
N VAL A 70 -10.53 -1.62 -0.77
CA VAL A 70 -9.11 -1.54 -0.45
C VAL A 70 -8.28 -2.27 -1.51
N GLU A 71 -8.77 -3.44 -1.93
CA GLU A 71 -8.07 -4.23 -2.94
C GLU A 71 -7.91 -3.42 -4.23
N MET A 72 -8.96 -2.70 -4.61
CA MET A 72 -8.92 -1.91 -5.83
C MET A 72 -7.80 -0.88 -5.77
N LYS A 73 -7.70 -0.19 -4.64
CA LYS A 73 -6.66 0.82 -4.46
C LYS A 73 -5.28 0.20 -4.67
N GLU A 74 -5.07 -0.96 -4.07
CA GLU A 74 -3.78 -1.63 -4.17
C GLU A 74 -3.44 -1.91 -5.64
N LYS A 75 -4.43 -2.37 -6.39
CA LYS A 75 -4.21 -2.68 -7.80
C LYS A 75 -3.73 -1.44 -8.54
N MET A 76 -4.36 -0.30 -8.26
CA MET A 76 -4.00 0.94 -8.93
C MET A 76 -2.53 1.27 -8.69
N LEU A 77 -2.09 1.11 -7.45
CA LEU A 77 -0.69 1.40 -7.10
C LEU A 77 0.24 0.55 -7.93
N ARG A 78 -0.08 -0.74 -8.04
CA ARG A 78 0.77 -1.67 -8.80
C ARG A 78 0.89 -1.20 -10.24
N ALA A 79 -0.22 -0.81 -10.83
CA ALA A 79 -0.23 -0.37 -12.22
C ALA A 79 0.72 0.81 -12.41
N ALA A 80 0.67 1.75 -11.47
CA ALA A 80 1.53 2.93 -11.55
C ALA A 80 3.00 2.52 -11.55
N ARG A 81 3.35 1.61 -10.66
CA ARG A 81 4.74 1.16 -10.56
C ARG A 81 5.22 0.58 -11.89
N GLU A 82 4.34 -0.17 -12.55
CA GLU A 82 4.69 -0.80 -13.82
C GLU A 82 4.96 0.25 -14.89
N LYS A 83 4.05 1.22 -15.01
CA LYS A 83 4.17 2.25 -16.04
C LYS A 83 5.47 3.03 -15.88
N GLY A 84 5.83 3.32 -14.63
CA GLY A 84 7.06 4.06 -14.36
C GLY A 84 6.90 5.58 -14.49
N ARG A 85 5.82 6.04 -15.12
CA ARG A 85 5.59 7.47 -15.28
C ARG A 85 4.10 7.78 -15.35
N VAL A 86 3.59 8.44 -14.31
CA VAL A 86 2.17 8.82 -14.27
C VAL A 86 2.05 10.33 -14.48
N THR A 87 1.15 10.73 -15.37
CA THR A 87 0.99 12.14 -15.70
C THR A 87 -0.47 12.58 -15.60
N LEU A 88 -0.66 13.87 -15.34
CA LEU A 88 -2.00 14.47 -15.34
C LEU A 88 -2.02 15.59 -16.38
N LYS A 89 -2.82 15.41 -17.43
CA LYS A 89 -2.92 16.41 -18.48
C LYS A 89 -1.55 16.71 -19.09
N GLY A 90 -0.69 15.70 -19.17
CA GLY A 90 0.61 15.85 -19.83
C GLY A 90 1.73 16.32 -18.88
N LYS A 91 1.39 16.72 -17.66
CA LYS A 91 2.40 17.18 -16.71
C LYS A 91 2.74 16.06 -15.72
N PRO A 92 3.96 15.96 -15.25
CA PRO A 92 4.36 14.83 -14.35
C PRO A 92 3.81 14.97 -12.94
N ILE A 93 3.26 13.88 -12.42
CA ILE A 93 2.75 13.85 -11.05
C ILE A 93 3.25 12.62 -10.32
N ARG A 94 2.91 12.49 -9.04
CA ARG A 94 3.35 11.35 -8.24
C ARG A 94 2.17 10.70 -7.53
N LEU A 95 2.19 9.37 -7.47
CA LEU A 95 1.14 8.63 -6.76
C LEU A 95 1.78 7.70 -5.73
N THR A 96 1.34 7.83 -4.48
CA THR A 96 1.91 7.02 -3.39
C THR A 96 0.89 6.77 -2.29
N VAL A 97 1.33 6.13 -1.22
CA VAL A 97 0.48 5.87 -0.06
C VAL A 97 0.95 6.69 1.13
N ASP A 98 0.06 6.87 2.11
CA ASP A 98 0.40 7.65 3.30
C ASP A 98 1.35 6.86 4.20
N LEU A 99 2.49 7.47 4.51
CA LEU A 99 3.49 6.84 5.36
C LEU A 99 4.24 7.90 6.15
N SER A 100 5.22 7.47 6.94
CA SER A 100 6.06 8.40 7.69
C SER A 100 7.17 8.94 6.79
N ALA A 101 7.43 10.24 6.91
CA ALA A 101 8.43 10.88 6.05
C ALA A 101 9.82 10.29 6.30
N GLU A 102 10.20 10.19 7.57
CA GLU A 102 11.52 9.68 7.91
C GLU A 102 11.70 8.25 7.41
N THR A 103 10.71 7.40 7.69
CA THR A 103 10.79 6.01 7.26
C THR A 103 10.97 5.92 5.76
N LEU A 104 10.28 6.77 5.01
CA LEU A 104 10.38 6.76 3.56
C LEU A 104 11.81 7.03 3.12
N GLN A 105 12.43 8.05 3.70
CA GLN A 105 13.81 8.39 3.35
C GLN A 105 14.73 7.19 3.55
N ALA A 106 14.56 6.53 4.69
CA ALA A 106 15.40 5.39 5.02
C ALA A 106 15.26 4.28 3.98
N ARG A 107 14.03 3.97 3.61
CA ARG A 107 13.77 2.90 2.65
C ARG A 107 14.48 3.18 1.32
N ARG A 108 14.40 4.43 0.87
CA ARG A 108 15.04 4.82 -0.38
C ARG A 108 16.55 4.61 -0.31
N GLU A 109 17.13 4.91 0.85
CA GLU A 109 18.57 4.75 1.03
C GLU A 109 18.97 3.28 0.88
N TRP A 110 18.17 2.39 1.45
CA TRP A 110 18.44 0.95 1.34
C TRP A 110 18.15 0.38 -0.06
N GLY A 111 17.75 1.22 -1.01
CA GLY A 111 17.37 0.75 -2.34
C GLY A 111 18.45 -0.14 -2.96
N PRO A 112 19.65 0.36 -3.13
CA PRO A 112 20.73 -0.43 -3.81
C PRO A 112 20.93 -1.81 -3.19
N ILE A 113 21.12 -1.86 -1.88
CA ILE A 113 21.41 -3.12 -1.20
C ILE A 113 20.29 -4.13 -1.46
N PHE A 114 19.05 -3.68 -1.32
CA PHE A 114 17.91 -4.58 -1.46
C PHE A 114 17.87 -5.21 -2.85
N ASN A 115 18.02 -4.38 -3.87
CA ASN A 115 17.90 -4.87 -5.24
C ASN A 115 18.96 -5.91 -5.57
N ILE A 116 20.20 -5.62 -5.21
CA ILE A 116 21.31 -6.53 -5.51
C ILE A 116 21.05 -7.88 -4.87
N LEU A 117 20.68 -7.87 -3.60
CA LEU A 117 20.43 -9.11 -2.88
C LEU A 117 19.34 -9.92 -3.57
N LYS A 118 18.30 -9.25 -4.07
CA LYS A 118 17.22 -9.93 -4.76
C LYS A 118 17.76 -10.72 -5.95
N GLU A 119 18.57 -10.05 -6.77
CA GLU A 119 19.13 -10.69 -7.95
C GLU A 119 19.90 -11.94 -7.59
N LYS A 120 20.67 -11.86 -6.50
CA LYS A 120 21.54 -12.97 -6.10
C LYS A 120 20.81 -14.02 -5.25
N ASN A 121 19.49 -14.05 -5.28
CA ASN A 121 18.74 -15.09 -4.57
C ASN A 121 18.99 -15.05 -3.06
N PHE A 122 19.23 -13.86 -2.53
CA PHE A 122 19.38 -13.69 -1.09
C PHE A 122 18.02 -13.51 -0.36
N GLN A 123 16.95 -13.29 -1.11
CA GLN A 123 15.63 -13.11 -0.52
C GLN A 123 15.63 -11.93 0.45
N PRO A 124 15.96 -10.73 -0.01
CA PRO A 124 15.97 -9.54 0.89
C PRO A 124 14.56 -9.03 1.19
N ARG A 125 14.33 -8.72 2.46
CA ARG A 125 13.04 -8.19 2.90
C ARG A 125 13.25 -7.00 3.82
N ILE A 126 12.32 -6.05 3.80
CA ILE A 126 12.42 -4.87 4.64
C ILE A 126 11.32 -4.88 5.71
N SER A 127 11.69 -4.46 6.92
CA SER A 127 10.73 -4.38 8.02
C SER A 127 10.73 -2.99 8.62
N TYR A 128 9.56 -2.55 9.09
CA TYR A 128 9.44 -1.22 9.70
C TYR A 128 10.40 -1.12 10.90
N PRO A 129 11.03 0.01 11.17
CA PRO A 129 10.98 1.26 10.34
C PRO A 129 11.70 1.09 9.01
N ALA A 130 12.98 0.75 9.08
CA ALA A 130 13.80 0.61 7.88
C ALA A 130 14.93 -0.40 8.11
N LYS A 131 14.62 -1.47 8.83
CA LYS A 131 15.61 -2.50 9.11
C LYS A 131 15.75 -3.45 7.92
N LEU A 132 16.97 -3.91 7.68
CA LEU A 132 17.24 -4.79 6.55
C LEU A 132 17.52 -6.20 7.05
N SER A 133 16.80 -7.18 6.51
CA SER A 133 17.01 -8.57 6.89
C SER A 133 17.06 -9.45 5.64
N PHE A 134 17.95 -10.44 5.65
CA PHE A 134 18.06 -11.36 4.51
C PHE A 134 18.68 -12.68 4.94
N ILE A 135 18.65 -13.67 4.06
CA ILE A 135 19.16 -15.01 4.37
C ILE A 135 20.49 -15.24 3.64
N SER A 136 21.53 -15.53 4.41
CA SER A 136 22.85 -15.78 3.84
C SER A 136 23.49 -17.00 4.48
N GLU A 137 24.14 -17.83 3.67
CA GLU A 137 24.83 -19.01 4.20
C GLU A 137 23.93 -19.88 5.08
N GLY A 138 22.61 -19.78 4.91
CA GLY A 138 21.69 -20.67 5.63
C GLY A 138 21.14 -20.05 6.92
N GLU A 139 21.73 -18.96 7.40
CA GLU A 139 21.27 -18.33 8.64
C GLU A 139 20.69 -16.95 8.35
N ILE A 140 19.84 -16.47 9.25
CA ILE A 140 19.21 -15.17 9.06
C ILE A 140 20.01 -14.08 9.75
N LYS A 141 20.30 -13.01 9.01
CA LYS A 141 21.07 -11.88 9.56
C LYS A 141 20.22 -10.61 9.54
N TYR A 142 20.30 -9.85 10.64
CA TYR A 142 19.53 -8.62 10.76
C TYR A 142 20.46 -7.44 11.06
N PHE A 143 20.27 -6.34 10.34
CA PHE A 143 21.04 -5.12 10.60
C PHE A 143 20.10 -3.92 10.64
N ILE A 144 20.33 -3.01 11.58
CA ILE A 144 19.46 -1.85 11.72
C ILE A 144 20.01 -0.66 10.92
N ASP A 145 21.31 -0.45 11.02
CA ASP A 145 21.95 0.68 10.34
C ASP A 145 22.95 0.19 9.31
N LYS A 146 23.10 0.95 8.22
CA LYS A 146 24.06 0.61 7.18
C LYS A 146 25.47 0.41 7.76
N GLN A 147 25.80 1.15 8.82
CA GLN A 147 27.10 1.01 9.45
C GLN A 147 27.35 -0.44 9.88
N MET A 148 26.30 -1.07 10.41
CA MET A 148 26.40 -2.47 10.81
C MET A 148 26.72 -3.34 9.60
N LEU A 149 26.09 -3.04 8.47
CA LEU A 149 26.31 -3.84 7.26
C LEU A 149 27.78 -3.81 6.86
N ARG A 150 28.41 -2.65 7.01
CA ARG A 150 29.83 -2.53 6.68
C ARG A 150 30.66 -3.43 7.57
N ASP A 151 30.48 -3.29 8.87
CA ASP A 151 31.22 -4.12 9.82
C ASP A 151 31.05 -5.62 9.54
N PHE A 152 29.87 -5.98 9.06
CA PHE A 152 29.55 -7.38 8.77
C PHE A 152 30.30 -7.89 7.54
N VAL A 153 30.24 -7.15 6.44
CA VAL A 153 30.88 -7.61 5.20
C VAL A 153 32.39 -7.79 5.37
N THR A 154 33.00 -7.05 6.28
CA THR A 154 34.45 -7.17 6.52
C THR A 154 34.90 -8.62 6.68
N THR A 155 34.00 -9.51 7.13
CA THR A 155 34.37 -10.90 7.40
C THR A 155 33.91 -11.89 6.33
N ARG A 156 33.50 -11.38 5.16
CA ARG A 156 33.06 -12.26 4.07
C ARG A 156 33.35 -11.58 2.73
N PRO A 157 34.56 -11.67 2.21
CA PRO A 157 34.96 -10.85 1.02
C PRO A 157 33.96 -10.91 -0.14
N ALA A 158 33.38 -12.09 -0.38
CA ALA A 158 32.40 -12.24 -1.45
C ALA A 158 31.25 -11.24 -1.28
N LEU A 159 30.75 -11.15 -0.05
CA LEU A 159 29.63 -10.27 0.26
C LEU A 159 30.05 -8.80 0.11
N LYS A 160 31.29 -8.48 0.46
CA LYS A 160 31.77 -7.12 0.36
C LYS A 160 31.72 -6.64 -1.09
N GLU A 161 32.23 -7.47 -1.99
CA GLU A 161 32.28 -7.10 -3.40
C GLU A 161 30.88 -6.86 -3.95
N LEU A 162 29.94 -7.73 -3.59
CA LEU A 162 28.57 -7.61 -4.07
C LEU A 162 27.94 -6.29 -3.63
N LEU A 163 28.11 -5.96 -2.37
CA LEU A 163 27.46 -4.78 -1.80
C LEU A 163 28.31 -3.50 -1.88
N LYS A 164 29.58 -3.62 -2.28
CA LYS A 164 30.50 -2.47 -2.37
C LYS A 164 29.84 -1.23 -2.96
N GLU A 165 29.14 -1.40 -4.08
CA GLU A 165 28.49 -0.28 -4.75
C GLU A 165 27.27 0.20 -3.96
N ALA A 166 26.55 -0.74 -3.35
CA ALA A 166 25.33 -0.40 -2.62
C ALA A 166 25.62 0.52 -1.43
N LEU A 167 26.67 0.20 -0.69
CA LEU A 167 27.03 0.99 0.49
C LEU A 167 27.83 2.26 0.15
N ASN A 168 28.05 2.53 -1.14
CA ASN A 168 28.77 3.74 -1.55
C ASN A 168 30.21 3.72 -1.04
N MET A 169 30.88 2.59 -1.27
CA MET A 169 32.29 2.46 -0.87
C MET A 169 33.19 3.07 -1.93
N GLU A 170 33.82 4.19 -1.60
CA GLU A 170 34.68 4.88 -2.56
C GLU A 170 36.12 4.39 -2.44
N ARG A 171 36.72 4.56 -1.27
CA ARG A 171 38.11 4.16 -1.05
C ARG A 171 38.24 3.38 0.25
N ASN A 172 39.17 2.44 0.28
CA ASN A 172 39.40 1.62 1.47
C ASN A 172 40.49 2.25 2.33
N ASN A 173 40.26 2.29 3.64
CA ASN A 173 41.23 2.86 4.57
C ASN A 173 42.57 2.16 4.45
N ARG A 174 42.53 0.83 4.32
CA ARG A 174 43.76 0.05 4.19
C ARG A 174 43.49 -1.25 3.46
N TYR A 175 44.56 -1.91 3.01
CA TYR A 175 44.43 -3.17 2.29
C TYR A 175 45.52 -4.14 2.72
N GLN A 176 45.23 -5.44 2.60
CA GLN A 176 46.19 -6.46 2.98
C GLN A 176 46.56 -6.33 4.47
N MET A 1 -6.35 3.13 5.69
CA MET A 1 -6.75 1.72 5.43
C MET A 1 -6.94 1.51 3.93
N GLY A 2 -7.62 2.44 3.30
CA GLY A 2 -7.86 2.36 1.86
C GLY A 2 -7.80 3.74 1.21
N ASN A 3 -6.79 4.51 1.59
CA ASN A 3 -6.62 5.87 1.05
C ASN A 3 -5.37 5.95 0.18
N LEU A 4 -5.47 6.73 -0.90
CA LEU A 4 -4.35 6.93 -1.80
C LEU A 4 -3.95 8.41 -1.80
N ARG A 5 -2.66 8.68 -2.01
CA ARG A 5 -2.19 10.07 -2.01
C ARG A 5 -1.85 10.52 -3.42
N LEU A 6 -2.44 11.64 -3.83
CA LEU A 6 -2.15 12.23 -5.13
C LEU A 6 -1.39 13.54 -4.94
N ILE A 7 -0.18 13.59 -5.44
CA ILE A 7 0.69 14.75 -5.25
C ILE A 7 1.00 15.42 -6.60
N GLY A 8 0.80 16.73 -6.66
CA GLY A 8 1.18 17.49 -7.85
C GLY A 8 -0.02 18.05 -8.61
N VAL A 9 -1.15 18.24 -7.93
CA VAL A 9 -2.33 18.80 -8.57
C VAL A 9 -2.37 20.32 -8.32
N PRO A 10 -2.16 21.16 -9.31
CA PRO A 10 -2.20 22.65 -9.09
C PRO A 10 -3.55 23.11 -8.55
N GLU A 11 -3.57 24.30 -7.95
CA GLU A 11 -4.80 24.84 -7.39
C GLU A 11 -5.45 25.81 -8.38
N SER A 12 -6.77 25.94 -8.29
CA SER A 12 -7.50 26.83 -9.17
C SER A 12 -8.71 27.44 -8.46
N ASP A 13 -8.95 28.72 -8.68
CA ASP A 13 -10.05 29.42 -8.02
C ASP A 13 -11.39 28.71 -8.24
N VAL A 14 -11.55 28.06 -9.39
CA VAL A 14 -12.82 27.44 -9.73
C VAL A 14 -12.92 25.97 -9.30
N GLU A 15 -12.03 25.52 -8.42
CA GLU A 15 -12.03 24.13 -7.96
C GLU A 15 -13.30 23.83 -7.17
N ASN A 16 -13.80 22.61 -7.34
CA ASN A 16 -14.96 22.14 -6.58
C ASN A 16 -14.94 20.62 -6.49
N GLY A 17 -15.60 20.06 -5.49
CA GLY A 17 -15.58 18.63 -5.24
C GLY A 17 -15.81 17.80 -6.51
N THR A 18 -16.84 18.18 -7.27
CA THR A 18 -17.15 17.44 -8.50
C THR A 18 -15.95 17.40 -9.44
N LYS A 19 -15.31 18.54 -9.63
CA LYS A 19 -14.17 18.62 -10.53
C LYS A 19 -13.06 17.65 -10.07
N LEU A 20 -12.82 17.62 -8.77
CA LEU A 20 -11.81 16.72 -8.22
C LEU A 20 -12.08 15.27 -8.63
N GLU A 21 -13.33 14.85 -8.50
CA GLU A 21 -13.69 13.47 -8.83
C GLU A 21 -13.37 13.17 -10.29
N ASN A 22 -13.75 14.10 -11.17
CA ASN A 22 -13.44 13.95 -12.59
C ASN A 22 -11.93 13.82 -12.80
N THR A 23 -11.16 14.59 -12.04
CA THR A 23 -9.70 14.54 -12.14
C THR A 23 -9.19 13.12 -11.95
N LEU A 24 -9.61 12.45 -10.89
CA LEU A 24 -9.12 11.10 -10.62
C LEU A 24 -9.45 10.17 -11.79
N GLN A 25 -10.66 10.28 -12.29
CA GLN A 25 -11.08 9.45 -13.44
C GLN A 25 -10.14 9.68 -14.62
N ASP A 26 -9.77 10.94 -14.84
CA ASP A 26 -8.89 11.28 -15.95
C ASP A 26 -7.54 10.58 -15.79
N ILE A 27 -7.01 10.58 -14.57
CA ILE A 27 -5.73 9.93 -14.30
C ILE A 27 -5.78 8.46 -14.72
N ILE A 28 -6.88 7.80 -14.40
CA ILE A 28 -7.03 6.38 -14.71
C ILE A 28 -6.90 6.18 -16.22
N GLN A 29 -7.65 6.95 -16.99
CA GLN A 29 -7.64 6.80 -18.44
C GLN A 29 -6.28 7.15 -19.05
N GLU A 30 -5.61 8.14 -18.46
CA GLU A 30 -4.36 8.65 -19.03
C GLU A 30 -3.22 7.62 -18.95
N ASN A 31 -3.08 6.96 -17.80
CA ASN A 31 -1.94 6.05 -17.59
C ASN A 31 -2.36 4.59 -17.44
N PHE A 32 -3.62 4.34 -17.08
CA PHE A 32 -4.08 2.99 -16.83
C PHE A 32 -5.25 2.64 -17.76
N PRO A 33 -4.99 2.46 -19.04
CA PRO A 33 -6.08 2.15 -20.01
C PRO A 33 -6.86 0.89 -19.62
N ASN A 34 -6.13 -0.10 -19.09
CA ASN A 34 -6.77 -1.35 -18.67
C ASN A 34 -7.85 -1.08 -17.62
N LEU A 35 -7.50 -0.30 -16.61
CA LEU A 35 -8.44 0.00 -15.54
C LEU A 35 -9.68 0.68 -16.11
N ALA A 36 -9.47 1.65 -17.00
CA ALA A 36 -10.57 2.39 -17.59
C ALA A 36 -11.51 1.46 -18.35
N ARG A 37 -10.95 0.50 -19.07
CA ARG A 37 -11.76 -0.42 -19.87
C ARG A 37 -12.65 -1.27 -18.98
N GLN A 38 -12.08 -1.79 -17.90
CA GLN A 38 -12.84 -2.62 -16.97
C GLN A 38 -14.03 -1.86 -16.42
N ALA A 39 -13.81 -0.61 -16.03
CA ALA A 39 -14.88 0.25 -15.52
C ALA A 39 -15.42 -0.30 -14.20
N ASN A 40 -14.53 -0.83 -13.36
CA ASN A 40 -14.92 -1.35 -12.06
C ASN A 40 -14.34 -0.48 -10.93
N VAL A 41 -14.34 0.83 -11.14
CA VAL A 41 -13.82 1.76 -10.16
C VAL A 41 -14.96 2.35 -9.33
N GLN A 42 -14.82 2.25 -8.01
CA GLN A 42 -15.83 2.80 -7.10
C GLN A 42 -15.19 3.71 -6.08
N ILE A 43 -15.44 5.02 -6.21
CA ILE A 43 -14.85 6.00 -5.31
C ILE A 43 -15.88 6.47 -4.29
N GLN A 44 -15.46 6.58 -3.03
CA GLN A 44 -16.38 6.97 -1.96
C GLN A 44 -16.37 8.48 -1.77
N GLU A 45 -15.18 9.06 -1.70
CA GLU A 45 -15.07 10.50 -1.51
C GLU A 45 -13.68 11.01 -1.87
N ILE A 46 -13.62 12.24 -2.40
CA ILE A 46 -12.35 12.88 -2.73
C ILE A 46 -12.36 14.31 -2.22
N GLN A 47 -11.28 14.70 -1.53
CA GLN A 47 -11.20 16.04 -0.97
C GLN A 47 -9.74 16.50 -0.86
N ARG A 48 -9.54 17.81 -0.88
CA ARG A 48 -8.20 18.36 -0.76
C ARG A 48 -7.92 18.73 0.70
N THR A 49 -6.66 18.60 1.12
CA THR A 49 -6.28 18.89 2.50
C THR A 49 -4.97 19.70 2.55
N PRO A 50 -4.74 20.53 3.54
CA PRO A 50 -5.73 20.92 4.61
C PRO A 50 -6.73 21.93 4.05
N GLN A 51 -8.01 21.64 4.21
CA GLN A 51 -9.05 22.48 3.61
C GLN A 51 -9.04 23.89 4.19
N ARG A 52 -8.82 23.99 5.50
CA ARG A 52 -8.89 25.28 6.19
C ARG A 52 -7.54 25.78 6.70
N TYR A 53 -6.56 24.88 6.83
CA TYR A 53 -5.25 25.26 7.35
C TYR A 53 -4.25 25.41 6.20
N SER A 54 -3.62 26.58 6.13
CA SER A 54 -2.63 26.85 5.09
C SER A 54 -1.23 26.56 5.59
N SER A 55 -0.36 26.11 4.69
CA SER A 55 1.01 25.80 5.06
C SER A 55 1.95 26.91 4.64
N ARG A 56 2.92 27.22 5.49
CA ARG A 56 3.89 28.27 5.19
C ARG A 56 4.61 27.98 3.88
N ARG A 57 4.92 26.71 3.64
CA ARG A 57 5.62 26.32 2.41
C ARG A 57 4.84 26.77 1.18
N ALA A 58 5.56 27.05 0.11
CA ALA A 58 4.92 27.41 -1.17
C ALA A 58 4.52 26.19 -2.00
N THR A 59 4.74 24.97 -1.49
CA THR A 59 4.39 23.76 -2.23
C THR A 59 2.86 23.62 -2.33
N PRO A 60 2.37 22.92 -3.33
CA PRO A 60 0.88 22.75 -3.49
C PRO A 60 0.30 21.74 -2.52
N ARG A 61 -0.94 21.97 -2.10
CA ARG A 61 -1.60 21.08 -1.16
C ARG A 61 -1.84 19.72 -1.80
N HIS A 62 -2.00 18.69 -0.97
CA HIS A 62 -2.18 17.33 -1.48
C HIS A 62 -3.65 16.98 -1.54
N ILE A 63 -3.99 15.98 -2.37
CA ILE A 63 -5.37 15.50 -2.46
C ILE A 63 -5.45 14.07 -1.94
N ILE A 64 -6.46 13.79 -1.14
CA ILE A 64 -6.64 12.44 -0.59
C ILE A 64 -7.86 11.78 -1.22
N VAL A 65 -7.66 10.56 -1.69
CA VAL A 65 -8.74 9.78 -2.30
C VAL A 65 -9.07 8.58 -1.41
N ARG A 66 -10.33 8.45 -1.04
CA ARG A 66 -10.78 7.29 -0.27
C ARG A 66 -11.60 6.37 -1.18
N PHE A 67 -11.08 5.16 -1.40
CA PHE A 67 -11.73 4.22 -2.30
C PHE A 67 -12.64 3.28 -1.52
N THR A 68 -13.69 2.80 -2.18
CA THR A 68 -14.64 1.91 -1.53
C THR A 68 -14.02 0.54 -1.26
N LYS A 69 -13.28 0.03 -2.24
CA LYS A 69 -12.67 -1.29 -2.11
C LYS A 69 -11.16 -1.16 -1.92
N VAL A 70 -10.67 -1.63 -0.78
CA VAL A 70 -9.24 -1.58 -0.50
C VAL A 70 -8.45 -2.32 -1.59
N GLU A 71 -8.98 -3.46 -2.03
CA GLU A 71 -8.32 -4.24 -3.07
C GLU A 71 -8.15 -3.41 -4.34
N MET A 72 -9.18 -2.66 -4.70
CA MET A 72 -9.13 -1.85 -5.92
C MET A 72 -7.99 -0.84 -5.83
N LYS A 73 -7.88 -0.18 -4.68
CA LYS A 73 -6.83 0.81 -4.48
C LYS A 73 -5.45 0.18 -4.71
N GLU A 74 -5.26 -1.01 -4.13
CA GLU A 74 -3.99 -1.70 -4.25
C GLU A 74 -3.64 -1.94 -5.73
N LYS A 75 -4.64 -2.37 -6.49
CA LYS A 75 -4.43 -2.64 -7.91
C LYS A 75 -3.93 -1.39 -8.62
N MET A 76 -4.53 -0.25 -8.30
CA MET A 76 -4.14 1.00 -8.93
C MET A 76 -2.66 1.29 -8.69
N LEU A 77 -2.22 1.09 -7.45
CA LEU A 77 -0.82 1.34 -7.10
C LEU A 77 0.09 0.48 -7.96
N ARG A 78 -0.26 -0.79 -8.11
CA ARG A 78 0.56 -1.72 -8.88
C ARG A 78 0.70 -1.21 -10.32
N ALA A 79 -0.41 -0.77 -10.90
CA ALA A 79 -0.39 -0.29 -12.27
C ALA A 79 0.59 0.87 -12.42
N ALA A 80 0.57 1.79 -11.46
CA ALA A 80 1.47 2.94 -11.50
C ALA A 80 2.92 2.48 -11.52
N ARG A 81 3.25 1.53 -10.64
CA ARG A 81 4.61 1.03 -10.54
C ARG A 81 5.08 0.49 -11.89
N GLU A 82 4.18 -0.21 -12.58
CA GLU A 82 4.53 -0.82 -13.86
C GLU A 82 4.83 0.26 -14.91
N LYS A 83 3.95 1.25 -15.01
CA LYS A 83 4.12 2.29 -16.02
C LYS A 83 5.42 3.06 -15.83
N GLY A 84 5.76 3.33 -14.57
CA GLY A 84 6.99 4.05 -14.25
C GLY A 84 6.85 5.56 -14.36
N ARG A 85 5.78 6.04 -15.00
CA ARG A 85 5.56 7.48 -15.14
C ARG A 85 4.06 7.78 -15.23
N VAL A 86 3.55 8.53 -14.26
CA VAL A 86 2.14 8.90 -14.24
C VAL A 86 2.00 10.41 -14.43
N THR A 87 1.09 10.82 -15.33
CA THR A 87 0.92 12.23 -15.63
C THR A 87 -0.54 12.67 -15.48
N LEU A 88 -0.72 13.95 -15.18
CA LEU A 88 -2.06 14.54 -15.11
C LEU A 88 -2.15 15.67 -16.14
N LYS A 89 -2.96 15.47 -17.16
CA LYS A 89 -3.13 16.49 -18.20
C LYS A 89 -1.79 16.85 -18.85
N GLY A 90 -0.90 15.86 -18.98
CA GLY A 90 0.37 16.09 -19.68
C GLY A 90 1.50 16.55 -18.75
N LYS A 91 1.20 16.89 -17.49
CA LYS A 91 2.23 17.34 -16.55
C LYS A 91 2.61 16.20 -15.62
N PRO A 92 3.85 16.11 -15.17
CA PRO A 92 4.29 14.97 -14.31
C PRO A 92 3.76 15.07 -12.88
N ILE A 93 3.26 13.96 -12.36
CA ILE A 93 2.78 13.91 -10.98
C ILE A 93 3.30 12.65 -10.29
N ARG A 94 2.99 12.52 -9.00
CA ARG A 94 3.44 11.35 -8.24
C ARG A 94 2.27 10.71 -7.50
N LEU A 95 2.23 9.38 -7.50
CA LEU A 95 1.21 8.64 -6.77
C LEU A 95 1.86 7.72 -5.75
N THR A 96 1.47 7.86 -4.48
CA THR A 96 2.09 7.07 -3.42
C THR A 96 1.14 6.82 -2.25
N VAL A 97 1.61 6.05 -1.28
CA VAL A 97 0.84 5.77 -0.07
C VAL A 97 1.77 5.49 1.09
N ASP A 98 1.24 5.61 2.31
CA ASP A 98 2.03 5.32 3.50
C ASP A 98 1.93 3.85 3.87
N LEU A 99 3.08 3.19 4.02
CA LEU A 99 3.11 1.77 4.35
C LEU A 99 3.05 1.57 5.86
N SER A 100 2.21 0.64 6.29
CA SER A 100 2.09 0.36 7.72
C SER A 100 3.15 -0.65 8.16
N ALA A 101 3.83 -0.34 9.26
CA ALA A 101 4.87 -1.21 9.77
C ALA A 101 4.27 -2.51 10.31
N GLU A 102 3.18 -2.39 11.05
CA GLU A 102 2.54 -3.56 11.65
C GLU A 102 2.16 -4.58 10.58
N THR A 103 1.57 -4.08 9.50
CA THR A 103 1.15 -4.97 8.41
C THR A 103 2.33 -5.78 7.89
N LEU A 104 3.46 -5.11 7.69
CA LEU A 104 4.64 -5.79 7.18
C LEU A 104 5.04 -6.93 8.11
N GLN A 105 5.07 -6.67 9.41
CA GLN A 105 5.46 -7.69 10.38
C GLN A 105 4.56 -8.91 10.26
N ALA A 106 3.26 -8.67 10.09
CA ALA A 106 2.31 -9.76 9.99
C ALA A 106 2.61 -10.64 8.79
N ARG A 107 2.85 -10.00 7.64
CA ARG A 107 3.11 -10.75 6.42
C ARG A 107 4.34 -11.64 6.58
N ARG A 108 5.37 -11.12 7.23
CA ARG A 108 6.60 -11.88 7.45
C ARG A 108 6.32 -13.12 8.29
N GLU A 109 5.49 -12.98 9.31
CA GLU A 109 5.14 -14.09 10.18
C GLU A 109 4.45 -15.20 9.38
N TRP A 110 3.54 -14.80 8.50
CA TRP A 110 2.84 -15.77 7.64
C TRP A 110 3.70 -16.30 6.49
N GLY A 111 4.91 -15.78 6.31
CA GLY A 111 5.75 -16.16 5.18
C GLY A 111 5.89 -17.69 5.06
N PRO A 112 6.37 -18.37 6.09
CA PRO A 112 6.57 -19.84 6.00
C PRO A 112 5.32 -20.59 5.55
N ILE A 113 4.19 -20.32 6.20
CA ILE A 113 2.95 -21.02 5.90
C ILE A 113 2.59 -20.84 4.43
N PHE A 114 2.68 -19.61 3.96
CA PHE A 114 2.27 -19.30 2.58
C PHE A 114 3.08 -20.10 1.57
N ASN A 115 4.40 -20.07 1.73
CA ASN A 115 5.28 -20.71 0.76
C ASN A 115 5.02 -22.21 0.68
N ILE A 116 4.94 -22.86 1.83
CA ILE A 116 4.75 -24.31 1.86
C ILE A 116 3.45 -24.68 1.14
N LEU A 117 2.39 -23.97 1.47
CA LEU A 117 1.09 -24.26 0.85
C LEU A 117 1.18 -24.11 -0.66
N LYS A 118 1.92 -23.11 -1.13
CA LYS A 118 2.08 -22.90 -2.56
C LYS A 118 2.65 -24.15 -3.22
N GLU A 119 3.73 -24.67 -2.63
CA GLU A 119 4.38 -25.85 -3.18
C GLU A 119 3.40 -27.02 -3.28
N LYS A 120 2.58 -27.18 -2.26
CA LYS A 120 1.64 -28.30 -2.20
C LYS A 120 0.34 -28.05 -2.97
N ASN A 121 0.34 -27.09 -3.90
CA ASN A 121 -0.83 -26.87 -4.75
C ASN A 121 -2.07 -26.50 -3.94
N PHE A 122 -1.88 -25.81 -2.82
CA PHE A 122 -3.00 -25.31 -2.02
C PHE A 122 -3.50 -23.94 -2.51
N GLN A 123 -2.73 -23.27 -3.38
CA GLN A 123 -3.12 -21.96 -3.88
C GLN A 123 -3.31 -20.97 -2.73
N PRO A 124 -2.28 -20.72 -1.95
CA PRO A 124 -2.38 -19.74 -0.81
C PRO A 124 -2.37 -18.29 -1.29
N ARG A 125 -3.26 -17.49 -0.71
CA ARG A 125 -3.32 -16.07 -1.02
C ARG A 125 -3.45 -15.25 0.26
N ILE A 126 -2.91 -14.03 0.24
CA ILE A 126 -2.99 -13.16 1.41
C ILE A 126 -3.90 -11.97 1.13
N SER A 127 -4.69 -11.60 2.12
CA SER A 127 -5.59 -10.44 2.01
C SER A 127 -5.32 -9.46 3.15
N TYR A 128 -5.48 -8.18 2.85
CA TYR A 128 -5.26 -7.15 3.86
C TYR A 128 -6.21 -7.38 5.05
N PRO A 129 -5.82 -7.14 6.29
CA PRO A 129 -4.45 -6.72 6.71
C PRO A 129 -3.43 -7.84 6.52
N ALA A 130 -3.66 -8.96 7.20
CA ALA A 130 -2.75 -10.10 7.13
C ALA A 130 -3.49 -11.42 7.32
N LYS A 131 -4.67 -11.52 6.73
CA LYS A 131 -5.48 -12.73 6.83
C LYS A 131 -4.98 -13.77 5.84
N LEU A 132 -5.00 -15.03 6.25
CA LEU A 132 -4.52 -16.12 5.40
C LEU A 132 -5.70 -16.94 4.88
N SER A 133 -5.79 -17.09 3.56
CA SER A 133 -6.86 -17.88 2.96
C SER A 133 -6.29 -18.84 1.93
N PHE A 134 -6.87 -20.04 1.85
CA PHE A 134 -6.43 -21.02 0.86
C PHE A 134 -7.51 -22.06 0.60
N ILE A 135 -7.30 -22.89 -0.43
CA ILE A 135 -8.29 -23.88 -0.82
C ILE A 135 -7.86 -25.27 -0.36
N SER A 136 -8.72 -25.93 0.41
CA SER A 136 -8.44 -27.27 0.89
C SER A 136 -9.67 -28.16 0.73
N GLU A 137 -9.46 -29.41 0.30
CA GLU A 137 -10.56 -30.36 0.16
C GLU A 137 -11.70 -29.83 -0.70
N GLY A 138 -11.45 -28.78 -1.50
CA GLY A 138 -12.46 -28.29 -2.44
C GLY A 138 -13.19 -27.04 -1.95
N GLU A 139 -13.08 -26.71 -0.67
CA GLU A 139 -13.76 -25.53 -0.12
C GLU A 139 -12.74 -24.50 0.33
N ILE A 140 -13.15 -23.24 0.37
CA ILE A 140 -12.24 -22.16 0.76
C ILE A 140 -12.37 -21.89 2.26
N LYS A 141 -11.23 -21.85 2.94
CA LYS A 141 -11.21 -21.60 4.39
C LYS A 141 -10.37 -20.37 4.70
N TYR A 142 -10.79 -19.61 5.71
CA TYR A 142 -10.10 -18.38 6.10
C TYR A 142 -9.75 -18.40 7.58
N PHE A 143 -8.53 -17.96 7.91
CA PHE A 143 -8.12 -17.80 9.30
C PHE A 143 -7.50 -16.42 9.50
N ILE A 144 -7.82 -15.78 10.62
CA ILE A 144 -7.32 -14.44 10.87
C ILE A 144 -6.03 -14.49 11.69
N ASP A 145 -6.01 -15.34 12.71
CA ASP A 145 -4.87 -15.44 13.61
C ASP A 145 -4.22 -16.81 13.50
N LYS A 146 -2.90 -16.86 13.71
CA LYS A 146 -2.18 -18.12 13.68
C LYS A 146 -2.79 -19.13 14.66
N GLN A 147 -3.33 -18.65 15.78
CA GLN A 147 -3.93 -19.53 16.77
C GLN A 147 -5.04 -20.37 16.12
N MET A 148 -5.82 -19.73 15.27
CA MET A 148 -6.89 -20.44 14.57
C MET A 148 -6.30 -21.55 13.70
N LEU A 149 -5.19 -21.26 13.03
CA LEU A 149 -4.56 -22.24 12.15
C LEU A 149 -4.20 -23.50 12.93
N ARG A 150 -3.71 -23.33 14.16
CA ARG A 150 -3.34 -24.46 14.99
C ARG A 150 -4.57 -25.32 15.30
N ASP A 151 -5.62 -24.67 15.79
CA ASP A 151 -6.86 -25.37 16.12
C ASP A 151 -7.39 -26.15 14.92
N PHE A 152 -7.19 -25.60 13.72
CA PHE A 152 -7.66 -26.22 12.49
C PHE A 152 -6.86 -27.46 12.12
N VAL A 153 -5.53 -27.35 12.10
CA VAL A 153 -4.70 -28.48 11.68
C VAL A 153 -4.91 -29.71 12.55
N THR A 154 -5.20 -29.50 13.83
CA THR A 154 -5.39 -30.62 14.75
C THR A 154 -6.38 -31.67 14.22
N THR A 155 -7.25 -31.29 13.27
CA THR A 155 -8.28 -32.21 12.79
C THR A 155 -7.92 -32.90 11.47
N ARG A 156 -6.73 -32.64 10.93
CA ARG A 156 -6.30 -33.26 9.68
C ARG A 156 -4.79 -33.51 9.72
N PRO A 157 -4.33 -34.58 10.32
CA PRO A 157 -2.88 -34.76 10.64
C PRO A 157 -1.96 -34.48 9.46
N ALA A 158 -2.42 -34.75 8.23
CA ALA A 158 -1.60 -34.46 7.04
C ALA A 158 -1.23 -32.99 7.00
N LEU A 159 -2.23 -32.13 7.19
CA LEU A 159 -2.02 -30.69 7.17
C LEU A 159 -1.12 -30.26 8.33
N LYS A 160 -1.26 -30.93 9.48
CA LYS A 160 -0.46 -30.58 10.66
C LYS A 160 1.02 -30.77 10.36
N GLU A 161 1.36 -31.93 9.79
CA GLU A 161 2.76 -32.23 9.51
C GLU A 161 3.36 -31.21 8.56
N LEU A 162 2.61 -30.86 7.52
CA LEU A 162 3.09 -29.90 6.53
C LEU A 162 3.41 -28.54 7.18
N LEU A 163 2.48 -28.08 8.02
CA LEU A 163 2.62 -26.75 8.62
C LEU A 163 3.39 -26.74 9.94
N LYS A 164 3.65 -27.91 10.52
CA LYS A 164 4.35 -28.02 11.81
C LYS A 164 5.53 -27.05 11.93
N GLU A 165 6.36 -26.99 10.90
CA GLU A 165 7.53 -26.12 10.93
C GLU A 165 7.14 -24.64 10.79
N ALA A 166 6.12 -24.38 9.99
CA ALA A 166 5.69 -23.00 9.74
C ALA A 166 5.17 -22.33 11.01
N LEU A 167 4.36 -23.06 11.76
CA LEU A 167 3.75 -22.51 12.97
C LEU A 167 4.68 -22.57 14.19
N ASN A 168 5.84 -23.22 14.07
CA ASN A 168 6.77 -23.34 15.19
C ASN A 168 6.09 -24.02 16.38
N MET A 169 5.42 -25.13 16.10
CA MET A 169 4.72 -25.88 17.14
C MET A 169 5.64 -26.22 18.31
N GLU A 170 6.94 -26.40 18.03
CA GLU A 170 7.90 -26.75 19.07
C GLU A 170 7.85 -25.76 20.23
N ARG A 171 8.15 -26.25 21.43
CA ARG A 171 8.10 -25.41 22.62
C ARG A 171 9.45 -24.72 22.86
N ASN A 172 10.05 -24.23 21.78
CA ASN A 172 11.34 -23.54 21.88
C ASN A 172 11.25 -22.37 22.86
N ASN A 173 10.14 -21.65 22.81
CA ASN A 173 9.94 -20.51 23.71
C ASN A 173 8.54 -20.57 24.33
N ARG A 174 8.50 -20.72 25.65
CA ARG A 174 7.23 -20.81 26.36
C ARG A 174 6.39 -19.58 26.09
N TYR A 175 7.01 -18.40 26.20
CA TYR A 175 6.30 -17.15 25.97
C TYR A 175 7.28 -16.06 25.54
N GLN A 176 8.17 -15.66 26.45
CA GLN A 176 9.14 -14.61 26.15
C GLN A 176 10.49 -15.23 25.81
N MET A 1 -11.11 2.98 4.33
CA MET A 1 -10.12 1.93 4.67
C MET A 1 -8.86 2.11 3.84
N GLY A 2 -9.00 2.04 2.52
CA GLY A 2 -7.87 2.21 1.63
C GLY A 2 -7.80 3.63 1.10
N ASN A 3 -6.78 4.37 1.51
CA ASN A 3 -6.61 5.76 1.08
C ASN A 3 -5.36 5.89 0.21
N LEU A 4 -5.47 6.68 -0.85
CA LEU A 4 -4.35 6.91 -1.77
C LEU A 4 -3.97 8.40 -1.75
N ARG A 5 -2.69 8.69 -1.97
CA ARG A 5 -2.23 10.07 -1.97
C ARG A 5 -1.89 10.52 -3.39
N LEU A 6 -2.50 11.62 -3.81
CA LEU A 6 -2.21 12.21 -5.11
C LEU A 6 -1.47 13.53 -4.93
N ILE A 7 -0.25 13.59 -5.46
CA ILE A 7 0.60 14.77 -5.28
C ILE A 7 0.89 15.43 -6.63
N GLY A 8 0.69 16.74 -6.71
CA GLY A 8 1.06 17.49 -7.91
C GLY A 8 -0.14 18.04 -8.68
N VAL A 9 -1.27 18.24 -7.98
CA VAL A 9 -2.45 18.80 -8.64
C VAL A 9 -2.50 20.32 -8.41
N PRO A 10 -2.28 21.15 -9.41
CA PRO A 10 -2.26 22.63 -9.20
C PRO A 10 -3.53 23.14 -8.51
N GLU A 11 -3.44 24.34 -7.95
CA GLU A 11 -4.57 24.94 -7.26
C GLU A 11 -5.48 25.65 -8.27
N SER A 12 -6.76 25.77 -7.93
CA SER A 12 -7.71 26.45 -8.80
C SER A 12 -8.85 27.06 -7.98
N ASP A 13 -9.09 28.34 -8.20
CA ASP A 13 -10.15 29.04 -7.47
C ASP A 13 -11.50 28.33 -7.61
N VAL A 14 -11.73 27.70 -8.77
CA VAL A 14 -13.02 27.05 -9.04
C VAL A 14 -13.08 25.61 -8.54
N GLU A 15 -12.15 25.20 -7.69
CA GLU A 15 -12.11 23.82 -7.21
C GLU A 15 -13.38 23.46 -6.46
N ASN A 16 -13.92 22.29 -6.76
CA ASN A 16 -15.13 21.79 -6.11
C ASN A 16 -15.11 20.28 -6.10
N GLY A 17 -15.84 19.67 -5.15
CA GLY A 17 -15.84 18.22 -4.99
C GLY A 17 -16.03 17.48 -6.32
N THR A 18 -17.05 17.88 -7.07
CA THR A 18 -17.36 17.20 -8.34
C THR A 18 -16.16 17.23 -9.28
N LYS A 19 -15.57 18.40 -9.46
CA LYS A 19 -14.43 18.53 -10.38
C LYS A 19 -13.30 17.60 -9.97
N LEU A 20 -13.05 17.54 -8.67
CA LEU A 20 -11.99 16.67 -8.15
C LEU A 20 -12.22 15.22 -8.58
N GLU A 21 -13.45 14.74 -8.45
CA GLU A 21 -13.76 13.37 -8.80
C GLU A 21 -13.44 13.10 -10.26
N ASN A 22 -13.85 14.02 -11.13
CA ASN A 22 -13.58 13.89 -12.56
C ASN A 22 -12.07 13.81 -12.80
N THR A 23 -11.32 14.62 -12.08
CA THR A 23 -9.86 14.62 -12.19
C THR A 23 -9.29 13.21 -12.00
N LEU A 24 -9.68 12.54 -10.91
CA LEU A 24 -9.15 11.22 -10.62
C LEU A 24 -9.45 10.27 -11.77
N GLN A 25 -10.67 10.32 -12.28
CA GLN A 25 -11.07 9.47 -13.41
C GLN A 25 -10.14 9.70 -14.59
N ASP A 26 -9.80 10.96 -14.85
CA ASP A 26 -8.94 11.30 -15.95
C ASP A 26 -7.57 10.64 -15.79
N ILE A 27 -7.04 10.66 -14.57
CA ILE A 27 -5.74 10.05 -14.30
C ILE A 27 -5.76 8.57 -14.69
N ILE A 28 -6.86 7.89 -14.34
CA ILE A 28 -6.98 6.46 -14.62
C ILE A 28 -6.85 6.22 -16.12
N GLN A 29 -7.59 6.99 -16.91
CA GLN A 29 -7.59 6.80 -18.36
C GLN A 29 -6.23 7.12 -18.97
N GLU A 30 -5.55 8.15 -18.44
CA GLU A 30 -4.30 8.62 -19.03
C GLU A 30 -3.18 7.58 -18.88
N ASN A 31 -3.05 6.99 -17.70
CA ASN A 31 -1.92 6.11 -17.43
C ASN A 31 -2.33 4.63 -17.37
N PHE A 32 -3.58 4.36 -17.00
CA PHE A 32 -4.03 2.99 -16.78
C PHE A 32 -5.20 2.66 -17.71
N PRO A 33 -4.96 2.49 -18.99
CA PRO A 33 -6.04 2.18 -19.96
C PRO A 33 -6.82 0.94 -19.57
N ASN A 34 -6.12 -0.04 -18.99
CA ASN A 34 -6.77 -1.28 -18.57
C ASN A 34 -7.84 -0.99 -17.52
N LEU A 35 -7.48 -0.21 -16.51
CA LEU A 35 -8.44 0.12 -15.45
C LEU A 35 -9.67 0.81 -16.03
N ALA A 36 -9.42 1.77 -16.92
CA ALA A 36 -10.51 2.53 -17.52
C ALA A 36 -11.44 1.62 -18.31
N ARG A 37 -10.87 0.65 -19.02
CA ARG A 37 -11.67 -0.26 -19.83
C ARG A 37 -12.63 -1.08 -18.95
N GLN A 38 -12.11 -1.59 -17.84
CA GLN A 38 -12.93 -2.36 -16.91
C GLN A 38 -14.13 -1.52 -16.44
N ALA A 39 -13.87 -0.28 -16.05
CA ALA A 39 -14.92 0.62 -15.61
C ALA A 39 -15.62 0.10 -14.36
N ASN A 40 -14.84 -0.47 -13.46
CA ASN A 40 -15.38 -0.99 -12.20
C ASN A 40 -14.75 -0.27 -11.01
N VAL A 41 -14.57 1.04 -11.16
CA VAL A 41 -13.96 1.84 -10.09
C VAL A 41 -15.05 2.54 -9.27
N GLN A 42 -15.09 2.25 -7.98
CA GLN A 42 -16.05 2.87 -7.08
C GLN A 42 -15.34 3.77 -6.09
N ILE A 43 -15.52 5.08 -6.24
CA ILE A 43 -14.88 6.04 -5.35
C ILE A 43 -15.89 6.57 -4.34
N GLN A 44 -15.48 6.68 -3.08
CA GLN A 44 -16.40 7.10 -2.03
C GLN A 44 -16.30 8.61 -1.80
N GLU A 45 -15.08 9.11 -1.67
CA GLU A 45 -14.88 10.53 -1.39
C GLU A 45 -13.53 11.02 -1.89
N ILE A 46 -13.51 12.23 -2.46
CA ILE A 46 -12.27 12.87 -2.88
C ILE A 46 -12.28 14.34 -2.43
N GLN A 47 -11.26 14.74 -1.69
CA GLN A 47 -11.21 16.10 -1.16
C GLN A 47 -9.77 16.60 -1.00
N ARG A 48 -9.63 17.92 -0.90
CA ARG A 48 -8.32 18.54 -0.71
C ARG A 48 -8.03 18.70 0.77
N THR A 49 -6.76 18.51 1.15
CA THR A 49 -6.36 18.65 2.56
C THR A 49 -5.07 19.49 2.65
N PRO A 50 -4.92 20.43 3.56
CA PRO A 50 -6.00 20.94 4.46
C PRO A 50 -6.94 21.89 3.72
N GLN A 51 -8.24 21.60 3.77
CA GLN A 51 -9.21 22.40 3.01
C GLN A 51 -9.49 23.72 3.70
N ARG A 52 -9.59 23.69 5.03
CA ARG A 52 -9.95 24.88 5.80
C ARG A 52 -8.75 25.80 6.06
N TYR A 53 -7.53 25.28 5.93
CA TYR A 53 -6.34 26.09 6.16
C TYR A 53 -5.92 26.79 4.87
N SER A 54 -5.99 28.12 4.87
CA SER A 54 -5.62 28.89 3.70
C SER A 54 -4.18 28.59 3.29
N SER A 55 -3.89 28.75 2.00
CA SER A 55 -2.55 28.48 1.50
C SER A 55 -1.58 29.55 1.98
N ARG A 56 -0.68 29.16 2.87
CA ARG A 56 0.32 30.10 3.39
C ARG A 56 1.64 29.93 2.64
N ARG A 57 2.16 28.70 2.65
CA ARG A 57 3.41 28.40 1.96
C ARG A 57 3.16 28.23 0.46
N ALA A 58 4.21 28.38 -0.33
CA ALA A 58 4.09 28.26 -1.78
C ALA A 58 3.90 26.81 -2.25
N THR A 59 4.12 25.83 -1.37
CA THR A 59 4.02 24.43 -1.76
C THR A 59 2.55 24.06 -2.05
N PRO A 60 2.29 23.16 -2.98
CA PRO A 60 0.89 22.78 -3.31
C PRO A 60 0.27 21.84 -2.29
N ARG A 61 -1.04 21.97 -2.08
CA ARG A 61 -1.74 21.06 -1.18
C ARG A 61 -1.89 19.69 -1.81
N HIS A 62 -2.08 18.67 -0.98
CA HIS A 62 -2.25 17.31 -1.48
C HIS A 62 -3.73 16.96 -1.57
N ILE A 63 -4.06 15.97 -2.40
CA ILE A 63 -5.44 15.48 -2.47
C ILE A 63 -5.51 14.06 -1.94
N ILE A 64 -6.53 13.77 -1.14
CA ILE A 64 -6.71 12.44 -0.60
C ILE A 64 -7.90 11.75 -1.26
N VAL A 65 -7.69 10.51 -1.68
CA VAL A 65 -8.72 9.73 -2.34
C VAL A 65 -9.06 8.51 -1.47
N ARG A 66 -10.31 8.39 -1.07
CA ARG A 66 -10.76 7.24 -0.31
C ARG A 66 -11.59 6.32 -1.21
N PHE A 67 -11.08 5.11 -1.44
CA PHE A 67 -11.75 4.18 -2.34
C PHE A 67 -12.68 3.25 -1.57
N THR A 68 -13.73 2.78 -2.23
CA THR A 68 -14.67 1.87 -1.60
C THR A 68 -14.03 0.52 -1.32
N LYS A 69 -13.21 0.05 -2.26
CA LYS A 69 -12.57 -1.27 -2.13
C LYS A 69 -11.06 -1.12 -1.92
N VAL A 70 -10.57 -1.58 -0.78
CA VAL A 70 -9.14 -1.52 -0.50
C VAL A 70 -8.36 -2.26 -1.58
N GLU A 71 -8.88 -3.41 -2.00
CA GLU A 71 -8.22 -4.19 -3.04
C GLU A 71 -8.04 -3.35 -4.31
N MET A 72 -9.07 -2.58 -4.66
CA MET A 72 -9.01 -1.76 -5.86
C MET A 72 -7.85 -0.78 -5.78
N LYS A 73 -7.72 -0.12 -4.64
CA LYS A 73 -6.65 0.86 -4.45
C LYS A 73 -5.29 0.19 -4.67
N GLU A 74 -5.12 -1.00 -4.10
CA GLU A 74 -3.86 -1.71 -4.22
C GLU A 74 -3.52 -1.96 -5.68
N LYS A 75 -4.53 -2.38 -6.45
CA LYS A 75 -4.33 -2.67 -7.86
C LYS A 75 -3.81 -1.43 -8.59
N MET A 76 -4.40 -0.28 -8.27
CA MET A 76 -4.00 0.97 -8.91
C MET A 76 -2.52 1.23 -8.67
N LEU A 77 -2.07 1.05 -7.43
CA LEU A 77 -0.67 1.29 -7.08
C LEU A 77 0.23 0.42 -7.93
N ARG A 78 -0.13 -0.85 -8.06
CA ARG A 78 0.68 -1.78 -8.84
C ARG A 78 0.82 -1.29 -10.28
N ALA A 79 -0.29 -0.85 -10.85
CA ALA A 79 -0.28 -0.38 -12.23
C ALA A 79 0.70 0.77 -12.40
N ALA A 80 0.70 1.69 -11.44
CA ALA A 80 1.60 2.84 -11.50
C ALA A 80 3.05 2.38 -11.51
N ARG A 81 3.38 1.43 -10.64
CA ARG A 81 4.75 0.93 -10.55
C ARG A 81 5.20 0.39 -11.90
N GLU A 82 4.31 -0.32 -12.58
CA GLU A 82 4.63 -0.93 -13.86
C GLU A 82 4.90 0.13 -14.92
N LYS A 83 4.01 1.11 -15.02
CA LYS A 83 4.13 2.15 -16.05
C LYS A 83 5.43 2.92 -15.89
N GLY A 84 5.80 3.22 -14.65
CA GLY A 84 7.03 3.95 -14.38
C GLY A 84 6.86 5.47 -14.46
N ARG A 85 5.75 5.94 -15.04
CA ARG A 85 5.50 7.37 -15.15
C ARG A 85 4.00 7.66 -15.16
N VAL A 86 3.55 8.50 -14.25
CA VAL A 86 2.15 8.89 -14.17
C VAL A 86 2.02 10.39 -14.45
N THR A 87 1.14 10.75 -15.38
CA THR A 87 0.99 12.15 -15.78
C THR A 87 -0.46 12.60 -15.73
N LEU A 88 -0.66 13.87 -15.41
CA LEU A 88 -1.99 14.48 -15.42
C LEU A 88 -2.01 15.61 -16.44
N LYS A 89 -2.81 15.45 -17.48
CA LYS A 89 -2.91 16.47 -18.52
C LYS A 89 -1.54 16.79 -19.12
N GLY A 90 -0.68 15.77 -19.22
CA GLY A 90 0.63 15.94 -19.86
C GLY A 90 1.74 16.40 -18.90
N LYS A 91 1.38 16.77 -17.67
CA LYS A 91 2.38 17.24 -16.71
C LYS A 91 2.71 16.12 -15.72
N PRO A 92 3.94 16.01 -15.24
CA PRO A 92 4.33 14.89 -14.34
C PRO A 92 3.77 15.02 -12.93
N ILE A 93 3.24 13.93 -12.39
CA ILE A 93 2.73 13.90 -11.02
C ILE A 93 3.25 12.65 -10.31
N ARG A 94 2.94 12.54 -9.01
CA ARG A 94 3.38 11.39 -8.24
C ARG A 94 2.22 10.74 -7.49
N LEU A 95 2.22 9.41 -7.47
CA LEU A 95 1.19 8.66 -6.74
C LEU A 95 1.85 7.75 -5.72
N THR A 96 1.45 7.87 -4.45
CA THR A 96 2.06 7.09 -3.39
C THR A 96 1.08 6.83 -2.25
N VAL A 97 1.55 6.09 -1.25
CA VAL A 97 0.75 5.81 -0.05
C VAL A 97 1.66 5.64 1.16
N ASP A 98 1.26 6.22 2.28
CA ASP A 98 2.05 6.11 3.50
C ASP A 98 1.48 5.03 4.43
N LEU A 99 2.32 4.07 4.80
CA LEU A 99 1.91 3.00 5.70
C LEU A 99 3.12 2.35 6.34
N SER A 100 2.91 1.64 7.44
CA SER A 100 3.99 0.93 8.10
C SER A 100 4.19 -0.44 7.45
N ALA A 101 5.35 -0.61 6.80
CA ALA A 101 5.64 -1.86 6.11
C ALA A 101 5.85 -3.01 7.09
N GLU A 102 6.67 -2.77 8.10
CA GLU A 102 7.07 -3.83 9.02
C GLU A 102 5.88 -4.38 9.79
N THR A 103 5.07 -3.51 10.37
CA THR A 103 3.94 -3.95 11.18
C THR A 103 3.03 -4.88 10.39
N LEU A 104 2.71 -4.50 9.16
CA LEU A 104 1.85 -5.32 8.32
C LEU A 104 2.47 -6.68 8.07
N GLN A 105 3.77 -6.70 7.75
CA GLN A 105 4.46 -7.95 7.48
C GLN A 105 4.35 -8.88 8.69
N ALA A 106 4.50 -8.32 9.89
CA ALA A 106 4.48 -9.12 11.10
C ALA A 106 3.12 -9.76 11.32
N ARG A 107 2.05 -8.98 11.17
CA ARG A 107 0.72 -9.50 11.41
C ARG A 107 0.40 -10.65 10.46
N ARG A 108 0.80 -10.50 9.20
CA ARG A 108 0.56 -11.55 8.21
C ARG A 108 1.31 -12.83 8.60
N GLU A 109 2.55 -12.68 9.05
CA GLU A 109 3.36 -13.83 9.43
C GLU A 109 2.71 -14.60 10.58
N TRP A 110 2.13 -13.88 11.52
CA TRP A 110 1.46 -14.52 12.66
C TRP A 110 0.09 -15.12 12.30
N GLY A 111 -0.43 -14.80 11.11
CA GLY A 111 -1.78 -15.25 10.74
C GLY A 111 -1.95 -16.76 10.94
N PRO A 112 -1.14 -17.59 10.31
CA PRO A 112 -1.31 -19.07 10.43
C PRO A 112 -1.35 -19.54 11.88
N ILE A 113 -0.38 -19.11 12.68
CA ILE A 113 -0.31 -19.54 14.06
C ILE A 113 -1.60 -19.20 14.81
N PHE A 114 -2.09 -17.98 14.59
CA PHE A 114 -3.29 -17.52 15.30
C PHE A 114 -4.47 -18.43 15.03
N ASN A 115 -4.69 -18.72 13.75
CA ASN A 115 -5.87 -19.50 13.36
C ASN A 115 -5.83 -20.89 13.96
N ILE A 116 -4.70 -21.57 13.84
CA ILE A 116 -4.57 -22.94 14.34
C ILE A 116 -4.86 -22.98 15.84
N LEU A 117 -4.26 -22.05 16.58
CA LEU A 117 -4.46 -22.00 18.02
C LEU A 117 -5.93 -21.83 18.35
N LYS A 118 -6.64 -21.00 17.58
CA LYS A 118 -8.05 -20.76 17.80
C LYS A 118 -8.82 -22.08 17.75
N GLU A 119 -8.57 -22.86 16.71
CA GLU A 119 -9.27 -24.12 16.52
C GLU A 119 -9.06 -25.04 17.71
N LYS A 120 -7.83 -25.11 18.20
CA LYS A 120 -7.48 -26.01 19.29
C LYS A 120 -7.81 -25.43 20.67
N ASN A 121 -8.68 -24.42 20.74
CA ASN A 121 -9.12 -23.89 22.03
C ASN A 121 -7.96 -23.32 22.85
N PHE A 122 -6.98 -22.76 22.17
CA PHE A 122 -5.86 -22.09 22.85
C PHE A 122 -6.16 -20.63 23.19
N GLN A 123 -7.23 -20.06 22.60
CA GLN A 123 -7.60 -18.68 22.86
C GLN A 123 -6.46 -17.73 22.45
N PRO A 124 -6.06 -17.74 21.19
CA PRO A 124 -4.96 -16.84 20.72
C PRO A 124 -5.42 -15.40 20.56
N ARG A 125 -4.61 -14.47 21.05
CA ARG A 125 -4.92 -13.05 20.92
C ARG A 125 -3.67 -12.29 20.48
N ILE A 126 -3.86 -11.22 19.72
CA ILE A 126 -2.74 -10.40 19.25
C ILE A 126 -2.74 -9.05 19.93
N SER A 127 -1.54 -8.55 20.23
CA SER A 127 -1.39 -7.24 20.87
C SER A 127 -0.41 -6.38 20.06
N TYR A 128 -0.62 -5.08 20.07
CA TYR A 128 0.25 -4.16 19.36
C TYR A 128 1.68 -4.27 19.92
N PRO A 129 2.73 -4.16 19.13
CA PRO A 129 2.70 -4.02 17.64
C PRO A 129 2.22 -5.30 16.95
N ALA A 130 2.95 -6.38 17.19
CA ALA A 130 2.61 -7.66 16.55
C ALA A 130 3.05 -8.83 17.45
N LYS A 131 2.83 -8.68 18.75
CA LYS A 131 3.21 -9.72 19.70
C LYS A 131 2.11 -10.78 19.79
N LEU A 132 2.51 -12.02 20.02
CA LEU A 132 1.57 -13.14 20.08
C LEU A 132 1.46 -13.65 21.52
N SER A 133 0.23 -13.76 22.02
CA SER A 133 0.01 -14.28 23.36
C SER A 133 -1.13 -15.29 23.35
N PHE A 134 -1.01 -16.34 24.16
CA PHE A 134 -2.07 -17.35 24.25
C PHE A 134 -1.96 -18.14 25.54
N ILE A 135 -2.99 -18.94 25.82
CA ILE A 135 -3.03 -19.71 27.07
C ILE A 135 -2.73 -21.17 26.80
N SER A 136 -1.72 -21.69 27.49
CA SER A 136 -1.32 -23.09 27.35
C SER A 136 -1.08 -23.72 28.72
N GLU A 137 -1.56 -24.95 28.89
CA GLU A 137 -1.35 -25.68 30.14
C GLU A 137 -1.77 -24.87 31.38
N GLY A 138 -2.66 -23.88 31.20
CA GLY A 138 -3.20 -23.16 32.35
C GLY A 138 -2.49 -21.82 32.62
N GLU A 139 -1.32 -21.61 32.03
CA GLU A 139 -0.57 -20.37 32.26
C GLU A 139 -0.49 -19.56 30.98
N ILE A 140 -0.32 -18.24 31.13
CA ILE A 140 -0.26 -17.36 29.96
C ILE A 140 1.19 -17.18 29.52
N LYS A 141 1.44 -17.37 28.23
CA LYS A 141 2.79 -17.23 27.68
C LYS A 141 2.80 -16.18 26.58
N TYR A 142 3.89 -15.41 26.53
CA TYR A 142 4.04 -14.34 25.54
C TYR A 142 5.33 -14.50 24.75
N PHE A 143 5.25 -14.28 23.44
CA PHE A 143 6.43 -14.28 22.59
C PHE A 143 6.41 -13.07 21.66
N ILE A 144 7.56 -12.43 21.48
CA ILE A 144 7.63 -11.24 20.64
C ILE A 144 7.99 -11.60 19.20
N ASP A 145 8.97 -12.50 19.05
CA ASP A 145 9.46 -12.89 17.73
C ASP A 145 9.18 -14.35 17.46
N LYS A 146 8.93 -14.68 16.19
CA LYS A 146 8.69 -16.07 15.80
C LYS A 146 9.83 -16.98 16.25
N GLN A 147 11.06 -16.45 16.28
CA GLN A 147 12.21 -17.24 16.71
C GLN A 147 11.97 -17.82 18.11
N MET A 148 11.39 -17.01 18.98
CA MET A 148 11.08 -17.45 20.33
C MET A 148 10.12 -18.62 20.30
N LEU A 149 9.09 -18.54 19.45
CA LEU A 149 8.10 -19.60 19.37
C LEU A 149 8.75 -20.93 19.01
N ARG A 150 9.74 -20.89 18.12
CA ARG A 150 10.45 -22.10 17.73
C ARG A 150 11.17 -22.71 18.92
N ASP A 151 11.98 -21.89 19.58
CA ASP A 151 12.72 -22.36 20.76
C ASP A 151 11.78 -22.96 21.80
N PHE A 152 10.57 -22.41 21.91
CA PHE A 152 9.60 -22.86 22.89
C PHE A 152 9.03 -24.24 22.52
N VAL A 153 8.58 -24.42 21.29
CA VAL A 153 7.97 -25.69 20.90
C VAL A 153 8.93 -26.86 21.05
N THR A 154 10.24 -26.62 20.93
CA THR A 154 11.22 -27.68 21.07
C THR A 154 11.01 -28.53 22.33
N THR A 155 10.37 -27.96 23.36
CA THR A 155 10.22 -28.67 24.63
C THR A 155 8.80 -29.20 24.86
N ARG A 156 7.98 -29.24 23.82
CA ARG A 156 6.62 -29.77 23.94
C ARG A 156 6.18 -30.37 22.61
N PRO A 157 6.54 -31.59 22.30
CA PRO A 157 6.33 -32.18 20.93
C PRO A 157 4.91 -31.97 20.40
N ALA A 158 3.91 -32.07 21.27
CA ALA A 158 2.52 -31.88 20.83
C ALA A 158 2.35 -30.51 20.19
N LEU A 159 2.89 -29.49 20.83
CA LEU A 159 2.78 -28.12 20.33
C LEU A 159 3.55 -27.96 19.02
N LYS A 160 4.69 -28.63 18.90
CA LYS A 160 5.50 -28.52 17.70
C LYS A 160 4.72 -29.02 16.49
N GLU A 161 4.09 -30.17 16.62
CA GLU A 161 3.35 -30.76 15.51
C GLU A 161 2.22 -29.84 15.06
N LEU A 162 1.50 -29.30 16.01
CA LEU A 162 0.36 -28.42 15.70
C LEU A 162 0.82 -27.20 14.91
N LEU A 163 1.90 -26.58 15.37
CA LEU A 163 2.37 -25.32 14.76
C LEU A 163 3.40 -25.54 13.65
N LYS A 164 3.88 -26.76 13.46
CA LYS A 164 4.89 -27.07 12.44
C LYS A 164 4.63 -26.36 11.11
N GLU A 165 3.39 -26.38 10.65
CA GLU A 165 3.04 -25.76 9.37
C GLU A 165 3.03 -24.24 9.46
N ALA A 166 2.60 -23.72 10.61
CA ALA A 166 2.49 -22.27 10.79
C ALA A 166 3.86 -21.61 10.77
N LEU A 167 4.81 -22.22 11.45
CA LEU A 167 6.16 -21.67 11.54
C LEU A 167 7.03 -21.98 10.31
N ASN A 168 6.66 -23.02 9.56
CA ASN A 168 7.43 -23.40 8.38
C ASN A 168 8.86 -23.77 8.77
N MET A 169 8.97 -24.69 9.74
CA MET A 169 10.28 -25.13 10.22
C MET A 169 11.18 -25.57 9.08
N GLU A 170 10.59 -26.16 8.05
CA GLU A 170 11.36 -26.63 6.90
C GLU A 170 11.56 -25.51 5.88
N ARG A 171 11.95 -24.33 6.37
CA ARG A 171 12.17 -23.19 5.50
C ARG A 171 13.51 -23.31 4.78
N ASN A 172 13.54 -22.91 3.52
CA ASN A 172 14.76 -22.97 2.73
C ASN A 172 15.64 -21.75 2.99
N ASN A 173 16.92 -22.00 3.24
CA ASN A 173 17.86 -20.91 3.52
C ASN A 173 19.20 -21.16 2.83
N ARG A 174 19.15 -21.69 1.61
CA ARG A 174 20.37 -21.98 0.85
C ARG A 174 20.76 -20.78 0.01
N TYR A 175 19.77 -20.18 -0.66
CA TYR A 175 20.02 -19.01 -1.50
C TYR A 175 20.40 -17.81 -0.66
N GLN A 176 19.74 -17.64 0.49
CA GLN A 176 20.02 -16.52 1.36
C GLN A 176 21.43 -16.62 1.93
N MET A 1 -9.79 1.46 6.12
CA MET A 1 -10.14 2.01 4.77
C MET A 1 -8.88 2.19 3.95
N GLY A 2 -9.03 2.11 2.62
CA GLY A 2 -7.89 2.27 1.73
C GLY A 2 -7.81 3.69 1.18
N ASN A 3 -6.81 4.44 1.63
CA ASN A 3 -6.62 5.81 1.18
C ASN A 3 -5.38 5.92 0.30
N LEU A 4 -5.49 6.70 -0.77
CA LEU A 4 -4.37 6.90 -1.69
C LEU A 4 -3.96 8.37 -1.69
N ARG A 5 -2.68 8.63 -1.94
CA ARG A 5 -2.18 10.00 -1.95
C ARG A 5 -1.86 10.44 -3.37
N LEU A 6 -2.43 11.57 -3.77
CA LEU A 6 -2.16 12.15 -5.08
C LEU A 6 -1.42 13.48 -4.91
N ILE A 7 -0.19 13.53 -5.39
CA ILE A 7 0.67 14.70 -5.20
C ILE A 7 0.97 15.38 -6.53
N GLY A 8 0.83 16.70 -6.56
CA GLY A 8 1.25 17.47 -7.73
C GLY A 8 0.07 17.94 -8.59
N VAL A 9 -1.12 18.07 -7.99
CA VAL A 9 -2.27 18.52 -8.74
C VAL A 9 -2.36 20.05 -8.68
N PRO A 10 -2.71 20.73 -9.77
CA PRO A 10 -2.79 22.23 -9.77
C PRO A 10 -3.76 22.76 -8.71
N GLU A 11 -3.60 24.04 -8.37
CA GLU A 11 -4.50 24.70 -7.43
C GLU A 11 -5.33 25.76 -8.16
N SER A 12 -6.63 25.77 -7.89
CA SER A 12 -7.52 26.73 -8.55
C SER A 12 -8.67 27.13 -7.63
N ASP A 13 -8.99 28.41 -7.61
CA ASP A 13 -10.06 28.92 -6.76
C ASP A 13 -11.38 28.18 -7.01
N VAL A 14 -11.60 27.77 -8.26
CA VAL A 14 -12.86 27.12 -8.62
C VAL A 14 -12.90 25.63 -8.26
N GLU A 15 -11.99 25.18 -7.41
CA GLU A 15 -11.96 23.77 -7.00
C GLU A 15 -13.26 23.39 -6.30
N ASN A 16 -13.73 22.18 -6.59
CA ASN A 16 -14.94 21.66 -5.97
C ASN A 16 -14.91 20.13 -5.98
N GLY A 17 -15.65 19.52 -5.06
CA GLY A 17 -15.65 18.05 -4.93
C GLY A 17 -15.84 17.35 -6.27
N THR A 18 -16.88 17.75 -7.00
CA THR A 18 -17.19 17.11 -8.27
C THR A 18 -16.00 17.14 -9.22
N LYS A 19 -15.38 18.32 -9.36
CA LYS A 19 -14.25 18.46 -10.27
C LYS A 19 -13.14 17.50 -9.88
N LEU A 20 -12.86 17.40 -8.59
CA LEU A 20 -11.82 16.50 -8.09
C LEU A 20 -12.07 15.07 -8.57
N GLU A 21 -13.32 14.62 -8.47
CA GLU A 21 -13.65 13.26 -8.86
C GLU A 21 -13.33 13.03 -10.33
N ASN A 22 -13.72 13.99 -11.16
CA ASN A 22 -13.41 13.90 -12.59
C ASN A 22 -11.89 13.78 -12.79
N THR A 23 -11.14 14.54 -12.02
CA THR A 23 -9.68 14.51 -12.11
C THR A 23 -9.15 13.08 -11.96
N LEU A 24 -9.55 12.39 -10.90
CA LEU A 24 -9.06 11.04 -10.67
C LEU A 24 -9.38 10.14 -11.86
N GLN A 25 -10.60 10.26 -12.36
CA GLN A 25 -11.01 9.46 -13.51
C GLN A 25 -10.08 9.70 -14.70
N ASP A 26 -9.72 10.96 -14.91
CA ASP A 26 -8.83 11.31 -16.02
C ASP A 26 -7.49 10.60 -15.87
N ILE A 27 -6.96 10.58 -14.66
CA ILE A 27 -5.67 9.92 -14.41
C ILE A 27 -5.74 8.46 -14.84
N ILE A 28 -6.85 7.80 -14.51
CA ILE A 28 -7.01 6.39 -14.82
C ILE A 28 -6.89 6.18 -16.33
N GLN A 29 -7.64 6.96 -17.09
CA GLN A 29 -7.65 6.81 -18.54
C GLN A 29 -6.31 7.16 -19.18
N GLU A 30 -5.61 8.13 -18.60
CA GLU A 30 -4.37 8.62 -19.17
C GLU A 30 -3.25 7.59 -19.11
N ASN A 31 -3.08 6.94 -17.96
CA ASN A 31 -1.94 6.03 -17.76
C ASN A 31 -2.37 4.56 -17.58
N PHE A 32 -3.62 4.32 -17.21
CA PHE A 32 -4.08 2.96 -16.92
C PHE A 32 -5.25 2.60 -17.85
N PRO A 33 -4.98 2.37 -19.12
CA PRO A 33 -6.07 2.04 -20.10
C PRO A 33 -6.86 0.80 -19.65
N ASN A 34 -6.16 -0.18 -19.11
CA ASN A 34 -6.81 -1.41 -18.66
C ASN A 34 -7.87 -1.09 -17.62
N LEU A 35 -7.51 -0.29 -16.62
CA LEU A 35 -8.45 0.06 -15.56
C LEU A 35 -9.67 0.74 -16.15
N ALA A 36 -9.44 1.66 -17.07
CA ALA A 36 -10.54 2.41 -17.69
C ALA A 36 -11.50 1.47 -18.41
N ARG A 37 -10.95 0.47 -19.10
CA ARG A 37 -11.77 -0.47 -19.86
C ARG A 37 -12.70 -1.24 -18.92
N GLN A 38 -12.14 -1.71 -17.81
CA GLN A 38 -12.94 -2.45 -16.83
C GLN A 38 -14.12 -1.61 -16.36
N ALA A 39 -13.86 -0.37 -15.99
CA ALA A 39 -14.91 0.55 -15.55
C ALA A 39 -15.57 0.03 -14.27
N ASN A 40 -14.75 -0.49 -13.36
CA ASN A 40 -15.24 -0.99 -12.08
C ASN A 40 -14.57 -0.27 -10.92
N VAL A 41 -14.36 1.03 -11.07
CA VAL A 41 -13.74 1.83 -10.02
C VAL A 41 -14.81 2.60 -9.25
N GLN A 42 -14.96 2.26 -7.97
CA GLN A 42 -15.94 2.93 -7.11
C GLN A 42 -15.23 3.82 -6.10
N ILE A 43 -15.37 5.14 -6.28
CA ILE A 43 -14.75 6.09 -5.37
C ILE A 43 -15.79 6.63 -4.40
N GLN A 44 -15.44 6.74 -3.13
CA GLN A 44 -16.38 7.16 -2.11
C GLN A 44 -16.27 8.67 -1.85
N GLU A 45 -15.05 9.15 -1.65
CA GLU A 45 -14.85 10.56 -1.36
C GLU A 45 -13.49 11.05 -1.83
N ILE A 46 -13.46 12.26 -2.39
CA ILE A 46 -12.21 12.90 -2.78
C ILE A 46 -12.21 14.37 -2.33
N GLN A 47 -11.16 14.77 -1.63
CA GLN A 47 -11.07 16.14 -1.13
C GLN A 47 -9.64 16.61 -0.97
N ARG A 48 -9.45 17.92 -0.95
CA ARG A 48 -8.13 18.51 -0.77
C ARG A 48 -7.88 18.78 0.71
N THR A 49 -6.64 18.54 1.16
CA THR A 49 -6.26 18.77 2.55
C THR A 49 -4.92 19.53 2.61
N PRO A 50 -4.71 20.46 3.51
CA PRO A 50 -5.74 21.03 4.43
C PRO A 50 -6.80 21.80 3.65
N GLN A 51 -8.07 21.46 3.86
CA GLN A 51 -9.15 22.06 3.08
C GLN A 51 -9.41 23.49 3.51
N ARG A 52 -9.36 23.75 4.82
CA ARG A 52 -9.65 25.09 5.35
C ARG A 52 -8.43 25.77 5.96
N TYR A 53 -7.39 25.00 6.30
CA TYR A 53 -6.20 25.58 6.92
C TYR A 53 -5.14 25.90 5.87
N SER A 54 -4.71 27.15 5.84
CA SER A 54 -3.70 27.58 4.87
C SER A 54 -2.31 27.07 5.29
N SER A 55 -1.46 26.82 4.30
CA SER A 55 -0.11 26.35 4.58
C SER A 55 0.90 27.47 4.42
N ARG A 56 1.79 27.61 5.40
CA ARG A 56 2.81 28.66 5.36
C ARG A 56 3.71 28.47 4.14
N ARG A 57 4.07 27.22 3.86
CA ARG A 57 4.92 26.91 2.72
C ARG A 57 4.15 27.17 1.42
N ALA A 58 4.89 27.58 0.39
CA ALA A 58 4.29 27.81 -0.92
C ALA A 58 4.03 26.50 -1.69
N THR A 59 4.32 25.35 -1.10
CA THR A 59 4.10 24.07 -1.78
C THR A 59 2.61 23.80 -1.95
N PRO A 60 2.22 23.04 -2.95
CA PRO A 60 0.77 22.76 -3.19
C PRO A 60 0.21 21.72 -2.22
N ARG A 61 -1.06 21.86 -1.88
CA ARG A 61 -1.72 20.91 -0.98
C ARG A 61 -1.89 19.57 -1.67
N HIS A 62 -2.03 18.50 -0.88
CA HIS A 62 -2.19 17.17 -1.44
C HIS A 62 -3.66 16.80 -1.50
N ILE A 63 -4.01 15.88 -2.40
CA ILE A 63 -5.38 15.39 -2.49
C ILE A 63 -5.46 13.97 -1.91
N ILE A 64 -6.45 13.74 -1.07
CA ILE A 64 -6.65 12.41 -0.49
C ILE A 64 -7.86 11.75 -1.13
N VAL A 65 -7.68 10.51 -1.57
CA VAL A 65 -8.74 9.74 -2.20
C VAL A 65 -9.07 8.52 -1.34
N ARG A 66 -10.34 8.39 -0.96
CA ARG A 66 -10.79 7.22 -0.22
C ARG A 66 -11.60 6.31 -1.14
N PHE A 67 -11.09 5.12 -1.38
CA PHE A 67 -11.74 4.18 -2.28
C PHE A 67 -12.69 3.26 -1.52
N THR A 68 -13.75 2.82 -2.20
CA THR A 68 -14.72 1.93 -1.57
C THR A 68 -14.10 0.56 -1.30
N LYS A 69 -13.29 0.08 -2.25
CA LYS A 69 -12.65 -1.22 -2.12
C LYS A 69 -11.15 -1.08 -1.94
N VAL A 70 -10.65 -1.51 -0.79
CA VAL A 70 -9.22 -1.44 -0.51
C VAL A 70 -8.43 -2.18 -1.58
N GLU A 71 -8.94 -3.33 -2.01
CA GLU A 71 -8.27 -4.13 -3.02
C GLU A 71 -8.10 -3.32 -4.31
N MET A 72 -9.15 -2.60 -4.69
CA MET A 72 -9.10 -1.80 -5.92
C MET A 72 -7.98 -0.78 -5.85
N LYS A 73 -7.88 -0.09 -4.72
CA LYS A 73 -6.83 0.91 -4.54
C LYS A 73 -5.46 0.29 -4.72
N GLU A 74 -5.26 -0.87 -4.12
CA GLU A 74 -3.97 -1.56 -4.21
C GLU A 74 -3.62 -1.83 -5.67
N LYS A 75 -4.60 -2.30 -6.43
CA LYS A 75 -4.36 -2.62 -7.83
C LYS A 75 -3.86 -1.38 -8.58
N MET A 76 -4.49 -0.25 -8.31
CA MET A 76 -4.11 1.00 -8.98
C MET A 76 -2.65 1.32 -8.72
N LEU A 77 -2.23 1.18 -7.46
CA LEU A 77 -0.85 1.48 -7.09
C LEU A 77 0.11 0.61 -7.89
N ARG A 78 -0.22 -0.67 -8.01
CA ARG A 78 0.62 -1.61 -8.73
C ARG A 78 0.80 -1.15 -10.17
N ALA A 79 -0.30 -0.77 -10.81
CA ALA A 79 -0.25 -0.35 -12.21
C ALA A 79 0.68 0.84 -12.37
N ALA A 80 0.60 1.78 -11.44
CA ALA A 80 1.45 2.97 -11.51
C ALA A 80 2.92 2.58 -11.45
N ARG A 81 3.26 1.69 -10.51
CA ARG A 81 4.65 1.26 -10.36
C ARG A 81 5.18 0.66 -11.65
N GLU A 82 4.34 -0.11 -12.34
CA GLU A 82 4.74 -0.75 -13.58
C GLU A 82 5.02 0.27 -14.67
N LYS A 83 4.12 1.23 -14.84
CA LYS A 83 4.26 2.22 -15.91
C LYS A 83 5.53 3.05 -15.72
N GLY A 84 5.82 3.39 -14.47
CA GLY A 84 7.03 4.17 -14.18
C GLY A 84 6.83 5.68 -14.35
N ARG A 85 5.76 6.10 -15.02
CA ARG A 85 5.49 7.52 -15.22
C ARG A 85 3.99 7.77 -15.31
N VAL A 86 3.48 8.57 -14.37
CA VAL A 86 2.06 8.92 -14.37
C VAL A 86 1.90 10.43 -14.55
N THR A 87 1.09 10.83 -15.54
CA THR A 87 0.92 12.23 -15.86
C THR A 87 -0.55 12.65 -15.80
N LEU A 88 -0.78 13.90 -15.42
CA LEU A 88 -2.12 14.48 -15.41
C LEU A 88 -2.17 15.62 -16.42
N LYS A 89 -2.94 15.44 -17.48
CA LYS A 89 -3.03 16.47 -18.52
C LYS A 89 -1.66 16.81 -19.10
N GLY A 90 -0.78 15.82 -19.18
CA GLY A 90 0.53 16.02 -19.80
C GLY A 90 1.61 16.48 -18.81
N LYS A 91 1.23 16.85 -17.59
CA LYS A 91 2.20 17.32 -16.60
C LYS A 91 2.56 16.19 -15.63
N PRO A 92 3.79 16.10 -15.17
CA PRO A 92 4.21 14.96 -14.31
C PRO A 92 3.67 15.07 -12.88
N ILE A 93 3.14 13.95 -12.37
CA ILE A 93 2.66 13.90 -10.99
C ILE A 93 3.22 12.66 -10.29
N ARG A 94 2.95 12.52 -9.00
CA ARG A 94 3.45 11.39 -8.23
C ARG A 94 2.32 10.71 -7.47
N LEU A 95 2.33 9.38 -7.46
CA LEU A 95 1.32 8.61 -6.73
C LEU A 95 2.00 7.81 -5.61
N THR A 96 1.42 7.85 -4.42
CA THR A 96 2.00 7.13 -3.28
C THR A 96 0.91 6.56 -2.37
N VAL A 97 1.35 5.85 -1.34
CA VAL A 97 0.43 5.21 -0.40
C VAL A 97 0.19 6.09 0.82
N ASP A 98 -0.92 5.86 1.49
CA ASP A 98 -1.25 6.63 2.70
C ASP A 98 -0.66 5.96 3.93
N LEU A 99 0.13 6.71 4.69
CA LEU A 99 0.76 6.17 5.89
C LEU A 99 0.00 6.59 7.13
N SER A 100 -0.53 5.61 7.86
CA SER A 100 -1.29 5.90 9.08
C SER A 100 -0.35 6.04 10.26
N ALA A 101 -0.82 6.70 11.32
CA ALA A 101 -0.01 6.92 12.51
C ALA A 101 0.39 5.57 13.12
N GLU A 102 -0.58 4.65 13.23
CA GLU A 102 -0.30 3.34 13.81
C GLU A 102 0.81 2.63 13.04
N THR A 103 0.74 2.70 11.71
CA THR A 103 1.75 2.06 10.88
C THR A 103 3.14 2.58 11.22
N LEU A 104 3.26 3.89 11.38
CA LEU A 104 4.55 4.49 11.71
C LEU A 104 5.11 3.91 12.99
N GLN A 105 4.27 3.83 14.02
CA GLN A 105 4.71 3.30 15.31
C GLN A 105 5.26 1.88 15.15
N ALA A 106 4.56 1.08 14.35
CA ALA A 106 4.99 -0.29 14.13
C ALA A 106 6.38 -0.34 13.53
N ARG A 107 6.63 0.49 12.53
CA ARG A 107 7.93 0.51 11.86
C ARG A 107 9.03 0.83 12.87
N ARG A 108 8.76 1.78 13.76
CA ARG A 108 9.74 2.17 14.77
C ARG A 108 10.10 0.98 15.66
N GLU A 109 9.10 0.21 16.04
CA GLU A 109 9.33 -0.97 16.88
C GLU A 109 10.24 -1.97 16.16
N TRP A 110 10.01 -2.13 14.86
CA TRP A 110 10.84 -3.02 14.04
C TRP A 110 12.21 -2.42 13.70
N GLY A 111 12.40 -1.13 13.96
CA GLY A 111 13.64 -0.45 13.57
C GLY A 111 14.89 -1.21 14.04
N PRO A 112 15.01 -1.49 15.32
CA PRO A 112 16.23 -2.19 15.85
C PRO A 112 16.50 -3.50 15.10
N ILE A 113 15.47 -4.34 14.96
CA ILE A 113 15.63 -5.64 14.31
C ILE A 113 16.18 -5.46 12.90
N PHE A 114 15.60 -4.53 12.16
CA PHE A 114 15.96 -4.32 10.76
C PHE A 114 17.44 -3.97 10.64
N ASN A 115 17.88 -3.01 11.44
CA ASN A 115 19.25 -2.51 11.33
C ASN A 115 20.26 -3.62 11.60
N ILE A 116 20.07 -4.35 12.69
CA ILE A 116 21.02 -5.39 13.07
C ILE A 116 21.12 -6.43 11.95
N LEU A 117 19.97 -6.86 11.44
CA LEU A 117 19.97 -7.86 10.37
C LEU A 117 20.74 -7.36 9.16
N LYS A 118 20.62 -6.06 8.86
CA LYS A 118 21.33 -5.48 7.72
C LYS A 118 22.82 -5.69 7.89
N GLU A 119 23.33 -5.34 9.06
CA GLU A 119 24.76 -5.46 9.34
C GLU A 119 25.24 -6.89 9.15
N LYS A 120 24.42 -7.85 9.61
CA LYS A 120 24.80 -9.26 9.57
C LYS A 120 24.51 -9.92 8.21
N ASN A 121 24.33 -9.13 7.16
CA ASN A 121 24.15 -9.69 5.81
C ASN A 121 22.91 -10.59 5.72
N PHE A 122 21.87 -10.24 6.48
CA PHE A 122 20.60 -10.95 6.40
C PHE A 122 19.67 -10.38 5.31
N GLN A 123 19.99 -9.19 4.79
CA GLN A 123 19.16 -8.57 3.76
C GLN A 123 17.74 -8.35 4.27
N PRO A 124 17.56 -7.58 5.33
CA PRO A 124 16.19 -7.32 5.88
C PRO A 124 15.41 -6.32 5.03
N ARG A 125 14.13 -6.63 4.82
CA ARG A 125 13.25 -5.73 4.06
C ARG A 125 11.90 -5.60 4.77
N ILE A 126 11.28 -4.44 4.65
CA ILE A 126 9.99 -4.20 5.28
C ILE A 126 8.90 -4.09 4.22
N SER A 127 7.71 -4.58 4.56
CA SER A 127 6.56 -4.49 3.66
C SER A 127 5.35 -3.90 4.40
N TYR A 128 4.49 -3.21 3.68
CA TYR A 128 3.31 -2.61 4.28
C TYR A 128 2.40 -3.73 4.83
N PRO A 129 1.72 -3.56 5.95
CA PRO A 129 1.81 -2.36 6.85
C PRO A 129 3.16 -2.25 7.55
N ALA A 130 3.51 -3.27 8.31
CA ALA A 130 4.76 -3.28 9.06
C ALA A 130 5.28 -4.70 9.26
N LYS A 131 5.15 -5.52 8.22
CA LYS A 131 5.61 -6.91 8.28
C LYS A 131 7.12 -6.96 8.06
N LEU A 132 7.78 -7.89 8.74
CA LEU A 132 9.23 -8.04 8.64
C LEU A 132 9.59 -9.33 7.92
N SER A 133 10.40 -9.23 6.88
CA SER A 133 10.84 -10.41 6.14
C SER A 133 12.34 -10.34 5.88
N PHE A 134 13.02 -11.49 5.96
CA PHE A 134 14.45 -11.54 5.69
C PHE A 134 14.89 -12.93 5.28
N ILE A 135 16.14 -13.05 4.82
CA ILE A 135 16.66 -14.34 4.36
C ILE A 135 17.68 -14.88 5.35
N SER A 136 17.44 -16.09 5.85
CA SER A 136 18.33 -16.71 6.80
C SER A 136 18.57 -18.18 6.44
N GLU A 137 19.82 -18.62 6.56
CA GLU A 137 20.17 -20.01 6.28
C GLU A 137 19.67 -20.49 4.91
N GLY A 138 19.39 -19.56 3.99
CA GLY A 138 19.03 -19.94 2.62
C GLY A 138 17.52 -19.93 2.36
N GLU A 139 16.71 -19.87 3.41
CA GLU A 139 15.26 -19.88 3.25
C GLU A 139 14.67 -18.54 3.69
N ILE A 140 13.50 -18.20 3.15
CA ILE A 140 12.87 -16.92 3.49
C ILE A 140 11.89 -17.10 4.65
N LYS A 141 11.99 -16.23 5.63
CA LYS A 141 11.12 -16.28 6.80
C LYS A 141 10.33 -14.99 6.93
N TYR A 142 9.04 -15.12 7.25
CA TYR A 142 8.16 -13.96 7.39
C TYR A 142 7.50 -13.94 8.77
N PHE A 143 7.46 -12.76 9.38
CA PHE A 143 6.78 -12.59 10.67
C PHE A 143 5.94 -11.32 10.64
N ILE A 144 4.74 -11.39 11.20
CA ILE A 144 3.85 -10.24 11.19
C ILE A 144 4.02 -9.40 12.46
N ASP A 145 4.09 -10.09 13.60
CA ASP A 145 4.21 -9.41 14.88
C ASP A 145 5.53 -9.78 15.57
N LYS A 146 6.08 -8.82 16.33
CA LYS A 146 7.32 -9.07 17.05
C LYS A 146 7.20 -10.31 17.95
N GLN A 147 6.00 -10.58 18.46
CA GLN A 147 5.79 -11.76 19.29
C GLN A 147 6.19 -13.02 18.54
N MET A 148 5.85 -13.07 17.26
CA MET A 148 6.22 -14.20 16.42
C MET A 148 7.74 -14.33 16.35
N LEU A 149 8.43 -13.20 16.23
CA LEU A 149 9.88 -13.22 16.13
C LEU A 149 10.49 -13.87 17.38
N ARG A 150 9.91 -13.60 18.54
CA ARG A 150 10.41 -14.19 19.78
C ARG A 150 10.28 -15.71 19.72
N ASP A 151 9.07 -16.18 19.41
CA ASP A 151 8.82 -17.62 19.32
C ASP A 151 9.79 -18.29 18.35
N PHE A 152 10.18 -17.57 17.31
CA PHE A 152 11.08 -18.09 16.28
C PHE A 152 12.51 -18.23 16.81
N VAL A 153 13.05 -17.17 17.39
CA VAL A 153 14.45 -17.17 17.84
C VAL A 153 14.71 -18.25 18.89
N THR A 154 13.69 -18.61 19.67
CA THR A 154 13.86 -19.63 20.71
C THR A 154 14.52 -20.91 20.18
N THR A 155 14.43 -21.15 18.85
CA THR A 155 14.96 -22.40 18.29
C THR A 155 16.26 -22.20 17.49
N ARG A 156 16.92 -21.05 17.67
CA ARG A 156 18.19 -20.79 16.98
C ARG A 156 19.05 -19.86 17.83
N PRO A 157 19.77 -20.36 18.81
CA PRO A 157 20.44 -19.48 19.82
C PRO A 157 21.24 -18.33 19.22
N ALA A 158 21.93 -18.59 18.10
CA ALA A 158 22.70 -17.54 17.45
C ALA A 158 21.81 -16.34 17.11
N LEU A 159 20.64 -16.63 16.58
CA LEU A 159 19.70 -15.57 16.20
C LEU A 159 19.14 -14.88 17.44
N LYS A 160 18.92 -15.64 18.50
CA LYS A 160 18.36 -15.07 19.72
C LYS A 160 19.29 -13.98 20.28
N GLU A 161 20.57 -14.30 20.39
CA GLU A 161 21.52 -13.37 20.99
C GLU A 161 21.67 -12.11 20.13
N LEU A 162 21.60 -12.26 18.81
CA LEU A 162 21.70 -11.12 17.91
C LEU A 162 20.53 -10.15 18.11
N LEU A 163 19.32 -10.70 18.14
CA LEU A 163 18.11 -9.87 18.20
C LEU A 163 17.65 -9.57 19.62
N LYS A 164 18.23 -10.22 20.63
CA LYS A 164 17.85 -10.01 22.03
C LYS A 164 17.59 -8.55 22.38
N GLU A 165 18.48 -7.66 21.94
CA GLU A 165 18.33 -6.23 22.22
C GLU A 165 17.22 -5.61 21.38
N ALA A 166 17.09 -6.07 20.14
CA ALA A 166 16.10 -5.51 19.21
C ALA A 166 14.67 -5.71 19.74
N LEU A 167 14.40 -6.90 20.26
CA LEU A 167 13.06 -7.23 20.75
C LEU A 167 12.83 -6.71 22.18
N ASN A 168 13.90 -6.45 22.93
CA ASN A 168 13.78 -5.92 24.28
C ASN A 168 12.85 -6.77 25.14
N MET A 169 12.91 -8.09 24.94
CA MET A 169 12.06 -9.00 25.69
C MET A 169 12.88 -10.20 26.20
N GLU A 170 12.67 -10.55 27.45
CA GLU A 170 13.39 -11.67 28.05
C GLU A 170 12.67 -12.18 29.29
N ARG A 171 12.57 -11.34 30.31
CA ARG A 171 11.90 -11.72 31.55
C ARG A 171 10.39 -11.69 31.38
N ASN A 172 9.89 -10.69 30.66
CA ASN A 172 8.46 -10.54 30.45
C ASN A 172 7.87 -11.81 29.83
N ASN A 173 6.69 -12.20 30.30
CA ASN A 173 6.03 -13.40 29.81
C ASN A 173 4.53 -13.18 29.68
N ARG A 174 3.95 -12.49 30.66
CA ARG A 174 2.51 -12.23 30.66
C ARG A 174 2.24 -10.74 30.91
N TYR A 175 1.10 -10.26 30.44
CA TYR A 175 0.74 -8.86 30.60
C TYR A 175 -0.47 -8.74 31.52
N GLN A 176 -0.47 -7.70 32.36
CA GLN A 176 -1.57 -7.49 33.30
C GLN A 176 -2.71 -6.73 32.60
N MET A 1 -11.48 2.51 3.81
CA MET A 1 -10.24 2.66 4.63
C MET A 1 -9.03 2.88 3.73
N GLY A 2 -8.96 2.13 2.63
CA GLY A 2 -7.84 2.27 1.70
C GLY A 2 -7.78 3.67 1.12
N ASN A 3 -6.75 4.42 1.50
CA ASN A 3 -6.57 5.79 1.02
C ASN A 3 -5.34 5.89 0.14
N LEU A 4 -5.42 6.76 -0.87
CA LEU A 4 -4.31 6.98 -1.79
C LEU A 4 -3.94 8.46 -1.79
N ARG A 5 -2.65 8.76 -2.00
CA ARG A 5 -2.20 10.15 -2.03
C ARG A 5 -1.86 10.57 -3.45
N LEU A 6 -2.46 11.67 -3.89
CA LEU A 6 -2.16 12.24 -5.21
C LEU A 6 -1.45 13.57 -5.04
N ILE A 7 -0.21 13.63 -5.51
CA ILE A 7 0.61 14.83 -5.33
C ILE A 7 0.94 15.46 -6.68
N GLY A 8 0.76 16.77 -6.77
CA GLY A 8 1.17 17.51 -7.98
C GLY A 8 -0.01 18.09 -8.75
N VAL A 9 -1.12 18.34 -8.06
CA VAL A 9 -2.29 18.95 -8.71
C VAL A 9 -2.29 20.46 -8.46
N PRO A 10 -2.04 21.30 -9.45
CA PRO A 10 -2.03 22.78 -9.22
C PRO A 10 -3.32 23.28 -8.58
N GLU A 11 -3.24 24.44 -7.93
CA GLU A 11 -4.41 25.04 -7.29
C GLU A 11 -5.29 25.73 -8.33
N SER A 12 -6.58 25.85 -8.03
CA SER A 12 -7.50 26.51 -8.94
C SER A 12 -8.62 27.21 -8.16
N ASP A 13 -8.82 28.49 -8.43
CA ASP A 13 -9.84 29.26 -7.73
C ASP A 13 -11.22 28.62 -7.82
N VAL A 14 -11.49 27.92 -8.93
CA VAL A 14 -12.81 27.35 -9.16
C VAL A 14 -12.91 25.87 -8.75
N GLU A 15 -11.95 25.38 -7.97
CA GLU A 15 -11.95 23.99 -7.56
C GLU A 15 -13.20 23.65 -6.74
N ASN A 16 -13.77 22.48 -7.01
CA ASN A 16 -14.92 22.00 -6.26
C ASN A 16 -14.91 20.46 -6.23
N GLY A 17 -15.57 19.89 -5.23
CA GLY A 17 -15.55 18.44 -5.02
C GLY A 17 -15.78 17.65 -6.33
N THR A 18 -16.80 18.04 -7.08
CA THR A 18 -17.13 17.34 -8.32
C THR A 18 -15.93 17.33 -9.26
N LYS A 19 -15.28 18.47 -9.42
CA LYS A 19 -14.14 18.57 -10.32
C LYS A 19 -13.04 17.60 -9.89
N LEU A 20 -12.79 17.54 -8.59
CA LEU A 20 -11.78 16.63 -8.06
C LEU A 20 -12.05 15.19 -8.50
N GLU A 21 -13.29 14.75 -8.38
CA GLU A 21 -13.64 13.38 -8.73
C GLU A 21 -13.33 13.12 -10.20
N ASN A 22 -13.72 14.06 -11.06
CA ASN A 22 -13.45 13.91 -12.48
C ASN A 22 -11.95 13.80 -12.74
N THR A 23 -11.17 14.60 -12.01
CA THR A 23 -9.72 14.57 -12.13
C THR A 23 -9.17 13.15 -11.94
N LEU A 24 -9.58 12.48 -10.87
CA LEU A 24 -9.08 11.14 -10.59
C LEU A 24 -9.40 10.20 -11.76
N GLN A 25 -10.64 10.28 -12.25
CA GLN A 25 -11.05 9.44 -13.37
C GLN A 25 -10.14 9.67 -14.57
N ASP A 26 -9.80 10.93 -14.81
CA ASP A 26 -8.92 11.28 -15.93
C ASP A 26 -7.57 10.59 -15.80
N ILE A 27 -7.01 10.62 -14.60
CA ILE A 27 -5.72 9.98 -14.36
C ILE A 27 -5.77 8.50 -14.74
N ILE A 28 -6.86 7.84 -14.39
CA ILE A 28 -7.01 6.42 -14.68
C ILE A 28 -6.89 6.19 -16.19
N GLN A 29 -7.65 6.96 -16.96
CA GLN A 29 -7.65 6.78 -18.42
C GLN A 29 -6.30 7.15 -19.03
N GLU A 30 -5.63 8.14 -18.46
CA GLU A 30 -4.39 8.66 -19.03
C GLU A 30 -3.25 7.65 -18.94
N ASN A 31 -3.09 7.01 -17.78
CA ASN A 31 -1.94 6.13 -17.56
C ASN A 31 -2.34 4.66 -17.36
N PHE A 32 -3.59 4.39 -17.03
CA PHE A 32 -4.05 3.03 -16.78
C PHE A 32 -5.20 2.67 -17.72
N PRO A 33 -4.93 2.46 -18.99
CA PRO A 33 -6.00 2.14 -19.98
C PRO A 33 -6.79 0.90 -19.56
N ASN A 34 -6.09 -0.09 -19.01
CA ASN A 34 -6.75 -1.32 -18.57
C ASN A 34 -7.83 -1.01 -17.54
N LEU A 35 -7.48 -0.22 -16.53
CA LEU A 35 -8.42 0.11 -15.47
C LEU A 35 -9.64 0.80 -16.06
N ALA A 36 -9.40 1.73 -16.97
CA ALA A 36 -10.48 2.49 -17.57
C ALA A 36 -11.44 1.58 -18.34
N ARG A 37 -10.88 0.60 -19.04
CA ARG A 37 -11.70 -0.31 -19.84
C ARG A 37 -12.64 -1.13 -18.95
N GLN A 38 -12.11 -1.64 -17.85
CA GLN A 38 -12.92 -2.41 -16.91
C GLN A 38 -14.10 -1.58 -16.41
N ALA A 39 -13.82 -0.34 -16.00
CA ALA A 39 -14.86 0.57 -15.55
C ALA A 39 -15.54 0.02 -14.28
N ASN A 40 -14.73 -0.56 -13.39
CA ASN A 40 -15.25 -1.09 -12.13
C ASN A 40 -14.61 -0.36 -10.94
N VAL A 41 -14.42 0.94 -11.08
CA VAL A 41 -13.81 1.74 -10.03
C VAL A 41 -14.89 2.45 -9.22
N GLN A 42 -14.99 2.11 -7.94
CA GLN A 42 -15.98 2.73 -7.05
C GLN A 42 -15.28 3.65 -6.05
N ILE A 43 -15.46 4.95 -6.22
CA ILE A 43 -14.84 5.93 -5.33
C ILE A 43 -15.86 6.43 -4.31
N GLN A 44 -15.44 6.54 -3.05
CA GLN A 44 -16.36 6.94 -2.00
C GLN A 44 -16.34 8.45 -1.81
N GLU A 45 -15.13 9.03 -1.74
CA GLU A 45 -15.01 10.47 -1.55
C GLU A 45 -13.63 10.97 -1.94
N ILE A 46 -13.59 12.18 -2.51
CA ILE A 46 -12.32 12.82 -2.86
C ILE A 46 -12.36 14.28 -2.42
N GLN A 47 -11.31 14.72 -1.73
CA GLN A 47 -11.26 16.09 -1.23
C GLN A 47 -9.84 16.62 -1.13
N ARG A 48 -9.70 17.94 -1.11
CA ARG A 48 -8.40 18.58 -0.97
C ARG A 48 -8.12 18.88 0.50
N THR A 49 -6.88 18.71 0.92
CA THR A 49 -6.48 18.99 2.30
C THR A 49 -5.16 19.76 2.34
N PRO A 50 -4.91 20.64 3.30
CA PRO A 50 -5.89 21.06 4.36
C PRO A 50 -6.92 22.02 3.78
N GLN A 51 -8.20 21.69 3.98
CA GLN A 51 -9.27 22.48 3.38
C GLN A 51 -9.27 23.91 3.90
N ARG A 52 -9.00 24.08 5.19
CA ARG A 52 -9.05 25.41 5.81
C ARG A 52 -7.79 26.24 5.56
N TYR A 53 -6.68 25.59 5.19
CA TYR A 53 -5.43 26.31 4.96
C TYR A 53 -5.22 26.54 3.46
N SER A 54 -5.11 27.81 3.09
CA SER A 54 -4.88 28.18 1.68
C SER A 54 -3.71 29.16 1.60
N SER A 55 -2.64 28.87 2.33
CA SER A 55 -1.47 29.73 2.36
C SER A 55 -0.94 29.99 0.96
N ARG A 56 -0.15 31.05 0.82
CA ARG A 56 0.43 31.41 -0.48
C ARG A 56 1.74 30.66 -0.77
N ARG A 57 2.27 29.91 0.19
CA ARG A 57 3.53 29.21 0.01
C ARG A 57 3.56 28.40 -1.28
N ALA A 58 4.77 28.16 -1.79
CA ALA A 58 4.92 27.42 -3.04
C ALA A 58 4.49 25.95 -2.93
N THR A 59 4.48 25.41 -1.72
CA THR A 59 4.11 24.01 -1.53
C THR A 59 2.62 23.80 -1.82
N PRO A 60 2.23 23.10 -2.88
CA PRO A 60 0.79 22.90 -3.20
C PRO A 60 0.14 21.83 -2.31
N ARG A 61 -1.14 22.03 -2.00
CA ARG A 61 -1.86 21.06 -1.18
C ARG A 61 -1.96 19.71 -1.88
N HIS A 62 -2.17 18.66 -1.10
CA HIS A 62 -2.32 17.33 -1.66
C HIS A 62 -3.81 16.97 -1.77
N ILE A 63 -4.13 16.00 -2.61
CA ILE A 63 -5.49 15.49 -2.71
C ILE A 63 -5.55 14.08 -2.12
N ILE A 64 -6.55 13.83 -1.28
CA ILE A 64 -6.72 12.51 -0.68
C ILE A 64 -7.91 11.80 -1.31
N VAL A 65 -7.68 10.57 -1.73
CA VAL A 65 -8.71 9.74 -2.35
C VAL A 65 -9.03 8.55 -1.45
N ARG A 66 -10.31 8.40 -1.09
CA ARG A 66 -10.74 7.25 -0.31
C ARG A 66 -11.58 6.33 -1.19
N PHE A 67 -11.07 5.12 -1.42
CA PHE A 67 -11.75 4.16 -2.29
C PHE A 67 -12.67 3.26 -1.49
N THR A 68 -13.71 2.74 -2.15
CA THR A 68 -14.65 1.85 -1.50
C THR A 68 -14.03 0.48 -1.24
N LYS A 69 -13.24 0.00 -2.20
CA LYS A 69 -12.62 -1.32 -2.10
C LYS A 69 -11.12 -1.20 -1.90
N VAL A 70 -10.63 -1.70 -0.77
CA VAL A 70 -9.20 -1.68 -0.48
C VAL A 70 -8.43 -2.40 -1.58
N GLU A 71 -8.97 -3.53 -2.04
CA GLU A 71 -8.33 -4.30 -3.10
C GLU A 71 -8.16 -3.43 -4.35
N MET A 72 -9.16 -2.62 -4.67
CA MET A 72 -9.11 -1.77 -5.85
C MET A 72 -7.92 -0.81 -5.75
N LYS A 73 -7.77 -0.18 -4.60
CA LYS A 73 -6.68 0.77 -4.40
C LYS A 73 -5.33 0.08 -4.64
N GLU A 74 -5.19 -1.13 -4.12
CA GLU A 74 -3.94 -1.87 -4.28
C GLU A 74 -3.62 -2.07 -5.75
N LYS A 75 -4.64 -2.44 -6.52
CA LYS A 75 -4.46 -2.68 -7.95
C LYS A 75 -3.92 -1.42 -8.63
N MET A 76 -4.48 -0.28 -8.26
CA MET A 76 -4.06 0.99 -8.86
C MET A 76 -2.57 1.21 -8.62
N LEU A 77 -2.12 0.96 -7.40
CA LEU A 77 -0.71 1.15 -7.05
C LEU A 77 0.17 0.30 -7.96
N ARG A 78 -0.22 -0.96 -8.15
CA ARG A 78 0.56 -1.87 -8.99
C ARG A 78 0.69 -1.31 -10.40
N ALA A 79 -0.42 -0.82 -10.94
CA ALA A 79 -0.42 -0.28 -12.29
C ALA A 79 0.58 0.86 -12.42
N ALA A 80 0.60 1.73 -11.42
CA ALA A 80 1.52 2.86 -11.43
C ALA A 80 2.96 2.38 -11.48
N ARG A 81 3.28 1.39 -10.66
CA ARG A 81 4.64 0.86 -10.61
C ARG A 81 5.07 0.37 -12.00
N GLU A 82 4.16 -0.28 -12.70
CA GLU A 82 4.47 -0.82 -14.01
C GLU A 82 4.75 0.28 -15.02
N LYS A 83 3.90 1.29 -15.05
CA LYS A 83 4.05 2.38 -16.03
C LYS A 83 5.36 3.12 -15.81
N GLY A 84 5.72 3.33 -14.55
CA GLY A 84 6.96 4.04 -14.23
C GLY A 84 6.84 5.56 -14.32
N ARG A 85 5.78 6.05 -14.96
CA ARG A 85 5.57 7.49 -15.07
C ARG A 85 4.08 7.82 -15.16
N VAL A 86 3.56 8.49 -14.14
CA VAL A 86 2.14 8.88 -14.13
C VAL A 86 2.01 10.38 -14.37
N THR A 87 1.09 10.76 -15.26
CA THR A 87 0.93 12.17 -15.62
C THR A 87 -0.51 12.63 -15.47
N LEU A 88 -0.68 13.91 -15.19
CA LEU A 88 -2.00 14.54 -15.11
C LEU A 88 -2.06 15.65 -16.15
N LYS A 89 -2.89 15.46 -17.17
CA LYS A 89 -3.06 16.48 -18.20
C LYS A 89 -1.72 16.82 -18.87
N GLY A 90 -0.85 15.82 -19.00
CA GLY A 90 0.42 16.03 -19.71
C GLY A 90 1.57 16.47 -18.80
N LYS A 91 1.28 16.83 -17.55
CA LYS A 91 2.32 17.27 -16.62
C LYS A 91 2.69 16.14 -15.66
N PRO A 92 3.93 16.04 -15.23
CA PRO A 92 4.35 14.89 -14.36
C PRO A 92 3.84 15.04 -12.92
N ILE A 93 3.32 13.94 -12.37
CA ILE A 93 2.85 13.93 -10.99
C ILE A 93 3.38 12.69 -10.27
N ARG A 94 3.05 12.56 -8.98
CA ARG A 94 3.50 11.42 -8.19
C ARG A 94 2.32 10.77 -7.47
N LEU A 95 2.30 9.44 -7.46
CA LEU A 95 1.27 8.69 -6.74
C LEU A 95 1.92 7.77 -5.71
N THR A 96 1.49 7.90 -4.45
CA THR A 96 2.08 7.11 -3.38
C THR A 96 1.08 6.85 -2.26
N VAL A 97 1.51 6.08 -1.26
CA VAL A 97 0.69 5.83 -0.09
C VAL A 97 1.55 5.76 1.17
N ASP A 98 0.93 5.92 2.33
CA ASP A 98 1.65 5.90 3.59
C ASP A 98 2.13 4.47 3.90
N LEU A 99 3.41 4.35 4.22
CA LEU A 99 4.00 3.05 4.55
C LEU A 99 4.63 3.10 5.95
N SER A 100 4.49 2.01 6.69
CA SER A 100 5.04 1.93 8.04
C SER A 100 6.52 1.51 7.99
N ALA A 101 7.31 2.08 8.89
CA ALA A 101 8.74 1.77 8.95
C ALA A 101 8.96 0.34 9.44
N GLU A 102 8.15 -0.11 10.38
CA GLU A 102 8.32 -1.44 10.95
C GLU A 102 8.24 -2.50 9.87
N THR A 103 7.26 -2.38 8.98
CA THR A 103 7.10 -3.35 7.90
C THR A 103 8.37 -3.44 7.06
N LEU A 104 8.95 -2.28 6.75
CA LEU A 104 10.17 -2.25 5.95
C LEU A 104 11.27 -3.07 6.62
N GLN A 105 11.47 -2.86 7.91
CA GLN A 105 12.51 -3.57 8.65
C GLN A 105 12.31 -5.08 8.52
N ALA A 106 11.07 -5.52 8.66
CA ALA A 106 10.74 -6.93 8.59
C ALA A 106 11.16 -7.51 7.23
N ARG A 107 10.82 -6.78 6.17
CA ARG A 107 11.14 -7.24 4.82
C ARG A 107 12.64 -7.42 4.66
N ARG A 108 13.41 -6.48 5.19
CA ARG A 108 14.86 -6.54 5.11
C ARG A 108 15.39 -7.82 5.75
N GLU A 109 14.81 -8.20 6.89
CA GLU A 109 15.19 -9.43 7.57
C GLU A 109 14.95 -10.64 6.68
N TRP A 110 13.79 -10.65 6.02
CA TRP A 110 13.45 -11.72 5.08
C TRP A 110 14.19 -11.60 3.74
N GLY A 111 14.94 -10.52 3.53
CA GLY A 111 15.58 -10.28 2.24
C GLY A 111 16.37 -11.50 1.76
N PRO A 112 17.30 -12.01 2.53
CA PRO A 112 18.13 -13.17 2.08
C PRO A 112 17.29 -14.35 1.61
N ILE A 113 16.33 -14.77 2.43
CA ILE A 113 15.52 -15.94 2.10
C ILE A 113 14.80 -15.72 0.78
N PHE A 114 14.22 -14.54 0.62
CA PHE A 114 13.43 -14.25 -0.57
C PHE A 114 14.27 -14.39 -1.84
N ASN A 115 15.44 -13.78 -1.83
CA ASN A 115 16.28 -13.74 -3.02
C ASN A 115 16.69 -15.14 -3.45
N ILE A 116 17.17 -15.94 -2.51
CA ILE A 116 17.64 -17.28 -2.83
C ILE A 116 16.51 -18.09 -3.45
N LEU A 117 15.34 -18.05 -2.83
CA LEU A 117 14.20 -18.81 -3.33
C LEU A 117 13.87 -18.38 -4.76
N LYS A 118 13.99 -17.09 -5.05
CA LYS A 118 13.70 -16.59 -6.39
C LYS A 118 14.59 -17.29 -7.41
N GLU A 119 15.88 -17.33 -7.11
CA GLU A 119 16.84 -17.94 -8.04
C GLU A 119 16.47 -19.40 -8.31
N LYS A 120 16.10 -20.12 -7.26
CA LYS A 120 15.79 -21.55 -7.38
C LYS A 120 14.37 -21.81 -7.90
N ASN A 121 13.74 -20.82 -8.53
CA ASN A 121 12.43 -21.03 -9.14
C ASN A 121 11.37 -21.45 -8.12
N PHE A 122 11.49 -20.95 -6.90
CA PHE A 122 10.47 -21.19 -5.87
C PHE A 122 9.33 -20.17 -5.93
N GLN A 123 9.50 -19.08 -6.68
CA GLN A 123 8.45 -18.07 -6.78
C GLN A 123 8.12 -17.48 -5.40
N PRO A 124 9.09 -16.92 -4.71
CA PRO A 124 8.83 -16.32 -3.36
C PRO A 124 8.07 -15.01 -3.45
N ARG A 125 7.08 -14.85 -2.57
CA ARG A 125 6.30 -13.61 -2.51
C ARG A 125 6.11 -13.19 -1.06
N ILE A 126 6.07 -11.87 -0.84
CA ILE A 126 5.87 -11.35 0.51
C ILE A 126 4.49 -10.72 0.65
N SER A 127 3.83 -11.00 1.77
CA SER A 127 2.53 -10.42 2.05
C SER A 127 2.57 -9.64 3.36
N TYR A 128 1.72 -8.62 3.46
CA TYR A 128 1.68 -7.80 4.67
C TYR A 128 1.25 -8.65 5.86
N PRO A 129 1.76 -8.46 7.07
CA PRO A 129 2.85 -7.47 7.40
C PRO A 129 4.19 -7.88 6.80
N ALA A 130 4.66 -9.06 7.16
CA ALA A 130 5.95 -9.55 6.68
C ALA A 130 5.95 -11.07 6.62
N LYS A 131 4.83 -11.65 6.18
CA LYS A 131 4.73 -13.10 6.08
C LYS A 131 5.40 -13.60 4.81
N LEU A 132 6.09 -14.73 4.91
CA LEU A 132 6.81 -15.28 3.77
C LEU A 132 6.04 -16.49 3.22
N SER A 133 5.70 -16.45 1.93
CA SER A 133 4.99 -17.55 1.30
C SER A 133 5.66 -17.93 -0.01
N PHE A 134 5.73 -19.23 -0.29
CA PHE A 134 6.31 -19.69 -1.55
C PHE A 134 5.77 -21.06 -1.94
N ILE A 135 6.07 -21.50 -3.16
CA ILE A 135 5.57 -22.78 -3.66
C ILE A 135 6.69 -23.81 -3.68
N SER A 136 6.46 -24.93 -3.00
CA SER A 136 7.44 -26.00 -2.94
C SER A 136 6.76 -27.36 -3.15
N GLU A 137 7.38 -28.22 -3.94
CA GLU A 137 6.85 -29.56 -4.17
C GLU A 137 5.40 -29.55 -4.65
N GLY A 138 4.91 -28.41 -5.16
CA GLY A 138 3.57 -28.37 -5.73
C GLY A 138 2.52 -27.76 -4.79
N GLU A 139 2.83 -27.65 -3.50
CA GLU A 139 1.89 -27.10 -2.53
C GLU A 139 2.40 -25.77 -1.99
N ILE A 140 1.47 -24.95 -1.50
CA ILE A 140 1.84 -23.63 -0.98
C ILE A 140 2.08 -23.71 0.53
N LYS A 141 3.20 -23.17 0.98
CA LYS A 141 3.55 -23.17 2.40
C LYS A 141 3.74 -21.74 2.90
N TYR A 142 3.30 -21.51 4.13
CA TYR A 142 3.36 -20.17 4.73
C TYR A 142 4.06 -20.20 6.08
N PHE A 143 4.94 -19.22 6.30
CA PHE A 143 5.59 -19.06 7.60
C PHE A 143 5.49 -17.60 8.04
N ILE A 144 5.22 -17.38 9.32
CA ILE A 144 5.06 -16.02 9.83
C ILE A 144 6.39 -15.48 10.37
N ASP A 145 7.10 -16.32 11.13
CA ASP A 145 8.36 -15.92 11.72
C ASP A 145 9.51 -16.76 11.18
N LYS A 146 10.69 -16.15 11.09
CA LYS A 146 11.88 -16.87 10.63
C LYS A 146 12.13 -18.11 11.48
N GLN A 147 11.79 -18.04 12.77
CA GLN A 147 11.97 -19.19 13.67
C GLN A 147 11.22 -20.41 13.12
N MET A 148 10.03 -20.18 12.60
CA MET A 148 9.24 -21.24 12.01
C MET A 148 9.99 -21.86 10.83
N LEU A 149 10.62 -21.02 10.02
CA LEU A 149 11.35 -21.50 8.84
C LEU A 149 12.45 -22.47 9.28
N ARG A 150 13.12 -22.16 10.38
CA ARG A 150 14.17 -23.05 10.89
C ARG A 150 13.60 -24.41 11.23
N ASP A 151 12.55 -24.42 12.05
CA ASP A 151 11.91 -25.66 12.44
C ASP A 151 11.48 -26.49 11.22
N PHE A 152 11.11 -25.80 10.15
CA PHE A 152 10.65 -26.45 8.93
C PHE A 152 11.80 -27.11 8.16
N VAL A 153 12.88 -26.37 7.92
CA VAL A 153 14.00 -26.90 7.14
C VAL A 153 14.60 -28.15 7.77
N THR A 154 14.56 -28.24 9.10
CA THR A 154 15.13 -29.40 9.78
C THR A 154 14.65 -30.74 9.20
N THR A 155 13.50 -30.74 8.53
CA THR A 155 12.92 -32.00 8.01
C THR A 155 13.07 -32.14 6.50
N ARG A 156 13.90 -31.32 5.86
CA ARG A 156 14.12 -31.42 4.42
C ARG A 156 15.54 -30.94 4.09
N PRO A 157 16.55 -31.77 4.23
CA PRO A 157 17.97 -31.31 4.17
C PRO A 157 18.28 -30.42 2.96
N ALA A 158 17.68 -30.71 1.82
CA ALA A 158 17.91 -29.91 0.62
C ALA A 158 17.57 -28.44 0.89
N LEU A 159 16.41 -28.21 1.49
CA LEU A 159 15.94 -26.87 1.78
C LEU A 159 16.84 -26.19 2.82
N LYS A 160 17.31 -26.97 3.79
CA LYS A 160 18.16 -26.42 4.85
C LYS A 160 19.43 -25.84 4.25
N GLU A 161 20.08 -26.59 3.38
CA GLU A 161 21.35 -26.16 2.79
C GLU A 161 21.16 -24.87 2.01
N LEU A 162 20.10 -24.81 1.22
CA LEU A 162 19.83 -23.63 0.39
C LEU A 162 19.65 -22.39 1.25
N LEU A 163 18.85 -22.51 2.31
CA LEU A 163 18.52 -21.37 3.16
C LEU A 163 19.50 -21.15 4.31
N LYS A 164 20.43 -22.08 4.53
CA LYS A 164 21.40 -21.99 5.63
C LYS A 164 21.99 -20.58 5.79
N GLU A 165 22.36 -19.97 4.67
CA GLU A 165 22.94 -18.63 4.72
C GLU A 165 21.89 -17.56 5.01
N ALA A 166 20.67 -17.76 4.49
CA ALA A 166 19.61 -16.77 4.66
C ALA A 166 19.20 -16.63 6.11
N LEU A 167 19.08 -17.76 6.81
CA LEU A 167 18.64 -17.75 8.20
C LEU A 167 19.76 -17.43 9.20
N ASN A 168 20.97 -17.13 8.70
CA ASN A 168 22.08 -16.79 9.58
C ASN A 168 22.44 -17.95 10.51
N MET A 169 22.40 -19.16 9.96
CA MET A 169 22.75 -20.35 10.72
C MET A 169 24.03 -21.00 10.16
N GLU A 170 25.00 -20.16 9.80
CA GLU A 170 26.24 -20.65 9.23
C GLU A 170 27.35 -20.61 10.28
N ARG A 171 28.21 -21.63 10.26
CA ARG A 171 29.32 -21.70 11.21
C ARG A 171 30.44 -20.75 10.79
N ASN A 172 31.56 -20.81 11.49
CA ASN A 172 32.69 -19.94 11.19
C ASN A 172 33.14 -20.14 9.74
N ASN A 173 33.88 -19.17 9.21
CA ASN A 173 34.35 -19.24 7.84
C ASN A 173 35.39 -20.35 7.69
N ARG A 174 35.33 -21.06 6.56
CA ARG A 174 36.26 -22.16 6.30
C ARG A 174 36.74 -22.10 4.85
N TYR A 175 38.05 -22.02 4.68
CA TYR A 175 38.63 -21.96 3.34
C TYR A 175 38.81 -23.36 2.76
N GLN A 176 39.25 -24.30 3.61
CA GLN A 176 39.45 -25.67 3.18
C GLN A 176 40.42 -25.73 1.99
N MET A 1 -6.86 0.18 5.73
CA MET A 1 -6.64 1.51 5.10
C MET A 1 -6.82 1.39 3.59
N GLY A 2 -7.65 2.28 3.03
CA GLY A 2 -7.92 2.27 1.60
C GLY A 2 -7.84 3.68 1.04
N ASN A 3 -6.83 4.44 1.47
CA ASN A 3 -6.65 5.81 1.00
C ASN A 3 -5.39 5.93 0.15
N LEU A 4 -5.48 6.70 -0.92
CA LEU A 4 -4.36 6.93 -1.82
C LEU A 4 -3.97 8.40 -1.81
N ARG A 5 -2.69 8.69 -2.00
CA ARG A 5 -2.23 10.07 -2.00
C ARG A 5 -1.86 10.52 -3.41
N LEU A 6 -2.45 11.62 -3.85
CA LEU A 6 -2.15 12.20 -5.15
C LEU A 6 -1.41 13.52 -4.96
N ILE A 7 -0.18 13.60 -5.44
CA ILE A 7 0.65 14.78 -5.26
C ILE A 7 0.97 15.42 -6.62
N GLY A 8 0.80 16.74 -6.70
CA GLY A 8 1.19 17.47 -7.89
C GLY A 8 0.00 18.08 -8.65
N VAL A 9 -1.10 18.33 -7.95
CA VAL A 9 -2.27 18.94 -8.58
C VAL A 9 -2.25 20.45 -8.32
N PRO A 10 -2.01 21.30 -9.32
CA PRO A 10 -1.97 22.78 -9.09
C PRO A 10 -3.27 23.30 -8.47
N GLU A 11 -3.14 24.38 -7.70
CA GLU A 11 -4.31 24.99 -7.07
C GLU A 11 -5.13 25.76 -8.09
N SER A 12 -6.44 25.84 -7.86
CA SER A 12 -7.33 26.55 -8.78
C SER A 12 -8.47 27.21 -8.02
N ASP A 13 -8.69 28.49 -8.29
CA ASP A 13 -9.75 29.23 -7.61
C ASP A 13 -11.11 28.55 -7.76
N VAL A 14 -11.33 27.89 -8.90
CA VAL A 14 -12.64 27.28 -9.18
C VAL A 14 -12.73 25.82 -8.70
N GLU A 15 -11.80 25.38 -7.85
CA GLU A 15 -11.81 24.01 -7.37
C GLU A 15 -13.09 23.68 -6.62
N ASN A 16 -13.61 22.48 -6.85
CA ASN A 16 -14.81 22.02 -6.18
C ASN A 16 -14.82 20.50 -6.14
N GLY A 17 -15.55 19.92 -5.18
CA GLY A 17 -15.57 18.47 -4.99
C GLY A 17 -15.81 17.72 -6.31
N THR A 18 -16.81 18.14 -7.07
CA THR A 18 -17.15 17.47 -8.30
C THR A 18 -15.97 17.44 -9.27
N LYS A 19 -15.34 18.59 -9.48
CA LYS A 19 -14.21 18.68 -10.41
C LYS A 19 -13.10 17.73 -9.98
N LEU A 20 -12.85 17.67 -8.68
CA LEU A 20 -11.82 16.77 -8.15
C LEU A 20 -12.08 15.33 -8.58
N GLU A 21 -13.32 14.87 -8.42
CA GLU A 21 -13.66 13.50 -8.76
C GLU A 21 -13.37 13.22 -10.23
N ASN A 22 -13.78 14.15 -11.09
CA ASN A 22 -13.53 14.00 -12.52
C ASN A 22 -12.04 13.89 -12.78
N THR A 23 -11.25 14.69 -12.08
CA THR A 23 -9.79 14.65 -12.24
C THR A 23 -9.25 13.24 -12.03
N LEU A 24 -9.65 12.60 -10.94
CA LEU A 24 -9.14 11.25 -10.65
C LEU A 24 -9.47 10.30 -11.80
N GLN A 25 -10.71 10.37 -12.28
CA GLN A 25 -11.12 9.52 -13.40
C GLN A 25 -10.20 9.73 -14.61
N ASP A 26 -9.86 11.00 -14.87
CA ASP A 26 -9.00 11.33 -15.99
C ASP A 26 -7.65 10.64 -15.85
N ILE A 27 -7.09 10.68 -14.64
CA ILE A 27 -5.79 10.05 -14.40
C ILE A 27 -5.83 8.57 -14.77
N ILE A 28 -6.93 7.91 -14.41
CA ILE A 28 -7.07 6.48 -14.70
C ILE A 28 -6.96 6.24 -16.20
N GLN A 29 -7.72 6.99 -16.97
CA GLN A 29 -7.73 6.81 -18.42
C GLN A 29 -6.39 7.17 -19.05
N GLU A 30 -5.72 8.17 -18.49
CA GLU A 30 -4.48 8.69 -19.07
C GLU A 30 -3.33 7.69 -18.99
N ASN A 31 -3.17 7.05 -17.84
CA ASN A 31 -2.01 6.16 -17.61
C ASN A 31 -2.40 4.70 -17.41
N PHE A 32 -3.67 4.43 -17.06
CA PHE A 32 -4.11 3.06 -16.80
C PHE A 32 -5.27 2.70 -17.73
N PRO A 33 -5.02 2.51 -19.01
CA PRO A 33 -6.11 2.17 -19.97
C PRO A 33 -6.85 0.91 -19.56
N ASN A 34 -6.12 -0.04 -18.97
CA ASN A 34 -6.74 -1.29 -18.53
C ASN A 34 -7.82 -1.02 -17.49
N LEU A 35 -7.50 -0.22 -16.48
CA LEU A 35 -8.47 0.07 -15.44
C LEU A 35 -9.71 0.74 -16.03
N ALA A 36 -9.48 1.70 -16.93
CA ALA A 36 -10.57 2.42 -17.54
C ALA A 36 -11.48 1.48 -18.33
N ARG A 37 -10.89 0.52 -19.04
CA ARG A 37 -11.67 -0.41 -19.85
C ARG A 37 -12.60 -1.25 -18.98
N GLN A 38 -12.08 -1.75 -17.86
CA GLN A 38 -12.87 -2.54 -16.94
C GLN A 38 -14.10 -1.76 -16.47
N ALA A 39 -13.87 -0.50 -16.10
CA ALA A 39 -14.97 0.38 -15.67
C ALA A 39 -15.62 -0.15 -14.40
N ASN A 40 -14.80 -0.66 -13.49
CA ASN A 40 -15.30 -1.16 -12.21
C ASN A 40 -14.72 -0.34 -11.05
N VAL A 41 -14.64 0.97 -11.25
CA VAL A 41 -14.07 1.85 -10.23
C VAL A 41 -15.19 2.51 -9.43
N GLN A 42 -15.15 2.32 -8.11
CA GLN A 42 -16.14 2.93 -7.23
C GLN A 42 -15.44 3.79 -6.19
N ILE A 43 -15.60 5.11 -6.31
CA ILE A 43 -14.94 6.04 -5.40
C ILE A 43 -15.94 6.53 -4.35
N GLN A 44 -15.50 6.59 -3.10
CA GLN A 44 -16.38 7.00 -2.01
C GLN A 44 -16.35 8.51 -1.83
N GLU A 45 -15.15 9.08 -1.79
CA GLU A 45 -15.03 10.52 -1.61
C GLU A 45 -13.62 11.02 -1.98
N ILE A 46 -13.57 12.24 -2.52
CA ILE A 46 -12.30 12.87 -2.85
C ILE A 46 -12.31 14.32 -2.36
N GLN A 47 -11.25 14.71 -1.65
CA GLN A 47 -11.20 16.07 -1.11
C GLN A 47 -9.75 16.58 -1.00
N ARG A 48 -9.61 17.90 -0.89
CA ARG A 48 -8.29 18.52 -0.77
C ARG A 48 -7.97 18.76 0.71
N THR A 49 -6.70 18.55 1.07
CA THR A 49 -6.26 18.78 2.44
C THR A 49 -4.91 19.52 2.45
N PRO A 50 -4.57 20.31 3.45
CA PRO A 50 -5.50 20.75 4.54
C PRO A 50 -6.44 21.86 4.05
N GLN A 51 -7.74 21.67 4.23
CA GLN A 51 -8.71 22.60 3.68
C GLN A 51 -8.63 23.96 4.35
N ARG A 52 -8.41 23.97 5.67
CA ARG A 52 -8.45 25.22 6.42
C ARG A 52 -7.06 25.87 6.60
N TYR A 53 -6.05 25.39 5.86
CA TYR A 53 -4.71 25.98 5.95
C TYR A 53 -4.36 26.74 4.68
N SER A 54 -4.01 28.01 4.83
CA SER A 54 -3.61 28.84 3.70
C SER A 54 -2.28 29.55 3.99
N SER A 55 -1.35 28.78 4.56
CA SER A 55 -0.05 29.34 4.94
C SER A 55 0.62 30.02 3.75
N ARG A 56 1.52 30.96 4.05
CA ARG A 56 2.24 31.68 3.00
C ARG A 56 3.06 30.75 2.10
N ARG A 57 3.45 29.59 2.64
CA ARG A 57 4.27 28.65 1.87
C ARG A 57 3.67 28.36 0.50
N ALA A 58 4.51 28.35 -0.52
CA ALA A 58 4.06 28.14 -1.89
C ALA A 58 3.97 26.66 -2.29
N THR A 59 4.20 25.75 -1.35
CA THR A 59 4.16 24.32 -1.65
C THR A 59 2.72 23.89 -1.97
N PRO A 60 2.52 22.95 -2.87
CA PRO A 60 1.14 22.53 -3.26
C PRO A 60 0.49 21.61 -2.22
N ARG A 61 -0.83 21.73 -2.09
CA ARG A 61 -1.57 20.85 -1.19
C ARG A 61 -1.77 19.49 -1.84
N HIS A 62 -2.01 18.47 -1.02
CA HIS A 62 -2.22 17.13 -1.54
C HIS A 62 -3.71 16.81 -1.62
N ILE A 63 -4.07 15.88 -2.50
CA ILE A 63 -5.45 15.41 -2.58
C ILE A 63 -5.53 13.99 -2.03
N ILE A 64 -6.55 13.73 -1.22
CA ILE A 64 -6.75 12.40 -0.65
C ILE A 64 -7.94 11.72 -1.31
N VAL A 65 -7.72 10.49 -1.77
CA VAL A 65 -8.76 9.70 -2.40
C VAL A 65 -9.10 8.50 -1.53
N ARG A 66 -10.37 8.37 -1.16
CA ARG A 66 -10.81 7.20 -0.41
C ARG A 66 -11.64 6.29 -1.32
N PHE A 67 -11.13 5.08 -1.56
CA PHE A 67 -11.79 4.15 -2.45
C PHE A 67 -12.70 3.21 -1.67
N THR A 68 -13.75 2.73 -2.32
CA THR A 68 -14.70 1.83 -1.67
C THR A 68 -14.04 0.49 -1.35
N LYS A 69 -13.19 0.00 -2.26
CA LYS A 69 -12.54 -1.29 -2.07
C LYS A 69 -11.04 -1.13 -1.89
N VAL A 70 -10.55 -1.54 -0.72
CA VAL A 70 -9.13 -1.45 -0.43
C VAL A 70 -8.31 -2.22 -1.47
N GLU A 71 -8.81 -3.39 -1.85
CA GLU A 71 -8.12 -4.21 -2.84
C GLU A 71 -7.95 -3.44 -4.14
N MET A 72 -9.00 -2.74 -4.55
CA MET A 72 -8.96 -1.99 -5.81
C MET A 72 -7.84 -0.97 -5.76
N LYS A 73 -7.74 -0.24 -4.65
CA LYS A 73 -6.71 0.78 -4.51
C LYS A 73 -5.32 0.17 -4.68
N GLU A 74 -5.11 -0.99 -4.06
CA GLU A 74 -3.82 -1.66 -4.14
C GLU A 74 -3.46 -1.96 -5.59
N LYS A 75 -4.44 -2.46 -6.34
CA LYS A 75 -4.22 -2.79 -7.74
C LYS A 75 -3.74 -1.57 -8.51
N MET A 76 -4.38 -0.43 -8.26
CA MET A 76 -4.02 0.80 -8.96
C MET A 76 -2.56 1.15 -8.70
N LEU A 77 -2.13 1.03 -7.46
CA LEU A 77 -0.75 1.34 -7.10
C LEU A 77 0.22 0.47 -7.90
N ARG A 78 -0.09 -0.81 -7.98
CA ARG A 78 0.77 -1.75 -8.71
C ARG A 78 0.91 -1.32 -10.16
N ALA A 79 -0.20 -0.94 -10.78
CA ALA A 79 -0.18 -0.53 -12.18
C ALA A 79 0.75 0.65 -12.37
N ALA A 80 0.68 1.61 -11.45
CA ALA A 80 1.52 2.80 -11.55
C ALA A 80 2.99 2.41 -11.51
N ARG A 81 3.34 1.52 -10.59
CA ARG A 81 4.74 1.09 -10.46
C ARG A 81 5.24 0.51 -11.77
N GLU A 82 4.39 -0.28 -12.44
CA GLU A 82 4.78 -0.91 -13.69
C GLU A 82 5.03 0.12 -14.78
N LYS A 83 4.12 1.07 -14.93
CA LYS A 83 4.23 2.08 -15.98
C LYS A 83 5.51 2.89 -15.82
N GLY A 84 5.84 3.22 -14.58
CA GLY A 84 7.05 3.98 -14.29
C GLY A 84 6.85 5.50 -14.38
N ARG A 85 5.75 5.95 -14.97
CA ARG A 85 5.47 7.37 -15.09
C ARG A 85 3.97 7.64 -15.13
N VAL A 86 3.51 8.56 -14.29
CA VAL A 86 2.09 8.92 -14.25
C VAL A 86 1.96 10.43 -14.47
N THR A 87 1.04 10.82 -15.35
CA THR A 87 0.87 12.24 -15.68
C THR A 87 -0.59 12.68 -15.52
N LEU A 88 -0.76 13.96 -15.22
CA LEU A 88 -2.07 14.58 -15.15
C LEU A 88 -2.14 15.70 -16.20
N LYS A 89 -2.96 15.49 -17.23
CA LYS A 89 -3.11 16.49 -18.27
C LYS A 89 -1.77 16.84 -18.92
N GLY A 90 -0.88 15.84 -19.04
CA GLY A 90 0.40 16.03 -19.72
C GLY A 90 1.52 16.50 -18.79
N LYS A 91 1.22 16.86 -17.55
CA LYS A 91 2.24 17.31 -16.62
C LYS A 91 2.60 16.18 -15.66
N PRO A 92 3.84 16.08 -15.21
CA PRO A 92 4.26 14.94 -14.33
C PRO A 92 3.74 15.06 -12.91
N ILE A 93 3.22 13.95 -12.38
CA ILE A 93 2.74 13.90 -11.01
C ILE A 93 3.27 12.66 -10.30
N ARG A 94 2.98 12.55 -9.01
CA ARG A 94 3.45 11.40 -8.23
C ARG A 94 2.30 10.74 -7.47
N LEU A 95 2.28 9.42 -7.46
CA LEU A 95 1.28 8.66 -6.72
C LEU A 95 1.97 7.81 -5.65
N THR A 96 1.50 7.93 -4.41
CA THR A 96 2.16 7.20 -3.31
C THR A 96 1.18 6.87 -2.18
N VAL A 97 1.65 6.04 -1.26
CA VAL A 97 0.89 5.68 -0.06
C VAL A 97 1.85 5.33 1.06
N ASP A 98 1.36 5.35 2.30
CA ASP A 98 2.19 5.02 3.47
C ASP A 98 2.98 3.73 3.25
N LEU A 99 4.01 3.52 4.07
CA LEU A 99 4.91 2.37 3.86
C LEU A 99 4.12 1.06 3.81
N SER A 100 4.06 0.47 2.63
CA SER A 100 3.39 -0.81 2.45
C SER A 100 4.33 -1.97 2.76
N ALA A 101 3.77 -3.15 2.92
CA ALA A 101 4.58 -4.36 3.10
C ALA A 101 5.45 -4.66 1.87
N GLU A 102 5.10 -4.11 0.70
CA GLU A 102 5.85 -4.37 -0.51
C GLU A 102 7.33 -3.97 -0.36
N THR A 103 7.59 -2.91 0.40
CA THR A 103 8.96 -2.47 0.63
C THR A 103 9.81 -3.60 1.19
N LEU A 104 9.32 -4.23 2.26
CA LEU A 104 10.04 -5.33 2.89
C LEU A 104 10.30 -6.44 1.87
N GLN A 105 9.28 -6.77 1.09
CA GLN A 105 9.41 -7.82 0.08
C GLN A 105 10.55 -7.50 -0.88
N ALA A 106 10.65 -6.23 -1.27
CA ALA A 106 11.67 -5.80 -2.21
C ALA A 106 13.07 -6.09 -1.65
N ARG A 107 13.27 -5.71 -0.39
CA ARG A 107 14.57 -5.91 0.25
C ARG A 107 14.97 -7.38 0.22
N ARG A 108 14.00 -8.25 0.50
CA ARG A 108 14.25 -9.69 0.47
C ARG A 108 14.63 -10.16 -0.93
N GLU A 109 14.02 -9.58 -1.95
CA GLU A 109 14.31 -9.93 -3.34
C GLU A 109 15.76 -9.62 -3.69
N TRP A 110 16.27 -8.51 -3.17
CA TRP A 110 17.67 -8.14 -3.41
C TRP A 110 18.68 -9.02 -2.66
N GLY A 111 18.21 -10.04 -1.93
CA GLY A 111 19.09 -10.87 -1.12
C GLY A 111 20.28 -11.41 -1.92
N PRO A 112 20.04 -12.12 -3.01
CA PRO A 112 21.16 -12.74 -3.78
C PRO A 112 22.26 -11.74 -4.15
N ILE A 113 21.85 -10.63 -4.78
CA ILE A 113 22.83 -9.65 -5.24
C ILE A 113 23.65 -9.12 -4.07
N PHE A 114 23.00 -8.82 -2.96
CA PHE A 114 23.69 -8.24 -1.82
C PHE A 114 24.78 -9.17 -1.31
N ASN A 115 24.43 -10.44 -1.12
CA ASN A 115 25.35 -11.39 -0.52
C ASN A 115 26.59 -11.58 -1.41
N ILE A 116 26.36 -11.77 -2.70
CA ILE A 116 27.46 -12.02 -3.62
C ILE A 116 28.44 -10.84 -3.59
N LEU A 117 27.90 -9.63 -3.68
CA LEU A 117 28.75 -8.44 -3.67
C LEU A 117 29.58 -8.39 -2.39
N LYS A 118 28.99 -8.77 -1.27
CA LYS A 118 29.71 -8.75 0.01
C LYS A 118 30.95 -9.64 -0.08
N GLU A 119 30.77 -10.85 -0.59
CA GLU A 119 31.86 -11.80 -0.69
C GLU A 119 33.00 -11.22 -1.54
N LYS A 120 32.62 -10.55 -2.63
CA LYS A 120 33.62 -10.02 -3.57
C LYS A 120 34.16 -8.65 -3.16
N ASN A 121 34.02 -8.26 -1.89
CA ASN A 121 34.60 -7.01 -1.40
C ASN A 121 34.05 -5.80 -2.16
N PHE A 122 32.77 -5.87 -2.55
CA PHE A 122 32.11 -4.73 -3.20
C PHE A 122 31.47 -3.78 -2.18
N GLN A 123 31.34 -4.20 -0.91
CA GLN A 123 30.73 -3.37 0.12
C GLN A 123 29.30 -3.00 -0.28
N PRO A 124 28.42 -3.97 -0.44
CA PRO A 124 27.00 -3.69 -0.80
C PRO A 124 26.19 -3.19 0.38
N ARG A 125 25.40 -2.15 0.14
CA ARG A 125 24.53 -1.59 1.18
C ARG A 125 23.16 -1.29 0.60
N ILE A 126 22.13 -1.35 1.46
CA ILE A 126 20.77 -1.07 1.02
C ILE A 126 20.27 0.23 1.65
N SER A 127 19.50 0.99 0.88
CA SER A 127 18.93 2.24 1.36
C SER A 127 17.42 2.28 1.09
N TYR A 128 16.67 2.92 1.98
CA TYR A 128 15.22 3.02 1.82
C TYR A 128 14.91 3.72 0.48
N PRO A 129 13.86 3.36 -0.23
CA PRO A 129 12.92 2.22 0.08
C PRO A 129 13.61 0.86 -0.08
N ALA A 130 14.09 0.60 -1.29
CA ALA A 130 14.74 -0.68 -1.59
C ALA A 130 15.77 -0.51 -2.71
N LYS A 131 16.51 0.60 -2.65
CA LYS A 131 17.53 0.86 -3.66
C LYS A 131 18.84 0.17 -3.30
N LEU A 132 19.57 -0.26 -4.33
CA LEU A 132 20.82 -0.97 -4.14
C LEU A 132 22.00 -0.09 -4.53
N SER A 133 22.97 0.05 -3.62
CA SER A 133 24.15 0.85 -3.91
C SER A 133 25.42 0.10 -3.48
N PHE A 134 26.48 0.23 -4.27
CA PHE A 134 27.74 -0.41 -3.94
C PHE A 134 28.91 0.29 -4.60
N ILE A 135 30.13 -0.07 -4.20
CA ILE A 135 31.33 0.57 -4.73
C ILE A 135 32.12 -0.41 -5.61
N SER A 136 32.39 0.01 -6.84
CA SER A 136 33.14 -0.83 -7.78
C SER A 136 34.20 0.01 -8.49
N GLU A 137 35.36 -0.61 -8.74
CA GLU A 137 36.45 0.04 -9.45
C GLU A 137 36.69 1.50 -9.04
N GLY A 138 36.35 1.84 -7.79
CA GLY A 138 36.70 3.15 -7.24
C GLY A 138 35.55 4.17 -7.28
N GLU A 139 34.51 3.90 -8.06
CA GLU A 139 33.38 4.82 -8.17
C GLU A 139 32.12 4.20 -7.58
N ILE A 140 31.20 5.05 -7.14
CA ILE A 140 29.96 4.57 -6.53
C ILE A 140 28.84 4.52 -7.57
N LYS A 141 28.11 3.41 -7.59
CA LYS A 141 27.00 3.24 -8.53
C LYS A 141 25.70 2.98 -7.78
N TYR A 142 24.62 3.58 -8.26
CA TYR A 142 23.31 3.44 -7.63
C TYR A 142 22.27 2.97 -8.65
N PHE A 143 21.48 1.97 -8.26
CA PHE A 143 20.39 1.49 -9.11
C PHE A 143 19.11 1.37 -8.29
N ILE A 144 17.98 1.77 -8.87
CA ILE A 144 16.72 1.74 -8.14
C ILE A 144 15.99 0.43 -8.40
N ASP A 145 15.96 0.01 -9.66
CA ASP A 145 15.25 -1.22 -10.04
C ASP A 145 16.23 -2.26 -10.58
N LYS A 146 15.90 -3.53 -10.35
CA LYS A 146 16.73 -4.62 -10.87
C LYS A 146 16.95 -4.49 -12.38
N GLN A 147 15.96 -3.96 -13.09
CA GLN A 147 16.08 -3.78 -14.53
C GLN A 147 17.31 -2.93 -14.86
N MET A 148 17.54 -1.90 -14.07
CA MET A 148 18.70 -1.04 -14.26
C MET A 148 19.98 -1.85 -14.09
N LEU A 149 20.02 -2.72 -13.10
CA LEU A 149 21.21 -3.52 -12.83
C LEU A 149 21.56 -4.37 -14.07
N ARG A 150 20.54 -4.90 -14.74
CA ARG A 150 20.76 -5.71 -15.93
C ARG A 150 21.42 -4.86 -17.02
N ASP A 151 20.80 -3.73 -17.32
CA ASP A 151 21.33 -2.83 -18.35
C ASP A 151 22.78 -2.44 -18.05
N PHE A 152 23.12 -2.34 -16.77
CA PHE A 152 24.45 -1.95 -16.35
C PHE A 152 25.47 -3.06 -16.59
N VAL A 153 25.18 -4.28 -16.13
CA VAL A 153 26.14 -5.38 -16.24
C VAL A 153 26.48 -5.69 -17.69
N THR A 154 25.55 -5.45 -18.61
CA THR A 154 25.80 -5.72 -20.04
C THR A 154 27.12 -5.10 -20.53
N THR A 155 27.61 -4.07 -19.85
CA THR A 155 28.83 -3.38 -20.30
C THR A 155 30.06 -3.70 -19.46
N ARG A 156 30.00 -4.75 -18.65
CA ARG A 156 31.15 -5.16 -17.83
C ARG A 156 31.11 -6.67 -17.62
N PRO A 157 31.59 -7.46 -18.55
CA PRO A 157 31.36 -8.95 -18.52
C PRO A 157 31.67 -9.59 -17.17
N ALA A 158 32.73 -9.14 -16.51
CA ALA A 158 33.10 -9.70 -15.20
C ALA A 158 31.93 -9.56 -14.22
N LEU A 159 31.33 -8.38 -14.20
CA LEU A 159 30.21 -8.12 -13.30
C LEU A 159 28.99 -8.96 -13.68
N LYS A 160 28.78 -9.16 -14.97
CA LYS A 160 27.63 -9.94 -15.43
C LYS A 160 27.70 -11.37 -14.87
N GLU A 161 28.87 -11.98 -15.00
CA GLU A 161 29.05 -13.36 -14.55
C GLU A 161 28.78 -13.48 -13.05
N LEU A 162 29.29 -12.52 -12.28
CA LEU A 162 29.13 -12.54 -10.83
C LEU A 162 27.65 -12.48 -10.46
N LEU A 163 26.91 -11.58 -11.09
CA LEU A 163 25.52 -11.35 -10.73
C LEU A 163 24.52 -12.17 -11.56
N LYS A 164 24.99 -12.87 -12.59
CA LYS A 164 24.11 -13.66 -13.47
C LYS A 164 23.05 -14.45 -12.70
N GLU A 165 23.47 -15.19 -11.69
CA GLU A 165 22.54 -16.01 -10.91
C GLU A 165 21.61 -15.15 -10.06
N ALA A 166 22.13 -14.04 -9.55
CA ALA A 166 21.36 -13.17 -8.67
C ALA A 166 20.15 -12.57 -9.41
N LEU A 167 20.38 -12.10 -10.63
CA LEU A 167 19.32 -11.45 -11.39
C LEU A 167 18.40 -12.46 -12.11
N ASN A 168 18.88 -13.68 -12.32
CA ASN A 168 18.08 -14.70 -12.98
C ASN A 168 17.64 -14.21 -14.37
N MET A 169 18.58 -13.64 -15.11
CA MET A 169 18.28 -13.11 -16.43
C MET A 169 17.63 -14.18 -17.33
N GLU A 170 18.08 -15.42 -17.19
CA GLU A 170 17.54 -16.51 -18.00
C GLU A 170 16.04 -16.62 -17.81
N ARG A 171 15.33 -16.93 -18.89
CA ARG A 171 13.88 -17.08 -18.84
C ARG A 171 13.46 -18.46 -19.32
N ASN A 172 12.48 -19.04 -18.64
CA ASN A 172 11.99 -20.37 -19.00
C ASN A 172 10.71 -20.26 -19.83
N ASN A 173 9.83 -19.34 -19.45
CA ASN A 173 8.58 -19.15 -20.17
C ASN A 173 8.75 -18.13 -21.30
N ARG A 174 9.86 -18.24 -22.02
CA ARG A 174 10.13 -17.32 -23.13
C ARG A 174 8.99 -17.34 -24.14
N TYR A 175 8.45 -18.52 -24.41
CA TYR A 175 7.36 -18.67 -25.35
C TYR A 175 6.05 -18.98 -24.61
N GLN A 176 4.97 -18.31 -25.02
CA GLN A 176 3.67 -18.53 -24.39
C GLN A 176 3.76 -18.27 -22.88
N MET A 1 -5.77 2.75 5.50
CA MET A 1 -6.58 1.53 5.22
C MET A 1 -6.77 1.39 3.71
N GLY A 2 -7.52 2.31 3.13
CA GLY A 2 -7.76 2.29 1.69
C GLY A 2 -7.74 3.70 1.11
N ASN A 3 -6.73 4.47 1.50
CA ASN A 3 -6.58 5.85 1.02
C ASN A 3 -5.38 5.97 0.09
N LEU A 4 -5.53 6.77 -0.95
CA LEU A 4 -4.47 6.99 -1.93
C LEU A 4 -4.08 8.47 -1.92
N ARG A 5 -2.80 8.76 -2.13
CA ARG A 5 -2.32 10.14 -2.16
C ARG A 5 -1.95 10.56 -3.57
N LEU A 6 -2.55 11.66 -4.02
CA LEU A 6 -2.23 12.23 -5.32
C LEU A 6 -1.51 13.57 -5.13
N ILE A 7 -0.28 13.66 -5.60
CA ILE A 7 0.53 14.86 -5.40
C ILE A 7 0.85 15.51 -6.75
N GLY A 8 0.66 16.83 -6.83
CA GLY A 8 1.05 17.58 -8.02
C GLY A 8 -0.15 18.17 -8.76
N VAL A 9 -1.26 18.41 -8.06
CA VAL A 9 -2.43 19.02 -8.67
C VAL A 9 -2.42 20.53 -8.39
N PRO A 10 -2.19 21.39 -9.35
CA PRO A 10 -2.18 22.88 -9.09
C PRO A 10 -3.48 23.37 -8.47
N GLU A 11 -3.39 24.45 -7.70
CA GLU A 11 -4.56 25.02 -7.07
C GLU A 11 -5.44 25.72 -8.12
N SER A 12 -6.73 25.83 -7.83
CA SER A 12 -7.66 26.47 -8.75
C SER A 12 -8.82 27.11 -8.00
N ASP A 13 -9.06 28.40 -8.27
CA ASP A 13 -10.14 29.11 -7.60
C ASP A 13 -11.48 28.41 -7.75
N VAL A 14 -11.69 27.73 -8.89
CA VAL A 14 -12.97 27.09 -9.17
C VAL A 14 -13.04 25.64 -8.68
N GLU A 15 -12.11 25.23 -7.81
CA GLU A 15 -12.09 23.86 -7.33
C GLU A 15 -13.38 23.52 -6.59
N ASN A 16 -13.87 22.31 -6.82
CA ASN A 16 -15.08 21.83 -6.16
C ASN A 16 -15.06 20.30 -6.12
N GLY A 17 -15.79 19.72 -5.17
CA GLY A 17 -15.78 18.26 -4.98
C GLY A 17 -15.98 17.50 -6.30
N THR A 18 -16.99 17.89 -7.07
CA THR A 18 -17.29 17.21 -8.32
C THR A 18 -16.10 17.23 -9.27
N LYS A 19 -15.49 18.40 -9.44
CA LYS A 19 -14.35 18.53 -10.35
C LYS A 19 -13.23 17.59 -9.92
N LEU A 20 -12.98 17.52 -8.62
CA LEU A 20 -11.94 16.63 -8.09
C LEU A 20 -12.17 15.19 -8.55
N GLU A 21 -13.41 14.72 -8.42
CA GLU A 21 -13.73 13.34 -8.78
C GLU A 21 -13.39 13.09 -10.25
N ASN A 22 -13.80 14.03 -11.11
CA ASN A 22 -13.51 13.91 -12.53
C ASN A 22 -12.00 13.81 -12.76
N THR A 23 -11.23 14.61 -12.02
CA THR A 23 -9.79 14.61 -12.13
C THR A 23 -9.23 13.19 -11.94
N LEU A 24 -9.65 12.52 -10.87
CA LEU A 24 -9.12 11.17 -10.61
C LEU A 24 -9.42 10.25 -11.77
N GLN A 25 -10.65 10.31 -12.28
CA GLN A 25 -11.04 9.47 -13.40
C GLN A 25 -10.12 9.71 -14.59
N ASP A 26 -9.77 10.97 -14.83
CA ASP A 26 -8.91 11.33 -15.94
C ASP A 26 -7.55 10.65 -15.80
N ILE A 27 -7.00 10.68 -14.59
CA ILE A 27 -5.70 10.05 -14.33
C ILE A 27 -5.74 8.58 -14.72
N ILE A 28 -6.83 7.91 -14.38
CA ILE A 28 -6.97 6.49 -14.67
C ILE A 28 -6.85 6.25 -16.18
N GLN A 29 -7.60 7.02 -16.96
CA GLN A 29 -7.60 6.84 -18.41
C GLN A 29 -6.24 7.19 -19.02
N GLU A 30 -5.57 8.18 -18.45
CA GLU A 30 -4.32 8.69 -19.03
C GLU A 30 -3.19 7.67 -18.93
N ASN A 31 -3.03 7.04 -17.77
CA ASN A 31 -1.89 6.15 -17.54
C ASN A 31 -2.29 4.69 -17.31
N PHE A 32 -3.56 4.43 -17.00
CA PHE A 32 -4.01 3.07 -16.72
C PHE A 32 -5.16 2.70 -17.67
N PRO A 33 -4.86 2.47 -18.94
CA PRO A 33 -5.92 2.13 -19.93
C PRO A 33 -6.71 0.89 -19.52
N ASN A 34 -6.02 -0.09 -18.93
CA ASN A 34 -6.68 -1.31 -18.49
C ASN A 34 -7.76 -0.99 -17.47
N LEU A 35 -7.42 -0.20 -16.46
CA LEU A 35 -8.39 0.14 -15.42
C LEU A 35 -9.60 0.83 -16.03
N ALA A 36 -9.34 1.76 -16.94
CA ALA A 36 -10.43 2.51 -17.58
C ALA A 36 -11.36 1.58 -18.34
N ARG A 37 -10.79 0.60 -19.04
CA ARG A 37 -11.59 -0.32 -19.83
C ARG A 37 -12.55 -1.10 -18.94
N GLN A 38 -12.04 -1.59 -17.82
CA GLN A 38 -12.87 -2.33 -16.87
C GLN A 38 -14.06 -1.50 -16.43
N ALA A 39 -13.80 -0.25 -16.04
CA ALA A 39 -14.86 0.67 -15.64
C ALA A 39 -15.57 0.15 -14.38
N ASN A 40 -14.80 -0.41 -13.46
CA ASN A 40 -15.35 -0.92 -12.20
C ASN A 40 -14.71 -0.20 -11.01
N VAL A 41 -14.52 1.10 -11.15
CA VAL A 41 -13.91 1.90 -10.08
C VAL A 41 -14.98 2.60 -9.27
N GLN A 42 -15.07 2.24 -7.99
CA GLN A 42 -16.05 2.86 -7.10
C GLN A 42 -15.34 3.75 -6.08
N ILE A 43 -15.52 5.06 -6.22
CA ILE A 43 -14.88 6.02 -5.32
C ILE A 43 -15.89 6.51 -4.28
N GLN A 44 -15.47 6.59 -3.03
CA GLN A 44 -16.36 6.99 -1.95
C GLN A 44 -16.35 8.50 -1.76
N GLU A 45 -15.15 9.07 -1.69
CA GLU A 45 -15.03 10.52 -1.49
C GLU A 45 -13.64 11.03 -1.87
N ILE A 46 -13.61 12.25 -2.41
CA ILE A 46 -12.34 12.90 -2.76
C ILE A 46 -12.36 14.35 -2.26
N GLN A 47 -11.33 14.72 -1.50
CA GLN A 47 -11.27 16.06 -0.93
C GLN A 47 -9.83 16.58 -0.88
N ARG A 48 -9.70 17.90 -0.74
CA ARG A 48 -8.37 18.52 -0.67
C ARG A 48 -8.01 18.80 0.78
N THR A 49 -6.73 18.60 1.11
CA THR A 49 -6.24 18.87 2.46
C THR A 49 -4.90 19.59 2.42
N PRO A 50 -4.55 20.44 3.37
CA PRO A 50 -5.43 20.87 4.50
C PRO A 50 -6.45 21.91 4.03
N GLN A 51 -7.72 21.64 4.31
CA GLN A 51 -8.79 22.53 3.85
C GLN A 51 -8.66 23.92 4.45
N ARG A 52 -8.22 23.99 5.71
CA ARG A 52 -8.11 25.28 6.40
C ARG A 52 -6.85 26.04 6.04
N TYR A 53 -5.83 25.36 5.49
CA TYR A 53 -4.59 26.02 5.11
C TYR A 53 -4.53 26.24 3.62
N SER A 54 -4.39 27.50 3.21
CA SER A 54 -4.35 27.86 1.79
C SER A 54 -2.98 28.42 1.43
N SER A 55 -2.66 29.60 1.95
CA SER A 55 -1.39 30.25 1.66
C SER A 55 -0.43 30.11 2.84
N ARG A 56 -0.44 28.95 3.49
CA ARG A 56 0.44 28.71 4.62
C ARG A 56 1.84 28.32 4.15
N ARG A 57 1.91 27.49 3.11
CA ARG A 57 3.18 27.04 2.56
C ARG A 57 3.20 27.20 1.04
N ALA A 58 4.40 27.36 0.49
CA ALA A 58 4.56 27.55 -0.94
C ALA A 58 4.20 26.29 -1.72
N THR A 59 4.39 25.11 -1.12
CA THR A 59 4.13 23.86 -1.82
C THR A 59 2.63 23.67 -2.04
N PRO A 60 2.22 22.96 -3.07
CA PRO A 60 0.77 22.76 -3.37
C PRO A 60 0.14 21.72 -2.45
N ARG A 61 -1.14 21.93 -2.13
CA ARG A 61 -1.86 20.99 -1.27
C ARG A 61 -1.98 19.63 -1.95
N HIS A 62 -2.19 18.58 -1.14
CA HIS A 62 -2.36 17.24 -1.68
C HIS A 62 -3.83 16.88 -1.74
N ILE A 63 -4.18 15.95 -2.62
CA ILE A 63 -5.55 15.45 -2.70
C ILE A 63 -5.61 14.03 -2.14
N ILE A 64 -6.60 13.78 -1.29
CA ILE A 64 -6.77 12.45 -0.69
C ILE A 64 -7.99 11.76 -1.29
N VAL A 65 -7.78 10.53 -1.74
CA VAL A 65 -8.86 9.73 -2.31
C VAL A 65 -9.15 8.53 -1.41
N ARG A 66 -10.40 8.38 -1.01
CA ARG A 66 -10.82 7.21 -0.25
C ARG A 66 -11.63 6.30 -1.15
N PHE A 67 -11.11 5.09 -1.39
CA PHE A 67 -11.76 4.15 -2.30
C PHE A 67 -12.69 3.21 -1.54
N THR A 68 -13.72 2.74 -2.22
CA THR A 68 -14.69 1.84 -1.61
C THR A 68 -14.04 0.51 -1.23
N LYS A 69 -13.13 0.02 -2.09
CA LYS A 69 -12.50 -1.28 -1.86
C LYS A 69 -10.98 -1.14 -1.72
N VAL A 70 -10.47 -1.61 -0.58
CA VAL A 70 -9.03 -1.57 -0.35
C VAL A 70 -8.29 -2.33 -1.46
N GLU A 71 -8.85 -3.47 -1.87
CA GLU A 71 -8.25 -4.26 -2.94
C GLU A 71 -8.08 -3.42 -4.21
N MET A 72 -9.08 -2.60 -4.50
CA MET A 72 -9.04 -1.76 -5.70
C MET A 72 -7.85 -0.82 -5.64
N LYS A 73 -7.66 -0.17 -4.49
CA LYS A 73 -6.55 0.75 -4.32
C LYS A 73 -5.22 0.05 -4.59
N GLU A 74 -5.09 -1.16 -4.06
CA GLU A 74 -3.86 -1.93 -4.23
C GLU A 74 -3.56 -2.13 -5.70
N LYS A 75 -4.59 -2.51 -6.46
CA LYS A 75 -4.42 -2.74 -7.89
C LYS A 75 -3.88 -1.49 -8.58
N MET A 76 -4.42 -0.34 -8.21
CA MET A 76 -3.98 0.91 -8.81
C MET A 76 -2.48 1.12 -8.59
N LEU A 77 -2.03 0.85 -7.38
CA LEU A 77 -0.61 1.01 -7.05
C LEU A 77 0.24 0.16 -7.98
N ARG A 78 -0.16 -1.09 -8.17
CA ARG A 78 0.60 -2.00 -9.01
C ARG A 78 0.71 -1.44 -10.43
N ALA A 79 -0.39 -0.93 -10.95
CA ALA A 79 -0.41 -0.39 -12.29
C ALA A 79 0.60 0.74 -12.42
N ALA A 80 0.65 1.61 -11.42
CA ALA A 80 1.57 2.74 -11.45
C ALA A 80 3.01 2.24 -11.52
N ARG A 81 3.34 1.25 -10.71
CA ARG A 81 4.69 0.70 -10.68
C ARG A 81 5.10 0.21 -12.07
N GLU A 82 4.17 -0.44 -12.76
CA GLU A 82 4.45 -0.99 -14.08
C GLU A 82 4.73 0.12 -15.09
N LYS A 83 3.87 1.14 -15.11
CA LYS A 83 4.01 2.21 -16.09
C LYS A 83 5.33 2.95 -15.91
N GLY A 84 5.72 3.16 -14.66
CA GLY A 84 6.98 3.87 -14.38
C GLY A 84 6.84 5.39 -14.45
N ARG A 85 5.76 5.89 -15.06
CA ARG A 85 5.55 7.32 -15.15
C ARG A 85 4.06 7.64 -15.19
N VAL A 86 3.64 8.56 -14.32
CA VAL A 86 2.23 8.96 -14.27
C VAL A 86 2.11 10.46 -14.47
N THR A 87 1.19 10.87 -15.35
CA THR A 87 1.03 12.28 -15.68
C THR A 87 -0.42 12.73 -15.55
N LEU A 88 -0.61 14.00 -15.26
CA LEU A 88 -1.93 14.62 -15.23
C LEU A 88 -1.99 15.73 -16.28
N LYS A 89 -2.81 15.52 -17.30
CA LYS A 89 -2.94 16.51 -18.36
C LYS A 89 -1.58 16.83 -19.01
N GLY A 90 -0.71 15.83 -19.11
CA GLY A 90 0.57 16.01 -19.79
C GLY A 90 1.70 16.46 -18.86
N LYS A 91 1.38 16.85 -17.63
CA LYS A 91 2.42 17.31 -16.70
C LYS A 91 2.78 16.19 -15.72
N PRO A 92 4.01 16.10 -15.28
CA PRO A 92 4.43 14.97 -14.38
C PRO A 92 3.90 15.11 -12.96
N ILE A 93 3.38 14.02 -12.42
CA ILE A 93 2.88 14.01 -11.04
C ILE A 93 3.41 12.78 -10.30
N ARG A 94 3.06 12.66 -9.02
CA ARG A 94 3.52 11.53 -8.22
C ARG A 94 2.35 10.85 -7.51
N LEU A 95 2.40 9.52 -7.43
CA LEU A 95 1.37 8.76 -6.75
C LEU A 95 1.99 7.88 -5.67
N THR A 96 1.44 7.96 -4.45
CA THR A 96 1.97 7.18 -3.33
C THR A 96 0.86 6.87 -2.33
N VAL A 97 1.21 6.10 -1.30
CA VAL A 97 0.24 5.79 -0.24
C VAL A 97 0.94 5.79 1.12
N ASP A 98 0.13 5.92 2.18
CA ASP A 98 0.65 5.91 3.55
C ASP A 98 1.50 4.66 3.80
N LEU A 99 2.30 4.70 4.85
CA LEU A 99 3.21 3.58 5.13
C LEU A 99 2.43 2.27 5.25
N SER A 100 2.63 1.40 4.26
CA SER A 100 2.00 0.09 4.27
C SER A 100 2.86 -0.90 5.06
N ALA A 101 2.29 -2.05 5.40
CA ALA A 101 3.04 -3.12 6.05
C ALA A 101 4.35 -3.45 5.31
N GLU A 102 4.44 -3.09 4.02
CA GLU A 102 5.63 -3.37 3.23
C GLU A 102 6.86 -2.73 3.88
N THR A 103 6.69 -1.52 4.42
CA THR A 103 7.79 -0.83 5.09
C THR A 103 8.39 -1.71 6.20
N LEU A 104 7.52 -2.31 7.01
CA LEU A 104 7.99 -3.17 8.09
C LEU A 104 8.86 -4.30 7.54
N GLN A 105 8.36 -4.96 6.50
CA GLN A 105 9.10 -6.05 5.87
C GLN A 105 10.48 -5.56 5.42
N ALA A 106 10.52 -4.35 4.87
CA ALA A 106 11.78 -3.79 4.39
C ALA A 106 12.79 -3.69 5.53
N ARG A 107 12.33 -3.26 6.69
CA ARG A 107 13.21 -3.14 7.86
C ARG A 107 13.87 -4.48 8.16
N ARG A 108 13.08 -5.54 8.09
CA ARG A 108 13.58 -6.89 8.31
C ARG A 108 14.64 -7.24 7.25
N GLU A 109 14.38 -6.84 6.01
CA GLU A 109 15.31 -7.11 4.92
C GLU A 109 16.67 -6.45 5.14
N TRP A 110 16.68 -5.30 5.81
CA TRP A 110 17.93 -4.60 6.11
C TRP A 110 18.78 -5.31 7.19
N GLY A 111 18.33 -6.46 7.69
CA GLY A 111 19.02 -7.14 8.78
C GLY A 111 20.50 -7.36 8.45
N PRO A 112 20.82 -8.08 7.39
CA PRO A 112 22.25 -8.41 7.07
C PRO A 112 23.12 -7.16 7.01
N ILE A 113 22.69 -6.14 6.27
CA ILE A 113 23.50 -4.94 6.08
C ILE A 113 23.81 -4.32 7.44
N PHE A 114 22.79 -4.19 8.29
CA PHE A 114 22.95 -3.53 9.57
C PHE A 114 24.01 -4.23 10.41
N ASN A 115 23.90 -5.55 10.51
CA ASN A 115 24.80 -6.31 11.38
C ASN A 115 26.25 -6.17 10.94
N ILE A 116 26.50 -6.35 9.65
CA ILE A 116 27.87 -6.31 9.15
C ILE A 116 28.50 -4.95 9.44
N LEU A 117 27.74 -3.89 9.16
CA LEU A 117 28.24 -2.55 9.40
C LEU A 117 28.59 -2.35 10.87
N LYS A 118 27.78 -2.92 11.77
CA LYS A 118 28.04 -2.80 13.20
C LYS A 118 29.42 -3.35 13.53
N GLU A 119 29.70 -4.56 13.04
CA GLU A 119 30.98 -5.20 13.31
C GLU A 119 32.14 -4.33 12.83
N LYS A 120 31.97 -3.74 11.65
CA LYS A 120 33.05 -2.95 11.04
C LYS A 120 33.12 -1.52 11.58
N ASN A 121 32.51 -1.24 12.74
CA ASN A 121 32.63 0.07 13.37
C ASN A 121 32.06 1.18 12.47
N PHE A 122 31.02 0.85 11.70
CA PHE A 122 30.33 1.85 10.89
C PHE A 122 29.22 2.58 11.67
N GLN A 123 28.82 2.04 12.82
CA GLN A 123 27.76 2.64 13.62
C GLN A 123 26.45 2.71 12.82
N PRO A 124 25.93 1.58 12.38
CA PRO A 124 24.66 1.56 11.59
C PRO A 124 23.44 1.82 12.47
N ARG A 125 22.54 2.68 11.98
CA ARG A 125 21.32 2.99 12.70
C ARG A 125 20.13 3.01 11.74
N ILE A 126 18.94 2.71 12.25
CA ILE A 126 17.73 2.72 11.43
C ILE A 126 16.81 3.85 11.86
N SER A 127 16.18 4.49 10.88
CA SER A 127 15.24 5.57 11.16
C SER A 127 13.92 5.32 10.43
N TYR A 128 12.82 5.77 11.02
CA TYR A 128 11.50 5.60 10.42
C TYR A 128 11.48 6.27 9.05
N PRO A 129 10.80 5.74 8.04
CA PRO A 129 10.07 4.42 8.08
C PRO A 129 11.03 3.24 8.13
N ALA A 130 11.89 3.14 7.12
CA ALA A 130 12.83 2.04 7.03
C ALA A 130 14.11 2.47 6.31
N LYS A 131 14.56 3.70 6.61
CA LYS A 131 15.76 4.23 5.98
C LYS A 131 17.01 3.74 6.71
N LEU A 132 18.06 3.46 5.95
CA LEU A 132 19.31 3.00 6.52
C LEU A 132 20.36 4.11 6.47
N SER A 133 20.94 4.43 7.62
CA SER A 133 21.95 5.48 7.69
C SER A 133 23.16 5.01 8.48
N PHE A 134 24.35 5.45 8.07
CA PHE A 134 25.57 5.09 8.79
C PHE A 134 26.67 6.10 8.52
N ILE A 135 27.77 6.01 9.27
CA ILE A 135 28.87 6.96 9.13
C ILE A 135 30.04 6.32 8.37
N SER A 136 30.44 6.97 7.28
CA SER A 136 31.55 6.49 6.47
C SER A 136 32.48 7.64 6.11
N GLU A 137 33.78 7.41 6.17
CA GLU A 137 34.75 8.42 5.80
C GLU A 137 34.57 9.74 6.56
N GLY A 138 33.81 9.73 7.66
CA GLY A 138 33.67 10.92 8.49
C GLY A 138 32.35 11.67 8.25
N GLU A 139 31.65 11.36 7.17
CA GLU A 139 30.39 12.03 6.85
C GLU A 139 29.22 11.06 6.95
N ILE A 140 28.02 11.58 7.17
CA ILE A 140 26.85 10.72 7.31
C ILE A 140 26.14 10.56 5.96
N LYS A 141 25.85 9.32 5.60
CA LYS A 141 25.16 9.03 4.34
C LYS A 141 23.85 8.29 4.59
N TYR A 142 22.84 8.62 3.80
CA TYR A 142 21.51 8.02 3.97
C TYR A 142 21.02 7.40 2.66
N PHE A 143 20.43 6.22 2.75
CA PHE A 143 19.81 5.58 1.61
C PHE A 143 18.41 5.10 1.99
N ILE A 144 17.44 5.28 1.10
CA ILE A 144 16.06 4.92 1.40
C ILE A 144 15.76 3.50 0.92
N ASP A 145 16.20 3.18 -0.28
CA ASP A 145 15.94 1.86 -0.87
C ASP A 145 17.23 1.09 -1.06
N LYS A 146 17.14 -0.24 -0.96
CA LYS A 146 18.29 -1.10 -1.18
C LYS A 146 18.94 -0.83 -2.54
N GLN A 147 18.12 -0.47 -3.52
CA GLN A 147 18.63 -0.16 -4.86
C GLN A 147 19.69 0.95 -4.78
N MET A 148 19.42 1.94 -3.95
CA MET A 148 20.36 3.05 -3.76
C MET A 148 21.68 2.54 -3.21
N LEU A 149 21.61 1.62 -2.24
CA LEU A 149 22.82 1.09 -1.63
C LEU A 149 23.70 0.42 -2.69
N ARG A 150 23.08 -0.27 -3.65
CA ARG A 150 23.84 -0.92 -4.71
C ARG A 150 24.58 0.12 -5.54
N ASP A 151 23.84 1.11 -6.02
CA ASP A 151 24.42 2.16 -6.84
C ASP A 151 25.60 2.84 -6.12
N PHE A 152 25.49 2.95 -4.79
CA PHE A 152 26.50 3.60 -3.98
C PHE A 152 27.77 2.77 -3.89
N VAL A 153 27.64 1.48 -3.54
CA VAL A 153 28.83 0.63 -3.36
C VAL A 153 29.66 0.54 -4.65
N THR A 154 29.02 0.68 -5.80
CA THR A 154 29.74 0.60 -7.08
C THR A 154 31.00 1.48 -7.10
N THR A 155 31.03 2.55 -6.29
CA THR A 155 32.15 3.49 -6.33
C THR A 155 33.09 3.35 -5.11
N ARG A 156 33.00 2.24 -4.39
CA ARG A 156 33.87 1.99 -3.25
C ARG A 156 34.13 0.50 -3.09
N PRO A 157 35.05 -0.07 -3.84
CA PRO A 157 35.22 -1.56 -3.90
C PRO A 157 35.24 -2.23 -2.52
N ALA A 158 35.89 -1.60 -1.56
CA ALA A 158 35.96 -2.17 -0.21
C ALA A 158 34.54 -2.36 0.35
N LEU A 159 33.70 -1.35 0.17
CA LEU A 159 32.34 -1.39 0.69
C LEU A 159 31.51 -2.43 -0.07
N LYS A 160 31.76 -2.59 -1.36
CA LYS A 160 31.01 -3.55 -2.16
C LYS A 160 31.23 -4.96 -1.63
N GLU A 161 32.49 -5.31 -1.38
CA GLU A 161 32.81 -6.65 -0.92
C GLU A 161 32.14 -6.94 0.43
N LEU A 162 32.20 -5.96 1.33
CA LEU A 162 31.62 -6.13 2.66
C LEU A 162 30.13 -6.42 2.59
N LEU A 163 29.43 -5.64 1.77
CA LEU A 163 27.97 -5.73 1.69
C LEU A 163 27.47 -6.72 0.62
N LYS A 164 28.36 -7.21 -0.24
CA LYS A 164 27.98 -8.12 -1.32
C LYS A 164 26.99 -9.20 -0.87
N GLU A 165 27.24 -9.81 0.29
CA GLU A 165 26.36 -10.86 0.79
C GLU A 165 25.06 -10.27 1.35
N ALA A 166 25.14 -9.09 1.96
CA ALA A 166 23.98 -8.47 2.59
C ALA A 166 22.91 -8.13 1.55
N LEU A 167 23.35 -7.58 0.42
CA LEU A 167 22.42 -7.15 -0.63
C LEU A 167 21.96 -8.31 -1.53
N ASN A 168 22.66 -9.44 -1.49
CA ASN A 168 22.29 -10.59 -2.31
C ASN A 168 22.39 -10.24 -3.80
N MET A 169 23.55 -9.74 -4.20
CA MET A 169 23.77 -9.34 -5.58
C MET A 169 23.50 -10.52 -6.52
N GLU A 170 23.98 -11.70 -6.15
CA GLU A 170 23.80 -12.88 -6.99
C GLU A 170 23.98 -14.15 -6.16
N ARG A 171 23.47 -14.15 -4.93
CA ARG A 171 23.58 -15.32 -4.06
C ARG A 171 22.38 -15.40 -3.13
N ASN A 172 21.56 -16.43 -3.32
CA ASN A 172 20.37 -16.62 -2.50
C ASN A 172 20.52 -17.88 -1.63
N ASN A 173 19.57 -18.08 -0.72
CA ASN A 173 19.61 -19.24 0.17
C ASN A 173 18.29 -20.00 0.10
N ARG A 174 18.31 -21.25 0.56
CA ARG A 174 17.12 -22.10 0.54
C ARG A 174 16.64 -22.38 1.97
N TYR A 175 15.42 -22.90 2.08
CA TYR A 175 14.87 -23.22 3.39
C TYR A 175 15.78 -24.19 4.14
N GLN A 176 16.27 -25.20 3.43
CA GLN A 176 17.15 -26.19 4.05
C GLN A 176 17.67 -27.17 2.99
N MET A 1 -7.90 1.65 5.85
CA MET A 1 -6.55 1.59 5.22
C MET A 1 -6.69 1.50 3.71
N GLY A 2 -7.62 2.27 3.15
CA GLY A 2 -7.85 2.27 1.71
C GLY A 2 -7.79 3.69 1.15
N ASN A 3 -6.79 4.45 1.59
CA ASN A 3 -6.61 5.82 1.13
C ASN A 3 -5.36 5.95 0.28
N LEU A 4 -5.47 6.71 -0.81
CA LEU A 4 -4.36 6.92 -1.73
C LEU A 4 -3.97 8.39 -1.77
N ARG A 5 -2.70 8.67 -2.03
CA ARG A 5 -2.21 10.04 -2.06
C ARG A 5 -1.91 10.47 -3.50
N LEU A 6 -2.51 11.58 -3.92
CA LEU A 6 -2.23 12.14 -5.23
C LEU A 6 -1.53 13.49 -5.07
N ILE A 7 -0.30 13.58 -5.56
CA ILE A 7 0.50 14.79 -5.40
C ILE A 7 0.81 15.41 -6.75
N GLY A 8 0.63 16.72 -6.86
CA GLY A 8 1.01 17.45 -8.08
C GLY A 8 -0.20 18.04 -8.80
N VAL A 9 -1.28 18.29 -8.09
CA VAL A 9 -2.47 18.90 -8.69
C VAL A 9 -2.46 20.42 -8.44
N PRO A 10 -2.24 21.26 -9.43
CA PRO A 10 -2.21 22.75 -9.20
C PRO A 10 -3.50 23.25 -8.54
N GLU A 11 -3.36 24.29 -7.73
CA GLU A 11 -4.51 24.89 -7.07
C GLU A 11 -5.37 25.66 -8.06
N SER A 12 -6.65 25.77 -7.78
CA SER A 12 -7.56 26.50 -8.66
C SER A 12 -8.72 27.10 -7.88
N ASP A 13 -8.98 28.39 -8.08
CA ASP A 13 -10.04 29.07 -7.37
C ASP A 13 -11.39 28.36 -7.55
N VAL A 14 -11.60 27.75 -8.70
CA VAL A 14 -12.88 27.12 -9.00
C VAL A 14 -12.96 25.65 -8.54
N GLU A 15 -12.03 25.22 -7.68
CA GLU A 15 -12.02 23.84 -7.22
C GLU A 15 -13.32 23.50 -6.48
N ASN A 16 -13.83 22.30 -6.75
CA ASN A 16 -15.04 21.84 -6.10
C ASN A 16 -15.06 20.31 -6.08
N GLY A 17 -15.79 19.73 -5.13
CA GLY A 17 -15.81 18.27 -4.97
C GLY A 17 -16.01 17.53 -6.30
N THR A 18 -17.02 17.94 -7.06
CA THR A 18 -17.33 17.26 -8.32
C THR A 18 -16.12 17.26 -9.26
N LYS A 19 -15.50 18.43 -9.43
CA LYS A 19 -14.36 18.53 -10.33
C LYS A 19 -13.25 17.59 -9.89
N LEU A 20 -13.01 17.51 -8.59
CA LEU A 20 -11.99 16.62 -8.05
C LEU A 20 -12.23 15.19 -8.50
N GLU A 21 -13.47 14.73 -8.40
CA GLU A 21 -13.79 13.34 -8.76
C GLU A 21 -13.45 13.10 -10.22
N ASN A 22 -13.85 14.02 -11.09
CA ASN A 22 -13.55 13.90 -12.50
C ASN A 22 -12.03 13.81 -12.72
N THR A 23 -11.28 14.61 -11.98
CA THR A 23 -9.83 14.61 -12.08
C THR A 23 -9.26 13.21 -11.89
N LEU A 24 -9.67 12.52 -10.82
CA LEU A 24 -9.15 11.18 -10.55
C LEU A 24 -9.45 10.25 -11.72
N GLN A 25 -10.68 10.31 -12.22
CA GLN A 25 -11.06 9.47 -13.36
C GLN A 25 -10.13 9.72 -14.54
N ASP A 26 -9.80 10.99 -14.77
CA ASP A 26 -8.93 11.35 -15.88
C ASP A 26 -7.57 10.67 -15.75
N ILE A 27 -7.02 10.70 -14.53
CA ILE A 27 -5.72 10.08 -14.28
C ILE A 27 -5.75 8.60 -14.67
N ILE A 28 -6.85 7.92 -14.32
CA ILE A 28 -6.97 6.51 -14.62
C ILE A 28 -6.85 6.27 -16.12
N GLN A 29 -7.59 7.05 -16.90
CA GLN A 29 -7.59 6.87 -18.35
C GLN A 29 -6.22 7.18 -18.96
N GLU A 30 -5.55 8.21 -18.44
CA GLU A 30 -4.29 8.67 -19.03
C GLU A 30 -3.18 7.64 -18.88
N ASN A 31 -3.05 7.05 -17.70
CA ASN A 31 -1.93 6.15 -17.42
C ASN A 31 -2.33 4.68 -17.37
N PHE A 32 -3.60 4.41 -17.02
CA PHE A 32 -4.06 3.03 -16.83
C PHE A 32 -5.23 2.74 -17.76
N PRO A 33 -4.99 2.59 -19.05
CA PRO A 33 -6.10 2.32 -20.01
C PRO A 33 -6.88 1.07 -19.64
N ASN A 34 -6.18 0.07 -19.10
CA ASN A 34 -6.83 -1.17 -18.70
C ASN A 34 -7.89 -0.90 -17.63
N LEU A 35 -7.53 -0.14 -16.60
CA LEU A 35 -8.46 0.16 -15.53
C LEU A 35 -9.69 0.87 -16.08
N ALA A 36 -9.46 1.85 -16.95
CA ALA A 36 -10.56 2.62 -17.52
C ALA A 36 -11.51 1.73 -18.31
N ARG A 37 -10.96 0.78 -19.06
CA ARG A 37 -11.79 -0.11 -19.87
C ARG A 37 -12.71 -0.96 -19.00
N GLN A 38 -12.16 -1.51 -17.92
CA GLN A 38 -12.94 -2.32 -17.01
C GLN A 38 -14.13 -1.53 -16.47
N ALA A 39 -13.86 -0.29 -16.04
CA ALA A 39 -14.92 0.57 -15.53
C ALA A 39 -15.55 0.00 -14.26
N ASN A 40 -14.71 -0.59 -13.42
CA ASN A 40 -15.17 -1.15 -12.15
C ASN A 40 -14.57 -0.38 -10.97
N VAL A 41 -14.46 0.94 -11.11
CA VAL A 41 -13.87 1.76 -10.06
C VAL A 41 -14.98 2.44 -9.26
N GLN A 42 -15.01 2.16 -7.95
CA GLN A 42 -15.99 2.77 -7.06
C GLN A 42 -15.31 3.68 -6.06
N ILE A 43 -15.51 4.99 -6.22
CA ILE A 43 -14.90 5.97 -5.33
C ILE A 43 -15.93 6.49 -4.33
N GLN A 44 -15.54 6.62 -3.06
CA GLN A 44 -16.48 7.05 -2.03
C GLN A 44 -16.36 8.55 -1.79
N GLU A 45 -15.14 9.03 -1.62
CA GLU A 45 -14.93 10.45 -1.33
C GLU A 45 -13.58 10.94 -1.85
N ILE A 46 -13.58 12.15 -2.40
CA ILE A 46 -12.35 12.80 -2.82
C ILE A 46 -12.36 14.26 -2.37
N GLN A 47 -11.31 14.68 -1.67
CA GLN A 47 -11.25 16.05 -1.16
C GLN A 47 -9.81 16.54 -1.02
N ARG A 48 -9.66 17.86 -0.99
CA ARG A 48 -8.34 18.47 -0.81
C ARG A 48 -8.06 18.70 0.67
N THR A 49 -6.81 18.48 1.08
CA THR A 49 -6.43 18.68 2.48
C THR A 49 -5.12 19.49 2.57
N PRO A 50 -4.91 20.33 3.56
CA PRO A 50 -5.90 20.69 4.61
C PRO A 50 -6.95 21.67 4.06
N GLN A 51 -8.22 21.32 4.24
CA GLN A 51 -9.30 22.12 3.66
C GLN A 51 -9.25 23.57 4.14
N ARG A 52 -8.93 23.76 5.42
CA ARG A 52 -8.94 25.11 6.00
C ARG A 52 -7.54 25.73 6.10
N TYR A 53 -6.57 25.20 5.35
CA TYR A 53 -5.22 25.77 5.35
C TYR A 53 -4.93 26.43 4.00
N SER A 54 -4.54 27.70 4.06
CA SER A 54 -4.22 28.44 2.84
C SER A 54 -2.99 27.86 2.15
N SER A 55 -2.95 27.94 0.84
CA SER A 55 -1.82 27.41 0.07
C SER A 55 -0.76 28.49 -0.12
N ARG A 56 -0.53 29.30 0.91
CA ARG A 56 0.48 30.35 0.83
C ARG A 56 1.87 29.77 0.63
N ARG A 57 2.15 28.66 1.30
CA ARG A 57 3.46 28.03 1.18
C ARG A 57 3.69 27.54 -0.24
N ALA A 58 4.96 27.31 -0.58
CA ALA A 58 5.32 26.86 -1.93
C ALA A 58 4.78 25.46 -2.21
N THR A 59 4.80 24.60 -1.20
CA THR A 59 4.34 23.23 -1.36
C THR A 59 2.82 23.19 -1.58
N PRO A 60 2.31 22.84 -2.76
CA PRO A 60 0.83 22.78 -2.98
C PRO A 60 0.18 21.66 -2.18
N ARG A 61 -1.06 21.89 -1.75
CA ARG A 61 -1.78 20.90 -0.97
C ARG A 61 -1.93 19.60 -1.76
N HIS A 62 -2.14 18.49 -1.06
CA HIS A 62 -2.33 17.21 -1.70
C HIS A 62 -3.81 16.84 -1.74
N ILE A 63 -4.17 15.90 -2.59
CA ILE A 63 -5.54 15.40 -2.65
C ILE A 63 -5.59 13.99 -2.08
N ILE A 64 -6.58 13.73 -1.21
CA ILE A 64 -6.74 12.40 -0.63
C ILE A 64 -7.94 11.71 -1.25
N VAL A 65 -7.72 10.47 -1.68
CA VAL A 65 -8.77 9.67 -2.30
C VAL A 65 -9.09 8.47 -1.40
N ARG A 66 -10.36 8.32 -1.03
CA ARG A 66 -10.80 7.17 -0.26
C ARG A 66 -11.63 6.26 -1.16
N PHE A 67 -11.12 5.05 -1.39
CA PHE A 67 -11.79 4.11 -2.28
C PHE A 67 -12.72 3.19 -1.51
N THR A 68 -13.76 2.72 -2.18
CA THR A 68 -14.72 1.81 -1.55
C THR A 68 -14.06 0.46 -1.24
N LYS A 69 -13.22 -0.01 -2.16
CA LYS A 69 -12.54 -1.30 -2.00
C LYS A 69 -11.04 -1.11 -1.83
N VAL A 70 -10.53 -1.51 -0.67
CA VAL A 70 -9.09 -1.41 -0.42
C VAL A 70 -8.30 -2.17 -1.48
N GLU A 71 -8.80 -3.33 -1.88
CA GLU A 71 -8.13 -4.14 -2.89
C GLU A 71 -7.97 -3.35 -4.18
N MET A 72 -9.02 -2.65 -4.59
CA MET A 72 -9.00 -1.89 -5.83
C MET A 72 -7.88 -0.85 -5.78
N LYS A 73 -7.78 -0.15 -4.65
CA LYS A 73 -6.75 0.87 -4.50
C LYS A 73 -5.37 0.27 -4.69
N GLU A 74 -5.14 -0.88 -4.08
CA GLU A 74 -3.84 -1.55 -4.17
C GLU A 74 -3.51 -1.83 -5.63
N LYS A 75 -4.49 -2.30 -6.38
CA LYS A 75 -4.27 -2.61 -7.79
C LYS A 75 -3.79 -1.38 -8.54
N MET A 76 -4.42 -0.24 -8.27
CA MET A 76 -4.05 0.99 -8.95
C MET A 76 -2.58 1.32 -8.70
N LEU A 77 -2.15 1.19 -7.46
CA LEU A 77 -0.76 1.48 -7.11
C LEU A 77 0.19 0.59 -7.91
N ARG A 78 -0.15 -0.69 -7.99
CA ARG A 78 0.69 -1.64 -8.72
C ARG A 78 0.85 -1.20 -10.17
N ALA A 79 -0.25 -0.76 -10.77
CA ALA A 79 -0.22 -0.35 -12.17
C ALA A 79 0.75 0.81 -12.37
N ALA A 80 0.70 1.78 -11.46
CA ALA A 80 1.61 2.93 -11.55
C ALA A 80 3.06 2.47 -11.51
N ARG A 81 3.34 1.53 -10.60
CA ARG A 81 4.71 1.05 -10.43
C ARG A 81 5.25 0.48 -11.73
N GLU A 82 4.44 -0.34 -12.41
CA GLU A 82 4.89 -1.00 -13.62
C GLU A 82 4.97 -0.02 -14.80
N LYS A 83 4.08 0.96 -14.84
CA LYS A 83 4.07 1.93 -15.94
C LYS A 83 5.35 2.75 -15.93
N GLY A 84 5.81 3.12 -14.74
CA GLY A 84 7.05 3.90 -14.63
C GLY A 84 6.84 5.40 -14.81
N ARG A 85 5.69 5.81 -15.35
CA ARG A 85 5.42 7.23 -15.56
C ARG A 85 3.93 7.52 -15.43
N VAL A 86 3.59 8.47 -14.56
CA VAL A 86 2.20 8.85 -14.35
C VAL A 86 2.07 10.37 -14.55
N THR A 87 1.21 10.78 -15.49
CA THR A 87 1.07 12.19 -15.80
C THR A 87 -0.39 12.63 -15.74
N LEU A 88 -0.58 13.91 -15.41
CA LEU A 88 -1.90 14.52 -15.41
C LEU A 88 -1.91 15.66 -16.44
N LYS A 89 -2.70 15.50 -17.49
CA LYS A 89 -2.77 16.51 -18.53
C LYS A 89 -1.39 16.80 -19.13
N GLY A 90 -0.54 15.76 -19.22
CA GLY A 90 0.76 15.91 -19.85
C GLY A 90 1.87 16.35 -18.89
N LYS A 91 1.53 16.75 -17.67
CA LYS A 91 2.53 17.19 -16.71
C LYS A 91 2.86 16.07 -15.72
N PRO A 92 4.07 15.94 -15.24
CA PRO A 92 4.45 14.82 -14.34
C PRO A 92 3.88 14.97 -12.93
N ILE A 93 3.32 13.89 -12.40
CA ILE A 93 2.81 13.87 -11.04
C ILE A 93 3.34 12.65 -10.29
N ARG A 94 3.01 12.55 -9.01
CA ARG A 94 3.46 11.43 -8.19
C ARG A 94 2.30 10.76 -7.47
N LEU A 95 2.33 9.43 -7.42
CA LEU A 95 1.31 8.67 -6.71
C LEU A 95 1.98 7.82 -5.62
N THR A 96 1.44 7.89 -4.40
CA THR A 96 2.04 7.17 -3.28
C THR A 96 0.98 6.65 -2.32
N VAL A 97 1.43 5.92 -1.30
CA VAL A 97 0.54 5.36 -0.30
C VAL A 97 0.46 6.26 0.92
N ASP A 98 -0.59 6.08 1.72
CA ASP A 98 -0.77 6.89 2.92
C ASP A 98 0.40 6.70 3.88
N LEU A 99 0.66 7.72 4.70
CA LEU A 99 1.73 7.66 5.67
C LEU A 99 1.22 7.02 6.98
N SER A 100 0.57 5.88 6.84
CA SER A 100 -0.02 5.20 7.99
C SER A 100 1.02 4.96 9.08
N ALA A 101 0.56 4.97 10.33
CA ALA A 101 1.44 4.76 11.47
C ALA A 101 2.01 3.33 11.54
N GLU A 102 1.36 2.38 10.86
CA GLU A 102 1.77 0.99 10.96
C GLU A 102 3.24 0.82 10.55
N THR A 103 3.64 1.51 9.50
CA THR A 103 5.03 1.41 9.03
C THR A 103 6.00 1.77 10.14
N LEU A 104 5.77 2.91 10.79
CA LEU A 104 6.65 3.36 11.87
C LEU A 104 6.74 2.30 12.96
N GLN A 105 5.60 1.73 13.34
CA GLN A 105 5.57 0.71 14.39
C GLN A 105 6.46 -0.47 14.00
N ALA A 106 6.41 -0.86 12.73
CA ALA A 106 7.20 -1.99 12.27
C ALA A 106 8.69 -1.72 12.48
N ARG A 107 9.13 -0.53 12.10
CA ARG A 107 10.54 -0.18 12.23
C ARG A 107 10.99 -0.27 13.69
N ARG A 108 10.15 0.24 14.59
CA ARG A 108 10.46 0.21 16.01
C ARG A 108 10.61 -1.23 16.52
N GLU A 109 9.76 -2.11 16.02
CA GLU A 109 9.82 -3.53 16.41
C GLU A 109 11.15 -4.15 16.01
N TRP A 110 11.61 -3.84 14.81
CA TRP A 110 12.90 -4.35 14.34
C TRP A 110 14.10 -3.67 15.00
N GLY A 111 13.88 -2.69 15.88
CA GLY A 111 14.97 -1.94 16.50
C GLY A 111 16.02 -2.88 17.12
N PRO A 112 15.65 -3.69 18.08
CA PRO A 112 16.63 -4.58 18.77
C PRO A 112 17.46 -5.42 17.80
N ILE A 113 16.79 -6.10 16.87
CA ILE A 113 17.49 -6.98 15.94
C ILE A 113 18.54 -6.21 15.16
N PHE A 114 18.16 -5.03 14.66
CA PHE A 114 19.07 -4.24 13.82
C PHE A 114 20.33 -3.88 14.60
N ASN A 115 20.16 -3.35 15.80
CA ASN A 115 21.29 -2.85 16.58
C ASN A 115 22.28 -3.97 16.87
N ILE A 116 21.77 -5.10 17.34
CA ILE A 116 22.64 -6.21 17.70
C ILE A 116 23.48 -6.65 16.50
N LEU A 117 22.80 -6.81 15.35
CA LEU A 117 23.49 -7.24 14.15
C LEU A 117 24.61 -6.27 13.79
N LYS A 118 24.36 -4.97 13.97
CA LYS A 118 25.38 -3.97 13.66
C LYS A 118 26.63 -4.22 14.48
N GLU A 119 26.46 -4.41 15.78
CA GLU A 119 27.59 -4.62 16.67
C GLU A 119 28.40 -5.84 16.24
N LYS A 120 27.71 -6.90 15.83
CA LYS A 120 28.38 -8.15 15.46
C LYS A 120 28.87 -8.17 14.00
N ASN A 121 29.00 -7.00 13.37
CA ASN A 121 29.56 -6.94 12.02
C ASN A 121 28.71 -7.71 11.01
N PHE A 122 27.40 -7.72 11.22
CA PHE A 122 26.48 -8.35 10.26
C PHE A 122 26.03 -7.37 9.16
N GLN A 123 26.28 -6.07 9.34
CA GLN A 123 25.87 -5.08 8.35
C GLN A 123 24.36 -5.12 8.13
N PRO A 124 23.57 -4.86 9.15
CA PRO A 124 22.08 -4.87 9.01
C PRO A 124 21.55 -3.62 8.32
N ARG A 125 20.60 -3.81 7.41
CA ARG A 125 19.99 -2.69 6.70
C ARG A 125 18.49 -2.90 6.59
N ILE A 126 17.74 -1.80 6.54
CA ILE A 126 16.28 -1.87 6.42
C ILE A 126 15.82 -1.35 5.07
N SER A 127 14.80 -1.99 4.52
CA SER A 127 14.23 -1.58 3.24
C SER A 127 12.72 -1.40 3.37
N TYR A 128 12.16 -0.48 2.59
CA TYR A 128 10.73 -0.23 2.62
C TYR A 128 9.97 -1.51 2.22
N PRO A 129 8.82 -1.83 2.79
CA PRO A 129 8.17 -1.09 3.91
C PRO A 129 8.94 -1.23 5.21
N ALA A 130 9.10 -2.47 5.67
CA ALA A 130 9.81 -2.73 6.92
C ALA A 130 10.48 -4.11 6.87
N LYS A 131 11.07 -4.43 5.73
CA LYS A 131 11.75 -5.70 5.57
C LYS A 131 13.16 -5.63 6.13
N LEU A 132 13.63 -6.73 6.70
CA LEU A 132 14.95 -6.78 7.32
C LEU A 132 15.89 -7.64 6.47
N SER A 133 17.05 -7.09 6.13
CA SER A 133 18.05 -7.85 5.38
C SER A 133 19.43 -7.66 6.00
N PHE A 134 20.22 -8.72 6.00
CA PHE A 134 21.58 -8.64 6.51
C PHE A 134 22.47 -9.71 5.89
N ILE A 135 23.78 -9.60 6.10
CA ILE A 135 24.72 -10.52 5.47
C ILE A 135 25.13 -11.61 6.46
N SER A 136 24.90 -12.86 6.07
CA SER A 136 25.28 -14.01 6.89
C SER A 136 25.94 -15.08 6.02
N GLU A 137 27.02 -15.66 6.52
CA GLU A 137 27.70 -16.73 5.79
C GLU A 137 28.06 -16.32 4.36
N GLY A 138 28.09 -15.03 4.06
CA GLY A 138 28.55 -14.57 2.75
C GLY A 138 27.41 -14.15 1.81
N GLU A 139 26.18 -14.60 2.09
CA GLU A 139 25.05 -14.28 1.22
C GLU A 139 24.06 -13.38 1.97
N ILE A 140 23.24 -12.65 1.21
CA ILE A 140 22.26 -11.75 1.81
C ILE A 140 20.94 -12.49 2.02
N LYS A 141 20.46 -12.50 3.25
CA LYS A 141 19.20 -13.16 3.59
C LYS A 141 18.13 -12.10 3.88
N TYR A 142 16.90 -12.37 3.41
CA TYR A 142 15.80 -11.43 3.57
C TYR A 142 14.63 -12.07 4.33
N PHE A 143 14.08 -11.34 5.28
CA PHE A 143 12.88 -11.76 5.98
C PHE A 143 11.88 -10.61 6.02
N ILE A 144 10.61 -10.90 5.81
CA ILE A 144 9.60 -9.85 5.78
C ILE A 144 8.96 -9.66 7.15
N ASP A 145 8.64 -10.76 7.81
CA ASP A 145 7.98 -10.71 9.12
C ASP A 145 8.83 -11.41 10.18
N LYS A 146 8.74 -10.91 11.41
CA LYS A 146 9.52 -11.47 12.51
C LYS A 146 9.34 -12.99 12.63
N GLN A 147 8.15 -13.48 12.27
CA GLN A 147 7.87 -14.91 12.39
C GLN A 147 8.90 -15.72 11.60
N MET A 148 9.25 -15.23 10.41
CA MET A 148 10.25 -15.88 9.58
C MET A 148 11.59 -15.93 10.30
N LEU A 149 11.96 -14.83 10.95
CA LEU A 149 13.25 -14.76 11.64
C LEU A 149 13.34 -15.86 12.70
N ARG A 150 12.23 -16.11 13.40
CA ARG A 150 12.21 -17.15 14.41
C ARG A 150 12.46 -18.53 13.79
N ASP A 151 11.68 -18.85 12.77
CA ASP A 151 11.83 -20.13 12.08
C ASP A 151 13.26 -20.33 11.57
N PHE A 152 13.90 -19.22 11.20
CA PHE A 152 15.26 -19.26 10.66
C PHE A 152 16.29 -19.56 11.74
N VAL A 153 16.24 -18.82 12.85
CA VAL A 153 17.25 -18.98 13.91
C VAL A 153 17.25 -20.40 14.49
N THR A 154 16.08 -21.05 14.50
CA THR A 154 15.98 -22.40 15.05
C THR A 154 17.05 -23.36 14.47
N THR A 155 17.58 -23.05 13.29
CA THR A 155 18.55 -23.95 12.63
C THR A 155 19.98 -23.42 12.67
N ARG A 156 20.27 -22.44 13.53
CA ARG A 156 21.62 -21.92 13.67
C ARG A 156 21.84 -21.43 15.11
N PRO A 157 22.15 -22.31 16.04
CA PRO A 157 22.14 -21.95 17.49
C PRO A 157 22.87 -20.64 17.82
N ALA A 158 23.99 -20.38 17.16
CA ALA A 158 24.73 -19.15 17.40
C ALA A 158 23.85 -17.93 17.17
N LEU A 159 23.12 -17.95 16.06
CA LEU A 159 22.25 -16.84 15.70
C LEU A 159 21.08 -16.73 16.68
N LYS A 160 20.58 -17.87 17.13
CA LYS A 160 19.44 -17.87 18.05
C LYS A 160 19.80 -17.12 19.33
N GLU A 161 20.95 -17.43 19.90
CA GLU A 161 21.38 -16.81 21.15
C GLU A 161 21.52 -15.31 20.99
N LEU A 162 22.15 -14.90 19.89
CA LEU A 162 22.40 -13.48 19.66
C LEU A 162 21.09 -12.69 19.58
N LEU A 163 20.12 -13.24 18.85
CA LEU A 163 18.86 -12.54 18.62
C LEU A 163 17.77 -12.87 19.64
N LYS A 164 17.98 -13.88 20.49
CA LYS A 164 16.99 -14.29 21.49
C LYS A 164 16.31 -13.11 22.18
N GLU A 165 17.11 -12.13 22.59
CA GLU A 165 16.57 -10.95 23.27
C GLU A 165 15.82 -10.03 22.30
N ALA A 166 16.32 -9.93 21.08
CA ALA A 166 15.73 -9.03 20.09
C ALA A 166 14.30 -9.44 19.75
N LEU A 167 14.08 -10.74 19.55
CA LEU A 167 12.76 -11.24 19.17
C LEU A 167 11.82 -11.40 20.38
N ASN A 168 12.39 -11.51 21.58
CA ASN A 168 11.60 -11.62 22.82
C ASN A 168 10.44 -12.61 22.68
N MET A 169 10.65 -13.66 21.91
CA MET A 169 9.62 -14.66 21.69
C MET A 169 9.80 -15.86 22.62
N GLU A 170 10.21 -15.59 23.86
CA GLU A 170 10.41 -16.65 24.84
C GLU A 170 9.07 -17.22 25.28
N ARG A 171 8.11 -16.34 25.52
CA ARG A 171 6.78 -16.78 25.97
C ARG A 171 5.71 -15.78 25.50
N ASN A 172 5.85 -15.29 24.28
CA ASN A 172 4.90 -14.33 23.73
C ASN A 172 3.49 -14.91 23.73
N ASN A 173 2.55 -14.20 24.34
CA ASN A 173 1.17 -14.67 24.41
C ASN A 173 0.20 -13.50 24.43
N ARG A 174 0.56 -12.44 25.18
CA ARG A 174 -0.29 -11.27 25.27
C ARG A 174 -0.58 -10.69 23.90
N TYR A 175 0.43 -10.68 23.03
CA TYR A 175 0.26 -10.14 21.68
C TYR A 175 0.16 -11.28 20.67
N GLN A 176 -0.78 -11.15 19.74
CA GLN A 176 -0.98 -12.18 18.72
C GLN A 176 0.29 -12.36 17.89
N MET A 1 -11.65 0.91 3.89
CA MET A 1 -11.70 1.80 2.69
C MET A 1 -10.28 2.04 2.19
N GLY A 2 -9.44 2.58 3.06
CA GLY A 2 -8.05 2.87 2.68
C GLY A 2 -7.96 4.13 1.84
N ASN A 3 -6.91 4.92 2.08
CA ASN A 3 -6.72 6.18 1.35
C ASN A 3 -5.48 6.13 0.47
N LEU A 4 -5.55 6.84 -0.65
CA LEU A 4 -4.40 6.98 -1.56
C LEU A 4 -4.01 8.45 -1.62
N ARG A 5 -2.73 8.73 -1.85
CA ARG A 5 -2.27 10.11 -1.90
C ARG A 5 -1.93 10.52 -3.33
N LEU A 6 -2.53 11.61 -3.77
CA LEU A 6 -2.27 12.16 -5.10
C LEU A 6 -1.53 13.48 -4.96
N ILE A 7 -0.29 13.52 -5.46
CA ILE A 7 0.55 14.71 -5.31
C ILE A 7 0.85 15.33 -6.67
N GLY A 8 0.66 16.65 -6.78
CA GLY A 8 1.04 17.37 -7.99
C GLY A 8 -0.17 17.95 -8.74
N VAL A 9 -1.27 18.20 -8.03
CA VAL A 9 -2.45 18.77 -8.67
C VAL A 9 -2.44 20.30 -8.49
N PRO A 10 -2.23 21.10 -9.52
CA PRO A 10 -2.22 22.58 -9.38
C PRO A 10 -3.53 23.12 -8.80
N GLU A 11 -3.49 24.34 -8.28
CA GLU A 11 -4.67 24.96 -7.70
C GLU A 11 -5.50 25.65 -8.77
N SER A 12 -6.77 25.87 -8.49
CA SER A 12 -7.66 26.53 -9.44
C SER A 12 -8.76 27.28 -8.71
N ASP A 13 -8.93 28.55 -9.04
CA ASP A 13 -9.95 29.38 -8.38
C ASP A 13 -11.34 28.75 -8.46
N VAL A 14 -11.62 28.03 -9.54
CA VAL A 14 -12.96 27.47 -9.76
C VAL A 14 -13.06 26.00 -9.32
N GLU A 15 -12.10 25.51 -8.55
CA GLU A 15 -12.11 24.11 -8.12
C GLU A 15 -13.35 23.79 -7.30
N ASN A 16 -13.84 22.56 -7.44
CA ASN A 16 -15.01 22.11 -6.70
C ASN A 16 -14.98 20.59 -6.55
N GLY A 17 -15.66 20.08 -5.53
CA GLY A 17 -15.65 18.64 -5.26
C GLY A 17 -15.88 17.79 -6.51
N THR A 18 -16.91 18.14 -7.28
CA THR A 18 -17.24 17.39 -8.48
C THR A 18 -16.06 17.35 -9.45
N LYS A 19 -15.43 18.49 -9.68
CA LYS A 19 -14.31 18.56 -10.60
C LYS A 19 -13.19 17.63 -10.15
N LEU A 20 -12.92 17.62 -8.84
CA LEU A 20 -11.89 16.74 -8.28
C LEU A 20 -12.15 15.28 -8.66
N GLU A 21 -13.39 14.84 -8.50
CA GLU A 21 -13.72 13.45 -8.82
C GLU A 21 -13.40 13.14 -10.27
N ASN A 22 -13.80 14.05 -11.15
CA ASN A 22 -13.49 13.88 -12.58
C ASN A 22 -11.99 13.77 -12.79
N THR A 23 -11.22 14.56 -12.04
CA THR A 23 -9.77 14.54 -12.13
C THR A 23 -9.22 13.12 -11.94
N LEU A 24 -9.64 12.45 -10.86
CA LEU A 24 -9.15 11.11 -10.58
C LEU A 24 -9.46 10.18 -11.75
N GLN A 25 -10.69 10.25 -12.25
CA GLN A 25 -11.08 9.42 -13.38
C GLN A 25 -10.15 9.66 -14.57
N ASP A 26 -9.81 10.93 -14.80
CA ASP A 26 -8.94 11.28 -15.91
C ASP A 26 -7.58 10.59 -15.77
N ILE A 27 -7.04 10.59 -14.55
CA ILE A 27 -5.75 9.96 -14.29
C ILE A 27 -5.79 8.49 -14.71
N ILE A 28 -6.88 7.81 -14.36
CA ILE A 28 -7.02 6.40 -14.68
C ILE A 28 -6.91 6.19 -16.19
N GLN A 29 -7.65 6.96 -16.95
CA GLN A 29 -7.67 6.81 -18.40
C GLN A 29 -6.32 7.15 -19.02
N GLU A 30 -5.66 8.17 -18.49
CA GLU A 30 -4.41 8.65 -19.08
C GLU A 30 -3.28 7.64 -18.97
N ASN A 31 -3.13 7.02 -17.79
CA ASN A 31 -1.99 6.15 -17.54
C ASN A 31 -2.38 4.66 -17.53
N PHE A 32 -3.62 4.37 -17.15
CA PHE A 32 -4.05 2.99 -16.96
C PHE A 32 -5.25 2.68 -17.86
N PRO A 33 -5.03 2.54 -19.15
CA PRO A 33 -6.16 2.26 -20.10
C PRO A 33 -6.91 0.99 -19.71
N ASN A 34 -6.19 0.01 -19.19
CA ASN A 34 -6.80 -1.24 -18.77
C ASN A 34 -7.85 -0.99 -17.69
N LEU A 35 -7.49 -0.22 -16.67
CA LEU A 35 -8.42 0.07 -15.59
C LEU A 35 -9.66 0.75 -16.13
N ALA A 36 -9.46 1.73 -17.00
CA ALA A 36 -10.57 2.49 -17.56
C ALA A 36 -11.52 1.58 -18.34
N ARG A 37 -10.95 0.62 -19.09
CA ARG A 37 -11.76 -0.27 -19.89
C ARG A 37 -12.68 -1.12 -19.00
N GLN A 38 -12.12 -1.65 -17.92
CA GLN A 38 -12.91 -2.46 -16.98
C GLN A 38 -14.09 -1.66 -16.47
N ALA A 39 -13.85 -0.43 -16.06
CA ALA A 39 -14.91 0.45 -15.58
C ALA A 39 -15.55 -0.11 -14.31
N ASN A 40 -14.73 -0.69 -13.44
CA ASN A 40 -15.21 -1.23 -12.17
C ASN A 40 -14.61 -0.45 -11.00
N VAL A 41 -14.53 0.87 -11.15
CA VAL A 41 -13.94 1.72 -10.12
C VAL A 41 -15.06 2.37 -9.29
N GLN A 42 -15.00 2.20 -7.98
CA GLN A 42 -15.99 2.80 -7.08
C GLN A 42 -15.29 3.71 -6.07
N ILE A 43 -15.50 5.00 -6.21
CA ILE A 43 -14.87 5.98 -5.30
C ILE A 43 -15.90 6.46 -4.28
N GLN A 44 -15.48 6.56 -3.03
CA GLN A 44 -16.39 6.95 -1.96
C GLN A 44 -16.39 8.46 -1.77
N GLU A 45 -15.19 9.04 -1.70
CA GLU A 45 -15.08 10.48 -1.50
C GLU A 45 -13.69 11.00 -1.87
N ILE A 46 -13.64 12.22 -2.39
CA ILE A 46 -12.37 12.87 -2.73
C ILE A 46 -12.39 14.31 -2.23
N GLN A 47 -11.37 14.68 -1.45
CA GLN A 47 -11.30 16.02 -0.89
C GLN A 47 -9.86 16.50 -0.75
N ARG A 48 -9.68 17.81 -0.60
CA ARG A 48 -8.35 18.38 -0.43
C ARG A 48 -8.00 18.48 1.05
N THR A 49 -6.72 18.39 1.36
CA THR A 49 -6.25 18.50 2.76
C THR A 49 -5.15 19.56 2.87
N PRO A 50 -5.29 20.64 3.62
CA PRO A 50 -6.53 21.04 4.36
C PRO A 50 -7.58 21.61 3.41
N GLN A 51 -8.79 21.06 3.47
CA GLN A 51 -9.86 21.50 2.58
C GLN A 51 -10.23 22.96 2.84
N ARG A 52 -10.24 23.36 4.10
CA ARG A 52 -10.67 24.71 4.47
C ARG A 52 -9.58 25.76 4.25
N TYR A 53 -8.32 25.35 4.17
CA TYR A 53 -7.23 26.29 3.97
C TYR A 53 -6.84 26.36 2.49
N SER A 54 -7.14 27.49 1.86
CA SER A 54 -6.81 27.67 0.45
C SER A 54 -5.33 27.48 0.20
N SER A 55 -4.52 28.32 0.83
CA SER A 55 -3.07 28.23 0.69
C SER A 55 -2.40 28.26 2.06
N ARG A 56 -1.84 27.11 2.45
CA ARG A 56 -1.14 27.01 3.73
C ARG A 56 0.37 27.07 3.51
N ARG A 57 0.85 26.39 2.49
CA ARG A 57 2.27 26.37 2.17
C ARG A 57 2.49 26.80 0.72
N ALA A 58 3.73 27.10 0.38
CA ALA A 58 4.07 27.51 -0.99
C ALA A 58 3.84 26.38 -1.97
N THR A 59 4.14 25.15 -1.56
CA THR A 59 3.95 23.99 -2.42
C THR A 59 2.46 23.72 -2.63
N PRO A 60 2.08 23.04 -3.70
CA PRO A 60 0.63 22.76 -3.95
C PRO A 60 0.05 21.79 -2.94
N ARG A 61 -1.23 21.97 -2.62
CA ARG A 61 -1.91 21.11 -1.65
C ARG A 61 -1.97 19.67 -2.17
N HIS A 62 -2.13 18.73 -1.24
CA HIS A 62 -2.28 17.32 -1.59
C HIS A 62 -3.76 16.95 -1.62
N ILE A 63 -4.11 15.96 -2.43
CA ILE A 63 -5.48 15.46 -2.47
C ILE A 63 -5.53 14.05 -1.87
N ILE A 64 -6.54 13.80 -1.06
CA ILE A 64 -6.73 12.48 -0.45
C ILE A 64 -7.95 11.81 -1.05
N VAL A 65 -7.76 10.58 -1.52
CA VAL A 65 -8.83 9.81 -2.14
C VAL A 65 -9.15 8.59 -1.28
N ARG A 66 -10.42 8.42 -0.95
CA ARG A 66 -10.87 7.24 -0.21
C ARG A 66 -11.62 6.31 -1.15
N PHE A 67 -11.10 5.10 -1.33
CA PHE A 67 -11.70 4.14 -2.27
C PHE A 67 -12.62 3.19 -1.52
N THR A 68 -13.65 2.72 -2.20
CA THR A 68 -14.62 1.81 -1.59
C THR A 68 -13.94 0.50 -1.20
N LYS A 69 -13.06 0.00 -2.08
CA LYS A 69 -12.39 -1.27 -1.84
C LYS A 69 -10.87 -1.07 -1.73
N VAL A 70 -10.31 -1.49 -0.60
CA VAL A 70 -8.86 -1.40 -0.42
C VAL A 70 -8.12 -2.14 -1.52
N GLU A 71 -8.64 -3.30 -1.90
CA GLU A 71 -8.02 -4.09 -2.96
C GLU A 71 -7.93 -3.29 -4.25
N MET A 72 -8.99 -2.55 -4.57
CA MET A 72 -9.01 -1.76 -5.79
C MET A 72 -7.88 -0.75 -5.79
N LYS A 73 -7.74 -0.03 -4.69
CA LYS A 73 -6.69 0.98 -4.57
C LYS A 73 -5.32 0.35 -4.80
N GLU A 74 -5.10 -0.81 -4.21
CA GLU A 74 -3.83 -1.50 -4.34
C GLU A 74 -3.52 -1.77 -5.81
N LYS A 75 -4.53 -2.21 -6.54
CA LYS A 75 -4.35 -2.52 -7.96
C LYS A 75 -3.86 -1.29 -8.71
N MET A 76 -4.46 -0.15 -8.41
CA MET A 76 -4.08 1.10 -9.08
C MET A 76 -2.60 1.40 -8.84
N LEU A 77 -2.17 1.28 -7.59
CA LEU A 77 -0.77 1.55 -7.26
C LEU A 77 0.16 0.65 -8.06
N ARG A 78 -0.21 -0.63 -8.17
CA ARG A 78 0.60 -1.58 -8.90
C ARG A 78 0.78 -1.14 -10.35
N ALA A 79 -0.32 -0.71 -10.97
CA ALA A 79 -0.28 -0.29 -12.36
C ALA A 79 0.70 0.85 -12.54
N ALA A 80 0.70 1.80 -11.61
CA ALA A 80 1.60 2.94 -11.68
C ALA A 80 3.05 2.46 -11.65
N ARG A 81 3.35 1.57 -10.73
CA ARG A 81 4.71 1.06 -10.58
C ARG A 81 5.19 0.44 -11.89
N GLU A 82 4.29 -0.28 -12.56
CA GLU A 82 4.65 -0.95 -13.81
C GLU A 82 4.97 0.05 -14.92
N LYS A 83 4.10 1.04 -15.08
CA LYS A 83 4.28 2.01 -16.17
C LYS A 83 5.57 2.80 -16.00
N GLY A 84 5.88 3.18 -14.77
CA GLY A 84 7.10 3.92 -14.49
C GLY A 84 6.91 5.44 -14.59
N ARG A 85 5.81 5.90 -15.17
CA ARG A 85 5.56 7.33 -15.31
C ARG A 85 4.05 7.61 -15.30
N VAL A 86 3.62 8.43 -14.36
CA VAL A 86 2.21 8.82 -14.27
C VAL A 86 2.07 10.31 -14.51
N THR A 87 1.16 10.69 -15.40
CA THR A 87 1.01 12.09 -15.79
C THR A 87 -0.45 12.53 -15.74
N LEU A 88 -0.64 13.81 -15.40
CA LEU A 88 -1.97 14.41 -15.40
C LEU A 88 -1.98 15.56 -16.39
N LYS A 89 -2.77 15.43 -17.45
CA LYS A 89 -2.85 16.47 -18.47
C LYS A 89 -1.47 16.77 -19.07
N GLY A 90 -0.62 15.74 -19.17
CA GLY A 90 0.68 15.91 -19.80
C GLY A 90 1.79 16.34 -18.83
N LYS A 91 1.43 16.71 -17.60
CA LYS A 91 2.42 17.16 -16.62
C LYS A 91 2.74 16.03 -15.64
N PRO A 92 3.96 15.93 -15.14
CA PRO A 92 4.34 14.79 -14.26
C PRO A 92 3.75 14.91 -12.86
N ILE A 93 3.21 13.80 -12.35
CA ILE A 93 2.67 13.75 -10.99
C ILE A 93 3.20 12.52 -10.27
N ARG A 94 2.90 12.42 -8.98
CA ARG A 94 3.36 11.29 -8.18
C ARG A 94 2.22 10.64 -7.41
N LEU A 95 2.24 9.31 -7.33
CA LEU A 95 1.25 8.56 -6.56
C LEU A 95 1.96 7.82 -5.42
N THR A 96 1.43 7.93 -4.21
CA THR A 96 2.06 7.31 -3.05
C THR A 96 1.03 6.67 -2.12
N VAL A 97 1.53 5.79 -1.24
CA VAL A 97 0.67 5.11 -0.27
C VAL A 97 0.67 5.84 1.06
N ASP A 98 -0.49 5.83 1.73
CA ASP A 98 -0.59 6.38 3.07
C ASP A 98 -0.55 5.26 4.10
N LEU A 99 0.38 5.34 5.05
CA LEU A 99 0.51 4.31 6.07
C LEU A 99 -0.79 4.16 6.86
N SER A 100 -1.48 3.05 6.64
CA SER A 100 -2.75 2.82 7.31
C SER A 100 -2.56 2.20 8.69
N ALA A 101 -2.91 2.96 9.73
CA ALA A 101 -2.88 2.45 11.10
C ALA A 101 -3.96 1.38 11.31
N GLU A 102 -5.09 1.53 10.64
CA GLU A 102 -6.20 0.61 10.80
C GLU A 102 -5.78 -0.83 10.50
N THR A 103 -4.88 -1.01 9.54
CA THR A 103 -4.42 -2.35 9.17
C THR A 103 -3.88 -3.09 10.39
N LEU A 104 -2.93 -2.47 11.09
CA LEU A 104 -2.34 -3.10 12.27
C LEU A 104 -3.42 -3.45 13.29
N GLN A 105 -4.32 -2.51 13.54
CA GLN A 105 -5.41 -2.75 14.49
C GLN A 105 -6.22 -3.98 14.09
N ALA A 106 -6.46 -4.11 12.79
CA ALA A 106 -7.27 -5.22 12.29
C ALA A 106 -6.61 -6.56 12.63
N ARG A 107 -5.31 -6.64 12.41
CA ARG A 107 -4.57 -7.88 12.66
C ARG A 107 -4.74 -8.31 14.10
N ARG A 108 -4.63 -7.35 15.02
CA ARG A 108 -4.79 -7.63 16.44
C ARG A 108 -6.20 -8.15 16.73
N GLU A 109 -7.19 -7.55 16.08
CA GLU A 109 -8.58 -7.95 16.28
C GLU A 109 -8.83 -9.40 15.88
N TRP A 110 -8.15 -9.85 14.83
CA TRP A 110 -8.31 -11.23 14.36
C TRP A 110 -7.67 -12.27 15.31
N GLY A 111 -7.07 -11.83 16.42
CA GLY A 111 -6.36 -12.75 17.31
C GLY A 111 -7.25 -13.91 17.76
N PRO A 112 -8.33 -13.65 18.46
CA PRO A 112 -9.19 -14.75 19.00
C PRO A 112 -9.61 -15.76 17.94
N ILE A 113 -10.12 -15.26 16.81
CA ILE A 113 -10.63 -16.14 15.76
C ILE A 113 -9.52 -17.09 15.29
N PHE A 114 -8.34 -16.54 15.04
CA PHE A 114 -7.23 -17.33 14.51
C PHE A 114 -6.90 -18.49 15.46
N ASN A 115 -6.75 -18.17 16.74
CA ASN A 115 -6.32 -19.16 17.71
C ASN A 115 -7.32 -20.31 17.82
N ILE A 116 -8.60 -19.97 17.94
CA ILE A 116 -9.64 -20.98 18.10
C ILE A 116 -9.62 -21.94 16.92
N LEU A 117 -9.58 -21.38 15.71
CA LEU A 117 -9.58 -22.20 14.50
C LEU A 117 -8.39 -23.15 14.51
N LYS A 118 -7.24 -22.68 14.97
CA LYS A 118 -6.04 -23.52 15.03
C LYS A 118 -6.31 -24.75 15.87
N GLU A 119 -6.87 -24.54 17.06
CA GLU A 119 -7.15 -25.65 17.96
C GLU A 119 -8.06 -26.69 17.31
N LYS A 120 -9.07 -26.21 16.60
CA LYS A 120 -10.06 -27.11 15.99
C LYS A 120 -9.61 -27.66 14.64
N ASN A 121 -8.31 -27.63 14.34
CA ASN A 121 -7.80 -28.23 13.11
C ASN A 121 -8.41 -27.59 11.86
N PHE A 122 -8.71 -26.30 11.94
CA PHE A 122 -9.20 -25.56 10.77
C PHE A 122 -8.05 -25.02 9.90
N GLN A 123 -6.82 -25.01 10.42
CA GLN A 123 -5.67 -24.52 9.66
C GLN A 123 -5.87 -23.04 9.29
N PRO A 124 -6.02 -22.17 10.27
CA PRO A 124 -6.20 -20.71 9.99
C PRO A 124 -4.89 -20.03 9.58
N ARG A 125 -4.97 -19.22 8.53
CA ARG A 125 -3.81 -18.47 8.06
C ARG A 125 -4.20 -17.03 7.76
N ILE A 126 -3.25 -16.11 7.92
CA ILE A 126 -3.50 -14.69 7.64
C ILE A 126 -2.71 -14.25 6.42
N SER A 127 -3.35 -13.41 5.59
CA SER A 127 -2.69 -12.87 4.41
C SER A 127 -2.77 -11.34 4.42
N TYR A 128 -1.76 -10.69 3.87
CA TYR A 128 -1.73 -9.24 3.82
C TYR A 128 -2.95 -8.72 3.03
N PRO A 129 -3.58 -7.62 3.38
CA PRO A 129 -3.26 -6.78 4.59
C PRO A 129 -3.61 -7.49 5.89
N ALA A 130 -4.88 -7.85 6.03
CA ALA A 130 -5.36 -8.51 7.24
C ALA A 130 -6.56 -9.40 6.94
N LYS A 131 -6.51 -10.10 5.81
CA LYS A 131 -7.60 -10.98 5.43
C LYS A 131 -7.47 -12.32 6.14
N LEU A 132 -8.62 -12.91 6.48
CA LEU A 132 -8.64 -14.18 7.20
C LEU A 132 -9.08 -15.30 6.26
N SER A 133 -8.28 -16.37 6.18
CA SER A 133 -8.63 -17.50 5.33
C SER A 133 -8.41 -18.81 6.08
N PHE A 134 -9.28 -19.78 5.83
CA PHE A 134 -9.14 -21.09 6.47
C PHE A 134 -9.85 -22.17 5.68
N ILE A 135 -9.62 -23.43 6.05
CA ILE A 135 -10.20 -24.56 5.32
C ILE A 135 -11.31 -25.21 6.13
N SER A 136 -12.49 -25.32 5.54
CA SER A 136 -13.63 -25.94 6.20
C SER A 136 -14.34 -26.89 5.24
N GLU A 137 -14.71 -28.06 5.74
CA GLU A 137 -15.45 -29.03 4.93
C GLU A 137 -14.76 -29.36 3.60
N GLY A 138 -13.46 -29.08 3.49
CA GLY A 138 -12.72 -29.47 2.29
C GLY A 138 -12.50 -28.31 1.29
N GLU A 139 -13.22 -27.20 1.47
CA GLU A 139 -13.08 -26.07 0.56
C GLU A 139 -12.47 -24.87 1.28
N ILE A 140 -11.79 -24.01 0.54
CA ILE A 140 -11.14 -22.86 1.14
C ILE A 140 -12.04 -21.63 1.04
N LYS A 141 -12.24 -20.95 2.17
CA LYS A 141 -13.09 -19.76 2.20
C LYS A 141 -12.30 -18.55 2.69
N TYR A 142 -12.61 -17.39 2.13
CA TYR A 142 -11.90 -16.15 2.48
C TYR A 142 -12.88 -15.05 2.90
N PHE A 143 -12.52 -14.30 3.93
CA PHE A 143 -13.29 -13.14 4.35
C PHE A 143 -12.37 -11.95 4.58
N ILE A 144 -12.78 -10.77 4.15
CA ILE A 144 -11.95 -9.58 4.30
C ILE A 144 -12.29 -8.84 5.60
N ASP A 145 -13.59 -8.70 5.87
CA ASP A 145 -14.05 -7.95 7.03
C ASP A 145 -14.73 -8.87 8.03
N LYS A 146 -14.59 -8.54 9.31
CA LYS A 146 -15.23 -9.32 10.37
C LYS A 146 -16.74 -9.41 10.14
N GLN A 147 -17.35 -8.35 9.63
CA GLN A 147 -18.79 -8.35 9.39
C GLN A 147 -19.17 -9.50 8.45
N MET A 148 -18.31 -9.79 7.48
CA MET A 148 -18.54 -10.91 6.58
C MET A 148 -18.55 -12.22 7.35
N LEU A 149 -17.63 -12.37 8.29
CA LEU A 149 -17.54 -13.59 9.09
C LEU A 149 -18.85 -13.84 9.82
N ARG A 150 -19.45 -12.78 10.35
CA ARG A 150 -20.72 -12.91 11.06
C ARG A 150 -21.81 -13.44 10.13
N ASP A 151 -21.96 -12.77 8.99
CA ASP A 151 -22.97 -13.17 8.02
C ASP A 151 -22.79 -14.64 7.61
N PHE A 152 -21.54 -15.09 7.57
CA PHE A 152 -21.22 -16.45 7.17
C PHE A 152 -21.64 -17.47 8.23
N VAL A 153 -21.26 -17.24 9.48
CA VAL A 153 -21.57 -18.20 10.54
C VAL A 153 -23.08 -18.41 10.70
N THR A 154 -23.88 -17.41 10.37
CA THR A 154 -25.33 -17.53 10.49
C THR A 154 -25.88 -18.81 9.83
N THR A 155 -25.16 -19.35 8.86
CA THR A 155 -25.65 -20.52 8.11
C THR A 155 -24.94 -21.82 8.49
N ARG A 156 -24.24 -21.84 9.63
CA ARG A 156 -23.56 -23.05 10.08
C ARG A 156 -23.48 -23.06 11.61
N PRO A 157 -24.51 -23.46 12.31
CA PRO A 157 -24.59 -23.27 13.80
C PRO A 157 -23.32 -23.73 14.53
N ALA A 158 -22.74 -24.84 14.10
CA ALA A 158 -21.52 -25.34 14.74
C ALA A 158 -20.43 -24.27 14.72
N LEU A 159 -20.25 -23.64 13.57
CA LEU A 159 -19.24 -22.62 13.41
C LEU A 159 -19.56 -21.39 14.27
N LYS A 160 -20.85 -21.06 14.38
CA LYS A 160 -21.26 -19.90 15.16
C LYS A 160 -20.83 -20.06 16.61
N GLU A 161 -21.11 -21.23 17.18
CA GLU A 161 -20.79 -21.47 18.59
C GLU A 161 -19.30 -21.35 18.84
N LEU A 162 -18.51 -21.93 17.94
CA LEU A 162 -17.05 -21.89 18.10
C LEU A 162 -16.53 -20.47 18.10
N LEU A 163 -17.01 -19.66 17.16
CA LEU A 163 -16.51 -18.31 16.98
C LEU A 163 -17.29 -17.25 17.78
N LYS A 164 -18.42 -17.62 18.38
CA LYS A 164 -19.25 -16.68 19.14
C LYS A 164 -18.45 -15.72 20.02
N GLU A 165 -17.52 -16.27 20.79
CA GLU A 165 -16.73 -15.45 21.70
C GLU A 165 -15.72 -14.59 20.94
N ALA A 166 -15.17 -15.13 19.84
CA ALA A 166 -14.16 -14.42 19.07
C ALA A 166 -14.73 -13.13 18.46
N LEU A 167 -15.93 -13.25 17.89
CA LEU A 167 -16.56 -12.10 17.22
C LEU A 167 -17.27 -11.17 18.21
N ASN A 168 -17.61 -11.67 19.40
CA ASN A 168 -18.29 -10.85 20.39
C ASN A 168 -19.65 -10.38 19.86
N MET A 169 -20.36 -11.30 19.22
CA MET A 169 -21.68 -10.99 18.66
C MET A 169 -22.61 -10.47 19.75
N GLU A 170 -22.55 -11.08 20.93
CA GLU A 170 -23.39 -10.66 22.05
C GLU A 170 -23.02 -9.24 22.48
N ARG A 171 -23.75 -8.73 23.47
CA ARG A 171 -23.50 -7.38 23.97
C ARG A 171 -22.06 -7.25 24.46
N ASN A 172 -21.45 -6.11 24.19
CA ASN A 172 -20.07 -5.88 24.60
C ASN A 172 -20.01 -5.22 25.97
N ASN A 173 -19.02 -5.59 26.77
CA ASN A 173 -18.86 -5.04 28.11
C ASN A 173 -17.39 -4.78 28.42
N ARG A 174 -16.66 -4.29 27.42
CA ARG A 174 -15.24 -4.01 27.59
C ARG A 174 -15.02 -3.04 28.75
N TYR A 175 -15.88 -2.02 28.83
CA TYR A 175 -15.77 -1.03 29.89
C TYR A 175 -16.49 -1.50 31.14
N GLN A 176 -15.95 -1.13 32.30
CA GLN A 176 -16.54 -1.53 33.57
C GLN A 176 -16.44 -0.39 34.59
#